data_5VHY
#
_entry.id   5VHY
#
loop_
_entity.id
_entity.type
_entity.pdbx_description
1 polymer 'Glutamate receptor 2,Germ cell-specific gene 1-like protein'
2 non-polymer '{[7-morpholin-4-yl-2,3-dioxo-6-(trifluoromethyl)-3,4-dihydroquinoxalin-1(2H)-yl]methyl}phosphonic acid'
3 non-polymer 2-acetamido-2-deoxy-beta-D-glucopyranose
#
_entity_poly.entity_id   1
_entity_poly.type   'polypeptide(L)'
_entity_poly.pdbx_seq_one_letter_code
;NSIQIGGLFPRGADQEYSAFRVGMVQFSTSEFRLTPHIDNLEVANSFAVTNAFCSQFSRGVYAIFGFYDKKSVNTITSFC
GTLHVSFITPSFPTDGTHPFVIQMRPDLKGALLSLIEYYQWDKFAYLYDSDRGLSTLQAVLDSAAEKKWQVTAINVGNIN
NDKKDETYRSLFQDLELKKERRVILDCERDKVNDIVDQVITIGKHVKGYHYIIANLGFTDGDLLKIQFGGAEVSGFQIVD
YDDSLVSKFIERWSTLEEKEYPGAHTATIKYTSALTYDAVQVMTEAFRNLRKQRIEISRRGNAGDCLANPAVPWGQGVEI
ERALKQVQVEGLSGNIKFDQNGKRINYTINIMELKTNGPRKIGYWSEVDKMVLTEDDTSGLEQKTVVVTTILESPYVMMK
KNHEMLEGNERYEGYCVDLAAEIAKHCGFKYKLTIVGDGKYGARDADTKIWNGMVGELVYGKADIAIAPLTITLVREEVI
DFSKPFMSLGISIMIKKPQKSKPGVFSFLDPLAYEIWMCIVFAYIGVSVVLFLVSRFSPYEWHTEEFEDGRETQSSESTN
EFGIFNSLWFSLGAFMQQGCDISPRSLSGRIVGGVWWFFTLIIISSYTANLAAFLTVERMVSPIESAEDLSKQTEIAYGT
LDSGSTKEFFRRSKIAVFDKMWTYMRSAEPSVFVRTTAEGVARVRKSKGKYAYLLESTMNEYIEQRKPCDTMKVGGNLDS
KGYGIATPKGSSLGTPVNLAVLKLSEQGVLDKLKNKWWYDKGECGAKDSGSKEKTSALSLSNVAGVFYILVGGLGLAMLV
ALIEFCYKSRAEAKRMKGTGKTSRRGRALLAVALNLLALLFATTAFLTTYWCQGTQRVPKPGCGQGGGANCPNSGANATA
NSTAAPVAASPAGAPYSWEAGDERFQLRRFHTGIWYSCEEELGGPGEKCRSFIDLAPASEKGVLWLSVVSEVLYILLLVV
GFSLMCLELLHSSSVIDGLKLNAFAAVFTVLSGLLGMVAHMMYTQVFQVTVSLGPEDWRPHSWDYGWSFCLAWGSFTCCM
AASVTTLNSYTKTVIEF
;
_entity_poly.pdbx_strand_id   A,B,C,D,E,F
#
loop_
_chem_comp.id
_chem_comp.type
_chem_comp.name
_chem_comp.formula
NAG D-saccharide, beta linking 2-acetamido-2-deoxy-beta-D-glucopyranose 'C8 H15 N O6'
ZK1 non-polymer '{[7-morpholin-4-yl-2,3-dioxo-6-(trifluoromethyl)-3,4-dihydroquinoxalin-1(2H)-yl]methyl}phosphonic acid' 'C14 H15 F3 N3 O6 P'
#
# COMPACT_ATOMS: atom_id res chain seq x y z
N ASN A 1 -7.71 -54.74 76.89
CA ASN A 1 -8.53 -53.60 76.49
C ASN A 1 -8.87 -53.63 75.01
N SER A 2 -9.55 -54.68 74.57
CA SER A 2 -9.89 -54.82 73.17
C SER A 2 -10.76 -53.64 72.71
N ILE A 3 -10.48 -53.14 71.52
CA ILE A 3 -11.13 -51.91 71.05
C ILE A 3 -11.89 -52.13 69.76
N GLN A 4 -13.21 -52.07 69.83
CA GLN A 4 -14.05 -52.30 68.66
C GLN A 4 -13.81 -51.26 67.58
N ILE A 5 -13.78 -51.72 66.33
CA ILE A 5 -13.62 -50.83 65.17
C ILE A 5 -14.46 -51.33 64.01
N GLY A 6 -14.75 -50.44 63.07
CA GLY A 6 -15.50 -50.82 61.88
C GLY A 6 -14.67 -51.53 60.83
N GLY A 7 -15.33 -52.17 59.88
CA GLY A 7 -14.66 -52.83 58.78
C GLY A 7 -15.54 -52.82 57.54
N LEU A 8 -15.14 -52.04 56.53
CA LEU A 8 -15.95 -51.88 55.33
C LEU A 8 -15.14 -52.10 54.06
N PHE A 9 -14.86 -53.35 53.76
CA PHE A 9 -14.10 -53.69 52.58
C PHE A 9 -14.98 -54.10 51.42
N PRO A 10 -14.89 -53.39 50.30
CA PRO A 10 -15.64 -53.71 49.08
C PRO A 10 -15.26 -55.07 48.54
N ARG A 11 -16.23 -55.78 47.97
CA ARG A 11 -16.01 -57.11 47.46
C ARG A 11 -14.95 -57.12 46.37
N GLY A 12 -14.16 -58.18 46.32
CA GLY A 12 -13.14 -58.32 45.30
C GLY A 12 -11.84 -57.60 45.62
N ALA A 13 -11.74 -57.07 46.83
CA ALA A 13 -10.51 -56.41 47.27
C ALA A 13 -9.79 -57.27 48.31
N ASP A 14 -9.45 -58.50 47.93
CA ASP A 14 -8.88 -59.45 48.88
C ASP A 14 -7.51 -59.03 49.41
N GLN A 15 -6.71 -58.43 48.54
CA GLN A 15 -5.34 -58.09 48.89
C GLN A 15 -5.33 -57.06 50.00
N GLU A 16 -6.34 -56.21 49.96
CA GLU A 16 -6.49 -55.16 50.93
C GLU A 16 -6.81 -55.72 52.30
N TYR A 17 -7.75 -56.65 52.36
CA TYR A 17 -8.10 -57.26 53.62
C TYR A 17 -6.94 -58.09 54.17
N SER A 18 -6.18 -58.71 53.28
CA SER A 18 -5.05 -59.51 53.72
C SER A 18 -4.01 -58.58 54.34
N ALA A 19 -3.81 -57.45 53.68
CA ALA A 19 -2.86 -56.47 54.17
C ALA A 19 -3.35 -55.96 55.52
N PHE A 20 -4.66 -55.90 55.67
CA PHE A 20 -5.25 -55.49 56.92
C PHE A 20 -4.93 -56.49 58.02
N ARG A 21 -4.92 -57.77 57.65
CA ARG A 21 -4.58 -58.80 58.62
C ARG A 21 -3.13 -58.66 59.03
N VAL A 22 -2.28 -58.36 58.05
CA VAL A 22 -0.86 -58.18 58.33
C VAL A 22 -0.66 -56.98 59.24
N GLY A 23 -1.50 -55.97 59.07
CA GLY A 23 -1.43 -54.79 59.91
C GLY A 23 -1.86 -55.14 61.32
N MET A 24 -2.84 -56.02 61.42
CA MET A 24 -3.29 -56.49 62.72
C MET A 24 -2.19 -57.28 63.42
N VAL A 25 -1.36 -57.95 62.63
CA VAL A 25 -0.29 -58.74 63.20
C VAL A 25 0.89 -57.88 63.65
N GLN A 26 1.31 -56.95 62.80
CA GLN A 26 2.53 -56.19 63.05
C GLN A 26 2.47 -55.25 64.24
N PHE A 27 1.29 -54.76 64.57
CA PHE A 27 1.19 -53.71 65.56
C PHE A 27 0.38 -54.11 66.78
N SER A 28 0.09 -55.40 66.90
CA SER A 28 -0.67 -55.90 68.04
C SER A 28 0.09 -55.60 69.32
N THR A 29 -0.63 -55.17 70.36
CA THR A 29 0.01 -54.78 71.60
C THR A 29 -0.81 -55.17 72.83
N SER A 30 -0.12 -55.37 73.94
CA SER A 30 -0.77 -55.83 75.16
C SER A 30 -1.73 -54.79 75.75
N GLU A 31 -1.45 -53.51 75.51
CA GLU A 31 -2.29 -52.46 76.08
C GLU A 31 -3.70 -52.54 75.52
N PHE A 32 -3.79 -52.94 74.25
CA PHE A 32 -5.08 -53.07 73.58
C PHE A 32 -4.95 -53.79 72.26
N ARG A 33 -6.03 -54.45 71.84
CA ARG A 33 -6.04 -55.16 70.57
C ARG A 33 -7.36 -54.89 69.86
N LEU A 34 -7.26 -54.59 68.57
CA LEU A 34 -8.41 -54.12 67.83
C LEU A 34 -9.43 -55.22 67.55
N THR A 35 -10.67 -54.81 67.41
CA THR A 35 -11.80 -55.72 67.26
C THR A 35 -12.57 -55.32 66.00
N PRO A 36 -12.06 -55.75 64.84
CA PRO A 36 -12.65 -55.38 63.55
C PRO A 36 -14.08 -55.91 63.39
N HIS A 37 -14.90 -55.12 62.71
CA HIS A 37 -16.22 -55.57 62.30
C HIS A 37 -16.20 -55.59 60.77
N ILE A 38 -15.50 -56.58 60.23
CA ILE A 38 -15.29 -56.70 58.80
C ILE A 38 -16.60 -56.96 58.06
N ASP A 39 -16.76 -56.30 56.91
CA ASP A 39 -17.94 -56.47 56.07
C ASP A 39 -17.56 -56.36 54.61
N ASN A 40 -18.23 -57.14 53.78
CA ASN A 40 -18.01 -57.08 52.33
C ASN A 40 -19.28 -56.68 51.60
N LEU A 41 -19.40 -55.39 51.30
CA LEU A 41 -20.60 -54.86 50.68
C LEU A 41 -20.22 -53.97 49.50
N GLU A 42 -21.15 -53.81 48.57
CA GLU A 42 -20.90 -52.96 47.40
C GLU A 42 -20.67 -51.54 47.85
N VAL A 43 -19.62 -50.92 47.33
CA VAL A 43 -19.31 -49.56 47.70
C VAL A 43 -20.30 -48.58 47.05
N ALA A 44 -20.85 -48.97 45.91
CA ALA A 44 -21.76 -48.11 45.17
C ALA A 44 -23.10 -47.93 45.86
N ASN A 45 -23.51 -48.92 46.63
CA ASN A 45 -24.85 -48.94 47.22
C ASN A 45 -24.89 -48.19 48.53
N SER A 46 -25.26 -46.92 48.47
CA SER A 46 -25.25 -46.07 49.65
C SER A 46 -26.20 -46.59 50.72
N PHE A 47 -27.25 -47.25 50.27
CA PHE A 47 -28.23 -47.82 51.19
C PHE A 47 -27.59 -48.88 52.06
N ALA A 48 -26.91 -49.83 51.44
CA ALA A 48 -26.25 -50.90 52.17
C ALA A 48 -25.14 -50.33 53.03
N VAL A 49 -24.53 -49.27 52.54
CA VAL A 49 -23.47 -48.59 53.27
C VAL A 49 -24.01 -48.07 54.58
N THR A 50 -25.15 -47.40 54.49
CA THR A 50 -25.80 -46.86 55.66
C THR A 50 -26.25 -47.99 56.57
N ASN A 51 -26.60 -49.12 55.97
CA ASN A 51 -27.07 -50.25 56.74
C ASN A 51 -25.98 -50.77 57.66
N ALA A 52 -24.84 -51.10 57.06
CA ALA A 52 -23.72 -51.62 57.84
C ALA A 52 -23.19 -50.55 58.77
N PHE A 53 -23.30 -49.30 58.35
CA PHE A 53 -22.77 -48.20 59.13
C PHE A 53 -23.54 -48.06 60.42
N CYS A 54 -24.86 -48.03 60.29
CA CYS A 54 -25.71 -47.95 61.46
C CYS A 54 -25.63 -49.23 62.26
N SER A 55 -25.29 -50.32 61.58
CA SER A 55 -25.14 -51.60 62.26
C SER A 55 -23.97 -51.55 63.23
N GLN A 56 -22.84 -51.06 62.75
CA GLN A 56 -21.67 -50.89 63.60
C GLN A 56 -21.92 -49.77 64.60
N PHE A 57 -22.77 -48.83 64.21
CA PHE A 57 -23.13 -47.74 65.08
C PHE A 57 -23.88 -48.29 66.28
N SER A 58 -24.62 -49.38 66.04
CA SER A 58 -25.30 -50.09 67.11
C SER A 58 -24.27 -50.73 68.03
N ARG A 59 -23.16 -51.14 67.45
CA ARG A 59 -22.04 -51.66 68.23
C ARG A 59 -21.41 -50.51 68.99
N GLY A 60 -21.60 -49.30 68.49
CA GLY A 60 -21.04 -48.13 69.12
C GLY A 60 -19.53 -48.12 69.00
N VAL A 61 -19.03 -48.67 67.89
CA VAL A 61 -17.59 -48.79 67.70
C VAL A 61 -16.92 -47.43 67.71
N TYR A 62 -15.75 -47.37 68.33
CA TYR A 62 -15.10 -46.11 68.62
C TYR A 62 -14.38 -45.57 67.39
N ALA A 63 -14.30 -46.41 66.36
CA ALA A 63 -13.73 -46.02 65.08
C ALA A 63 -14.24 -46.90 63.97
N ILE A 64 -14.18 -46.40 62.74
CA ILE A 64 -14.68 -47.14 61.59
C ILE A 64 -13.69 -47.04 60.44
N PHE A 65 -13.61 -48.10 59.63
CA PHE A 65 -12.69 -48.09 58.52
C PHE A 65 -13.30 -48.72 57.27
N GLY A 66 -12.89 -48.22 56.11
CA GLY A 66 -13.40 -48.71 54.83
C GLY A 66 -13.18 -47.70 53.72
N PHE A 67 -13.62 -48.06 52.52
CA PHE A 67 -13.50 -47.17 51.36
C PHE A 67 -14.77 -46.36 51.15
N TYR A 68 -14.80 -45.61 50.05
CA TYR A 68 -16.03 -45.00 49.60
C TYR A 68 -16.02 -44.63 48.12
N ASP A 69 -17.19 -44.73 47.50
CA ASP A 69 -17.43 -44.27 46.15
C ASP A 69 -17.55 -42.76 46.13
N LYS A 70 -17.30 -42.16 44.97
CA LYS A 70 -17.57 -40.74 44.80
C LYS A 70 -19.05 -40.52 45.03
N LYS A 71 -19.85 -41.54 44.75
CA LYS A 71 -21.25 -41.48 45.10
C LYS A 71 -21.45 -41.54 46.61
N SER A 72 -20.67 -42.39 47.26
CA SER A 72 -20.89 -42.64 48.67
C SER A 72 -20.15 -41.66 49.58
N VAL A 73 -19.29 -40.83 49.01
CA VAL A 73 -18.48 -39.97 49.84
C VAL A 73 -19.36 -39.03 50.65
N ASN A 74 -20.42 -38.55 50.02
CA ASN A 74 -21.34 -37.64 50.65
C ASN A 74 -22.04 -38.33 51.81
N THR A 75 -22.22 -39.63 51.69
CA THR A 75 -22.86 -40.39 52.74
C THR A 75 -22.00 -40.36 53.99
N ILE A 76 -20.80 -40.92 53.87
CA ILE A 76 -19.93 -41.06 55.02
C ILE A 76 -19.56 -39.71 55.60
N THR A 77 -19.39 -38.72 54.73
CA THR A 77 -19.09 -37.39 55.23
C THR A 77 -20.27 -36.83 56.00
N SER A 78 -21.47 -37.08 55.49
CA SER A 78 -22.66 -36.57 56.16
C SER A 78 -22.81 -37.22 57.51
N PHE A 79 -22.45 -38.50 57.62
CA PHE A 79 -22.56 -39.19 58.90
C PHE A 79 -21.50 -38.82 59.92
N CYS A 80 -20.24 -38.85 59.52
CA CYS A 80 -19.19 -38.52 60.46
C CYS A 80 -19.32 -37.06 60.86
N GLY A 81 -19.78 -36.24 59.94
CA GLY A 81 -20.02 -34.84 60.26
C GLY A 81 -21.18 -34.70 61.21
N THR A 82 -22.20 -35.54 61.04
CA THR A 82 -23.36 -35.46 61.92
C THR A 82 -23.12 -36.19 63.23
N LEU A 83 -22.64 -37.41 63.14
CA LEU A 83 -22.55 -38.27 64.32
C LEU A 83 -21.28 -38.04 65.11
N HIS A 84 -20.42 -37.17 64.59
CA HIS A 84 -19.15 -36.86 65.24
C HIS A 84 -18.37 -38.12 65.52
N VAL A 85 -18.39 -39.04 64.56
CA VAL A 85 -17.63 -40.28 64.68
C VAL A 85 -16.42 -40.26 63.77
N SER A 86 -15.27 -40.62 64.33
CA SER A 86 -14.03 -40.67 63.56
C SER A 86 -14.04 -41.78 62.53
N PHE A 87 -13.37 -41.54 61.40
CA PHE A 87 -13.30 -42.52 60.34
C PHE A 87 -12.03 -42.36 59.52
N ILE A 88 -11.56 -43.47 58.97
CA ILE A 88 -10.32 -43.46 58.18
C ILE A 88 -10.54 -44.17 56.86
N THR A 89 -10.03 -43.58 55.78
CA THR A 89 -10.12 -44.21 54.48
C THR A 89 -8.84 -44.09 53.66
N PRO A 90 -8.61 -45.07 52.79
CA PRO A 90 -7.57 -44.99 51.77
C PRO A 90 -8.14 -44.56 50.43
N SER A 91 -9.36 -44.03 50.41
CA SER A 91 -9.99 -43.60 49.17
C SER A 91 -9.50 -42.22 48.78
N PHE A 92 -9.87 -41.78 47.58
CA PHE A 92 -9.44 -40.47 47.11
C PHE A 92 -10.07 -39.35 47.93
N PRO A 93 -9.29 -38.29 48.17
CA PRO A 93 -9.63 -37.21 49.10
C PRO A 93 -10.87 -36.41 48.72
N THR A 94 -11.59 -35.94 49.73
CA THR A 94 -12.72 -35.05 49.54
C THR A 94 -12.26 -33.69 49.07
N ASP A 95 -13.14 -32.98 48.38
CA ASP A 95 -12.84 -31.62 47.93
C ASP A 95 -13.03 -30.58 49.03
N GLY A 96 -13.69 -30.97 50.11
CA GLY A 96 -13.98 -30.05 51.19
C GLY A 96 -13.38 -30.44 52.52
N THR A 97 -13.34 -29.48 53.44
CA THR A 97 -12.74 -29.70 54.74
C THR A 97 -13.72 -30.36 55.70
N HIS A 98 -13.82 -31.68 55.61
CA HIS A 98 -14.81 -32.42 56.37
C HIS A 98 -14.27 -32.97 57.69
N PRO A 99 -14.89 -32.58 58.79
CA PRO A 99 -14.58 -33.01 60.16
C PRO A 99 -14.81 -34.51 60.33
N PHE A 100 -14.01 -35.13 61.20
CA PHE A 100 -14.10 -36.57 61.47
C PHE A 100 -13.83 -37.38 60.21
N VAL A 101 -12.91 -36.87 59.41
CA VAL A 101 -12.52 -37.57 58.19
C VAL A 101 -11.01 -37.69 58.10
N ILE A 102 -10.55 -38.93 57.97
CA ILE A 102 -9.13 -39.20 57.79
C ILE A 102 -8.94 -39.89 56.45
N GLN A 103 -7.85 -39.55 55.76
CA GLN A 103 -7.65 -40.06 54.41
C GLN A 103 -6.18 -40.24 54.05
N MET A 104 -5.87 -41.44 53.58
CA MET A 104 -4.50 -41.88 53.37
C MET A 104 -3.87 -41.42 52.07
N ARG A 105 -4.66 -40.81 51.20
CA ARG A 105 -4.10 -40.43 49.90
C ARG A 105 -3.75 -38.96 49.88
N PRO A 106 -2.45 -38.65 49.80
CA PRO A 106 -2.05 -37.28 49.52
C PRO A 106 -2.56 -36.89 48.15
N ASP A 107 -2.94 -35.64 47.96
CA ASP A 107 -3.46 -35.24 46.67
C ASP A 107 -2.37 -35.33 45.62
N LEU A 108 -2.71 -35.89 44.47
CA LEU A 108 -1.75 -36.07 43.39
C LEU A 108 -1.73 -34.86 42.48
N LYS A 109 -2.65 -33.94 42.76
CA LYS A 109 -2.92 -32.80 41.89
C LYS A 109 -1.74 -31.88 41.64
N GLY A 110 -1.14 -31.39 42.72
CA GLY A 110 -0.10 -30.38 42.58
C GLY A 110 1.14 -30.95 41.95
N ALA A 111 1.44 -32.19 42.30
CA ALA A 111 2.54 -32.89 41.69
C ALA A 111 2.26 -33.12 40.22
N LEU A 112 0.99 -33.29 39.88
CA LEU A 112 0.63 -33.57 38.51
C LEU A 112 0.83 -32.32 37.67
N LEU A 113 0.34 -31.20 38.18
CA LEU A 113 0.49 -29.93 37.48
C LEU A 113 1.96 -29.60 37.36
N SER A 114 2.71 -29.97 38.39
CA SER A 114 4.13 -29.71 38.42
C SER A 114 4.82 -30.51 37.32
N LEU A 115 4.38 -31.76 37.17
CA LEU A 115 4.95 -32.62 36.17
C LEU A 115 4.63 -32.06 34.80
N ILE A 116 3.45 -31.47 34.69
CA ILE A 116 3.06 -30.86 33.44
C ILE A 116 4.00 -29.72 33.11
N GLU A 117 4.28 -28.92 34.11
CA GLU A 117 5.13 -27.77 33.92
C GLU A 117 6.54 -28.20 33.55
N TYR A 118 6.95 -29.36 34.05
CA TYR A 118 8.29 -29.85 33.76
C TYR A 118 8.50 -30.17 32.30
N TYR A 119 7.47 -30.70 31.65
CA TYR A 119 7.56 -30.99 30.23
C TYR A 119 7.22 -29.77 29.39
N GLN A 120 6.73 -28.74 30.07
CA GLN A 120 6.34 -27.50 29.40
C GLN A 120 5.40 -27.77 28.25
N TRP A 121 4.41 -28.62 28.50
CA TRP A 121 3.37 -28.90 27.50
C TRP A 121 2.37 -27.77 27.34
N ASP A 122 1.77 -27.73 26.16
CA ASP A 122 0.76 -26.74 25.84
C ASP A 122 -0.54 -27.39 25.36
N LYS A 123 -0.40 -28.51 24.68
CA LYS A 123 -1.56 -29.24 24.17
C LYS A 123 -1.55 -30.68 24.63
N PHE A 124 -2.70 -31.16 25.10
CA PHE A 124 -2.81 -32.56 25.45
C PHE A 124 -4.24 -33.06 25.63
N ALA A 125 -4.42 -34.34 25.33
CA ALA A 125 -5.65 -35.04 25.65
C ALA A 125 -5.66 -35.43 27.13
N TYR A 126 -6.86 -35.57 27.69
CA TYR A 126 -7.01 -35.92 29.08
C TYR A 126 -8.11 -36.94 29.25
N LEU A 127 -7.78 -38.21 29.10
CA LEU A 127 -8.78 -39.25 29.31
C LEU A 127 -9.05 -39.41 30.80
N TYR A 128 -10.31 -39.67 31.15
CA TYR A 128 -10.64 -39.85 32.54
C TYR A 128 -11.83 -40.76 32.79
N ASP A 129 -11.73 -41.57 33.84
CA ASP A 129 -12.88 -42.19 34.45
C ASP A 129 -13.56 -41.17 35.33
N SER A 130 -14.88 -41.28 35.47
CA SER A 130 -15.60 -40.40 36.39
C SER A 130 -15.32 -40.75 37.85
N ASP A 131 -14.94 -42.00 38.10
CA ASP A 131 -15.04 -42.57 39.44
C ASP A 131 -14.19 -41.91 40.52
N ARG A 132 -12.99 -41.47 40.19
CA ARG A 132 -12.15 -40.86 41.19
C ARG A 132 -12.50 -39.41 41.39
N GLY A 133 -13.45 -38.93 40.59
CA GLY A 133 -13.89 -37.56 40.70
C GLY A 133 -13.28 -36.67 39.65
N LEU A 134 -13.91 -35.52 39.44
CA LEU A 134 -13.53 -34.64 38.36
C LEU A 134 -12.64 -33.52 38.87
N SER A 135 -12.21 -33.64 40.12
CA SER A 135 -11.43 -32.58 40.75
C SER A 135 -10.15 -32.30 39.98
N THR A 136 -9.52 -33.38 39.52
CA THR A 136 -8.30 -33.23 38.74
C THR A 136 -8.61 -32.52 37.44
N LEU A 137 -9.80 -32.76 36.92
CA LEU A 137 -10.22 -32.11 35.69
C LEU A 137 -10.40 -30.61 35.92
N GLN A 138 -11.03 -30.26 37.03
CA GLN A 138 -11.27 -28.87 37.35
C GLN A 138 -9.94 -28.16 37.52
N ALA A 139 -8.99 -28.90 38.08
CA ALA A 139 -7.68 -28.35 38.36
C ALA A 139 -6.91 -28.12 37.08
N VAL A 140 -6.83 -29.16 36.25
CA VAL A 140 -6.03 -29.07 35.04
C VAL A 140 -6.63 -28.02 34.12
N LEU A 141 -7.94 -27.87 34.13
CA LEU A 141 -8.56 -26.81 33.35
C LEU A 141 -8.22 -25.46 33.94
N ASP A 142 -8.16 -25.40 35.26
CA ASP A 142 -7.88 -24.15 35.93
C ASP A 142 -6.51 -23.65 35.53
N SER A 143 -5.52 -24.54 35.60
CA SER A 143 -4.18 -24.18 35.19
C SER A 143 -4.13 -23.95 33.69
N ALA A 144 -5.03 -24.62 32.97
CA ALA A 144 -5.07 -24.50 31.52
C ALA A 144 -5.46 -23.11 31.08
N ALA A 145 -6.30 -22.47 31.86
CA ALA A 145 -6.74 -21.13 31.51
C ALA A 145 -5.56 -20.16 31.55
N GLU A 146 -4.86 -20.15 32.67
CA GLU A 146 -3.76 -19.22 32.85
C GLU A 146 -2.55 -19.56 31.99
N LYS A 147 -2.39 -20.82 31.65
CA LYS A 147 -1.20 -21.24 30.93
C LYS A 147 -1.43 -21.38 29.44
N LYS A 148 -2.62 -20.97 29.00
CA LYS A 148 -2.98 -21.02 27.59
C LYS A 148 -2.93 -22.43 27.04
N TRP A 149 -3.19 -23.41 27.89
CA TRP A 149 -3.22 -24.80 27.49
C TRP A 149 -4.45 -25.13 26.68
N GLN A 150 -4.33 -26.14 25.82
CA GLN A 150 -5.47 -26.58 25.02
C GLN A 150 -5.89 -27.98 25.41
N VAL A 151 -6.62 -28.10 26.51
CA VAL A 151 -7.06 -29.38 27.01
C VAL A 151 -8.03 -30.08 26.06
N THR A 152 -7.92 -31.40 25.97
CA THR A 152 -8.93 -32.19 25.28
C THR A 152 -9.35 -33.37 26.17
N ALA A 153 -10.12 -33.06 27.22
CA ALA A 153 -10.61 -34.07 28.14
C ALA A 153 -11.71 -34.93 27.53
N ILE A 154 -11.74 -36.21 27.90
CA ILE A 154 -12.80 -37.11 27.45
C ILE A 154 -13.16 -38.14 28.52
N ASN A 155 -14.46 -38.36 28.70
CA ASN A 155 -14.94 -39.32 29.69
C ASN A 155 -15.01 -40.73 29.12
N VAL A 156 -13.89 -41.44 29.19
CA VAL A 156 -13.82 -42.80 28.70
C VAL A 156 -14.63 -43.78 29.57
N GLY A 157 -14.85 -43.41 30.82
CA GLY A 157 -15.29 -44.38 31.81
C GLY A 157 -16.73 -44.84 31.71
N ASN A 158 -17.54 -44.10 30.96
CA ASN A 158 -18.95 -44.45 30.84
C ASN A 158 -19.21 -45.54 29.80
N ILE A 159 -18.17 -45.88 29.04
CA ILE A 159 -18.29 -46.86 27.97
C ILE A 159 -18.64 -48.24 28.51
N ASN A 160 -19.60 -48.90 27.87
CA ASN A 160 -19.96 -50.25 28.26
C ASN A 160 -18.85 -51.26 28.00
N ASN A 161 -18.70 -52.20 28.92
CA ASN A 161 -17.66 -53.22 28.79
C ASN A 161 -18.04 -54.28 27.78
N ASP A 162 -19.32 -54.32 27.42
CA ASP A 162 -19.83 -55.33 26.51
C ASP A 162 -19.20 -55.21 25.13
N LYS A 163 -18.85 -53.99 24.76
CA LYS A 163 -18.22 -53.74 23.47
C LYS A 163 -17.03 -52.82 23.66
N LYS A 164 -16.34 -52.97 24.79
CA LYS A 164 -15.22 -52.11 25.10
C LYS A 164 -14.06 -52.39 24.16
N ASP A 165 -14.24 -51.98 22.90
CA ASP A 165 -13.24 -52.18 21.89
C ASP A 165 -13.59 -51.31 20.69
N GLU A 166 -14.86 -51.36 20.28
CA GLU A 166 -15.34 -50.59 19.15
C GLU A 166 -15.21 -49.09 19.40
N THR A 167 -15.53 -48.69 20.62
CA THR A 167 -15.52 -47.28 20.98
C THR A 167 -14.13 -46.69 20.90
N TYR A 168 -13.15 -47.51 21.25
CA TYR A 168 -11.78 -47.05 21.34
C TYR A 168 -11.23 -46.64 19.99
N ARG A 169 -11.69 -47.32 18.95
CA ARG A 169 -11.22 -47.02 17.61
C ARG A 169 -11.63 -45.62 17.21
N SER A 170 -12.89 -45.30 17.48
CA SER A 170 -13.40 -43.97 17.19
C SER A 170 -12.69 -42.93 18.04
N LEU A 171 -12.24 -43.37 19.22
CA LEU A 171 -11.67 -42.46 20.19
C LEU A 171 -10.34 -41.85 19.75
N PHE A 172 -9.41 -42.70 19.35
CA PHE A 172 -8.08 -42.22 18.95
C PHE A 172 -8.11 -41.48 17.63
N GLN A 173 -9.12 -41.78 16.82
CA GLN A 173 -9.31 -41.08 15.57
C GLN A 173 -9.58 -39.61 15.87
N ASP A 174 -10.25 -39.38 16.99
CA ASP A 174 -10.56 -38.03 17.42
C ASP A 174 -9.29 -37.27 17.73
N LEU A 175 -8.33 -37.99 18.30
CA LEU A 175 -7.05 -37.40 18.65
C LEU A 175 -6.28 -37.04 17.39
N GLU A 176 -6.50 -37.83 16.34
CA GLU A 176 -5.78 -37.66 15.08
C GLU A 176 -6.19 -36.40 14.39
N LEU A 177 -7.38 -35.91 14.73
CA LEU A 177 -7.88 -34.68 14.18
C LEU A 177 -6.98 -33.53 14.58
N LYS A 178 -6.37 -33.65 15.76
CA LYS A 178 -5.37 -32.69 16.21
C LYS A 178 -3.99 -33.31 16.32
N LYS A 179 -3.90 -34.60 16.02
CA LYS A 179 -2.63 -35.32 16.11
C LYS A 179 -1.99 -35.16 17.48
N GLU A 180 -2.78 -35.35 18.53
CA GLU A 180 -2.26 -35.28 19.89
C GLU A 180 -1.20 -36.33 20.11
N ARG A 181 -0.11 -35.90 20.73
CA ARG A 181 1.04 -36.75 21.00
C ARG A 181 1.22 -36.89 22.49
N ARG A 182 0.29 -36.30 23.22
CA ARG A 182 0.45 -36.11 24.65
C ARG A 182 -0.88 -36.38 25.33
N VAL A 183 -0.96 -37.47 26.07
CA VAL A 183 -2.24 -37.89 26.62
C VAL A 183 -2.15 -38.29 28.09
N ILE A 184 -2.69 -37.44 28.95
CA ILE A 184 -2.86 -37.81 30.35
C ILE A 184 -3.92 -38.89 30.48
N LEU A 185 -3.64 -39.89 31.32
CA LEU A 185 -4.64 -40.89 31.64
C LEU A 185 -5.03 -40.78 33.10
N ASP A 186 -6.33 -40.84 33.37
CA ASP A 186 -6.81 -40.78 34.74
C ASP A 186 -7.87 -41.83 34.99
N CYS A 187 -7.43 -43.06 35.22
CA CYS A 187 -8.33 -44.16 35.48
C CYS A 187 -7.72 -45.17 36.44
N GLU A 188 -8.53 -46.06 36.96
CA GLU A 188 -8.05 -47.18 37.77
C GLU A 188 -7.35 -48.18 36.86
N ARG A 189 -6.40 -48.91 37.44
CA ARG A 189 -5.40 -49.62 36.66
C ARG A 189 -5.97 -50.64 35.68
N ASP A 190 -7.13 -51.20 36.01
CA ASP A 190 -7.72 -52.21 35.17
C ASP A 190 -8.17 -51.59 33.86
N LYS A 191 -8.88 -50.49 33.98
CA LYS A 191 -9.26 -49.70 32.82
C LYS A 191 -7.99 -49.22 32.13
N VAL A 192 -6.98 -48.93 32.94
CA VAL A 192 -5.74 -48.42 32.41
C VAL A 192 -5.07 -49.48 31.55
N ASN A 193 -4.90 -50.68 32.11
CA ASN A 193 -4.24 -51.73 31.38
C ASN A 193 -5.01 -52.12 30.13
N ASP A 194 -6.33 -52.07 30.23
CA ASP A 194 -7.18 -52.41 29.10
C ASP A 194 -6.95 -51.42 27.96
N ILE A 195 -7.03 -50.15 28.31
CA ILE A 195 -6.88 -49.10 27.30
C ILE A 195 -5.48 -49.13 26.71
N VAL A 196 -4.49 -49.45 27.53
CA VAL A 196 -3.13 -49.57 27.02
C VAL A 196 -3.07 -50.70 26.00
N ASP A 197 -3.82 -51.76 26.28
CA ASP A 197 -3.86 -52.88 25.36
C ASP A 197 -4.47 -52.45 24.04
N GLN A 198 -5.46 -51.57 24.12
CA GLN A 198 -6.04 -51.03 22.90
C GLN A 198 -5.02 -50.19 22.14
N VAL A 199 -4.17 -49.50 22.89
CA VAL A 199 -3.12 -48.71 22.26
C VAL A 199 -2.15 -49.63 21.54
N ILE A 200 -1.95 -50.82 22.11
CA ILE A 200 -1.10 -51.82 21.48
C ILE A 200 -1.71 -52.28 20.19
N THR A 201 -3.03 -52.44 20.20
CA THR A 201 -3.74 -52.91 19.04
C THR A 201 -3.67 -51.91 17.90
N ILE A 202 -3.90 -50.64 18.23
CA ILE A 202 -3.82 -49.59 17.23
C ILE A 202 -2.35 -49.22 16.99
N GLY A 203 -1.48 -49.74 17.86
CA GLY A 203 -0.06 -49.61 17.65
C GLY A 203 0.51 -48.24 17.97
N LYS A 204 -0.23 -47.44 18.72
CA LYS A 204 0.27 -46.11 19.09
C LYS A 204 1.18 -46.17 20.31
N HIS A 205 1.85 -47.30 20.49
CA HIS A 205 2.90 -47.41 21.48
C HIS A 205 4.23 -47.00 20.87
N VAL A 206 4.18 -46.62 19.59
CA VAL A 206 5.36 -46.22 18.84
C VAL A 206 5.96 -44.93 19.38
N LYS A 207 7.25 -44.76 19.15
CA LYS A 207 8.00 -43.63 19.68
C LYS A 207 7.48 -42.27 19.19
N GLY A 208 7.62 -41.28 20.06
CA GLY A 208 7.18 -39.92 19.79
C GLY A 208 5.87 -39.59 20.48
N TYR A 209 5.14 -40.61 20.88
CA TYR A 209 4.04 -40.42 21.81
C TYR A 209 4.59 -40.31 23.21
N HIS A 210 3.86 -39.63 24.08
CA HIS A 210 4.27 -39.51 25.46
C HIS A 210 3.07 -39.81 26.34
N TYR A 211 3.30 -40.33 27.53
CA TYR A 211 2.18 -40.74 28.37
C TYR A 211 2.35 -40.44 29.84
N ILE A 212 1.22 -40.25 30.51
CA ILE A 212 1.18 -39.94 31.92
C ILE A 212 0.13 -40.78 32.63
N ILE A 213 0.57 -41.57 33.60
CA ILE A 213 -0.37 -42.36 34.39
C ILE A 213 -0.63 -41.69 35.73
N ALA A 214 -1.82 -41.12 35.86
CA ALA A 214 -2.17 -40.37 37.07
C ALA A 214 -2.67 -41.28 38.17
N ASN A 215 -1.75 -41.85 38.94
CA ASN A 215 -2.13 -42.66 40.08
C ASN A 215 -0.99 -42.76 41.07
N LEU A 216 -1.30 -43.08 42.31
CA LEU A 216 -0.27 -43.24 43.31
C LEU A 216 0.62 -44.45 43.01
N GLY A 217 0.04 -45.44 42.34
CA GLY A 217 0.75 -46.69 42.08
C GLY A 217 1.16 -46.87 40.64
N PHE A 218 2.20 -46.15 40.23
CA PHE A 218 2.67 -46.19 38.86
C PHE A 218 3.21 -47.56 38.46
N THR A 219 3.76 -48.28 39.43
CA THR A 219 4.33 -49.59 39.15
C THR A 219 3.28 -50.70 39.16
N ASP A 220 2.09 -50.39 39.65
CA ASP A 220 1.04 -51.41 39.78
C ASP A 220 0.58 -51.95 38.43
N GLY A 221 0.68 -51.12 37.40
CA GLY A 221 0.22 -51.53 36.08
C GLY A 221 1.18 -52.51 35.43
N ASP A 222 0.73 -53.17 34.38
CA ASP A 222 1.57 -54.07 33.61
C ASP A 222 2.31 -53.28 32.53
N LEU A 223 3.33 -52.54 32.95
CA LEU A 223 4.04 -51.64 32.05
C LEU A 223 5.01 -52.37 31.15
N LEU A 224 5.26 -53.64 31.45
CA LEU A 224 6.22 -54.42 30.70
C LEU A 224 5.79 -54.55 29.25
N LYS A 225 4.49 -54.57 29.03
CA LYS A 225 3.95 -54.88 27.72
C LYS A 225 4.28 -53.81 26.66
N ILE A 226 4.40 -52.57 27.08
CA ILE A 226 4.71 -51.49 26.13
C ILE A 226 6.06 -50.86 26.41
N GLN A 227 6.89 -51.55 27.18
CA GLN A 227 8.18 -51.03 27.57
C GLN A 227 9.07 -50.72 26.37
N PHE A 228 8.90 -51.48 25.30
CA PHE A 228 9.80 -51.40 24.16
C PHE A 228 9.16 -50.81 22.92
N GLY A 229 7.99 -50.20 23.08
CA GLY A 229 7.33 -49.58 21.94
C GLY A 229 7.97 -48.26 21.58
N GLY A 230 8.75 -47.74 22.50
CA GLY A 230 9.51 -46.53 22.26
C GLY A 230 8.82 -45.25 22.69
N ALA A 231 7.50 -45.30 22.82
CA ALA A 231 6.78 -44.14 23.34
C ALA A 231 7.15 -43.92 24.79
N GLU A 232 7.40 -42.67 25.17
CA GLU A 232 7.76 -42.36 26.53
C GLU A 232 6.59 -42.49 27.48
N VAL A 233 6.87 -42.98 28.68
CA VAL A 233 5.86 -43.19 29.71
C VAL A 233 6.42 -42.83 31.06
N SER A 234 5.64 -42.14 31.89
CA SER A 234 6.09 -41.72 33.20
C SER A 234 4.91 -41.47 34.13
N GLY A 235 5.16 -41.55 35.44
CA GLY A 235 4.10 -41.39 36.41
C GLY A 235 4.57 -41.07 37.81
N PHE A 236 3.76 -41.43 38.80
CA PHE A 236 4.02 -41.05 40.18
C PHE A 236 4.03 -42.27 41.10
N GLN A 237 4.95 -42.30 42.05
CA GLN A 237 5.00 -43.39 43.00
C GLN A 237 5.08 -42.90 44.43
N ILE A 238 4.09 -43.31 45.22
CA ILE A 238 4.04 -42.99 46.64
C ILE A 238 4.76 -44.05 47.46
N VAL A 239 5.15 -45.14 46.80
CA VAL A 239 5.77 -46.25 47.52
C VAL A 239 7.10 -46.65 46.92
N ASP A 240 8.19 -46.27 47.57
CA ASP A 240 9.51 -46.68 47.14
C ASP A 240 9.82 -48.10 47.57
N TYR A 241 9.95 -48.99 46.59
CA TYR A 241 10.33 -50.37 46.89
C TYR A 241 11.75 -50.46 47.42
N ASP A 242 12.58 -49.48 47.06
CA ASP A 242 13.98 -49.50 47.46
C ASP A 242 14.18 -49.25 48.95
N ASP A 243 13.17 -48.67 49.59
CA ASP A 243 13.26 -48.39 51.02
C ASP A 243 13.42 -49.66 51.83
N SER A 244 14.34 -49.62 52.79
CA SER A 244 14.67 -50.79 53.59
C SER A 244 13.48 -51.27 54.41
N LEU A 245 12.64 -50.33 54.83
CA LEU A 245 11.45 -50.68 55.58
C LEU A 245 10.50 -51.43 54.67
N VAL A 246 10.31 -50.86 53.48
CA VAL A 246 9.50 -51.49 52.46
C VAL A 246 10.09 -52.81 52.05
N SER A 247 11.41 -52.86 52.01
CA SER A 247 12.11 -54.07 51.61
C SER A 247 11.81 -55.18 52.59
N LYS A 248 11.92 -54.86 53.88
CA LYS A 248 11.66 -55.81 54.93
C LYS A 248 10.21 -56.24 54.88
N PHE A 249 9.34 -55.32 54.50
CA PHE A 249 7.94 -55.66 54.38
C PHE A 249 7.76 -56.70 53.28
N ILE A 250 8.49 -56.53 52.19
CA ILE A 250 8.42 -57.46 51.06
C ILE A 250 8.97 -58.82 51.47
N GLU A 251 9.94 -58.79 52.36
CA GLU A 251 10.64 -59.99 52.78
C GLU A 251 9.69 -60.99 53.42
N ARG A 252 8.66 -60.47 54.06
CA ARG A 252 7.62 -61.32 54.62
C ARG A 252 6.46 -61.43 53.66
N TRP A 253 6.25 -60.37 52.90
CA TRP A 253 5.09 -60.25 52.01
C TRP A 253 5.05 -61.33 50.94
N SER A 254 6.12 -61.43 50.16
CA SER A 254 6.17 -62.39 49.07
C SER A 254 6.12 -63.82 49.59
N THR A 255 6.73 -64.03 50.75
CA THR A 255 6.87 -65.35 51.32
C THR A 255 5.56 -65.98 51.75
N LEU A 256 4.60 -65.16 52.13
CA LEU A 256 3.35 -65.66 52.69
C LEU A 256 2.56 -66.47 51.67
N GLU A 257 1.92 -67.54 52.16
CA GLU A 257 1.05 -68.34 51.32
C GLU A 257 -0.14 -67.51 50.88
N GLU A 258 -0.49 -67.59 49.61
CA GLU A 258 -1.56 -66.77 49.09
C GLU A 258 -2.91 -67.36 49.46
N LYS A 259 -2.92 -68.60 49.93
CA LYS A 259 -4.19 -69.21 50.33
C LYS A 259 -4.77 -68.49 51.55
N GLU A 260 -3.98 -68.38 52.60
CA GLU A 260 -4.40 -67.66 53.79
C GLU A 260 -4.49 -66.16 53.52
N TYR A 261 -3.66 -65.69 52.60
CA TYR A 261 -3.59 -64.27 52.29
C TYR A 261 -3.60 -64.02 50.79
N PRO A 262 -4.79 -64.05 50.16
CA PRO A 262 -4.84 -63.83 48.72
C PRO A 262 -4.30 -62.47 48.32
N GLY A 263 -3.58 -62.42 47.21
CA GLY A 263 -3.03 -61.18 46.70
C GLY A 263 -1.75 -60.76 47.40
N ALA A 264 -1.29 -61.58 48.34
CA ALA A 264 -0.11 -61.24 49.13
C ALA A 264 1.17 -61.89 48.62
N HIS A 265 1.04 -63.07 48.01
CA HIS A 265 2.21 -63.86 47.66
C HIS A 265 2.80 -63.38 46.34
N THR A 266 3.30 -62.16 46.34
CA THR A 266 3.83 -61.52 45.14
C THR A 266 5.00 -60.60 45.47
N ALA A 267 5.73 -60.20 44.44
CA ALA A 267 6.80 -59.23 44.62
C ALA A 267 6.23 -57.81 44.60
N THR A 268 4.96 -57.69 44.27
CA THR A 268 4.34 -56.38 44.11
C THR A 268 3.20 -56.18 45.09
N ILE A 269 2.69 -54.95 45.16
CA ILE A 269 1.55 -54.64 46.02
C ILE A 269 0.85 -53.36 45.59
N LYS A 270 -0.47 -53.34 45.73
CA LYS A 270 -1.25 -52.12 45.49
C LYS A 270 -0.88 -51.06 46.52
N TYR A 271 -0.83 -49.82 46.08
CA TYR A 271 -0.55 -48.71 46.98
C TYR A 271 -1.64 -48.61 48.03
N THR A 272 -2.83 -49.04 47.64
CA THR A 272 -3.98 -49.02 48.53
C THR A 272 -3.72 -49.85 49.76
N SER A 273 -3.24 -51.07 49.55
CA SER A 273 -2.98 -51.98 50.66
C SER A 273 -1.91 -51.40 51.57
N ALA A 274 -0.95 -50.70 50.96
CA ALA A 274 0.10 -50.06 51.74
C ALA A 274 -0.50 -48.97 52.61
N LEU A 275 -1.48 -48.26 52.05
CA LEU A 275 -2.17 -47.23 52.80
C LEU A 275 -2.92 -47.86 53.95
N THR A 276 -3.39 -49.08 53.74
CA THR A 276 -4.11 -49.80 54.79
C THR A 276 -3.17 -50.14 55.92
N TYR A 277 -2.03 -50.70 55.57
CA TYR A 277 -1.06 -51.12 56.57
C TYR A 277 -0.57 -49.90 57.34
N ASP A 278 -0.51 -48.77 56.66
CA ASP A 278 -0.12 -47.53 57.31
C ASP A 278 -1.20 -47.07 58.28
N ALA A 279 -2.46 -47.16 57.83
CA ALA A 279 -3.58 -46.69 58.62
C ALA A 279 -3.69 -47.48 59.91
N VAL A 280 -3.35 -48.76 59.84
CA VAL A 280 -3.40 -49.60 61.02
C VAL A 280 -2.40 -49.09 62.06
N GLN A 281 -1.21 -48.75 61.58
CA GLN A 281 -0.18 -48.22 62.44
C GLN A 281 -0.62 -46.91 63.06
N VAL A 282 -1.32 -46.10 62.27
CA VAL A 282 -1.72 -44.79 62.72
C VAL A 282 -2.76 -44.88 63.81
N MET A 283 -3.79 -45.69 63.58
CA MET A 283 -4.85 -45.85 64.56
C MET A 283 -4.30 -46.47 65.83
N THR A 284 -3.46 -47.49 65.66
CA THR A 284 -2.93 -48.21 66.79
C THR A 284 -2.12 -47.29 67.67
N GLU A 285 -1.21 -46.55 67.06
CA GLU A 285 -0.38 -45.63 67.82
C GLU A 285 -1.22 -44.51 68.42
N ALA A 286 -2.32 -44.18 67.76
CA ALA A 286 -3.20 -43.16 68.29
C ALA A 286 -3.77 -43.61 69.63
N PHE A 287 -4.32 -44.82 69.65
CA PHE A 287 -4.87 -45.34 70.90
C PHE A 287 -3.77 -45.64 71.92
N ARG A 288 -2.55 -45.84 71.45
CA ARG A 288 -1.41 -45.90 72.35
C ARG A 288 -1.28 -44.57 73.08
N ASN A 289 -1.37 -43.48 72.32
CA ASN A 289 -1.26 -42.15 72.88
C ASN A 289 -2.41 -41.85 73.83
N LEU A 290 -3.58 -42.40 73.52
CA LEU A 290 -4.75 -42.18 74.37
C LEU A 290 -4.55 -42.78 75.76
N ARG A 291 -3.84 -43.90 75.82
CA ARG A 291 -3.63 -44.56 77.09
C ARG A 291 -2.77 -43.71 78.02
N LYS A 292 -1.85 -42.96 77.45
CA LYS A 292 -1.06 -42.02 78.23
C LYS A 292 -1.85 -40.75 78.49
N GLN A 293 -2.78 -40.45 77.59
CA GLN A 293 -3.72 -39.37 77.83
C GLN A 293 -4.64 -39.75 78.97
N ARG A 294 -4.83 -41.07 79.13
CA ARG A 294 -5.70 -41.64 80.14
C ARG A 294 -7.09 -41.05 80.09
N ILE A 295 -7.51 -40.64 78.91
CA ILE A 295 -8.85 -40.12 78.74
C ILE A 295 -9.78 -41.28 78.46
N GLU A 296 -10.42 -41.77 79.51
CA GLU A 296 -11.32 -42.90 79.37
C GLU A 296 -12.47 -42.51 78.46
N ILE A 297 -12.83 -43.42 77.57
CA ILE A 297 -13.82 -43.13 76.54
C ILE A 297 -14.81 -44.27 76.38
N SER A 298 -14.64 -45.31 77.18
CA SER A 298 -15.42 -46.54 77.04
C SER A 298 -16.91 -46.31 77.23
N ARG A 299 -17.70 -46.88 76.33
CA ARG A 299 -19.15 -46.80 76.37
C ARG A 299 -19.78 -48.05 75.76
N ARG A 300 -21.00 -48.37 76.18
CA ARG A 300 -21.73 -49.47 75.59
C ARG A 300 -22.35 -49.01 74.27
N GLY A 301 -23.37 -49.74 73.80
CA GLY A 301 -24.11 -49.32 72.62
C GLY A 301 -25.06 -48.19 72.98
N ASN A 302 -24.52 -47.17 73.63
CA ASN A 302 -25.30 -46.00 74.03
C ASN A 302 -25.82 -45.29 72.80
N ALA A 303 -25.08 -45.42 71.71
CA ALA A 303 -25.38 -44.73 70.47
C ALA A 303 -26.73 -45.17 69.89
N GLY A 304 -27.07 -46.43 70.11
CA GLY A 304 -28.35 -46.95 69.68
C GLY A 304 -28.57 -46.81 68.18
N ASP A 305 -29.78 -46.44 67.80
CA ASP A 305 -30.11 -46.20 66.41
C ASP A 305 -29.53 -44.87 65.93
N CYS A 306 -29.20 -44.79 64.65
CA CYS A 306 -28.64 -43.58 64.07
C CYS A 306 -29.69 -42.56 63.69
N LEU A 307 -30.96 -42.95 63.75
CA LEU A 307 -32.05 -42.08 63.36
C LEU A 307 -32.74 -41.39 64.52
N ALA A 308 -32.04 -41.28 65.66
CA ALA A 308 -32.59 -40.54 66.79
C ALA A 308 -32.79 -39.09 66.38
N ASN A 309 -33.91 -38.51 66.80
CA ASN A 309 -34.32 -37.21 66.28
C ASN A 309 -34.51 -36.12 67.33
N PRO A 310 -33.58 -35.18 67.42
CA PRO A 310 -32.21 -35.26 66.90
C PRO A 310 -31.36 -36.31 67.62
N ALA A 311 -30.49 -37.00 66.90
CA ALA A 311 -29.45 -37.77 67.55
C ALA A 311 -28.42 -36.81 68.16
N VAL A 312 -27.96 -37.10 69.36
CA VAL A 312 -26.92 -36.29 69.97
C VAL A 312 -25.65 -37.11 70.16
N PRO A 313 -24.61 -36.79 69.39
CA PRO A 313 -23.33 -37.51 69.44
C PRO A 313 -22.64 -37.40 70.80
N TRP A 314 -21.96 -38.47 71.20
CA TRP A 314 -21.16 -38.45 72.42
C TRP A 314 -19.78 -37.86 72.13
N GLY A 315 -19.37 -36.92 72.97
CA GLY A 315 -18.23 -36.07 72.67
C GLY A 315 -16.87 -36.67 72.89
N GLN A 316 -16.81 -37.81 73.56
CA GLN A 316 -15.53 -38.47 73.78
C GLN A 316 -14.90 -38.88 72.46
N GLY A 317 -15.73 -39.17 71.47
CA GLY A 317 -15.25 -39.53 70.16
C GLY A 317 -14.69 -38.29 69.47
N VAL A 318 -15.28 -37.15 69.79
CA VAL A 318 -14.84 -35.90 69.21
C VAL A 318 -13.41 -35.64 69.63
N GLU A 319 -13.10 -36.03 70.85
CA GLU A 319 -11.75 -35.93 71.37
C GLU A 319 -10.79 -36.85 70.62
N ILE A 320 -11.29 -38.01 70.20
CA ILE A 320 -10.42 -39.00 69.57
C ILE A 320 -9.87 -38.45 68.28
N GLU A 321 -10.69 -37.69 67.58
CA GLU A 321 -10.29 -37.09 66.32
C GLU A 321 -9.12 -36.18 66.57
N ARG A 322 -9.16 -35.49 67.70
CA ARG A 322 -8.15 -34.52 68.05
C ARG A 322 -6.83 -35.23 68.20
N ALA A 323 -6.89 -36.48 68.63
CA ALA A 323 -5.68 -37.29 68.74
C ALA A 323 -5.21 -37.72 67.38
N LEU A 324 -6.16 -38.16 66.56
CA LEU A 324 -5.83 -38.81 65.30
C LEU A 324 -5.05 -37.88 64.38
N LYS A 325 -5.47 -36.62 64.36
CA LYS A 325 -4.84 -35.62 63.51
C LYS A 325 -3.43 -35.35 63.98
N GLN A 326 -3.23 -35.45 65.29
CA GLN A 326 -1.96 -35.09 65.89
C GLN A 326 -0.95 -36.23 65.79
N VAL A 327 -1.43 -37.40 65.40
CA VAL A 327 -0.55 -38.55 65.23
C VAL A 327 0.46 -38.25 64.13
N GLN A 328 1.72 -38.58 64.38
CA GLN A 328 2.78 -38.32 63.41
C GLN A 328 3.83 -39.42 63.42
N VAL A 329 3.74 -40.34 62.45
CA VAL A 329 4.66 -41.46 62.39
C VAL A 329 5.02 -41.81 60.95
N GLU A 330 6.12 -42.55 60.79
CA GLU A 330 6.53 -43.05 59.50
C GLU A 330 5.63 -44.18 59.03
N GLY A 331 5.49 -44.31 57.72
CA GLY A 331 4.71 -45.38 57.14
C GLY A 331 5.38 -45.94 55.90
N LEU A 332 4.69 -46.83 55.20
CA LEU A 332 5.22 -47.40 53.96
C LEU A 332 5.43 -46.32 52.92
N SER A 333 4.63 -45.28 53.01
CA SER A 333 4.76 -44.13 52.12
C SER A 333 5.50 -43.01 52.82
N GLY A 334 6.47 -43.37 53.64
CA GLY A 334 7.22 -42.37 54.40
C GLY A 334 6.39 -41.79 55.52
N ASN A 335 6.77 -40.59 55.95
CA ASN A 335 6.09 -39.94 57.07
C ASN A 335 4.63 -39.62 56.81
N ILE A 336 3.83 -39.76 57.86
CA ILE A 336 2.43 -39.37 57.80
C ILE A 336 2.18 -38.21 58.75
N LYS A 337 1.50 -37.18 58.25
CA LYS A 337 1.18 -36.02 59.07
C LYS A 337 -0.17 -35.48 58.65
N PHE A 338 -0.95 -35.01 59.62
CA PHE A 338 -2.28 -34.50 59.33
C PHE A 338 -2.46 -33.05 59.68
N ASP A 339 -3.17 -32.33 58.82
CA ASP A 339 -3.67 -31.02 59.15
C ASP A 339 -4.96 -31.21 59.91
N GLN A 340 -5.47 -30.16 60.53
CA GLN A 340 -6.72 -30.24 61.26
C GLN A 340 -7.88 -30.48 60.30
N ASN A 341 -7.64 -30.21 59.02
CA ASN A 341 -8.60 -30.55 57.99
C ASN A 341 -8.59 -32.05 57.71
N GLY A 342 -7.55 -32.71 58.21
CA GLY A 342 -7.44 -34.16 58.11
C GLY A 342 -6.76 -34.66 56.86
N LYS A 343 -6.41 -33.76 55.97
CA LYS A 343 -5.63 -34.13 54.79
C LYS A 343 -4.20 -34.47 55.19
N ARG A 344 -3.58 -35.39 54.48
CA ARG A 344 -2.16 -35.65 54.74
C ARG A 344 -1.36 -34.43 54.33
N ILE A 345 -0.30 -34.15 55.07
CA ILE A 345 0.51 -32.97 54.83
C ILE A 345 1.99 -33.25 55.07
N ASN A 346 2.84 -32.40 54.50
CA ASN A 346 4.28 -32.51 54.61
C ASN A 346 4.77 -33.89 54.16
N TYR A 347 4.16 -34.37 53.09
CA TYR A 347 4.49 -35.67 52.53
C TYR A 347 5.43 -35.53 51.34
N THR A 348 5.56 -36.60 50.58
CA THR A 348 6.42 -36.61 49.41
C THR A 348 5.96 -37.65 48.40
N ILE A 349 6.07 -37.34 47.12
CA ILE A 349 5.65 -38.28 46.08
C ILE A 349 6.71 -38.40 45.00
N ASN A 350 7.34 -39.56 44.92
CA ASN A 350 8.45 -39.75 44.00
C ASN A 350 8.04 -39.70 42.54
N ILE A 351 8.81 -38.99 41.72
CA ILE A 351 8.60 -38.98 40.29
C ILE A 351 9.12 -40.28 39.69
N MET A 352 8.48 -40.77 38.64
CA MET A 352 8.87 -42.04 38.04
C MET A 352 8.88 -41.98 36.51
N GLU A 353 9.85 -42.68 35.91
CA GLU A 353 9.93 -42.79 34.46
C GLU A 353 10.16 -44.22 34.02
N LEU A 354 9.64 -44.56 32.85
CA LEU A 354 9.85 -45.87 32.26
C LEU A 354 11.08 -45.86 31.35
N LYS A 355 12.23 -46.14 31.92
CA LYS A 355 13.43 -46.36 31.12
C LYS A 355 13.36 -47.74 30.48
N THR A 356 14.08 -47.93 29.39
CA THR A 356 13.98 -49.16 28.62
C THR A 356 14.31 -50.40 29.46
N ASN A 357 15.22 -50.23 30.43
CA ASN A 357 15.51 -51.30 31.36
C ASN A 357 14.32 -51.60 32.26
N GLY A 358 13.51 -50.57 32.50
CA GLY A 358 12.36 -50.69 33.37
C GLY A 358 12.01 -49.36 34.01
N PRO A 359 11.03 -49.38 34.91
CA PRO A 359 10.58 -48.18 35.63
C PRO A 359 11.70 -47.61 36.48
N ARG A 360 11.74 -46.29 36.63
CA ARG A 360 12.85 -45.64 37.31
C ARG A 360 12.50 -44.29 37.94
N LYS A 361 13.00 -44.07 39.14
CA LYS A 361 12.87 -42.77 39.81
C LYS A 361 13.82 -41.73 39.21
N ILE A 362 13.41 -40.47 39.22
CA ILE A 362 14.30 -39.38 38.81
C ILE A 362 14.24 -38.20 39.79
N GLY A 363 13.37 -38.30 40.78
CA GLY A 363 13.20 -37.21 41.73
C GLY A 363 12.07 -37.47 42.71
N TYR A 364 11.76 -36.46 43.51
CA TYR A 364 10.65 -36.55 44.45
C TYR A 364 9.92 -35.20 44.50
N TRP A 365 8.67 -35.24 44.94
CA TRP A 365 7.85 -34.04 44.95
C TRP A 365 7.31 -33.75 46.35
N SER A 366 7.87 -32.74 47.00
CA SER A 366 7.28 -32.26 48.24
C SER A 366 6.13 -31.32 47.91
N GLU A 367 5.15 -31.23 48.79
CA GLU A 367 4.09 -30.26 48.60
C GLU A 367 4.62 -28.83 48.78
N VAL A 368 5.65 -28.67 49.61
CA VAL A 368 6.20 -27.35 49.87
C VAL A 368 7.42 -27.05 49.02
N ASP A 369 8.20 -28.08 48.72
CA ASP A 369 9.38 -27.90 47.88
C ASP A 369 8.99 -28.04 46.41
N LYS A 370 7.73 -28.38 46.19
CA LYS A 370 7.20 -28.66 44.86
C LYS A 370 8.02 -29.78 44.23
N MET A 371 8.30 -29.63 42.94
CA MET A 371 9.13 -30.59 42.23
C MET A 371 10.57 -30.52 42.69
N VAL A 372 11.19 -31.69 42.85
CA VAL A 372 12.61 -31.75 43.19
C VAL A 372 13.28 -32.86 42.41
N LEU A 373 14.03 -32.49 41.38
CA LEU A 373 14.75 -33.47 40.57
C LEU A 373 15.90 -34.09 41.34
N THR A 374 16.08 -35.39 41.14
CA THR A 374 17.25 -36.08 41.68
C THR A 374 18.28 -36.24 40.55
N GLU A 375 19.55 -36.31 40.92
CA GLU A 375 20.64 -36.36 39.96
C GLU A 375 20.74 -37.73 39.29
N ASP A 376 19.99 -38.69 39.81
CA ASP A 376 20.07 -40.08 39.36
C ASP A 376 19.97 -40.20 37.84
N ASP A 377 21.11 -40.07 37.17
CA ASP A 377 21.16 -40.20 35.72
C ASP A 377 21.86 -41.49 35.28
N THR A 378 22.45 -42.19 36.24
CA THR A 378 23.25 -43.40 36.00
C THR A 378 24.29 -43.23 34.90
N SER A 379 24.88 -42.04 34.84
CA SER A 379 25.96 -41.73 33.89
C SER A 379 25.59 -41.97 32.43
N GLY A 380 24.30 -41.86 32.11
CA GLY A 380 23.84 -41.93 30.74
C GLY A 380 24.05 -43.25 30.04
N LEU A 381 22.96 -43.97 29.81
CA LEU A 381 23.01 -45.23 29.09
C LEU A 381 23.44 -45.02 27.65
N GLU A 382 22.51 -44.54 26.82
CA GLU A 382 22.78 -44.21 25.43
C GLU A 382 21.93 -43.04 24.97
N GLN A 383 22.24 -42.54 23.78
CA GLN A 383 21.48 -41.45 23.17
C GLN A 383 20.26 -41.98 22.43
N LYS A 384 20.09 -43.30 22.47
CA LYS A 384 18.90 -43.96 21.95
C LYS A 384 18.69 -43.75 20.45
N THR A 385 19.78 -43.51 19.73
CA THR A 385 19.75 -43.32 18.28
C THR A 385 18.92 -42.14 17.82
N VAL A 386 19.56 -41.20 17.13
CA VAL A 386 18.87 -40.02 16.66
C VAL A 386 18.23 -40.24 15.29
N VAL A 387 16.93 -40.02 15.20
CA VAL A 387 16.24 -40.06 13.91
C VAL A 387 16.69 -38.91 13.02
N VAL A 388 16.92 -39.20 11.75
CA VAL A 388 17.35 -38.16 10.81
C VAL A 388 16.52 -38.22 9.54
N THR A 389 15.46 -37.43 9.50
CA THR A 389 14.61 -37.36 8.32
C THR A 389 15.24 -36.52 7.21
N THR A 390 14.92 -36.88 5.98
CA THR A 390 15.28 -36.08 4.82
C THR A 390 14.53 -36.53 3.58
N ILE A 391 14.32 -35.61 2.65
CA ILE A 391 13.76 -35.93 1.35
C ILE A 391 14.81 -36.62 0.50
N LEU A 392 14.38 -37.47 -0.43
CA LEU A 392 15.28 -38.11 -1.39
C LEU A 392 15.53 -37.23 -2.61
N GLU A 393 16.53 -36.35 -2.54
CA GLU A 393 16.79 -35.46 -3.67
C GLU A 393 18.26 -35.31 -4.04
N SER A 394 18.53 -35.51 -5.33
CA SER A 394 19.85 -35.32 -5.87
C SER A 394 20.19 -33.84 -5.94
N PRO A 395 21.47 -33.50 -5.74
CA PRO A 395 22.52 -34.43 -5.35
C PRO A 395 22.54 -34.63 -3.84
N TYR A 396 21.69 -33.86 -3.15
CA TYR A 396 21.72 -33.78 -1.71
C TYR A 396 21.49 -35.12 -1.06
N VAL A 397 20.65 -35.93 -1.70
CA VAL A 397 20.33 -37.26 -1.21
C VAL A 397 20.15 -38.20 -2.38
N MET A 398 20.98 -39.23 -2.47
CA MET A 398 20.86 -40.20 -3.55
C MET A 398 20.95 -41.63 -3.09
N MET A 399 20.10 -42.47 -3.66
CA MET A 399 20.19 -43.91 -3.45
C MET A 399 21.47 -44.41 -4.11
N LYS A 400 22.13 -45.38 -3.48
CA LYS A 400 23.27 -46.01 -4.14
C LYS A 400 22.76 -46.90 -5.25
N LYS A 401 23.53 -47.07 -6.31
CA LYS A 401 23.10 -47.89 -7.44
C LYS A 401 22.91 -49.34 -7.01
N ASN A 402 23.69 -49.74 -6.01
CA ASN A 402 23.57 -51.05 -5.40
C ASN A 402 23.05 -50.92 -3.98
N HIS A 403 22.05 -50.06 -3.80
CA HIS A 403 21.51 -49.77 -2.49
C HIS A 403 20.92 -51.00 -1.82
N GLU A 404 20.44 -51.93 -2.63
CA GLU A 404 19.88 -53.16 -2.10
C GLU A 404 20.95 -53.99 -1.41
N MET A 405 22.18 -53.88 -1.87
CA MET A 405 23.29 -54.61 -1.28
C MET A 405 23.55 -54.18 0.15
N LEU A 406 23.32 -52.91 0.42
CA LEU A 406 23.54 -52.36 1.75
C LEU A 406 22.26 -52.23 2.55
N GLU A 407 22.41 -52.00 3.85
CA GLU A 407 21.28 -51.70 4.71
C GLU A 407 21.61 -50.54 5.61
N GLY A 408 20.58 -49.91 6.17
CA GLY A 408 20.78 -48.80 7.07
C GLY A 408 21.23 -47.54 6.37
N ASN A 409 21.95 -46.70 7.10
CA ASN A 409 22.35 -45.38 6.61
C ASN A 409 23.27 -45.48 5.40
N GLU A 410 23.95 -46.62 5.27
CA GLU A 410 24.86 -46.85 4.16
C GLU A 410 24.15 -46.79 2.81
N ARG A 411 22.87 -47.14 2.81
CA ARG A 411 22.09 -47.17 1.58
C ARG A 411 22.03 -45.81 0.91
N TYR A 412 21.97 -44.78 1.73
CA TYR A 412 21.85 -43.42 1.23
C TYR A 412 23.23 -42.84 0.99
N GLU A 413 23.31 -41.85 0.10
CA GLU A 413 24.56 -41.14 -0.12
C GLU A 413 24.26 -39.78 -0.73
N GLY A 414 25.13 -38.81 -0.46
CA GLY A 414 24.94 -37.48 -0.98
C GLY A 414 25.58 -36.39 -0.13
N TYR A 415 25.35 -35.16 -0.54
CA TYR A 415 25.87 -33.99 0.16
C TYR A 415 25.33 -33.91 1.57
N CYS A 416 24.01 -34.00 1.69
CA CYS A 416 23.37 -33.94 3.00
C CYS A 416 23.76 -35.12 3.86
N VAL A 417 24.07 -36.24 3.23
CA VAL A 417 24.46 -37.42 3.97
C VAL A 417 25.79 -37.18 4.64
N ASP A 418 26.74 -36.68 3.85
CA ASP A 418 28.07 -36.43 4.36
C ASP A 418 28.00 -35.35 5.41
N LEU A 419 27.10 -34.40 5.20
CA LEU A 419 26.91 -33.33 6.17
C LEU A 419 26.40 -33.93 7.47
N ALA A 420 25.55 -34.93 7.34
CA ALA A 420 25.01 -35.61 8.51
C ALA A 420 26.13 -36.32 9.23
N ALA A 421 27.08 -36.83 8.48
CA ALA A 421 28.25 -37.46 9.09
C ALA A 421 29.06 -36.42 9.84
N GLU A 422 29.08 -35.20 9.29
CA GLU A 422 29.82 -34.13 9.92
C GLU A 422 29.20 -33.77 11.26
N ILE A 423 27.88 -33.64 11.25
CA ILE A 423 27.16 -33.30 12.46
C ILE A 423 27.35 -34.43 13.46
N ALA A 424 27.43 -35.65 12.94
CA ALA A 424 27.63 -36.82 13.77
C ALA A 424 28.97 -36.75 14.45
N LYS A 425 29.94 -36.17 13.75
CA LYS A 425 31.26 -36.04 14.34
C LYS A 425 31.28 -34.97 15.41
N HIS A 426 30.81 -33.78 15.06
CA HIS A 426 30.95 -32.66 15.99
C HIS A 426 30.05 -32.76 17.22
N CYS A 427 28.89 -33.38 17.07
CA CYS A 427 27.97 -33.48 18.20
C CYS A 427 27.96 -34.87 18.79
N GLY A 428 28.68 -35.79 18.16
CA GLY A 428 28.86 -37.13 18.69
C GLY A 428 27.57 -37.88 18.95
N PHE A 429 27.02 -38.52 17.93
CA PHE A 429 25.81 -39.29 18.10
C PHE A 429 25.61 -40.37 17.06
N LYS A 430 25.06 -41.50 17.50
CA LYS A 430 24.57 -42.51 16.58
C LYS A 430 23.28 -41.99 15.98
N TYR A 431 22.96 -42.44 14.78
CA TYR A 431 21.76 -41.96 14.12
C TYR A 431 21.30 -42.92 13.04
N LYS A 432 20.03 -42.81 12.67
CA LYS A 432 19.51 -43.58 11.55
C LYS A 432 18.78 -42.69 10.58
N LEU A 433 19.20 -42.73 9.32
CA LEU A 433 18.58 -41.91 8.29
C LEU A 433 17.16 -42.40 8.00
N THR A 434 16.26 -41.45 7.73
CA THR A 434 14.87 -41.78 7.42
C THR A 434 14.33 -40.85 6.35
N ILE A 435 13.35 -41.35 5.59
CA ILE A 435 12.75 -40.56 4.53
C ILE A 435 11.30 -40.26 4.86
N VAL A 436 10.85 -39.04 4.60
CA VAL A 436 9.45 -38.74 4.77
C VAL A 436 8.65 -39.51 3.73
N GLY A 437 7.51 -40.04 4.14
CA GLY A 437 6.74 -40.92 3.27
C GLY A 437 6.07 -40.24 2.08
N ASP A 438 5.57 -39.02 2.29
CA ASP A 438 4.85 -38.34 1.22
C ASP A 438 5.82 -37.63 0.28
N GLY A 439 6.99 -37.31 0.80
CA GLY A 439 8.02 -36.62 0.03
C GLY A 439 7.81 -35.12 0.05
N LYS A 440 6.73 -34.67 0.69
CA LYS A 440 6.48 -33.25 0.79
C LYS A 440 7.43 -32.61 1.79
N TYR A 441 7.87 -31.39 1.50
CA TYR A 441 8.69 -30.65 2.43
C TYR A 441 7.89 -30.31 3.68
N GLY A 442 6.57 -30.35 3.54
CA GLY A 442 5.68 -30.08 4.65
C GLY A 442 5.01 -28.73 4.55
N ALA A 443 3.70 -28.72 4.79
CA ALA A 443 2.94 -27.48 4.75
C ALA A 443 1.67 -27.60 5.57
N ARG A 444 1.27 -26.50 6.17
CA ARG A 444 0.07 -26.49 7.01
C ARG A 444 -1.16 -26.12 6.19
N ASP A 445 -2.01 -27.10 5.92
CA ASP A 445 -3.27 -26.81 5.27
C ASP A 445 -4.08 -25.88 6.17
N ALA A 446 -4.76 -24.92 5.57
CA ALA A 446 -5.50 -23.92 6.34
C ALA A 446 -6.65 -24.54 7.11
N ASP A 447 -7.17 -25.65 6.61
CA ASP A 447 -8.34 -26.29 7.21
C ASP A 447 -7.97 -27.07 8.46
N THR A 448 -7.44 -28.26 8.27
CA THR A 448 -7.11 -29.15 9.38
C THR A 448 -6.03 -28.52 10.24
N LYS A 449 -5.28 -27.60 9.65
CA LYS A 449 -4.20 -26.91 10.33
C LYS A 449 -3.17 -27.93 10.79
N ILE A 450 -3.08 -29.00 10.04
CA ILE A 450 -2.14 -30.08 10.28
C ILE A 450 -0.91 -29.95 9.40
N TRP A 451 0.27 -29.87 10.00
CA TRP A 451 1.48 -29.92 9.22
C TRP A 451 1.69 -31.31 8.66
N ASN A 452 2.14 -31.39 7.41
CA ASN A 452 2.50 -32.66 6.82
C ASN A 452 4.00 -32.71 6.62
N GLY A 453 4.47 -33.77 5.98
CA GLY A 453 5.86 -33.84 5.58
C GLY A 453 6.82 -33.92 6.75
N MET A 454 8.06 -33.52 6.51
CA MET A 454 9.06 -33.52 7.55
C MET A 454 8.66 -32.55 8.65
N VAL A 455 7.97 -31.49 8.25
CA VAL A 455 7.52 -30.51 9.21
C VAL A 455 6.55 -31.16 10.18
N GLY A 456 5.71 -32.02 9.63
CA GLY A 456 4.77 -32.75 10.46
C GLY A 456 5.55 -33.71 11.34
N GLU A 457 6.61 -34.28 10.78
CA GLU A 457 7.42 -35.25 11.51
C GLU A 457 8.11 -34.61 12.70
N LEU A 458 8.40 -33.32 12.60
CA LEU A 458 9.02 -32.61 13.70
C LEU A 458 8.00 -32.16 14.72
N VAL A 459 6.86 -31.66 14.23
CA VAL A 459 5.81 -31.23 15.15
C VAL A 459 5.29 -32.40 15.95
N TYR A 460 5.27 -33.56 15.32
CA TYR A 460 4.65 -34.72 15.94
C TYR A 460 5.66 -35.63 16.61
N GLY A 461 6.93 -35.25 16.55
CA GLY A 461 7.97 -36.00 17.24
C GLY A 461 8.37 -37.23 16.47
N LYS A 462 7.85 -37.37 15.25
CA LYS A 462 8.16 -38.52 14.42
C LYS A 462 9.63 -38.56 14.06
N ALA A 463 10.24 -37.39 13.97
CA ALA A 463 11.65 -37.29 13.60
C ALA A 463 12.43 -36.53 14.65
N ASP A 464 13.68 -36.92 14.87
CA ASP A 464 14.51 -36.30 15.89
C ASP A 464 15.18 -35.03 15.38
N ILE A 465 15.59 -35.06 14.11
CA ILE A 465 16.23 -33.91 13.50
C ILE A 465 16.08 -33.98 11.98
N ALA A 466 16.00 -32.81 11.34
CA ALA A 466 15.86 -32.75 9.90
C ALA A 466 17.07 -32.11 9.23
N ILE A 467 17.69 -32.84 8.31
CA ILE A 467 18.79 -32.31 7.53
C ILE A 467 18.46 -32.47 6.06
N ALA A 468 18.00 -31.39 5.45
CA ALA A 468 17.54 -31.43 4.07
C ALA A 468 17.54 -30.03 3.49
N PRO A 469 17.55 -29.93 2.15
CA PRO A 469 17.38 -28.61 1.53
C PRO A 469 16.04 -28.00 1.91
N LEU A 470 15.93 -27.57 3.17
CA LEU A 470 14.67 -27.10 3.72
C LEU A 470 14.62 -25.58 3.80
N THR A 471 13.67 -25.00 3.08
CA THR A 471 13.52 -23.55 3.08
C THR A 471 13.14 -23.02 4.45
N ILE A 472 13.76 -21.91 4.86
CA ILE A 472 13.39 -21.26 6.11
C ILE A 472 12.28 -20.26 5.89
N THR A 473 11.20 -20.41 6.65
CA THR A 473 10.06 -19.50 6.54
C THR A 473 9.50 -19.18 7.92
N LEU A 474 8.89 -18.01 8.04
CA LEU A 474 8.30 -17.59 9.30
C LEU A 474 7.20 -18.52 9.76
N VAL A 475 6.44 -19.04 8.81
CA VAL A 475 5.36 -19.96 9.15
C VAL A 475 5.92 -21.25 9.68
N ARG A 476 7.12 -21.59 9.24
CA ARG A 476 7.80 -22.76 9.75
C ARG A 476 8.68 -22.39 10.94
N GLU A 477 9.07 -21.14 11.02
CA GLU A 477 9.91 -20.71 12.13
C GLU A 477 9.20 -20.82 13.47
N GLU A 478 7.89 -20.60 13.48
CA GLU A 478 7.16 -20.54 14.73
C GLU A 478 6.77 -21.92 15.24
N VAL A 479 6.88 -22.92 14.37
CA VAL A 479 6.48 -24.27 14.75
C VAL A 479 7.67 -25.15 15.12
N ILE A 480 8.83 -24.83 14.56
CA ILE A 480 10.06 -25.61 14.78
C ILE A 480 11.26 -24.70 14.76
N ASP A 481 12.40 -25.21 15.20
CA ASP A 481 13.60 -24.38 15.30
C ASP A 481 14.62 -24.67 14.20
N PHE A 482 14.79 -23.72 13.30
CA PHE A 482 15.87 -23.78 12.32
C PHE A 482 17.21 -23.45 12.95
N SER A 483 18.28 -24.00 12.38
CA SER A 483 19.62 -23.56 12.67
C SER A 483 19.93 -22.37 11.79
N LYS A 484 21.07 -21.71 12.01
CA LYS A 484 21.49 -20.65 11.11
C LYS A 484 21.74 -21.23 9.74
N PRO A 485 21.45 -20.45 8.68
CA PRO A 485 21.51 -20.99 7.32
C PRO A 485 22.91 -21.46 6.96
N PHE A 486 23.00 -22.55 6.21
CA PHE A 486 24.31 -23.11 5.89
C PHE A 486 24.59 -23.01 4.39
N MET A 487 23.67 -22.40 3.66
CA MET A 487 23.82 -22.30 2.21
C MET A 487 22.89 -21.25 1.64
N SER A 488 23.37 -20.01 1.52
CA SER A 488 22.57 -18.93 0.97
C SER A 488 22.23 -19.22 -0.49
N LEU A 489 21.03 -18.84 -0.90
CA LEU A 489 20.54 -19.17 -2.22
C LEU A 489 19.31 -18.37 -2.59
N GLY A 490 18.93 -18.39 -3.87
CA GLY A 490 17.78 -17.64 -4.31
C GLY A 490 17.25 -17.96 -5.69
N ILE A 491 16.31 -17.14 -6.14
CA ILE A 491 15.73 -17.29 -7.47
C ILE A 491 16.81 -17.05 -8.52
N SER A 492 16.75 -17.81 -9.61
CA SER A 492 17.81 -17.77 -10.61
C SER A 492 17.30 -18.04 -12.02
N ILE A 493 18.07 -17.55 -12.99
CA ILE A 493 17.68 -17.52 -14.39
C ILE A 493 18.36 -18.58 -15.22
N MET A 494 17.63 -19.63 -15.56
CA MET A 494 18.12 -20.67 -16.45
C MET A 494 17.83 -20.35 -17.91
N ILE A 495 18.85 -20.48 -18.76
CA ILE A 495 18.70 -20.24 -20.20
C ILE A 495 19.50 -21.24 -21.00
N LYS A 496 19.24 -21.30 -22.31
CA LYS A 496 20.04 -22.12 -23.20
C LYS A 496 21.46 -21.57 -23.27
N LYS A 497 22.43 -22.47 -23.35
CA LYS A 497 23.82 -22.06 -23.55
C LYS A 497 24.03 -21.71 -25.02
N PRO A 498 24.54 -20.50 -25.29
CA PRO A 498 24.67 -19.92 -26.63
C PRO A 498 25.89 -20.39 -27.44
N GLN A 499 25.90 -21.64 -27.87
CA GLN A 499 26.99 -22.14 -28.71
C GLN A 499 27.00 -21.51 -30.11
N LYS A 500 28.19 -21.15 -30.57
CA LYS A 500 28.37 -20.64 -31.93
C LYS A 500 28.40 -21.76 -32.96
N SER A 501 28.05 -21.45 -34.20
CA SER A 501 28.11 -22.40 -35.29
C SER A 501 28.58 -21.71 -36.56
N LYS A 502 29.86 -21.88 -36.90
CA LYS A 502 30.41 -21.23 -38.08
C LYS A 502 29.85 -21.82 -39.36
N PRO A 503 29.24 -20.98 -40.19
CA PRO A 503 28.84 -21.34 -41.56
C PRO A 503 30.06 -21.63 -42.43
N GLY A 504 29.92 -22.55 -43.38
CA GLY A 504 30.98 -22.79 -44.35
C GLY A 504 30.55 -22.25 -45.69
N VAL A 505 31.35 -21.35 -46.26
CA VAL A 505 31.07 -20.75 -47.57
C VAL A 505 29.80 -19.91 -47.59
N PHE A 506 28.72 -20.43 -47.03
CA PHE A 506 27.42 -19.79 -47.13
C PHE A 506 27.40 -18.40 -46.51
N SER A 507 28.19 -18.20 -45.45
CA SER A 507 28.16 -16.96 -44.72
C SER A 507 28.58 -15.75 -45.56
N PHE A 508 29.58 -15.96 -46.39
CA PHE A 508 29.96 -14.96 -47.38
C PHE A 508 28.85 -14.70 -48.38
N LEU A 509 28.12 -15.75 -48.71
CA LEU A 509 27.08 -15.66 -49.70
C LEU A 509 25.85 -14.93 -49.17
N ASP A 510 25.70 -14.94 -47.85
CA ASP A 510 24.49 -14.46 -47.18
C ASP A 510 24.08 -13.01 -47.46
N PRO A 511 25.01 -12.05 -47.44
CA PRO A 511 24.58 -10.66 -47.56
C PRO A 511 23.78 -10.39 -48.83
N LEU A 512 24.10 -11.09 -49.91
CA LEU A 512 23.40 -10.90 -51.16
C LEU A 512 22.86 -12.22 -51.71
N ALA A 513 21.57 -12.24 -52.03
CA ALA A 513 20.85 -13.47 -52.36
C ALA A 513 21.36 -14.16 -53.62
N TYR A 514 21.26 -15.49 -53.64
CA TYR A 514 21.81 -16.31 -54.71
C TYR A 514 21.23 -15.91 -56.05
N GLU A 515 19.97 -15.53 -56.02
CA GLU A 515 19.26 -15.13 -57.21
C GLU A 515 19.91 -13.88 -57.75
N ILE A 516 20.29 -13.00 -56.86
CA ILE A 516 20.91 -11.75 -57.25
C ILE A 516 22.24 -12.07 -57.92
N TRP A 517 22.89 -13.13 -57.43
CA TRP A 517 24.15 -13.55 -58.01
C TRP A 517 23.92 -14.08 -59.42
N MET A 518 22.86 -14.86 -59.60
CA MET A 518 22.60 -15.43 -60.90
C MET A 518 22.33 -14.29 -61.86
N CYS A 519 21.70 -13.25 -61.33
CA CYS A 519 21.36 -12.10 -62.13
C CYS A 519 22.58 -11.30 -62.53
N ILE A 520 23.48 -11.05 -61.59
CA ILE A 520 24.69 -10.30 -61.92
C ILE A 520 25.56 -11.09 -62.89
N VAL A 521 25.55 -12.40 -62.76
CA VAL A 521 26.31 -13.23 -63.67
C VAL A 521 25.75 -13.12 -65.08
N PHE A 522 24.45 -13.34 -65.21
CA PHE A 522 23.84 -13.31 -66.53
C PHE A 522 23.98 -11.94 -67.16
N ALA A 523 23.87 -10.92 -66.32
CA ALA A 523 23.91 -9.54 -66.80
C ALA A 523 25.29 -9.22 -67.31
N TYR A 524 26.30 -9.67 -66.57
CA TYR A 524 27.67 -9.49 -67.00
C TYR A 524 27.95 -10.22 -68.29
N ILE A 525 27.36 -11.40 -68.43
CA ILE A 525 27.59 -12.16 -69.65
C ILE A 525 26.98 -11.40 -70.81
N GLY A 526 25.86 -10.74 -70.54
CA GLY A 526 25.21 -9.96 -71.57
C GLY A 526 26.02 -8.73 -71.93
N VAL A 527 26.65 -8.13 -70.94
CA VAL A 527 27.49 -6.96 -71.18
C VAL A 527 28.68 -7.36 -72.00
N SER A 528 29.14 -8.59 -71.76
CA SER A 528 30.40 -9.05 -72.29
C SER A 528 30.39 -9.11 -73.81
N VAL A 529 29.31 -9.66 -74.35
CA VAL A 529 29.22 -9.85 -75.79
C VAL A 529 29.11 -8.52 -76.51
N VAL A 530 28.57 -7.51 -75.83
CA VAL A 530 28.29 -6.24 -76.48
C VAL A 530 29.59 -5.59 -76.97
N LEU A 531 30.67 -5.82 -76.22
CA LEU A 531 31.96 -5.30 -76.62
C LEU A 531 32.43 -5.92 -77.92
N PHE A 532 32.08 -7.18 -78.11
CA PHE A 532 32.45 -7.88 -79.31
C PHE A 532 31.72 -7.33 -80.52
N LEU A 533 30.54 -6.79 -80.28
CA LEU A 533 29.73 -6.21 -81.33
C LEU A 533 30.44 -5.00 -81.89
N VAL A 534 31.19 -4.33 -81.03
CA VAL A 534 32.00 -3.19 -81.42
C VAL A 534 33.13 -3.61 -82.34
N SER A 535 33.61 -4.84 -82.16
CA SER A 535 34.72 -5.33 -82.95
C SER A 535 34.29 -5.69 -84.36
N ILE A 564 32.67 -15.22 -79.06
CA ILE A 564 32.78 -16.56 -78.51
C ILE A 564 34.09 -16.76 -77.75
N PHE A 565 35.09 -15.94 -78.04
CA PHE A 565 36.33 -16.00 -77.27
C PHE A 565 37.06 -14.66 -77.07
N ASN A 566 37.34 -13.92 -78.15
CA ASN A 566 38.27 -12.79 -78.06
C ASN A 566 37.78 -11.59 -77.23
N SER A 567 36.79 -10.86 -77.73
CA SER A 567 36.33 -9.69 -77.01
C SER A 567 35.61 -10.09 -75.73
N LEU A 568 35.14 -11.34 -75.67
CA LEU A 568 34.61 -11.87 -74.43
C LEU A 568 35.74 -11.94 -73.39
N TRP A 569 36.92 -12.33 -73.84
CA TRP A 569 38.11 -12.29 -73.02
C TRP A 569 38.47 -10.86 -72.63
N PHE A 570 38.20 -9.93 -73.54
CA PHE A 570 38.42 -8.51 -73.24
C PHE A 570 37.48 -8.00 -72.15
N SER A 571 36.25 -8.49 -72.18
CA SER A 571 35.28 -8.18 -71.13
C SER A 571 35.72 -8.81 -69.82
N LEU A 572 36.37 -9.96 -69.93
CA LEU A 572 36.98 -10.59 -68.77
C LEU A 572 38.10 -9.69 -68.26
N GLY A 573 38.66 -8.92 -69.18
CA GLY A 573 39.63 -7.89 -68.83
C GLY A 573 38.94 -6.59 -68.44
N ALA A 574 37.62 -6.58 -68.48
CA ALA A 574 36.86 -5.37 -68.13
C ALA A 574 36.32 -5.42 -66.70
N PHE A 575 35.66 -6.53 -66.35
CA PHE A 575 35.13 -6.70 -64.99
C PHE A 575 36.24 -6.67 -63.97
N MET A 576 37.39 -7.19 -64.37
CA MET A 576 38.56 -7.31 -63.52
C MET A 576 39.06 -5.95 -63.06
N GLN A 577 38.85 -4.94 -63.90
CA GLN A 577 39.43 -3.64 -63.64
C GLN A 577 38.54 -2.49 -64.10
N GLN A 578 37.88 -1.87 -63.14
CA GLN A 578 37.07 -0.69 -63.39
C GLN A 578 35.98 -0.99 -64.42
N GLY A 579 36.37 -1.02 -65.69
CA GLY A 579 35.47 -1.36 -66.76
C GLY A 579 35.95 -0.94 -68.13
N CYS A 580 36.29 -1.94 -68.96
CA CYS A 580 36.63 -1.75 -70.37
C CYS A 580 37.86 -0.86 -70.62
N ASP A 581 38.34 -0.85 -71.86
CA ASP A 581 39.53 -0.10 -72.23
C ASP A 581 39.65 -0.02 -73.75
N ILE A 582 40.76 0.57 -74.21
CA ILE A 582 41.28 0.51 -75.60
C ILE A 582 40.31 1.03 -76.65
N SER A 583 39.13 1.47 -76.23
CA SER A 583 38.16 2.01 -77.17
C SER A 583 38.68 3.31 -77.75
N PRO A 584 38.72 3.39 -79.08
CA PRO A 584 39.21 4.57 -79.80
C PRO A 584 38.29 5.77 -79.63
N ARG A 585 38.17 6.29 -78.40
CA ARG A 585 37.31 7.41 -78.08
C ARG A 585 35.84 7.14 -78.43
N SER A 586 35.04 6.93 -77.39
CA SER A 586 33.64 6.53 -77.53
C SER A 586 33.50 5.25 -78.31
N LEU A 587 33.67 5.37 -79.62
CA LEU A 587 33.32 4.31 -80.54
C LEU A 587 31.89 3.93 -80.20
N SER A 588 31.71 2.79 -79.52
CA SER A 588 30.38 2.39 -79.10
C SER A 588 30.38 1.83 -77.69
N GLY A 589 31.18 0.80 -77.47
CA GLY A 589 31.10 0.04 -76.25
C GLY A 589 31.78 0.69 -75.05
N ARG A 590 32.51 1.77 -75.28
CA ARG A 590 33.18 2.42 -74.17
C ARG A 590 32.16 3.02 -73.20
N ILE A 591 31.07 3.56 -73.73
CA ILE A 591 30.02 4.08 -72.89
C ILE A 591 29.36 2.95 -72.13
N VAL A 592 29.36 1.77 -72.75
CA VAL A 592 28.92 0.57 -72.06
C VAL A 592 29.85 0.32 -70.90
N GLY A 593 31.13 0.65 -71.10
CA GLY A 593 32.09 0.47 -70.04
C GLY A 593 31.81 1.41 -68.90
N GLY A 594 31.38 2.62 -69.22
CA GLY A 594 31.09 3.58 -68.18
C GLY A 594 29.88 3.15 -67.39
N VAL A 595 28.85 2.68 -68.11
CA VAL A 595 27.63 2.26 -67.46
C VAL A 595 27.90 1.05 -66.57
N TRP A 596 28.76 0.17 -67.07
CA TRP A 596 29.15 -1.02 -66.33
C TRP A 596 29.93 -0.67 -65.08
N TRP A 597 30.76 0.36 -65.19
CA TRP A 597 31.55 0.82 -64.05
C TRP A 597 30.64 1.35 -62.97
N PHE A 598 29.66 2.13 -63.42
CA PHE A 598 28.68 2.70 -62.52
C PHE A 598 27.93 1.57 -61.84
N PHE A 599 27.71 0.52 -62.62
CA PHE A 599 26.90 -0.61 -62.22
C PHE A 599 27.56 -1.43 -61.12
N THR A 600 28.78 -1.87 -61.40
CA THR A 600 29.53 -2.66 -60.45
C THR A 600 29.79 -1.84 -59.20
N LEU A 601 29.92 -0.53 -59.40
CA LEU A 601 30.15 0.37 -58.28
C LEU A 601 28.96 0.31 -57.34
N ILE A 602 27.78 0.47 -57.91
CA ILE A 602 26.57 0.45 -57.10
C ILE A 602 26.43 -0.87 -56.38
N ILE A 603 26.66 -1.96 -57.09
CA ILE A 603 26.44 -3.25 -56.46
C ILE A 603 27.41 -3.49 -55.31
N ILE A 604 28.69 -3.25 -55.53
CA ILE A 604 29.65 -3.53 -54.46
C ILE A 604 29.38 -2.63 -53.28
N SER A 605 28.91 -1.40 -53.54
CA SER A 605 28.60 -0.51 -52.45
C SER A 605 27.47 -1.08 -51.63
N SER A 606 26.44 -1.53 -52.31
CA SER A 606 25.28 -2.07 -51.63
C SER A 606 25.64 -3.30 -50.83
N TYR A 607 26.56 -4.09 -51.38
CA TYR A 607 26.97 -5.32 -50.74
C TYR A 607 27.66 -5.00 -49.43
N THR A 608 28.61 -4.08 -49.51
CA THR A 608 29.39 -3.76 -48.34
C THR A 608 28.49 -3.17 -47.28
N ALA A 609 27.52 -2.36 -47.72
CA ALA A 609 26.61 -1.77 -46.75
C ALA A 609 25.81 -2.86 -46.07
N ASN A 610 25.45 -3.88 -46.84
CA ASN A 610 24.63 -4.95 -46.30
C ASN A 610 25.39 -5.72 -45.24
N LEU A 611 26.63 -6.07 -45.57
CA LEU A 611 27.44 -6.84 -44.63
C LEU A 611 27.64 -6.03 -43.36
N ALA A 612 27.78 -4.73 -43.55
CA ALA A 612 27.93 -3.85 -42.41
C ALA A 612 26.68 -3.92 -41.55
N ALA A 613 25.54 -4.08 -42.21
CA ALA A 613 24.29 -4.20 -41.48
C ALA A 613 24.29 -5.49 -40.66
N PHE A 614 24.80 -6.57 -41.24
CA PHE A 614 24.82 -7.82 -40.48
C PHE A 614 25.70 -7.72 -39.26
N LEU A 615 26.90 -7.20 -39.43
CA LEU A 615 27.79 -7.12 -38.27
C LEU A 615 27.25 -6.19 -37.21
N THR A 616 26.58 -5.11 -37.64
CA THR A 616 26.06 -4.15 -36.68
C THR A 616 24.92 -4.75 -35.86
N VAL A 617 23.97 -5.36 -36.56
CA VAL A 617 22.84 -5.98 -35.89
C VAL A 617 23.37 -7.10 -35.01
N GLU A 618 24.47 -7.71 -35.43
CA GLU A 618 25.09 -8.75 -34.65
C GLU A 618 25.56 -8.21 -33.31
N ARG A 619 26.31 -7.12 -33.34
CA ARG A 619 26.83 -6.59 -32.09
C ARG A 619 25.76 -5.97 -31.18
N MET A 620 24.67 -5.48 -31.75
CA MET A 620 23.66 -4.84 -30.91
C MET A 620 23.03 -5.79 -29.88
N VAL A 621 22.89 -7.06 -30.27
CA VAL A 621 22.29 -8.05 -29.40
C VAL A 621 23.16 -8.30 -28.17
N SER A 622 22.55 -8.45 -27.00
CA SER A 622 23.31 -8.74 -25.80
C SER A 622 22.67 -9.88 -25.00
N PRO A 623 23.50 -10.70 -24.36
CA PRO A 623 23.03 -11.75 -23.45
C PRO A 623 22.31 -11.17 -22.24
N ILE A 624 21.28 -11.86 -21.77
CA ILE A 624 20.56 -11.43 -20.59
C ILE A 624 21.43 -11.56 -19.35
N GLU A 625 21.38 -10.59 -18.46
CA GLU A 625 22.12 -10.67 -17.20
C GLU A 625 21.31 -10.12 -16.04
N SER A 626 20.05 -9.84 -16.29
CA SER A 626 19.13 -9.45 -15.23
C SER A 626 17.72 -9.75 -15.70
N ALA A 627 16.84 -10.03 -14.76
CA ALA A 627 15.46 -10.34 -15.08
C ALA A 627 14.80 -9.13 -15.72
N GLU A 628 15.33 -7.96 -15.41
CA GLU A 628 14.82 -6.71 -15.92
C GLU A 628 14.89 -6.70 -17.43
N ASP A 629 15.87 -7.42 -17.96
CA ASP A 629 16.04 -7.52 -19.39
C ASP A 629 14.82 -8.20 -20.01
N LEU A 630 14.27 -9.16 -19.28
CA LEU A 630 13.07 -9.84 -19.74
C LEU A 630 11.88 -8.89 -19.71
N SER A 631 11.83 -8.06 -18.68
CA SER A 631 10.73 -7.12 -18.53
C SER A 631 10.76 -6.10 -19.65
N LYS A 632 11.97 -5.79 -20.11
CA LYS A 632 12.14 -4.83 -21.18
C LYS A 632 11.94 -5.47 -22.56
N GLN A 633 11.87 -6.79 -22.60
CA GLN A 633 11.60 -7.48 -23.85
C GLN A 633 10.30 -8.27 -23.79
N THR A 634 10.10 -9.11 -24.80
CA THR A 634 8.95 -9.99 -24.85
C THR A 634 9.22 -11.17 -25.77
N GLU A 635 10.24 -11.04 -26.60
CA GLU A 635 10.51 -12.02 -27.64
C GLU A 635 10.84 -13.40 -27.08
N ILE A 636 11.49 -13.42 -25.93
CA ILE A 636 11.80 -14.68 -25.28
C ILE A 636 10.88 -14.92 -24.10
N ALA A 637 10.10 -15.98 -24.17
CA ALA A 637 9.15 -16.31 -23.12
C ALA A 637 9.90 -16.71 -21.84
N TYR A 638 9.29 -16.45 -20.70
CA TYR A 638 9.90 -16.80 -19.43
C TYR A 638 8.85 -17.11 -18.38
N GLY A 639 9.17 -18.00 -17.46
CA GLY A 639 8.23 -18.38 -16.42
C GLY A 639 8.79 -19.27 -15.33
N THR A 640 7.92 -19.68 -14.42
CA THR A 640 8.29 -20.51 -13.29
C THR A 640 7.40 -21.74 -13.21
N LEU A 641 7.59 -22.51 -12.15
CA LEU A 641 6.78 -23.69 -11.93
C LEU A 641 5.34 -23.26 -11.71
N ASP A 642 4.39 -24.12 -12.08
CA ASP A 642 2.98 -23.78 -12.03
C ASP A 642 2.55 -23.44 -10.60
N SER A 643 3.22 -24.04 -9.62
CA SER A 643 2.94 -23.77 -8.23
C SER A 643 4.19 -23.93 -7.38
N GLY A 644 4.24 -23.22 -6.26
CA GLY A 644 5.38 -23.29 -5.38
C GLY A 644 5.67 -21.94 -4.75
N SER A 645 6.68 -21.89 -3.90
CA SER A 645 7.03 -20.66 -3.22
C SER A 645 7.47 -19.58 -4.19
N THR A 646 8.03 -20.01 -5.31
CA THR A 646 8.58 -19.08 -6.28
C THR A 646 7.49 -18.22 -6.88
N LYS A 647 6.42 -18.85 -7.34
CA LYS A 647 5.27 -18.14 -7.89
C LYS A 647 4.67 -17.22 -6.85
N GLU A 648 4.68 -17.69 -5.61
CA GLU A 648 4.13 -16.93 -4.52
C GLU A 648 4.95 -15.67 -4.34
N PHE A 649 6.24 -15.77 -4.62
CA PHE A 649 7.12 -14.63 -4.45
C PHE A 649 6.77 -13.51 -5.41
N PHE A 650 6.33 -13.89 -6.60
CA PHE A 650 5.98 -12.90 -7.60
C PHE A 650 4.58 -12.35 -7.40
N ARG A 651 3.63 -13.21 -7.05
CA ARG A 651 2.29 -12.70 -6.83
C ARG A 651 2.26 -11.80 -5.60
N ARG A 652 3.14 -12.07 -4.64
CA ARG A 652 3.20 -11.23 -3.45
C ARG A 652 4.15 -10.06 -3.68
N SER A 653 4.86 -10.09 -4.80
CA SER A 653 5.92 -9.12 -5.04
C SER A 653 5.40 -7.69 -5.10
N LYS A 654 6.24 -6.76 -4.66
CA LYS A 654 5.89 -5.34 -4.68
C LYS A 654 6.93 -4.53 -5.41
N ILE A 655 8.08 -5.13 -5.65
CA ILE A 655 9.11 -4.48 -6.47
C ILE A 655 8.58 -4.32 -7.89
N ALA A 656 8.80 -3.16 -8.48
CA ALA A 656 8.17 -2.82 -9.74
C ALA A 656 8.59 -3.75 -10.87
N VAL A 657 9.83 -4.21 -10.85
CA VAL A 657 10.30 -5.08 -11.90
C VAL A 657 9.62 -6.43 -11.82
N PHE A 658 9.69 -7.03 -10.64
CA PHE A 658 9.12 -8.34 -10.45
C PHE A 658 7.61 -8.25 -10.60
N ASP A 659 7.05 -7.11 -10.22
CA ASP A 659 5.62 -6.91 -10.34
C ASP A 659 5.23 -6.89 -11.81
N LYS A 660 6.08 -6.25 -12.61
CA LYS A 660 5.85 -6.20 -14.05
C LYS A 660 5.95 -7.59 -14.65
N MET A 661 6.87 -8.38 -14.12
CA MET A 661 7.12 -9.70 -14.67
C MET A 661 5.96 -10.63 -14.36
N TRP A 662 5.53 -10.61 -13.10
CA TRP A 662 4.39 -11.40 -12.68
C TRP A 662 3.12 -10.96 -13.37
N THR A 663 3.01 -9.66 -13.62
CA THR A 663 1.88 -9.13 -14.34
C THR A 663 1.90 -9.68 -15.75
N TYR A 664 3.10 -9.84 -16.28
CA TYR A 664 3.28 -10.36 -17.63
C TYR A 664 2.88 -11.82 -17.72
N MET A 665 3.40 -12.63 -16.80
CA MET A 665 3.12 -14.05 -16.80
C MET A 665 1.65 -14.29 -16.52
N ARG A 666 1.05 -13.35 -15.81
CA ARG A 666 -0.32 -13.48 -15.36
C ARG A 666 -1.29 -13.53 -16.54
N SER A 667 -0.90 -12.91 -17.64
CA SER A 667 -1.79 -12.79 -18.79
C SER A 667 -1.23 -13.43 -20.06
N ALA A 668 0.08 -13.66 -20.08
CA ALA A 668 0.71 -14.20 -21.27
C ALA A 668 0.18 -15.59 -21.60
N GLU A 669 -0.11 -15.82 -22.86
CA GLU A 669 -0.61 -17.13 -23.29
C GLU A 669 0.09 -17.61 -24.55
N PRO A 670 0.27 -18.93 -24.70
CA PRO A 670 -0.05 -19.98 -23.73
C PRO A 670 0.76 -19.84 -22.46
N SER A 671 0.17 -20.18 -21.31
CA SER A 671 0.75 -19.86 -20.02
C SER A 671 2.15 -20.44 -19.85
N VAL A 672 3.04 -19.63 -19.30
CA VAL A 672 4.44 -20.00 -19.14
C VAL A 672 4.64 -21.11 -18.11
N PHE A 673 3.68 -21.25 -17.21
CA PHE A 673 3.79 -22.21 -16.12
C PHE A 673 3.87 -23.65 -16.62
N VAL A 674 4.65 -24.47 -15.91
CA VAL A 674 4.76 -25.88 -16.24
C VAL A 674 4.53 -26.74 -15.00
N ARG A 675 4.06 -27.96 -15.20
CA ARG A 675 3.74 -28.85 -14.09
C ARG A 675 4.96 -29.27 -13.26
N THR A 676 6.11 -29.40 -13.91
CA THR A 676 7.27 -29.93 -13.23
C THR A 676 8.54 -29.21 -13.65
N THR A 677 9.54 -29.24 -12.79
CA THR A 677 10.81 -28.60 -13.08
C THR A 677 11.46 -29.25 -14.29
N ALA A 678 11.28 -30.56 -14.41
CA ALA A 678 11.83 -31.29 -15.54
C ALA A 678 11.19 -30.83 -16.82
N GLU A 679 9.88 -30.60 -16.77
CA GLU A 679 9.14 -30.16 -17.93
C GLU A 679 9.62 -28.78 -18.35
N GLY A 680 9.97 -27.96 -17.37
CA GLY A 680 10.47 -26.63 -17.66
C GLY A 680 11.84 -26.73 -18.30
N VAL A 681 12.64 -27.68 -17.84
CA VAL A 681 13.97 -27.87 -18.42
C VAL A 681 13.83 -28.27 -19.87
N ALA A 682 12.83 -29.10 -20.14
CA ALA A 682 12.57 -29.51 -21.51
C ALA A 682 12.10 -28.34 -22.36
N ARG A 683 11.27 -27.48 -21.77
CA ARG A 683 10.77 -26.31 -22.47
C ARG A 683 11.89 -25.32 -22.79
N VAL A 684 12.92 -25.29 -21.95
CA VAL A 684 14.03 -24.42 -22.21
C VAL A 684 14.95 -25.01 -23.25
N ARG A 685 15.28 -26.29 -23.09
CA ARG A 685 16.23 -26.94 -23.99
C ARG A 685 15.72 -27.02 -25.43
N LYS A 686 14.41 -27.11 -25.58
CA LYS A 686 13.84 -27.30 -26.91
C LYS A 686 13.43 -25.99 -27.58
N SER A 687 13.24 -24.95 -26.78
CA SER A 687 12.82 -23.66 -27.31
C SER A 687 13.96 -23.01 -28.09
N LYS A 688 15.17 -23.50 -27.88
CA LYS A 688 16.35 -22.96 -28.53
C LYS A 688 16.52 -21.48 -28.23
N GLY A 689 16.45 -21.14 -26.94
CA GLY A 689 16.67 -19.78 -26.48
C GLY A 689 15.42 -18.93 -26.49
N LYS A 690 14.31 -19.49 -26.96
CA LYS A 690 13.06 -18.75 -27.00
C LYS A 690 12.34 -18.75 -25.65
N TYR A 691 12.77 -19.62 -24.75
CA TYR A 691 12.13 -19.68 -23.44
C TYR A 691 13.11 -19.88 -22.29
N ALA A 692 13.35 -18.80 -21.55
CA ALA A 692 14.07 -18.85 -20.29
C ALA A 692 13.16 -19.39 -19.19
N TYR A 693 13.77 -19.93 -18.13
CA TYR A 693 12.98 -20.41 -17.00
C TYR A 693 13.59 -19.92 -15.70
N LEU A 694 12.83 -19.94 -14.61
CA LEU A 694 13.32 -19.44 -13.34
C LEU A 694 13.17 -20.48 -12.24
N LEU A 695 14.21 -20.66 -11.42
CA LEU A 695 14.14 -21.62 -10.33
C LEU A 695 15.26 -21.43 -9.31
N GLU A 696 15.23 -22.21 -8.24
CA GLU A 696 16.19 -22.04 -7.13
C GLU A 696 17.63 -22.14 -7.61
N SER A 697 18.46 -21.25 -7.10
CA SER A 697 19.82 -21.06 -7.63
C SER A 697 20.67 -22.32 -7.57
N THR A 698 20.70 -22.95 -6.41
CA THR A 698 21.52 -24.13 -6.24
C THR A 698 21.04 -25.23 -7.16
N MET A 699 19.74 -25.29 -7.36
CA MET A 699 19.17 -26.28 -8.24
C MET A 699 19.60 -26.03 -9.67
N ASN A 700 19.59 -24.76 -10.06
CA ASN A 700 19.94 -24.38 -11.42
C ASN A 700 21.39 -24.72 -11.68
N GLU A 701 22.24 -24.33 -10.74
CA GLU A 701 23.66 -24.57 -10.86
C GLU A 701 23.95 -26.05 -10.90
N TYR A 702 23.19 -26.83 -10.15
CA TYR A 702 23.38 -28.26 -10.19
C TYR A 702 22.95 -28.86 -11.53
N ILE A 703 21.88 -28.33 -12.10
CA ILE A 703 21.43 -28.80 -13.41
C ILE A 703 22.43 -28.45 -14.51
N GLU A 704 23.10 -27.32 -14.35
CA GLU A 704 24.03 -26.84 -15.36
C GLU A 704 25.19 -27.81 -15.56
N GLN A 705 25.60 -28.46 -14.47
CA GLN A 705 26.66 -29.45 -14.56
C GLN A 705 26.20 -30.71 -15.27
N ARG A 706 24.88 -30.93 -15.27
CA ARG A 706 24.30 -32.12 -15.87
C ARG A 706 24.35 -32.07 -17.40
N LYS A 707 24.38 -33.23 -18.04
CA LYS A 707 24.35 -33.31 -19.50
C LYS A 707 22.99 -32.90 -20.03
N PRO A 708 22.93 -32.39 -21.27
CA PRO A 708 24.02 -32.18 -22.23
C PRO A 708 24.87 -30.93 -22.01
N CYS A 709 24.85 -30.37 -20.80
CA CYS A 709 25.57 -29.13 -20.50
C CYS A 709 25.14 -28.01 -21.42
N ASP A 710 23.91 -28.10 -21.91
CA ASP A 710 23.38 -27.18 -22.90
C ASP A 710 22.72 -25.93 -22.31
N THR A 711 22.61 -25.88 -20.99
CA THR A 711 21.92 -24.77 -20.34
C THR A 711 22.71 -24.23 -19.17
N MET A 712 22.47 -22.96 -18.84
CA MET A 712 23.23 -22.31 -17.78
C MET A 712 22.46 -21.18 -17.11
N LYS A 713 22.76 -20.96 -15.84
CA LYS A 713 22.21 -19.83 -15.11
C LYS A 713 22.95 -18.56 -15.48
N VAL A 714 22.29 -17.43 -15.36
CA VAL A 714 22.95 -16.15 -15.58
C VAL A 714 22.53 -15.11 -14.55
N GLY A 715 23.47 -14.24 -14.18
CA GLY A 715 23.18 -13.15 -13.28
C GLY A 715 23.21 -13.57 -11.83
N GLY A 716 23.03 -12.60 -10.93
CA GLY A 716 23.00 -12.87 -9.52
C GLY A 716 21.63 -13.34 -9.07
N ASN A 717 21.54 -13.84 -7.86
CA ASN A 717 20.27 -14.29 -7.34
C ASN A 717 19.31 -13.12 -7.10
N LEU A 718 18.05 -13.32 -7.47
CA LEU A 718 17.06 -12.28 -7.34
C LEU A 718 16.72 -11.95 -5.88
N ASP A 719 16.88 -12.93 -5.00
CA ASP A 719 16.51 -12.75 -3.61
C ASP A 719 17.24 -13.72 -2.69
N SER A 720 17.37 -13.36 -1.42
CA SER A 720 18.10 -14.20 -0.48
C SER A 720 17.21 -15.21 0.24
N LYS A 721 17.66 -16.45 0.27
CA LYS A 721 17.03 -17.51 1.05
C LYS A 721 18.10 -18.49 1.45
N GLY A 722 17.85 -19.26 2.50
CA GLY A 722 18.86 -20.20 2.98
C GLY A 722 18.28 -21.42 3.67
N TYR A 723 18.81 -22.59 3.31
CA TYR A 723 18.47 -23.81 4.00
C TYR A 723 19.15 -23.83 5.36
N GLY A 724 18.48 -24.43 6.34
CA GLY A 724 19.03 -24.55 7.67
C GLY A 724 18.53 -25.82 8.35
N ILE A 725 19.34 -26.37 9.24
CA ILE A 725 18.99 -27.60 9.92
C ILE A 725 17.74 -27.39 10.77
N ALA A 726 16.85 -28.36 10.76
CA ALA A 726 15.60 -28.26 11.49
C ALA A 726 15.59 -29.16 12.71
N THR A 727 15.13 -28.63 13.83
CA THR A 727 14.96 -29.41 15.04
C THR A 727 13.62 -29.10 15.69
N PRO A 728 13.07 -30.08 16.43
CA PRO A 728 11.85 -29.84 17.20
C PRO A 728 12.11 -28.79 18.27
N LYS A 729 11.10 -28.00 18.58
CA LYS A 729 11.25 -26.86 19.47
C LYS A 729 11.75 -27.28 20.84
N GLY A 730 12.75 -26.58 21.35
CA GLY A 730 13.23 -26.81 22.69
C GLY A 730 14.15 -28.01 22.83
N SER A 731 14.51 -28.62 21.71
CA SER A 731 15.44 -29.75 21.75
C SER A 731 16.81 -29.32 22.24
N SER A 732 17.45 -30.15 23.05
CA SER A 732 18.77 -29.84 23.59
C SER A 732 19.82 -29.83 22.49
N LEU A 733 19.57 -30.59 21.44
CA LEU A 733 20.51 -30.69 20.33
C LEU A 733 20.68 -29.38 19.59
N GLY A 734 19.64 -28.56 19.60
CA GLY A 734 19.57 -27.36 18.79
C GLY A 734 20.84 -26.52 18.78
N THR A 735 21.13 -25.88 19.91
CA THR A 735 22.28 -24.98 19.99
C THR A 735 23.61 -25.64 19.61
N PRO A 736 23.94 -26.80 20.22
CA PRO A 736 25.21 -27.40 19.80
C PRO A 736 25.29 -27.72 18.31
N VAL A 737 24.16 -28.11 17.73
CA VAL A 737 24.14 -28.41 16.31
C VAL A 737 24.41 -27.15 15.52
N ASN A 738 23.80 -26.05 15.95
CA ASN A 738 23.95 -24.79 15.26
C ASN A 738 25.41 -24.35 15.35
N LEU A 739 26.03 -24.65 16.47
CA LEU A 739 27.43 -24.36 16.67
C LEU A 739 28.26 -25.15 15.68
N ALA A 740 27.84 -26.39 15.46
CA ALA A 740 28.53 -27.25 14.51
C ALA A 740 28.39 -26.67 13.12
N VAL A 741 27.24 -26.06 12.86
CA VAL A 741 27.00 -25.45 11.57
C VAL A 741 27.98 -24.32 11.36
N LEU A 742 28.09 -23.46 12.37
CA LEU A 742 28.98 -22.32 12.24
C LEU A 742 30.42 -22.76 12.09
N LYS A 743 30.77 -23.85 12.75
CA LYS A 743 32.14 -24.33 12.70
C LYS A 743 32.45 -24.85 11.30
N LEU A 744 31.54 -25.65 10.77
CA LEU A 744 31.74 -26.24 9.45
C LEU A 744 31.71 -25.16 8.39
N SER A 745 31.00 -24.08 8.68
CA SER A 745 30.95 -22.96 7.75
C SER A 745 32.26 -22.21 7.71
N GLU A 746 32.76 -21.85 8.88
CA GLU A 746 33.97 -21.04 8.95
C GLU A 746 35.16 -21.80 8.40
N GLN A 747 35.16 -23.11 8.64
CA GLN A 747 36.24 -23.96 8.16
C GLN A 747 36.20 -24.09 6.65
N GLY A 748 35.01 -23.88 6.08
CA GLY A 748 34.86 -23.87 4.64
C GLY A 748 34.76 -25.27 4.07
N VAL A 749 34.72 -26.25 4.96
CA VAL A 749 34.65 -27.64 4.55
C VAL A 749 33.37 -27.89 3.76
N LEU A 750 32.35 -27.10 4.09
CA LEU A 750 31.08 -27.19 3.40
C LEU A 750 31.28 -26.88 1.93
N ASP A 751 32.10 -25.87 1.66
CA ASP A 751 32.42 -25.49 0.30
C ASP A 751 33.21 -26.57 -0.39
N LYS A 752 34.03 -27.28 0.38
CA LYS A 752 34.79 -28.38 -0.16
C LYS A 752 33.82 -29.44 -0.65
N LEU A 753 32.78 -29.62 0.14
CA LEU A 753 31.71 -30.55 -0.21
C LEU A 753 30.96 -30.04 -1.42
N LYS A 754 30.89 -28.73 -1.56
CA LYS A 754 30.10 -28.12 -2.61
C LYS A 754 30.81 -28.33 -3.94
N ASN A 755 32.11 -28.08 -3.94
CA ASN A 755 32.93 -28.37 -5.10
C ASN A 755 32.97 -29.85 -5.35
N LYS A 756 32.75 -30.63 -4.29
CA LYS A 756 32.67 -32.07 -4.47
C LYS A 756 31.45 -32.42 -5.30
N TRP A 757 30.29 -32.42 -4.65
CA TRP A 757 29.09 -32.94 -5.27
C TRP A 757 28.62 -32.12 -6.47
N TRP A 758 28.84 -30.82 -6.46
CA TRP A 758 28.47 -29.98 -7.61
C TRP A 758 29.52 -29.88 -8.72
N TYR A 759 30.71 -30.42 -8.50
CA TYR A 759 31.74 -30.30 -9.52
C TYR A 759 32.62 -31.54 -9.64
N ASP A 760 33.11 -32.02 -8.52
CA ASP A 760 33.97 -33.19 -8.53
C ASP A 760 33.19 -34.41 -9.02
N LYS A 761 31.90 -34.40 -8.72
CA LYS A 761 30.99 -35.41 -9.25
C LYS A 761 30.48 -34.95 -10.60
N GLY A 762 30.81 -33.72 -10.95
CA GLY A 762 30.20 -33.05 -12.09
C GLY A 762 30.57 -33.62 -13.44
N GLU A 763 29.66 -33.45 -14.39
CA GLU A 763 29.83 -33.98 -15.74
C GLU A 763 30.61 -33.02 -16.64
N CYS A 764 30.87 -31.83 -16.13
CA CYS A 764 31.65 -30.83 -16.87
C CYS A 764 32.50 -30.03 -15.89
N GLY A 765 33.68 -29.61 -16.32
CA GLY A 765 34.59 -28.90 -15.45
C GLY A 765 34.16 -27.48 -15.17
N ALA A 766 34.61 -26.92 -14.05
CA ALA A 766 34.29 -25.55 -13.68
C ALA A 766 34.91 -24.55 -14.65
N LYS A 767 36.08 -24.89 -15.17
CA LYS A 767 36.75 -24.03 -16.14
C LYS A 767 36.25 -24.26 -17.56
N ASP A 768 35.43 -25.29 -17.74
CA ASP A 768 34.89 -25.61 -19.06
C ASP A 768 33.99 -24.49 -19.58
N SER A 769 33.36 -23.77 -18.65
CA SER A 769 32.45 -22.68 -18.99
C SER A 769 33.16 -21.52 -19.69
N GLY A 770 34.45 -21.34 -19.38
CA GLY A 770 35.22 -20.22 -19.91
C GLY A 770 35.82 -20.46 -21.29
N SER A 771 35.57 -21.64 -21.85
CA SER A 771 36.18 -22.04 -23.11
C SER A 771 35.45 -21.51 -24.35
N LYS A 772 34.31 -20.84 -24.14
CA LYS A 772 33.46 -20.39 -25.24
C LYS A 772 33.85 -19.01 -25.77
N GLU A 773 35.05 -18.55 -25.42
CA GLU A 773 35.59 -17.25 -25.85
C GLU A 773 34.71 -16.08 -25.43
N LYS A 774 34.98 -14.93 -26.02
CA LYS A 774 34.21 -13.72 -25.73
C LYS A 774 33.75 -13.01 -26.99
N THR A 775 34.60 -12.16 -27.56
CA THR A 775 34.20 -11.37 -28.72
C THR A 775 35.14 -11.49 -29.91
N SER A 776 36.17 -10.65 -29.91
CA SER A 776 37.06 -10.49 -31.06
C SER A 776 36.26 -10.09 -32.30
N ALA A 777 36.81 -10.38 -33.47
CA ALA A 777 36.12 -10.04 -34.71
C ALA A 777 36.53 -10.99 -35.83
N LEU A 778 35.56 -11.34 -36.68
CA LEU A 778 35.77 -12.27 -37.78
C LEU A 778 36.31 -13.62 -37.39
N SER A 779 36.44 -14.46 -38.41
CA SER A 779 37.05 -15.76 -38.32
C SER A 779 37.49 -16.12 -39.72
N LEU A 780 38.36 -17.10 -39.83
CA LEU A 780 38.84 -17.50 -41.15
C LEU A 780 37.69 -17.94 -42.02
N SER A 781 36.71 -18.58 -41.40
CA SER A 781 35.66 -19.29 -42.12
C SER A 781 34.90 -18.43 -43.10
N ASN A 782 34.43 -17.29 -42.60
CA ASN A 782 33.47 -16.48 -43.32
C ASN A 782 34.08 -16.00 -44.63
N VAL A 783 35.40 -15.86 -44.61
CA VAL A 783 36.14 -15.52 -45.81
C VAL A 783 36.75 -16.77 -46.44
N ALA A 784 36.91 -17.83 -45.63
CA ALA A 784 37.48 -19.07 -46.15
C ALA A 784 36.60 -19.61 -47.25
N GLY A 785 35.31 -19.31 -47.16
CA GLY A 785 34.39 -19.70 -48.21
C GLY A 785 34.80 -19.06 -49.52
N VAL A 786 35.34 -17.85 -49.44
CA VAL A 786 35.88 -17.19 -50.62
C VAL A 786 37.23 -17.77 -50.99
N PHE A 787 37.98 -18.22 -50.00
CA PHE A 787 39.28 -18.82 -50.29
C PHE A 787 39.12 -20.07 -51.13
N TYR A 788 38.05 -20.80 -50.88
CA TYR A 788 37.85 -22.05 -51.59
C TYR A 788 37.50 -21.81 -53.04
N ILE A 789 36.63 -20.83 -53.30
CA ILE A 789 36.31 -20.51 -54.68
C ILE A 789 37.52 -19.86 -55.35
N LEU A 790 38.37 -19.25 -54.55
CA LEU A 790 39.59 -18.66 -55.07
C LEU A 790 40.55 -19.72 -55.58
N VAL A 791 40.84 -20.69 -54.71
CA VAL A 791 41.76 -21.77 -55.06
C VAL A 791 41.16 -22.60 -56.18
N GLY A 792 39.84 -22.70 -56.19
CA GLY A 792 39.14 -23.47 -57.20
C GLY A 792 39.25 -22.78 -58.54
N GLY A 793 39.20 -21.45 -58.52
CA GLY A 793 39.37 -20.68 -59.73
C GLY A 793 40.79 -20.86 -60.21
N LEU A 794 41.71 -20.95 -59.26
CA LEU A 794 43.11 -21.20 -59.60
C LEU A 794 43.26 -22.54 -60.28
N GLY A 795 42.48 -23.53 -59.84
CA GLY A 795 42.58 -24.85 -60.40
C GLY A 795 41.98 -24.88 -61.78
N LEU A 796 40.92 -24.10 -61.99
CA LEU A 796 40.34 -23.99 -63.30
C LEU A 796 41.36 -23.37 -64.24
N ALA A 797 42.11 -22.40 -63.71
CA ALA A 797 43.15 -21.77 -64.49
C ALA A 797 44.27 -22.75 -64.82
N MET A 798 44.55 -23.65 -63.88
CA MET A 798 45.57 -24.65 -64.10
C MET A 798 45.15 -25.62 -65.19
N LEU A 799 43.85 -25.90 -65.24
CA LEU A 799 43.34 -26.82 -66.24
C LEU A 799 43.41 -26.16 -67.61
N VAL A 800 42.95 -24.92 -67.66
CA VAL A 800 42.91 -24.18 -68.89
C VAL A 800 44.32 -23.99 -69.42
N ALA A 801 45.27 -23.86 -68.51
CA ALA A 801 46.67 -23.69 -68.89
C ALA A 801 47.14 -24.87 -69.71
N LEU A 802 47.21 -26.03 -69.08
CA LEU A 802 47.76 -27.21 -69.73
C LEU A 802 46.94 -27.64 -70.93
N ILE A 803 45.63 -27.48 -70.88
CA ILE A 803 44.86 -27.86 -72.07
C ILE A 803 45.22 -26.92 -73.21
N GLU A 804 45.45 -25.64 -72.90
CA GLU A 804 45.86 -24.70 -73.94
C GLU A 804 47.23 -25.02 -74.51
N PHE A 805 48.14 -25.52 -73.67
CA PHE A 805 49.42 -25.97 -74.20
C PHE A 805 49.21 -27.17 -75.11
N CYS A 806 48.25 -28.01 -74.75
CA CYS A 806 47.91 -29.15 -75.59
C CYS A 806 47.34 -28.71 -76.94
N TYR A 807 46.58 -27.61 -76.95
CA TYR A 807 46.11 -27.06 -78.22
C TYR A 807 47.26 -26.43 -78.97
N LYS A 808 48.25 -25.93 -78.24
CA LYS A 808 49.45 -25.39 -78.86
C LYS A 808 50.18 -26.50 -79.58
N SER A 809 50.08 -27.71 -79.03
CA SER A 809 50.63 -28.88 -79.69
C SER A 809 49.75 -29.31 -80.87
N ARG A 810 48.44 -29.18 -80.69
CA ARG A 810 47.47 -29.60 -81.71
C ARG A 810 47.23 -28.53 -82.76
N ALA A 811 47.79 -27.34 -82.55
CA ALA A 811 47.65 -26.27 -83.52
C ALA A 811 48.99 -25.58 -83.76
N ASN B 1 -61.17 -40.57 50.18
CA ASN B 1 -60.00 -41.45 50.16
C ASN B 1 -58.70 -40.69 50.32
N SER B 2 -58.17 -40.70 51.54
CA SER B 2 -56.87 -40.09 51.79
C SER B 2 -55.78 -40.85 51.04
N ILE B 3 -54.80 -40.12 50.49
CA ILE B 3 -53.67 -40.75 49.82
C ILE B 3 -52.39 -40.04 50.23
N GLN B 4 -51.77 -40.57 51.28
CA GLN B 4 -50.58 -39.96 51.86
C GLN B 4 -49.39 -39.96 50.90
N ILE B 5 -48.70 -38.83 50.86
CA ILE B 5 -47.49 -38.68 50.06
C ILE B 5 -46.49 -37.82 50.81
N GLY B 6 -45.23 -37.88 50.39
CA GLY B 6 -44.19 -37.10 51.03
C GLY B 6 -44.22 -35.66 50.56
N GLY B 7 -43.44 -34.81 51.23
CA GLY B 7 -43.38 -33.41 50.84
C GLY B 7 -42.09 -32.73 51.27
N LEU B 8 -40.95 -33.29 50.87
CA LEU B 8 -39.67 -32.66 51.16
C LEU B 8 -39.51 -31.36 50.40
N PHE B 9 -38.99 -30.34 51.09
CA PHE B 9 -38.65 -29.09 50.43
C PHE B 9 -37.46 -28.43 51.13
N PRO B 10 -36.54 -27.85 50.35
CA PRO B 10 -35.50 -27.00 50.90
C PRO B 10 -36.11 -25.77 51.55
N ARG B 11 -35.50 -25.30 52.63
CA ARG B 11 -35.94 -24.06 53.25
C ARG B 11 -35.59 -22.91 52.31
N GLY B 12 -36.46 -21.92 52.24
CA GLY B 12 -36.25 -20.81 51.32
C GLY B 12 -36.79 -21.08 49.94
N ALA B 13 -37.39 -22.26 49.75
CA ALA B 13 -38.08 -22.57 48.52
C ALA B 13 -39.56 -22.29 48.67
N ASP B 14 -39.86 -21.10 49.18
CA ASP B 14 -41.21 -20.76 49.59
C ASP B 14 -42.19 -20.71 48.42
N GLN B 15 -41.70 -20.26 47.28
CA GLN B 15 -42.53 -20.11 46.10
C GLN B 15 -43.04 -21.46 45.63
N GLU B 16 -42.17 -22.46 45.77
CA GLU B 16 -42.48 -23.80 45.36
C GLU B 16 -43.49 -24.45 46.28
N TYR B 17 -43.35 -24.18 47.57
CA TYR B 17 -44.31 -24.70 48.55
C TYR B 17 -45.67 -24.07 48.35
N SER B 18 -45.67 -22.78 48.04
CA SER B 18 -46.91 -22.05 47.82
C SER B 18 -47.60 -22.60 46.59
N ALA B 19 -46.84 -22.73 45.51
CA ALA B 19 -47.39 -23.25 44.28
C ALA B 19 -47.84 -24.69 44.47
N PHE B 20 -47.19 -25.37 45.41
CA PHE B 20 -47.55 -26.75 45.74
C PHE B 20 -48.92 -26.82 46.36
N ARG B 21 -49.16 -25.96 47.34
CA ARG B 21 -50.47 -25.89 47.95
C ARG B 21 -51.50 -25.46 46.92
N VAL B 22 -51.06 -24.63 45.98
CA VAL B 22 -51.93 -24.22 44.89
C VAL B 22 -52.32 -25.43 44.06
N GLY B 23 -51.38 -26.36 43.93
CA GLY B 23 -51.66 -27.59 43.22
C GLY B 23 -52.65 -28.43 43.99
N MET B 24 -52.52 -28.41 45.31
CA MET B 24 -53.45 -29.14 46.15
C MET B 24 -54.86 -28.60 46.02
N VAL B 25 -54.97 -27.28 45.84
CA VAL B 25 -56.29 -26.67 45.74
C VAL B 25 -56.89 -26.90 44.37
N GLN B 26 -56.09 -26.67 43.34
CA GLN B 26 -56.59 -26.69 41.97
C GLN B 26 -57.07 -28.06 41.51
N PHE B 27 -56.44 -29.12 41.99
CA PHE B 27 -56.70 -30.43 41.43
C PHE B 27 -57.32 -31.41 42.42
N SER B 28 -57.78 -30.88 43.54
CA SER B 28 -58.47 -31.72 44.52
C SER B 28 -59.73 -32.30 43.90
N THR B 29 -60.03 -33.55 44.19
CA THR B 29 -61.18 -34.21 43.60
C THR B 29 -61.99 -34.96 44.66
N SER B 30 -63.27 -35.15 44.37
CA SER B 30 -64.17 -35.81 45.31
C SER B 30 -63.79 -37.26 45.55
N GLU B 31 -63.22 -37.90 44.54
CA GLU B 31 -62.94 -39.34 44.58
C GLU B 31 -61.91 -39.69 45.65
N PHE B 32 -60.97 -38.77 45.88
CA PHE B 32 -59.90 -38.98 46.83
C PHE B 32 -59.18 -37.68 47.10
N ARG B 33 -58.52 -37.57 48.24
CA ARG B 33 -57.72 -36.39 48.51
C ARG B 33 -56.31 -36.74 48.95
N LEU B 34 -55.35 -36.01 48.38
CA LEU B 34 -53.94 -36.22 48.66
C LEU B 34 -53.63 -35.80 50.09
N THR B 35 -52.63 -36.44 50.68
CA THR B 35 -52.27 -36.18 52.06
C THR B 35 -50.78 -35.90 52.15
N PRO B 36 -50.39 -34.65 51.84
CA PRO B 36 -48.99 -34.23 51.83
C PRO B 36 -48.38 -34.32 53.21
N HIS B 37 -47.09 -34.65 53.24
CA HIS B 37 -46.34 -34.68 54.49
C HIS B 37 -45.13 -33.75 54.37
N ILE B 38 -45.37 -32.48 54.62
CA ILE B 38 -44.38 -31.43 54.41
C ILE B 38 -43.19 -31.55 55.37
N ASP B 39 -41.99 -31.37 54.82
CA ASP B 39 -40.74 -31.42 55.58
C ASP B 39 -39.73 -30.42 55.03
N ASN B 40 -39.51 -29.33 55.75
CA ASN B 40 -38.60 -28.29 55.31
C ASN B 40 -37.17 -28.51 55.82
N LEU B 41 -36.53 -29.57 55.35
CA LEU B 41 -35.14 -29.84 55.73
C LEU B 41 -34.17 -29.41 54.64
N GLU B 42 -32.97 -29.01 55.06
CA GLU B 42 -31.92 -28.65 54.13
C GLU B 42 -31.49 -29.85 53.31
N VAL B 43 -31.22 -29.62 52.03
CA VAL B 43 -30.80 -30.70 51.16
C VAL B 43 -29.30 -30.95 51.31
N ALA B 44 -28.61 -30.01 51.95
CA ALA B 44 -27.17 -30.11 52.11
C ALA B 44 -26.76 -31.30 52.96
N ASN B 45 -27.60 -31.64 53.94
CA ASN B 45 -27.30 -32.75 54.83
C ASN B 45 -27.95 -34.03 54.32
N SER B 46 -27.15 -34.88 53.71
CA SER B 46 -27.66 -36.13 53.17
C SER B 46 -28.22 -37.00 54.28
N PHE B 47 -27.61 -36.92 55.45
CA PHE B 47 -28.11 -37.66 56.60
C PHE B 47 -29.49 -37.19 56.99
N ALA B 48 -29.72 -35.89 56.91
CA ALA B 48 -31.02 -35.33 57.23
C ALA B 48 -32.03 -35.79 56.20
N VAL B 49 -31.56 -35.94 54.97
CA VAL B 49 -32.40 -36.42 53.90
C VAL B 49 -32.81 -37.84 54.21
N THR B 50 -31.86 -38.59 54.74
CA THR B 50 -32.10 -39.97 55.11
C THR B 50 -33.12 -40.00 56.23
N ASN B 51 -33.04 -38.99 57.09
CA ASN B 51 -33.91 -38.92 58.26
C ASN B 51 -35.34 -38.72 57.82
N ALA B 52 -35.55 -37.72 56.97
CA ALA B 52 -36.88 -37.41 56.50
C ALA B 52 -37.41 -38.55 55.66
N PHE B 53 -36.51 -39.22 54.95
CA PHE B 53 -36.92 -40.30 54.06
C PHE B 53 -37.43 -41.47 54.87
N CYS B 54 -36.67 -41.88 55.88
CA CYS B 54 -37.11 -42.95 56.75
C CYS B 54 -38.34 -42.53 57.53
N SER B 55 -38.46 -41.24 57.79
CA SER B 55 -39.58 -40.71 58.54
C SER B 55 -40.87 -40.90 57.78
N GLN B 56 -40.88 -40.46 56.52
CA GLN B 56 -42.05 -40.62 55.69
C GLN B 56 -42.28 -42.09 55.35
N PHE B 57 -41.20 -42.85 55.32
CA PHE B 57 -41.33 -44.28 55.11
C PHE B 57 -42.08 -44.90 56.27
N SER B 58 -41.86 -44.35 57.46
CA SER B 58 -42.60 -44.75 58.64
C SER B 58 -44.05 -44.35 58.50
N ARG B 59 -44.28 -43.28 57.75
CA ARG B 59 -45.64 -42.81 57.51
C ARG B 59 -46.30 -43.73 56.50
N GLY B 60 -45.49 -44.52 55.80
CA GLY B 60 -46.01 -45.47 54.84
C GLY B 60 -46.54 -44.78 53.61
N VAL B 61 -46.02 -43.58 53.35
CA VAL B 61 -46.49 -42.76 52.24
C VAL B 61 -46.28 -43.47 50.91
N TYR B 62 -47.26 -43.34 50.02
CA TYR B 62 -47.23 -44.05 48.76
C TYR B 62 -46.34 -43.35 47.76
N ALA B 63 -45.92 -42.14 48.11
CA ALA B 63 -45.02 -41.38 47.26
C ALA B 63 -44.24 -40.36 48.07
N ILE B 64 -43.11 -39.92 47.53
CA ILE B 64 -42.30 -38.90 48.16
C ILE B 64 -41.86 -37.90 47.10
N PHE B 65 -41.73 -36.65 47.49
CA PHE B 65 -41.41 -35.60 46.54
C PHE B 65 -40.54 -34.50 47.14
N GLY B 66 -39.66 -33.92 46.33
CA GLY B 66 -38.79 -32.86 46.77
C GLY B 66 -37.62 -32.57 45.85
N PHE B 67 -36.81 -31.58 46.21
CA PHE B 67 -35.61 -31.23 45.46
C PHE B 67 -34.46 -32.12 45.88
N TYR B 68 -33.36 -32.08 45.13
CA TYR B 68 -32.15 -32.73 45.60
C TYR B 68 -30.87 -32.05 45.14
N ASP B 69 -29.87 -32.09 46.01
CA ASP B 69 -28.52 -31.66 45.72
C ASP B 69 -27.81 -32.73 44.90
N LYS B 70 -26.78 -32.32 44.17
CA LYS B 70 -25.93 -33.28 43.52
C LYS B 70 -25.27 -34.13 44.59
N LYS B 71 -25.09 -33.55 45.78
CA LYS B 71 -24.59 -34.32 46.91
C LYS B 71 -25.62 -35.35 47.36
N SER B 72 -26.89 -35.07 47.11
CA SER B 72 -27.96 -35.90 47.65
C SER B 72 -28.56 -36.87 46.64
N VAL B 73 -28.28 -36.65 45.36
CA VAL B 73 -28.95 -37.42 44.31
C VAL B 73 -28.67 -38.90 44.43
N ASN B 74 -27.44 -39.23 44.80
CA ASN B 74 -27.05 -40.62 44.91
C ASN B 74 -27.78 -41.31 46.05
N THR B 75 -28.09 -40.54 47.08
CA THR B 75 -28.81 -41.08 48.21
C THR B 75 -30.23 -41.44 47.80
N ILE B 76 -30.89 -40.50 47.13
CA ILE B 76 -32.26 -40.72 46.70
C ILE B 76 -32.35 -41.86 45.72
N THR B 77 -31.39 -41.92 44.81
CA THR B 77 -31.37 -43.01 43.85
C THR B 77 -31.11 -44.33 44.54
N SER B 78 -30.29 -44.29 45.59
CA SER B 78 -29.95 -45.53 46.29
C SER B 78 -31.15 -46.07 47.03
N PHE B 79 -31.83 -45.22 47.80
CA PHE B 79 -32.98 -45.67 48.57
C PHE B 79 -34.20 -45.96 47.73
N CYS B 80 -34.58 -45.02 46.88
CA CYS B 80 -35.76 -45.21 46.05
C CYS B 80 -35.53 -46.36 45.10
N GLY B 81 -34.28 -46.54 44.70
CA GLY B 81 -33.94 -47.67 43.87
C GLY B 81 -34.09 -48.93 44.68
N THR B 82 -33.73 -48.86 45.95
CA THR B 82 -33.79 -50.03 46.81
C THR B 82 -35.20 -50.36 47.26
N LEU B 83 -35.90 -49.36 47.78
CA LEU B 83 -37.19 -49.61 48.41
C LEU B 83 -38.33 -49.57 47.40
N HIS B 84 -37.98 -49.30 46.15
CA HIS B 84 -38.96 -49.21 45.08
C HIS B 84 -40.02 -48.16 45.37
N VAL B 85 -39.61 -47.07 46.00
CA VAL B 85 -40.49 -45.94 46.20
C VAL B 85 -40.27 -44.91 45.12
N SER B 86 -41.35 -44.55 44.43
CA SER B 86 -41.27 -43.57 43.36
C SER B 86 -40.93 -42.18 43.89
N PHE B 87 -40.17 -41.42 43.12
CA PHE B 87 -39.80 -40.08 43.53
C PHE B 87 -39.73 -39.13 42.33
N ILE B 88 -40.69 -38.21 42.28
CA ILE B 88 -40.71 -37.15 41.30
C ILE B 88 -39.73 -36.05 41.72
N THR B 89 -39.13 -35.35 40.77
CA THR B 89 -38.26 -34.23 41.13
C THR B 89 -38.13 -33.14 40.07
N PRO B 90 -38.31 -31.90 40.49
CA PRO B 90 -38.03 -30.65 39.78
C PRO B 90 -36.57 -30.48 39.39
N SER B 91 -35.67 -31.04 40.20
CA SER B 91 -34.24 -30.77 40.07
C SER B 91 -33.65 -31.24 38.76
N PHE B 92 -32.35 -31.04 38.60
CA PHE B 92 -31.67 -31.35 37.35
C PHE B 92 -31.70 -32.85 37.08
N PRO B 93 -31.75 -33.22 35.80
CA PRO B 93 -31.90 -34.63 35.41
C PRO B 93 -30.74 -35.49 35.89
N THR B 94 -31.05 -36.73 36.24
CA THR B 94 -30.03 -37.66 36.70
C THR B 94 -29.04 -37.97 35.59
N ASP B 95 -27.77 -38.12 35.96
CA ASP B 95 -26.75 -38.46 34.99
C ASP B 95 -26.79 -39.94 34.61
N GLY B 96 -27.49 -40.73 35.41
CA GLY B 96 -27.61 -42.14 35.15
C GLY B 96 -29.05 -42.61 35.23
N THR B 97 -29.37 -43.63 34.46
CA THR B 97 -30.71 -44.19 34.49
C THR B 97 -31.01 -44.81 35.84
N HIS B 98 -32.20 -44.53 36.37
CA HIS B 98 -32.62 -45.17 37.61
C HIS B 98 -34.11 -45.50 37.62
N PRO B 99 -34.48 -46.57 38.32
CA PRO B 99 -35.86 -46.91 38.67
C PRO B 99 -36.47 -45.90 39.63
N PHE B 100 -37.77 -45.66 39.52
CA PHE B 100 -38.51 -44.85 40.48
C PHE B 100 -37.97 -43.44 40.65
N VAL B 101 -37.49 -42.87 39.55
CA VAL B 101 -36.97 -41.51 39.61
C VAL B 101 -37.58 -40.68 38.50
N ILE B 102 -38.81 -40.24 38.71
CA ILE B 102 -39.41 -39.31 37.77
C ILE B 102 -38.75 -37.96 37.97
N GLN B 103 -38.58 -37.23 36.88
CA GLN B 103 -37.86 -35.95 36.94
C GLN B 103 -38.45 -34.88 36.03
N MET B 104 -38.91 -33.80 36.67
CA MET B 104 -39.68 -32.76 36.00
C MET B 104 -38.87 -31.84 35.10
N ARG B 105 -37.56 -31.83 35.26
CA ARG B 105 -36.76 -30.88 34.53
C ARG B 105 -36.24 -31.51 33.24
N PRO B 106 -36.61 -30.93 32.10
CA PRO B 106 -36.18 -31.45 30.79
C PRO B 106 -34.67 -31.35 30.67
N ASP B 107 -34.04 -32.29 29.96
CA ASP B 107 -32.62 -32.16 29.68
C ASP B 107 -32.46 -30.90 28.85
N LEU B 108 -31.38 -30.16 29.07
CA LEU B 108 -31.25 -28.87 28.45
C LEU B 108 -30.04 -28.80 27.52
N LYS B 109 -29.10 -29.69 27.73
CA LYS B 109 -27.80 -29.60 27.08
C LYS B 109 -27.84 -29.69 25.55
N GLY B 110 -28.74 -30.49 25.01
CA GLY B 110 -28.75 -30.68 23.57
C GLY B 110 -29.22 -29.42 22.87
N ALA B 111 -30.18 -28.75 23.48
CA ALA B 111 -30.67 -27.50 22.96
C ALA B 111 -29.54 -26.48 23.03
N LEU B 112 -28.73 -26.58 24.06
CA LEU B 112 -27.59 -25.69 24.20
C LEU B 112 -26.62 -25.94 23.06
N LEU B 113 -26.49 -27.20 22.69
CA LEU B 113 -25.57 -27.58 21.65
C LEU B 113 -26.03 -26.99 20.33
N SER B 114 -27.30 -27.18 20.03
CA SER B 114 -27.87 -26.67 18.78
C SER B 114 -27.78 -25.15 18.77
N LEU B 115 -27.89 -24.57 19.96
CA LEU B 115 -27.83 -23.13 20.09
C LEU B 115 -26.46 -22.62 19.71
N ILE B 116 -25.43 -23.32 20.17
CA ILE B 116 -24.09 -22.94 19.78
C ILE B 116 -23.92 -23.16 18.28
N GLU B 117 -24.58 -24.20 17.78
CA GLU B 117 -24.48 -24.55 16.39
C GLU B 117 -25.01 -23.42 15.52
N TYR B 118 -26.01 -22.73 16.03
CA TYR B 118 -26.58 -21.61 15.30
C TYR B 118 -25.64 -20.42 15.24
N TYR B 119 -25.11 -20.04 16.39
CA TYR B 119 -24.20 -18.90 16.44
C TYR B 119 -22.84 -19.24 15.84
N GLN B 120 -22.59 -20.53 15.70
CA GLN B 120 -21.38 -21.01 15.05
C GLN B 120 -20.12 -20.51 15.71
N TRP B 121 -20.13 -20.42 17.04
CA TRP B 121 -18.93 -20.00 17.76
C TRP B 121 -17.84 -21.04 17.59
N ASP B 122 -16.60 -20.59 17.41
CA ASP B 122 -15.47 -21.49 17.32
C ASP B 122 -14.81 -21.65 18.68
N LYS B 123 -14.91 -20.61 19.50
CA LYS B 123 -14.21 -20.56 20.77
C LYS B 123 -14.92 -19.63 21.73
N PHE B 124 -14.95 -20.01 23.00
CA PHE B 124 -15.65 -19.23 24.01
C PHE B 124 -15.32 -19.66 25.44
N ALA B 125 -15.47 -18.73 26.37
CA ALA B 125 -15.37 -19.08 27.78
C ALA B 125 -16.67 -19.73 28.26
N TYR B 126 -16.57 -20.55 29.30
CA TYR B 126 -17.74 -21.25 29.81
C TYR B 126 -17.73 -21.32 31.34
N LEU B 127 -18.37 -20.35 31.98
CA LEU B 127 -18.47 -20.40 33.44
C LEU B 127 -19.53 -21.38 33.89
N TYR B 128 -19.32 -21.98 35.06
CA TYR B 128 -20.27 -22.95 35.56
C TYR B 128 -20.24 -23.09 37.06
N ASP B 129 -21.40 -23.37 37.65
CA ASP B 129 -21.48 -23.73 39.05
C ASP B 129 -21.58 -25.25 39.17
N SER B 130 -20.89 -25.79 40.16
CA SER B 130 -20.85 -27.23 40.35
C SER B 130 -22.21 -27.83 40.70
N ASP B 131 -23.02 -27.06 41.39
CA ASP B 131 -24.17 -27.61 42.10
C ASP B 131 -25.20 -28.31 41.23
N ARG B 132 -25.40 -27.82 40.01
CA ARG B 132 -26.36 -28.45 39.13
C ARG B 132 -25.79 -29.69 38.44
N GLY B 133 -24.49 -29.90 38.60
CA GLY B 133 -23.83 -31.05 38.00
C GLY B 133 -23.00 -30.63 36.81
N LEU B 134 -21.86 -31.29 36.64
CA LEU B 134 -20.91 -30.89 35.62
C LEU B 134 -21.19 -31.55 34.29
N SER B 135 -22.26 -32.34 34.23
CA SER B 135 -22.52 -33.17 33.06
C SER B 135 -22.65 -32.33 31.80
N THR B 136 -23.18 -31.12 31.95
CA THR B 136 -23.33 -30.22 30.83
C THR B 136 -21.96 -29.89 30.29
N LEU B 137 -21.02 -29.72 31.20
CA LEU B 137 -19.65 -29.40 30.80
C LEU B 137 -19.03 -30.57 30.05
N GLN B 138 -19.37 -31.77 30.49
CA GLN B 138 -18.85 -32.95 29.83
C GLN B 138 -19.39 -32.99 28.43
N ALA B 139 -20.63 -32.54 28.28
CA ALA B 139 -21.28 -32.53 26.99
C ALA B 139 -20.62 -31.54 26.06
N VAL B 140 -20.43 -30.32 26.55
CA VAL B 140 -19.88 -29.28 25.71
C VAL B 140 -18.45 -29.61 25.33
N LEU B 141 -17.74 -30.32 26.20
CA LEU B 141 -16.38 -30.73 25.88
C LEU B 141 -16.38 -31.84 24.85
N ASP B 142 -17.30 -32.78 24.99
CA ASP B 142 -17.36 -33.88 24.04
C ASP B 142 -17.66 -33.32 22.66
N SER B 143 -18.53 -32.33 22.64
CA SER B 143 -18.83 -31.64 21.40
C SER B 143 -17.62 -30.87 20.93
N ALA B 144 -16.84 -30.38 21.89
CA ALA B 144 -15.68 -29.58 21.58
C ALA B 144 -14.65 -30.41 20.85
N ALA B 145 -14.66 -31.71 21.13
CA ALA B 145 -13.76 -32.60 20.42
C ALA B 145 -14.16 -32.64 18.94
N GLU B 146 -15.42 -32.94 18.70
CA GLU B 146 -15.92 -33.04 17.33
C GLU B 146 -15.93 -31.68 16.64
N LYS B 147 -16.16 -30.63 17.41
CA LYS B 147 -16.35 -29.32 16.80
C LYS B 147 -15.12 -28.46 16.95
N LYS B 148 -14.03 -29.08 17.39
CA LYS B 148 -12.72 -28.44 17.57
C LYS B 148 -12.81 -27.07 18.24
N TRP B 149 -13.73 -26.98 19.20
CA TRP B 149 -13.89 -25.80 20.03
C TRP B 149 -12.75 -25.66 21.03
N GLN B 150 -12.37 -24.44 21.34
CA GLN B 150 -11.33 -24.19 22.34
C GLN B 150 -11.93 -23.56 23.57
N VAL B 151 -12.91 -24.24 24.16
CA VAL B 151 -13.66 -23.69 25.27
C VAL B 151 -12.79 -23.50 26.51
N THR B 152 -13.03 -22.42 27.23
CA THR B 152 -12.34 -22.18 28.49
C THR B 152 -13.32 -22.22 29.65
N ALA B 153 -13.60 -23.42 30.14
CA ALA B 153 -14.50 -23.61 31.27
C ALA B 153 -13.86 -23.18 32.59
N ILE B 154 -14.67 -22.58 33.45
CA ILE B 154 -14.20 -22.20 34.80
C ILE B 154 -15.35 -22.25 35.81
N ASN B 155 -15.11 -22.90 36.95
CA ASN B 155 -16.06 -22.88 38.05
C ASN B 155 -16.00 -21.56 38.79
N VAL B 156 -17.10 -21.18 39.43
CA VAL B 156 -17.14 -19.93 40.16
C VAL B 156 -17.77 -20.12 41.54
N GLY B 157 -18.37 -21.27 41.77
CA GLY B 157 -19.22 -21.45 42.94
C GLY B 157 -18.46 -21.62 44.24
N ASN B 158 -17.17 -21.89 44.14
CA ASN B 158 -16.34 -22.05 45.33
C ASN B 158 -16.18 -20.75 46.11
N ILE B 159 -16.33 -19.63 45.41
CA ILE B 159 -16.06 -18.32 45.98
C ILE B 159 -17.00 -17.97 47.14
N ASN B 160 -16.44 -17.39 48.20
CA ASN B 160 -17.21 -16.90 49.32
C ASN B 160 -17.96 -15.63 48.97
N ASN B 161 -19.11 -15.43 49.61
CA ASN B 161 -19.85 -14.19 49.44
C ASN B 161 -19.09 -13.00 50.00
N ASP B 162 -18.28 -13.25 51.03
CA ASP B 162 -17.57 -12.20 51.74
C ASP B 162 -16.51 -11.50 50.89
N LYS B 163 -15.88 -12.25 49.99
CA LYS B 163 -14.85 -11.69 49.13
C LYS B 163 -15.35 -11.76 47.69
N LYS B 164 -16.65 -12.03 47.57
CA LYS B 164 -17.29 -12.10 46.27
C LYS B 164 -17.23 -10.74 45.60
N ASP B 165 -16.09 -10.45 44.99
CA ASP B 165 -15.88 -9.15 44.40
C ASP B 165 -14.67 -9.13 43.48
N GLU B 166 -13.49 -8.97 44.08
CA GLU B 166 -12.25 -8.85 43.32
C GLU B 166 -11.97 -10.11 42.54
N THR B 167 -12.51 -11.23 43.02
CA THR B 167 -12.30 -12.52 42.37
C THR B 167 -12.84 -12.47 40.96
N TYR B 168 -13.90 -11.69 40.78
CA TYR B 168 -14.48 -11.50 39.46
C TYR B 168 -13.60 -10.63 38.57
N ARG B 169 -13.16 -9.50 39.11
CA ARG B 169 -12.36 -8.59 38.31
C ARG B 169 -11.07 -9.26 37.89
N SER B 170 -10.55 -10.09 38.78
CA SER B 170 -9.39 -10.90 38.47
C SER B 170 -9.76 -11.92 37.40
N LEU B 171 -11.00 -12.38 37.46
CA LEU B 171 -11.44 -13.44 36.58
C LEU B 171 -11.62 -12.95 35.15
N PHE B 172 -12.37 -11.88 34.99
CA PHE B 172 -12.65 -11.35 33.66
C PHE B 172 -11.41 -10.76 33.02
N GLN B 173 -10.48 -10.29 33.86
CA GLN B 173 -9.21 -9.81 33.34
C GLN B 173 -8.49 -10.96 32.67
N ASP B 174 -8.65 -12.15 33.21
CA ASP B 174 -8.03 -13.33 32.64
C ASP B 174 -8.64 -13.64 31.30
N LEU B 175 -9.92 -13.35 31.16
CA LEU B 175 -10.61 -13.53 29.90
C LEU B 175 -10.10 -12.55 28.85
N GLU B 176 -9.65 -11.40 29.31
CA GLU B 176 -9.12 -10.38 28.41
C GLU B 176 -7.87 -10.82 27.70
N LEU B 177 -7.09 -11.69 28.33
CA LEU B 177 -5.86 -12.18 27.72
C LEU B 177 -6.19 -12.97 26.45
N LYS B 178 -7.31 -13.68 26.49
CA LYS B 178 -7.82 -14.35 25.30
C LYS B 178 -8.73 -13.43 24.52
N LYS B 179 -9.01 -12.26 25.10
CA LYS B 179 -9.89 -11.27 24.49
C LYS B 179 -11.26 -11.86 24.16
N GLU B 180 -11.78 -12.68 25.06
CA GLU B 180 -13.04 -13.37 24.80
C GLU B 180 -14.20 -12.43 24.63
N ARG B 181 -14.97 -12.67 23.58
CA ARG B 181 -16.15 -11.87 23.27
C ARG B 181 -17.38 -12.68 23.57
N ARG B 182 -17.17 -13.95 23.89
CA ARG B 182 -18.26 -14.91 23.94
C ARG B 182 -18.13 -15.83 25.14
N VAL B 183 -19.12 -15.81 26.00
CA VAL B 183 -19.10 -16.60 27.22
C VAL B 183 -20.46 -17.22 27.48
N ILE B 184 -20.46 -18.49 27.86
CA ILE B 184 -21.69 -19.07 28.35
C ILE B 184 -21.63 -19.23 29.86
N LEU B 185 -22.49 -18.48 30.53
CA LEU B 185 -22.69 -18.64 31.95
C LEU B 185 -23.52 -19.90 32.19
N ASP B 186 -23.27 -20.54 33.33
CA ASP B 186 -24.10 -21.66 33.75
C ASP B 186 -24.21 -21.63 35.26
N CYS B 187 -25.14 -20.83 35.76
CA CYS B 187 -25.22 -20.59 37.20
C CYS B 187 -26.65 -20.46 37.72
N GLU B 188 -26.76 -20.46 39.03
CA GLU B 188 -28.02 -20.34 39.75
C GLU B 188 -28.58 -18.93 39.67
N ARG B 189 -29.90 -18.83 39.86
CA ARG B 189 -30.65 -17.58 39.73
C ARG B 189 -29.97 -16.42 40.46
N ASP B 190 -29.47 -16.71 41.65
CA ASP B 190 -28.77 -15.69 42.43
C ASP B 190 -27.41 -15.37 41.83
N LYS B 191 -26.67 -16.43 41.52
CA LYS B 191 -25.34 -16.26 40.96
C LYS B 191 -25.43 -15.55 39.63
N VAL B 192 -26.52 -15.80 38.91
CA VAL B 192 -26.72 -15.12 37.66
C VAL B 192 -26.80 -13.63 37.92
N ASN B 193 -27.50 -13.28 39.00
CA ASN B 193 -27.68 -11.88 39.31
C ASN B 193 -26.37 -11.22 39.66
N ASP B 194 -25.62 -11.86 40.55
CA ASP B 194 -24.37 -11.25 41.00
C ASP B 194 -23.39 -11.13 39.85
N ILE B 195 -23.38 -12.14 38.98
CA ILE B 195 -22.46 -12.12 37.86
C ILE B 195 -22.82 -11.00 36.91
N VAL B 196 -24.11 -10.89 36.60
CA VAL B 196 -24.54 -9.84 35.70
C VAL B 196 -24.21 -8.48 36.30
N ASP B 197 -24.33 -8.37 37.62
CA ASP B 197 -24.05 -7.11 38.28
C ASP B 197 -22.59 -6.75 38.14
N GLN B 198 -21.72 -7.71 38.36
CA GLN B 198 -20.30 -7.44 38.24
C GLN B 198 -19.94 -7.12 36.80
N VAL B 199 -20.63 -7.74 35.86
CA VAL B 199 -20.39 -7.46 34.46
C VAL B 199 -20.79 -6.03 34.18
N ILE B 200 -21.81 -5.56 34.87
CA ILE B 200 -22.23 -4.18 34.72
C ILE B 200 -21.16 -3.25 35.24
N THR B 201 -20.66 -3.56 36.43
CA THR B 201 -19.69 -2.70 37.07
C THR B 201 -18.40 -2.63 36.27
N ILE B 202 -18.03 -3.74 35.64
CA ILE B 202 -16.85 -3.74 34.79
C ILE B 202 -17.21 -3.29 33.39
N GLY B 203 -18.50 -3.17 33.12
CA GLY B 203 -18.97 -2.57 31.89
C GLY B 203 -18.89 -3.45 30.64
N LYS B 204 -18.66 -4.75 30.83
CA LYS B 204 -18.52 -5.64 29.69
C LYS B 204 -19.87 -6.14 29.20
N HIS B 205 -20.86 -5.29 29.30
CA HIS B 205 -22.17 -5.55 28.71
C HIS B 205 -22.37 -4.69 27.48
N VAL B 206 -21.28 -4.09 27.02
CA VAL B 206 -21.27 -3.29 25.81
C VAL B 206 -21.37 -4.16 24.56
N LYS B 207 -21.80 -3.55 23.46
CA LYS B 207 -21.87 -4.25 22.19
C LYS B 207 -20.50 -4.79 21.83
N GLY B 208 -20.47 -5.96 21.20
CA GLY B 208 -19.24 -6.65 20.88
C GLY B 208 -19.02 -7.83 21.79
N TYR B 209 -19.73 -7.86 22.92
CA TYR B 209 -19.80 -9.07 23.73
C TYR B 209 -21.12 -9.78 23.53
N HIS B 210 -21.19 -11.02 24.00
CA HIS B 210 -22.41 -11.81 23.91
C HIS B 210 -22.47 -12.79 25.07
N TYR B 211 -23.67 -13.23 25.42
CA TYR B 211 -23.84 -14.14 26.54
C TYR B 211 -24.90 -15.18 26.28
N ILE B 212 -24.79 -16.30 26.98
CA ILE B 212 -25.78 -17.36 26.92
C ILE B 212 -26.04 -17.91 28.31
N ILE B 213 -27.27 -17.74 28.79
CA ILE B 213 -27.61 -18.13 30.15
C ILE B 213 -28.24 -19.51 30.20
N ALA B 214 -27.46 -20.50 30.62
CA ALA B 214 -27.87 -21.90 30.51
C ALA B 214 -28.82 -22.34 31.62
N ASN B 215 -30.07 -21.92 31.51
CA ASN B 215 -31.10 -22.39 32.42
C ASN B 215 -32.48 -22.02 31.88
N LEU B 216 -33.52 -22.54 32.53
CA LEU B 216 -34.88 -22.24 32.10
C LEU B 216 -35.40 -20.91 32.64
N GLY B 217 -34.61 -20.29 33.52
CA GLY B 217 -35.03 -19.09 34.22
C GLY B 217 -34.63 -17.80 33.53
N PHE B 218 -34.35 -17.89 32.24
CA PHE B 218 -33.87 -16.74 31.48
C PHE B 218 -34.81 -15.56 31.57
N THR B 219 -36.09 -15.80 31.36
CA THR B 219 -37.09 -14.75 31.57
C THR B 219 -37.21 -14.42 33.05
N ASP B 220 -36.98 -15.41 33.90
CA ASP B 220 -37.09 -15.21 35.34
C ASP B 220 -36.03 -14.25 35.84
N GLY B 221 -34.90 -14.23 35.15
CA GLY B 221 -33.80 -13.37 35.56
C GLY B 221 -34.13 -11.92 35.34
N ASP B 222 -33.55 -11.05 36.15
CA ASP B 222 -33.79 -9.62 36.01
C ASP B 222 -32.81 -9.02 35.01
N LEU B 223 -33.13 -9.18 33.74
CA LEU B 223 -32.22 -8.77 32.67
C LEU B 223 -32.35 -7.30 32.29
N LEU B 224 -33.28 -6.60 32.92
CA LEU B 224 -33.51 -5.21 32.60
C LEU B 224 -32.28 -4.37 32.89
N LYS B 225 -31.46 -4.85 33.82
CA LYS B 225 -30.27 -4.14 34.21
C LYS B 225 -29.28 -4.02 33.07
N ILE B 226 -29.31 -4.97 32.16
CA ILE B 226 -28.36 -4.97 31.05
C ILE B 226 -29.00 -4.89 29.67
N GLN B 227 -30.28 -4.58 29.62
CA GLN B 227 -31.00 -4.60 28.36
C GLN B 227 -30.44 -3.58 27.37
N PHE B 228 -29.86 -2.52 27.89
CA PHE B 228 -29.48 -1.39 27.05
C PHE B 228 -27.99 -1.31 26.77
N GLY B 229 -27.24 -2.34 27.18
CA GLY B 229 -25.80 -2.30 27.07
C GLY B 229 -25.29 -2.53 25.66
N GLY B 230 -26.14 -3.07 24.80
CA GLY B 230 -25.79 -3.28 23.41
C GLY B 230 -25.22 -4.65 23.13
N ALA B 231 -24.72 -5.32 24.15
CA ALA B 231 -24.34 -6.72 24.01
C ALA B 231 -25.59 -7.56 23.82
N GLU B 232 -25.55 -8.50 22.89
CA GLU B 232 -26.69 -9.39 22.70
C GLU B 232 -26.74 -10.44 23.80
N VAL B 233 -27.97 -10.84 24.16
CA VAL B 233 -28.19 -11.79 25.23
C VAL B 233 -29.33 -12.73 24.87
N SER B 234 -29.14 -14.01 25.14
CA SER B 234 -30.14 -15.00 24.78
C SER B 234 -30.13 -16.18 25.76
N GLY B 235 -31.29 -16.82 25.91
CA GLY B 235 -31.40 -17.93 26.83
C GLY B 235 -32.56 -18.85 26.52
N PHE B 236 -33.20 -19.35 27.56
CA PHE B 236 -34.18 -20.40 27.40
C PHE B 236 -35.42 -20.17 28.23
N GLN B 237 -36.55 -20.65 27.75
CA GLN B 237 -37.77 -20.60 28.53
C GLN B 237 -38.63 -21.82 28.26
N ILE B 238 -38.77 -22.64 29.29
CA ILE B 238 -39.63 -23.80 29.26
C ILE B 238 -41.10 -23.38 29.34
N VAL B 239 -41.36 -22.17 29.84
CA VAL B 239 -42.72 -21.74 30.07
C VAL B 239 -43.06 -20.46 29.32
N ASP B 240 -43.70 -20.61 28.17
CA ASP B 240 -44.24 -19.46 27.46
C ASP B 240 -45.35 -18.80 28.27
N TYR B 241 -45.30 -17.48 28.38
CA TYR B 241 -46.36 -16.73 29.06
C TYR B 241 -47.53 -16.43 28.13
N ASP B 242 -47.35 -16.64 26.83
CA ASP B 242 -48.40 -16.34 25.87
C ASP B 242 -49.43 -17.45 25.84
N ASP B 243 -49.11 -18.57 26.49
CA ASP B 243 -50.01 -19.71 26.53
C ASP B 243 -51.29 -19.37 27.28
N SER B 244 -52.40 -19.91 26.81
CA SER B 244 -53.70 -19.63 27.40
C SER B 244 -53.75 -20.09 28.85
N LEU B 245 -53.35 -21.33 29.07
CA LEU B 245 -53.39 -21.92 30.41
C LEU B 245 -52.46 -21.15 31.33
N VAL B 246 -51.38 -20.65 30.77
CA VAL B 246 -50.42 -19.89 31.53
C VAL B 246 -51.00 -18.55 31.96
N SER B 247 -51.59 -17.83 31.02
CA SER B 247 -52.17 -16.53 31.33
C SER B 247 -53.28 -16.69 32.34
N LYS B 248 -54.02 -17.78 32.21
CA LYS B 248 -55.07 -18.08 33.16
C LYS B 248 -54.47 -18.33 34.53
N PHE B 249 -53.29 -18.94 34.53
CA PHE B 249 -52.61 -19.20 35.78
C PHE B 249 -52.22 -17.89 36.43
N ILE B 250 -51.77 -16.95 35.59
CA ILE B 250 -51.37 -15.64 36.07
C ILE B 250 -52.56 -14.86 36.62
N GLU B 251 -53.73 -15.12 36.06
CA GLU B 251 -54.91 -14.36 36.45
C GLU B 251 -55.21 -14.51 37.92
N ARG B 252 -54.94 -15.70 38.46
CA ARG B 252 -55.15 -15.95 39.87
C ARG B 252 -53.85 -15.83 40.66
N TRP B 253 -52.73 -16.08 39.99
CA TRP B 253 -51.45 -16.13 40.66
C TRP B 253 -51.10 -14.77 41.25
N SER B 254 -51.38 -13.73 40.48
CA SER B 254 -51.16 -12.38 40.96
C SER B 254 -52.06 -12.07 42.14
N THR B 255 -53.28 -12.62 42.10
CA THR B 255 -54.30 -12.26 43.06
C THR B 255 -53.99 -12.71 44.49
N LEU B 256 -53.27 -13.81 44.64
CA LEU B 256 -53.08 -14.37 45.97
C LEU B 256 -52.30 -13.42 46.86
N GLU B 257 -52.79 -13.28 48.08
CA GLU B 257 -52.11 -12.46 49.07
C GLU B 257 -50.78 -13.09 49.43
N GLU B 258 -49.75 -12.27 49.54
CA GLU B 258 -48.42 -12.77 49.85
C GLU B 258 -48.36 -13.33 51.26
N LYS B 259 -49.24 -12.87 52.13
CA LYS B 259 -49.22 -13.32 53.52
C LYS B 259 -49.52 -14.81 53.62
N GLU B 260 -50.34 -15.32 52.71
CA GLU B 260 -50.65 -16.74 52.70
C GLU B 260 -49.67 -17.50 51.82
N TYR B 261 -49.30 -16.89 50.70
CA TYR B 261 -48.41 -17.55 49.75
C TYR B 261 -47.33 -16.59 49.28
N PRO B 262 -46.29 -16.37 50.10
CA PRO B 262 -45.27 -15.38 49.78
C PRO B 262 -44.54 -15.68 48.48
N GLY B 263 -44.21 -14.63 47.73
CA GLY B 263 -43.50 -14.77 46.48
C GLY B 263 -44.42 -15.12 45.32
N ALA B 264 -45.71 -15.26 45.62
CA ALA B 264 -46.68 -15.63 44.59
C ALA B 264 -47.39 -14.43 43.98
N HIS B 265 -47.45 -13.34 44.73
CA HIS B 265 -48.17 -12.16 44.30
C HIS B 265 -47.33 -11.37 43.30
N THR B 266 -47.09 -11.97 42.14
CA THR B 266 -46.25 -11.37 41.10
C THR B 266 -46.77 -11.70 39.72
N ALA B 267 -46.35 -10.92 38.73
CA ALA B 267 -46.79 -11.11 37.36
C ALA B 267 -46.30 -12.43 36.78
N THR B 268 -45.16 -12.90 37.26
CA THR B 268 -44.56 -14.11 36.73
C THR B 268 -44.32 -15.16 37.80
N ILE B 269 -43.49 -16.14 37.47
CA ILE B 269 -43.22 -17.25 38.39
C ILE B 269 -41.95 -17.97 37.97
N LYS B 270 -41.19 -18.48 38.95
CA LYS B 270 -40.05 -19.32 38.63
C LYS B 270 -40.53 -20.58 37.94
N TYR B 271 -39.78 -21.04 36.94
CA TYR B 271 -40.18 -22.20 36.17
C TYR B 271 -40.20 -23.44 37.04
N THR B 272 -39.35 -23.46 38.06
CA THR B 272 -39.24 -24.62 38.93
C THR B 272 -40.55 -24.86 39.68
N SER B 273 -41.08 -23.78 40.25
CA SER B 273 -42.33 -23.87 40.99
C SER B 273 -43.41 -24.34 40.05
N ALA B 274 -43.30 -23.89 38.80
CA ALA B 274 -44.26 -24.26 37.79
C ALA B 274 -44.19 -25.76 37.54
N LEU B 275 -42.98 -26.28 37.58
CA LEU B 275 -42.78 -27.71 37.43
C LEU B 275 -43.37 -28.45 38.61
N THR B 276 -43.36 -27.82 39.77
CA THR B 276 -43.95 -28.44 40.95
C THR B 276 -45.45 -28.56 40.77
N TYR B 277 -46.04 -27.43 40.37
CA TYR B 277 -47.48 -27.34 40.18
C TYR B 277 -47.94 -28.31 39.11
N ASP B 278 -47.09 -28.52 38.12
CA ASP B 278 -47.38 -29.50 37.09
C ASP B 278 -47.26 -30.91 37.65
N ALA B 279 -46.26 -31.11 38.50
CA ALA B 279 -45.94 -32.43 39.02
C ALA B 279 -47.06 -32.96 39.88
N VAL B 280 -47.68 -32.08 40.66
CA VAL B 280 -48.79 -32.51 41.49
C VAL B 280 -49.94 -32.97 40.60
N GLN B 281 -50.11 -32.25 39.49
CA GLN B 281 -51.14 -32.60 38.53
C GLN B 281 -50.87 -33.97 37.92
N VAL B 282 -49.59 -34.26 37.70
CA VAL B 282 -49.22 -35.53 37.09
C VAL B 282 -49.50 -36.66 38.07
N MET B 283 -49.13 -36.43 39.32
CA MET B 283 -49.33 -37.43 40.36
C MET B 283 -50.79 -37.76 40.48
N THR B 284 -51.59 -36.71 40.65
CA THR B 284 -53.01 -36.89 40.84
C THR B 284 -53.63 -37.55 39.63
N GLU B 285 -53.10 -37.23 38.45
CA GLU B 285 -53.57 -37.87 37.23
C GLU B 285 -53.31 -39.37 37.27
N ALA B 286 -52.17 -39.74 37.84
CA ALA B 286 -51.83 -41.14 37.93
C ALA B 286 -52.77 -41.84 38.89
N PHE B 287 -52.99 -41.25 40.05
CA PHE B 287 -53.90 -41.88 41.01
C PHE B 287 -55.32 -41.97 40.47
N ARG B 288 -55.73 -40.99 39.68
CA ARG B 288 -57.02 -41.07 39.01
C ARG B 288 -57.01 -42.23 38.04
N ASN B 289 -55.86 -42.48 37.42
CA ASN B 289 -55.73 -43.61 36.51
C ASN B 289 -55.79 -44.94 37.24
N LEU B 290 -55.39 -44.96 38.51
CA LEU B 290 -55.41 -46.19 39.28
C LEU B 290 -56.80 -46.75 39.55
N ARG B 291 -57.70 -45.91 40.03
CA ARG B 291 -59.05 -46.35 40.34
C ARG B 291 -59.78 -46.79 39.09
N LYS B 292 -59.45 -46.16 37.96
CA LYS B 292 -60.01 -46.56 36.68
C LYS B 292 -59.46 -47.92 36.28
N GLN B 293 -58.26 -48.22 36.76
CA GLN B 293 -57.70 -49.55 36.58
C GLN B 293 -58.17 -50.45 37.72
N ARG B 294 -58.87 -49.84 38.67
CA ARG B 294 -59.44 -50.55 39.82
C ARG B 294 -58.40 -51.35 40.58
N ILE B 295 -57.16 -50.88 40.55
CA ILE B 295 -56.08 -51.59 41.18
C ILE B 295 -55.94 -51.18 42.64
N GLU B 296 -56.18 -52.12 43.53
CA GLU B 296 -56.04 -51.85 44.96
C GLU B 296 -54.59 -51.54 45.28
N ILE B 297 -54.39 -50.58 46.18
CA ILE B 297 -53.04 -50.19 46.58
C ILE B 297 -52.97 -50.00 48.09
N SER B 298 -53.95 -50.54 48.79
CA SER B 298 -54.08 -50.31 50.22
C SER B 298 -53.00 -51.04 51.01
N ARG B 299 -51.74 -50.66 50.78
CA ARG B 299 -50.61 -51.20 51.52
C ARG B 299 -50.65 -50.73 52.96
N ARG B 300 -50.10 -51.53 53.86
CA ARG B 300 -49.96 -51.13 55.25
C ARG B 300 -49.09 -49.89 55.38
N GLY B 301 -49.53 -48.94 56.20
CA GLY B 301 -48.75 -47.74 56.44
C GLY B 301 -47.66 -47.97 57.46
N ASN B 302 -47.75 -49.08 58.18
CA ASN B 302 -46.74 -49.44 59.15
C ASN B 302 -45.60 -50.18 58.47
N ALA B 303 -44.86 -49.47 57.63
CA ALA B 303 -43.81 -50.06 56.82
C ALA B 303 -42.65 -50.54 57.70
N GLY B 304 -42.53 -49.98 58.89
CA GLY B 304 -41.42 -50.32 59.77
C GLY B 304 -40.14 -49.65 59.33
N ASP B 305 -39.01 -50.15 59.82
CA ASP B 305 -37.72 -49.55 59.52
C ASP B 305 -37.39 -49.64 58.04
N CYS B 306 -36.91 -48.53 57.48
CA CYS B 306 -36.41 -48.51 56.11
C CYS B 306 -35.08 -49.22 56.01
N LEU B 307 -34.40 -49.31 57.14
CA LEU B 307 -33.08 -49.91 57.22
C LEU B 307 -33.18 -51.42 57.43
N ALA B 308 -34.40 -51.93 57.46
CA ALA B 308 -34.64 -53.33 57.77
C ALA B 308 -33.92 -54.24 56.78
N ASN B 309 -33.32 -55.29 57.30
CA ASN B 309 -32.53 -56.22 56.50
C ASN B 309 -33.07 -57.63 56.60
N PRO B 310 -33.49 -58.23 55.47
CA PRO B 310 -33.58 -57.68 54.11
C PRO B 310 -34.59 -56.56 53.95
N ALA B 311 -34.29 -55.61 53.07
CA ALA B 311 -35.22 -54.54 52.75
C ALA B 311 -36.18 -54.97 51.65
N VAL B 312 -37.16 -55.79 52.00
CA VAL B 312 -38.11 -56.27 50.99
C VAL B 312 -39.01 -55.14 50.49
N PRO B 313 -39.02 -54.95 49.16
CA PRO B 313 -39.93 -54.02 48.48
C PRO B 313 -41.39 -54.43 48.66
N TRP B 314 -42.29 -53.45 48.76
CA TRP B 314 -43.71 -53.77 48.69
C TRP B 314 -44.18 -53.54 47.27
N GLY B 315 -44.74 -54.60 46.68
CA GLY B 315 -44.90 -54.67 45.24
C GLY B 315 -45.91 -53.70 44.69
N GLN B 316 -46.84 -53.26 45.53
CA GLN B 316 -47.83 -52.30 45.09
C GLN B 316 -47.16 -51.01 44.69
N GLY B 317 -46.06 -50.67 45.34
CA GLY B 317 -45.32 -49.48 45.01
C GLY B 317 -44.69 -49.68 43.65
N VAL B 318 -44.24 -50.91 43.42
CA VAL B 318 -43.58 -51.24 42.18
C VAL B 318 -44.57 -51.11 41.03
N GLU B 319 -45.83 -51.41 41.32
CA GLU B 319 -46.86 -51.26 40.32
C GLU B 319 -47.03 -49.80 39.94
N ILE B 320 -46.86 -48.92 40.92
CA ILE B 320 -47.23 -47.52 40.75
C ILE B 320 -46.42 -46.87 39.64
N GLU B 321 -45.13 -47.16 39.64
CA GLU B 321 -44.22 -46.56 38.68
C GLU B 321 -44.65 -46.92 37.29
N ARG B 322 -45.21 -48.13 37.17
CA ARG B 322 -45.56 -48.67 35.87
C ARG B 322 -46.62 -47.80 35.24
N ALA B 323 -47.44 -47.17 36.07
CA ALA B 323 -48.45 -46.24 35.59
C ALA B 323 -47.86 -44.85 35.41
N LEU B 324 -46.95 -44.47 36.30
CA LEU B 324 -46.51 -43.08 36.39
C LEU B 324 -45.88 -42.58 35.11
N LYS B 325 -45.04 -43.41 34.52
CA LYS B 325 -44.33 -43.03 33.31
C LYS B 325 -45.26 -42.99 32.12
N GLN B 326 -46.38 -43.69 32.23
CA GLN B 326 -47.33 -43.78 31.13
C GLN B 326 -48.26 -42.56 31.12
N VAL B 327 -48.24 -41.80 32.21
CA VAL B 327 -49.13 -40.66 32.36
C VAL B 327 -48.79 -39.57 31.35
N GLN B 328 -49.81 -38.90 30.83
CA GLN B 328 -49.60 -37.80 29.89
C GLN B 328 -50.69 -36.75 29.94
N VAL B 329 -50.34 -35.57 30.42
CA VAL B 329 -51.26 -34.43 30.46
C VAL B 329 -50.51 -33.13 30.23
N GLU B 330 -51.25 -32.07 29.94
CA GLU B 330 -50.66 -30.74 29.80
C GLU B 330 -50.29 -30.13 31.14
N GLY B 331 -49.29 -29.25 31.12
CA GLY B 331 -48.87 -28.53 32.30
C GLY B 331 -48.32 -27.16 31.93
N LEU B 332 -47.84 -26.42 32.92
CA LEU B 332 -47.33 -25.08 32.70
C LEU B 332 -46.15 -25.08 31.74
N SER B 333 -45.42 -26.19 31.72
CA SER B 333 -44.33 -26.34 30.77
C SER B 333 -44.85 -26.81 29.43
N GLY B 334 -46.15 -27.08 29.38
CA GLY B 334 -46.75 -27.64 28.18
C GLY B 334 -46.88 -29.15 28.28
N ASN B 335 -46.92 -29.82 27.14
CA ASN B 335 -47.05 -31.27 27.12
C ASN B 335 -45.86 -31.96 27.78
N ILE B 336 -46.12 -33.07 28.45
CA ILE B 336 -45.07 -33.81 29.14
C ILE B 336 -45.21 -35.30 28.90
N LYS B 337 -44.08 -35.96 28.64
CA LYS B 337 -44.04 -37.40 28.44
C LYS B 337 -42.76 -37.99 29.01
N PHE B 338 -42.80 -39.28 29.32
CA PHE B 338 -41.68 -39.92 30.02
C PHE B 338 -41.15 -41.13 29.27
N ASP B 339 -39.86 -41.40 29.45
CA ASP B 339 -39.26 -42.64 28.99
C ASP B 339 -39.43 -43.71 30.04
N GLN B 340 -39.01 -44.93 29.71
CA GLN B 340 -39.03 -46.03 30.66
C GLN B 340 -38.11 -45.73 31.84
N ASN B 341 -37.12 -44.88 31.59
CA ASN B 341 -36.16 -44.52 32.62
C ASN B 341 -36.67 -43.41 33.53
N GLY B 342 -37.82 -42.84 33.18
CA GLY B 342 -38.40 -41.77 33.96
C GLY B 342 -37.92 -40.37 33.58
N LYS B 343 -37.02 -40.30 32.60
CA LYS B 343 -36.61 -39.02 32.04
C LYS B 343 -37.72 -38.46 31.17
N ARG B 344 -37.86 -37.14 31.16
CA ARG B 344 -38.85 -36.50 30.28
C ARG B 344 -38.50 -36.68 28.83
N ILE B 345 -39.52 -36.82 28.00
CA ILE B 345 -39.33 -36.93 26.56
C ILE B 345 -40.35 -36.09 25.83
N ASN B 346 -40.09 -35.86 24.55
CA ASN B 346 -41.00 -35.13 23.68
C ASN B 346 -41.24 -33.70 24.15
N TYR B 347 -40.38 -33.22 25.03
CA TYR B 347 -40.47 -31.83 25.46
C TYR B 347 -39.88 -30.92 24.40
N THR B 348 -40.33 -29.68 24.39
CA THR B 348 -39.77 -28.69 23.47
C THR B 348 -39.59 -27.37 24.19
N ILE B 349 -38.46 -26.71 23.97
CA ILE B 349 -38.12 -25.53 24.78
C ILE B 349 -38.03 -24.27 23.96
N ASN B 350 -38.50 -23.15 24.51
CA ASN B 350 -38.54 -21.92 23.74
C ASN B 350 -37.27 -21.08 23.87
N ILE B 351 -36.50 -21.01 22.80
CA ILE B 351 -35.31 -20.17 22.76
C ILE B 351 -35.73 -18.72 22.90
N MET B 352 -34.96 -17.95 23.67
CA MET B 352 -35.34 -16.57 23.94
C MET B 352 -34.19 -15.61 23.62
N GLU B 353 -34.56 -14.41 23.19
CA GLU B 353 -33.58 -13.35 23.00
C GLU B 353 -34.04 -12.06 23.65
N LEU B 354 -33.16 -11.44 24.43
CA LEU B 354 -33.44 -10.12 24.94
C LEU B 354 -33.31 -9.11 23.80
N LYS B 355 -34.17 -8.10 23.81
CA LYS B 355 -34.11 -7.02 22.83
C LYS B 355 -34.50 -5.72 23.49
N THR B 356 -34.21 -4.60 22.84
CA THR B 356 -34.38 -3.30 23.46
C THR B 356 -35.82 -3.06 23.84
N ASN B 357 -36.74 -3.54 23.00
CA ASN B 357 -38.16 -3.46 23.31
C ASN B 357 -38.53 -4.39 24.46
N GLY B 358 -37.73 -5.43 24.64
CA GLY B 358 -38.00 -6.44 25.65
C GLY B 358 -37.66 -7.82 25.12
N PRO B 359 -37.69 -8.82 26.00
CA PRO B 359 -37.38 -10.21 25.63
C PRO B 359 -38.37 -10.75 24.61
N ARG B 360 -37.92 -11.62 23.72
CA ARG B 360 -38.82 -12.19 22.73
C ARG B 360 -38.38 -13.59 22.29
N LYS B 361 -39.37 -14.45 22.07
CA LYS B 361 -39.12 -15.77 21.52
C LYS B 361 -38.65 -15.68 20.08
N ILE B 362 -37.77 -16.60 19.67
CA ILE B 362 -37.32 -16.62 18.28
C ILE B 362 -37.47 -17.99 17.67
N GLY B 363 -37.60 -19.02 18.50
CA GLY B 363 -37.66 -20.38 18.00
C GLY B 363 -37.83 -21.39 19.10
N TYR B 364 -37.88 -22.66 18.73
CA TYR B 364 -38.08 -23.72 19.70
C TYR B 364 -37.21 -24.92 19.38
N TRP B 365 -36.68 -25.53 20.43
CA TRP B 365 -35.86 -26.72 20.29
C TRP B 365 -36.68 -27.94 20.64
N SER B 366 -37.01 -28.71 19.61
CA SER B 366 -37.57 -30.05 19.77
C SER B 366 -36.53 -31.08 20.11
N GLU B 367 -36.96 -32.15 20.78
CA GLU B 367 -36.10 -33.26 21.13
C GLU B 367 -35.56 -33.94 19.87
N VAL B 368 -36.30 -33.82 18.78
CA VAL B 368 -35.92 -34.45 17.53
C VAL B 368 -35.66 -33.42 16.43
N ASP B 369 -36.45 -32.36 16.42
CA ASP B 369 -36.34 -31.37 15.37
C ASP B 369 -35.23 -30.40 15.70
N LYS B 370 -34.68 -30.53 16.92
CA LYS B 370 -33.62 -29.66 17.39
C LYS B 370 -34.05 -28.21 17.29
N MET B 371 -33.11 -27.33 16.97
CA MET B 371 -33.44 -25.93 16.78
C MET B 371 -34.39 -25.74 15.61
N VAL B 372 -35.41 -24.92 15.83
CA VAL B 372 -36.35 -24.55 14.78
C VAL B 372 -36.71 -23.08 14.91
N LEU B 373 -36.24 -22.28 13.96
CA LEU B 373 -36.54 -20.86 13.94
C LEU B 373 -38.03 -20.59 13.74
N THR B 374 -38.54 -19.59 14.44
CA THR B 374 -39.86 -19.07 14.14
C THR B 374 -39.80 -18.24 12.87
N GLU B 375 -40.95 -18.12 12.21
CA GLU B 375 -41.07 -17.26 11.03
C GLU B 375 -41.15 -15.82 11.49
N ASP B 376 -41.21 -15.65 12.81
CA ASP B 376 -41.34 -14.36 13.45
C ASP B 376 -40.18 -13.46 13.08
N ASP B 377 -39.06 -14.07 12.72
CA ASP B 377 -37.87 -13.35 12.33
C ASP B 377 -38.14 -12.46 11.13
N THR B 378 -37.59 -11.25 11.15
CA THR B 378 -37.88 -10.28 10.11
C THR B 378 -36.84 -10.32 9.00
N SER B 379 -36.03 -9.26 8.90
CA SER B 379 -35.11 -9.14 7.78
C SER B 379 -33.88 -8.29 8.10
N GLY B 380 -32.86 -8.39 7.26
CA GLY B 380 -31.64 -7.63 7.41
C GLY B 380 -31.68 -6.31 6.67
N LEU B 381 -30.51 -5.73 6.41
CA LEU B 381 -30.42 -4.41 5.80
C LEU B 381 -30.64 -4.44 4.30
N GLU B 382 -31.87 -4.21 3.88
CA GLU B 382 -32.21 -4.13 2.47
C GLU B 382 -31.99 -2.73 1.91
N GLN B 383 -30.83 -2.53 1.30
CA GLN B 383 -30.52 -1.28 0.64
C GLN B 383 -30.92 -1.37 -0.83
N LYS B 384 -31.72 -2.39 -1.13
CA LYS B 384 -32.14 -2.73 -2.49
C LYS B 384 -30.92 -3.05 -3.34
N THR B 385 -29.84 -3.46 -2.66
CA THR B 385 -28.55 -3.79 -3.27
C THR B 385 -28.19 -2.89 -4.46
N VAL B 386 -28.44 -1.59 -4.28
CA VAL B 386 -28.21 -0.52 -5.26
C VAL B 386 -28.01 -1.01 -6.70
N VAL B 387 -29.10 -1.09 -7.45
CA VAL B 387 -29.05 -1.62 -8.80
C VAL B 387 -28.18 -0.76 -9.69
N VAL B 388 -27.36 -1.40 -10.52
CA VAL B 388 -26.45 -0.65 -11.38
C VAL B 388 -26.55 -1.12 -12.83
N THR B 389 -27.09 -0.25 -13.68
CA THR B 389 -27.16 -0.53 -15.10
C THR B 389 -25.81 -0.36 -15.78
N THR B 390 -25.60 -1.10 -16.86
CA THR B 390 -24.41 -0.96 -17.67
C THR B 390 -24.60 -1.59 -19.05
N ILE B 391 -23.75 -1.20 -19.98
CA ILE B 391 -23.82 -1.70 -21.34
C ILE B 391 -22.62 -2.62 -21.62
N LEU B 392 -22.78 -3.53 -22.57
CA LEU B 392 -21.72 -4.48 -22.91
C LEU B 392 -20.67 -3.88 -23.82
N GLU B 393 -19.65 -3.27 -23.24
CA GLU B 393 -18.58 -2.66 -24.02
C GLU B 393 -17.19 -3.00 -23.52
N SER B 394 -16.42 -3.66 -24.37
CA SER B 394 -15.05 -4.00 -24.05
C SER B 394 -14.20 -2.75 -24.00
N PRO B 395 -13.32 -2.65 -23.00
CA PRO B 395 -13.16 -3.68 -21.97
C PRO B 395 -13.91 -3.32 -20.70
N TYR B 396 -14.79 -2.34 -20.80
CA TYR B 396 -15.46 -1.79 -19.63
C TYR B 396 -16.36 -2.82 -18.96
N VAL B 397 -16.93 -3.70 -19.79
CA VAL B 397 -17.80 -4.77 -19.33
C VAL B 397 -17.63 -5.98 -20.23
N MET B 398 -17.23 -7.11 -19.63
CA MET B 398 -17.00 -8.32 -20.38
C MET B 398 -17.49 -9.53 -19.62
N MET B 399 -17.98 -10.52 -20.35
CA MET B 399 -18.44 -11.75 -19.73
C MET B 399 -17.28 -12.64 -19.34
N LYS B 400 -17.48 -13.44 -18.29
CA LYS B 400 -16.49 -14.40 -17.85
C LYS B 400 -16.39 -15.53 -18.85
N LYS B 401 -15.24 -16.20 -18.90
CA LYS B 401 -15.09 -17.37 -19.75
C LYS B 401 -16.07 -18.46 -19.31
N ASN B 402 -16.40 -18.45 -18.04
CA ASN B 402 -17.39 -19.37 -17.47
C ASN B 402 -18.57 -18.60 -16.93
N HIS B 403 -18.95 -17.54 -17.63
CA HIS B 403 -20.01 -16.66 -17.16
C HIS B 403 -21.31 -17.43 -17.06
N GLU B 404 -21.46 -18.42 -17.94
CA GLU B 404 -22.58 -19.34 -17.89
C GLU B 404 -22.52 -20.15 -16.61
N MET B 405 -21.30 -20.44 -16.16
CA MET B 405 -21.11 -21.23 -14.96
C MET B 405 -21.26 -20.36 -13.73
N LEU B 406 -21.33 -19.05 -13.94
CA LEU B 406 -21.37 -18.10 -12.84
C LEU B 406 -22.67 -17.31 -12.81
N GLU B 407 -22.93 -16.67 -11.68
CA GLU B 407 -24.13 -15.87 -11.52
C GLU B 407 -23.82 -14.59 -10.73
N GLY B 408 -24.69 -13.60 -10.86
CA GLY B 408 -24.53 -12.36 -10.12
C GLY B 408 -23.38 -11.51 -10.59
N ASN B 409 -22.78 -10.77 -9.66
CA ASN B 409 -21.67 -9.88 -9.98
C ASN B 409 -20.47 -10.65 -10.49
N GLU B 410 -20.42 -11.94 -10.17
CA GLU B 410 -19.36 -12.80 -10.65
C GLU B 410 -19.34 -12.88 -12.17
N ARG B 411 -20.51 -12.72 -12.77
CA ARG B 411 -20.66 -12.83 -14.23
C ARG B 411 -19.89 -11.77 -14.99
N TYR B 412 -19.69 -10.63 -14.36
CA TYR B 412 -19.17 -9.47 -15.06
C TYR B 412 -17.74 -9.13 -14.68
N GLU B 413 -17.01 -8.61 -15.65
CA GLU B 413 -15.65 -8.12 -15.41
C GLU B 413 -15.33 -7.03 -16.43
N GLY B 414 -14.60 -6.02 -15.99
CA GLY B 414 -14.28 -4.90 -16.85
C GLY B 414 -13.84 -3.67 -16.10
N TYR B 415 -13.57 -2.60 -16.83
CA TYR B 415 -13.13 -1.36 -16.24
C TYR B 415 -14.23 -0.76 -15.36
N CYS B 416 -15.43 -0.70 -15.92
CA CYS B 416 -16.57 -0.16 -15.18
C CYS B 416 -16.90 -1.02 -13.98
N VAL B 417 -16.56 -2.31 -14.06
CA VAL B 417 -16.77 -3.21 -12.94
C VAL B 417 -15.88 -2.81 -11.78
N ASP B 418 -14.60 -2.60 -12.05
CA ASP B 418 -13.66 -2.24 -11.01
C ASP B 418 -14.02 -0.88 -10.44
N LEU B 419 -14.46 0.00 -11.34
CA LEU B 419 -14.83 1.34 -10.96
C LEU B 419 -16.01 1.31 -10.00
N ALA B 420 -17.05 0.60 -10.40
CA ALA B 420 -18.27 0.51 -9.61
C ALA B 420 -17.99 -0.17 -8.30
N ALA B 421 -17.02 -1.10 -8.30
CA ALA B 421 -16.63 -1.75 -7.08
C ALA B 421 -16.01 -0.74 -6.13
N GLU B 422 -15.22 0.18 -6.69
CA GLU B 422 -14.62 1.22 -5.87
C GLU B 422 -15.70 2.15 -5.35
N ILE B 423 -16.74 2.34 -6.15
CA ILE B 423 -17.86 3.18 -5.75
C ILE B 423 -18.58 2.52 -4.58
N ALA B 424 -18.71 1.20 -4.64
CA ALA B 424 -19.32 0.44 -3.57
C ALA B 424 -18.46 0.52 -2.33
N LYS B 425 -17.16 0.62 -2.53
CA LYS B 425 -16.25 0.72 -1.40
C LYS B 425 -16.42 2.04 -0.67
N HIS B 426 -16.36 3.13 -1.43
CA HIS B 426 -16.34 4.44 -0.78
C HIS B 426 -17.73 4.88 -0.34
N CYS B 427 -18.72 4.67 -1.18
CA CYS B 427 -20.06 5.11 -0.88
C CYS B 427 -20.79 4.10 0.01
N GLY B 428 -20.18 2.94 0.19
CA GLY B 428 -20.68 1.93 1.11
C GLY B 428 -22.07 1.42 0.82
N PHE B 429 -22.18 0.42 -0.04
CA PHE B 429 -23.47 -0.17 -0.37
C PHE B 429 -23.32 -1.50 -1.10
N LYS B 430 -24.36 -2.33 -1.02
CA LYS B 430 -24.46 -3.52 -1.86
C LYS B 430 -24.83 -3.13 -3.27
N TYR B 431 -24.41 -3.91 -4.26
CA TYR B 431 -24.71 -3.60 -5.64
C TYR B 431 -24.88 -4.87 -6.46
N LYS B 432 -25.76 -4.82 -7.45
CA LYS B 432 -25.88 -5.92 -8.40
C LYS B 432 -25.97 -5.40 -9.83
N LEU B 433 -24.92 -5.66 -10.59
CA LEU B 433 -24.81 -5.15 -11.94
C LEU B 433 -25.86 -5.76 -12.85
N THR B 434 -26.43 -4.93 -13.73
CA THR B 434 -27.45 -5.38 -14.66
C THR B 434 -27.27 -4.75 -16.02
N ILE B 435 -27.31 -5.56 -17.07
CA ILE B 435 -27.22 -5.06 -18.42
C ILE B 435 -28.49 -4.33 -18.81
N VAL B 436 -28.35 -3.23 -19.54
CA VAL B 436 -29.51 -2.52 -20.07
C VAL B 436 -30.24 -3.43 -21.06
N GLY B 437 -31.56 -3.38 -21.04
CA GLY B 437 -32.35 -4.33 -21.82
C GLY B 437 -32.35 -4.15 -23.33
N ASP B 438 -32.33 -2.91 -23.80
CA ASP B 438 -32.28 -2.67 -25.24
C ASP B 438 -30.85 -2.69 -25.74
N GLY B 439 -29.91 -2.73 -24.80
CA GLY B 439 -28.50 -2.71 -25.16
C GLY B 439 -28.07 -1.33 -25.60
N LYS B 440 -28.89 -0.34 -25.32
CA LYS B 440 -28.62 1.03 -25.77
C LYS B 440 -28.29 1.98 -24.64
N TYR B 441 -27.54 3.04 -24.98
CA TYR B 441 -27.18 4.07 -24.03
C TYR B 441 -28.39 4.82 -23.50
N GLY B 442 -29.41 4.97 -24.34
CA GLY B 442 -30.63 5.62 -23.92
C GLY B 442 -30.95 6.92 -24.64
N ALA B 443 -31.07 6.85 -25.96
CA ALA B 443 -31.45 8.02 -26.75
C ALA B 443 -32.89 8.46 -26.44
N ARG B 444 -33.13 9.77 -26.48
CA ARG B 444 -34.48 10.29 -26.36
C ARG B 444 -35.21 10.14 -27.67
N ASP B 445 -36.38 9.52 -27.64
CA ASP B 445 -37.21 9.48 -28.83
C ASP B 445 -37.68 10.90 -29.13
N ALA B 446 -37.66 11.28 -30.40
CA ALA B 446 -38.16 12.57 -30.81
C ALA B 446 -39.65 12.50 -31.06
N ASP B 447 -40.20 11.29 -30.97
CA ASP B 447 -41.60 11.06 -31.30
C ASP B 447 -42.43 10.87 -30.04
N THR B 448 -42.11 9.82 -29.29
CA THR B 448 -42.79 9.55 -28.02
C THR B 448 -42.25 10.49 -26.95
N LYS B 449 -41.18 11.19 -27.29
CA LYS B 449 -40.51 12.10 -26.36
C LYS B 449 -40.08 11.32 -25.13
N ILE B 450 -39.60 10.10 -25.37
CA ILE B 450 -39.22 9.20 -24.30
C ILE B 450 -37.81 8.68 -24.46
N TRP B 451 -37.00 8.93 -23.44
CA TRP B 451 -35.67 8.33 -23.37
C TRP B 451 -35.83 6.83 -23.23
N ASN B 452 -35.06 6.06 -23.98
CA ASN B 452 -35.04 4.62 -23.76
C ASN B 452 -33.78 4.26 -23.01
N GLY B 453 -33.42 2.99 -23.03
CA GLY B 453 -32.11 2.57 -22.58
C GLY B 453 -31.88 2.88 -21.11
N MET B 454 -30.62 3.01 -20.75
CA MET B 454 -30.24 3.31 -19.38
C MET B 454 -30.83 4.64 -18.95
N VAL B 455 -30.90 5.57 -19.90
CA VAL B 455 -31.42 6.89 -19.60
C VAL B 455 -32.89 6.80 -19.24
N GLY B 456 -33.61 5.93 -19.94
CA GLY B 456 -35.02 5.75 -19.65
C GLY B 456 -35.16 5.02 -18.34
N GLU B 457 -34.16 4.18 -18.05
CA GLU B 457 -34.11 3.47 -16.79
C GLU B 457 -33.96 4.44 -15.64
N LEU B 458 -33.29 5.55 -15.89
CA LEU B 458 -33.12 6.58 -14.89
C LEU B 458 -34.39 7.42 -14.79
N VAL B 459 -34.98 7.75 -15.94
CA VAL B 459 -36.19 8.54 -15.97
C VAL B 459 -37.33 7.80 -15.28
N TYR B 460 -37.31 6.48 -15.39
CA TYR B 460 -38.40 5.68 -14.88
C TYR B 460 -37.99 4.91 -13.62
N GLY B 461 -36.75 5.14 -13.19
CA GLY B 461 -36.27 4.58 -11.94
C GLY B 461 -35.89 3.11 -12.03
N LYS B 462 -35.87 2.59 -13.25
CA LYS B 462 -35.54 1.18 -13.46
C LYS B 462 -34.10 0.88 -13.04
N ALA B 463 -33.25 1.89 -13.14
CA ALA B 463 -31.87 1.75 -12.69
C ALA B 463 -31.60 2.72 -11.55
N ASP B 464 -31.02 2.21 -10.47
CA ASP B 464 -30.73 3.05 -9.32
C ASP B 464 -29.69 4.11 -9.69
N ILE B 465 -28.78 3.74 -10.59
CA ILE B 465 -27.68 4.62 -10.99
C ILE B 465 -27.06 4.12 -12.29
N ALA B 466 -26.47 5.02 -13.06
CA ALA B 466 -25.80 4.65 -14.29
C ALA B 466 -24.29 4.71 -14.17
N ILE B 467 -23.61 3.66 -14.64
CA ILE B 467 -22.15 3.64 -14.66
C ILE B 467 -21.70 3.01 -15.98
N ALA B 468 -21.72 3.80 -17.04
CA ALA B 468 -21.34 3.31 -18.36
C ALA B 468 -20.58 4.37 -19.16
N PRO B 469 -19.76 3.93 -20.12
CA PRO B 469 -19.15 4.86 -21.06
C PRO B 469 -20.22 5.63 -21.82
N LEU B 470 -20.66 6.72 -21.21
CA LEU B 470 -21.81 7.47 -21.68
C LEU B 470 -21.43 8.93 -21.89
N THR B 471 -21.61 9.43 -23.10
CA THR B 471 -21.28 10.82 -23.38
C THR B 471 -22.18 11.77 -22.59
N ILE B 472 -21.56 12.79 -22.00
CA ILE B 472 -22.32 13.81 -21.31
C ILE B 472 -22.69 14.91 -22.28
N THR B 473 -23.97 15.30 -22.28
CA THR B 473 -24.46 16.32 -23.20
C THR B 473 -25.52 17.19 -22.54
N LEU B 474 -25.69 18.40 -23.05
CA LEU B 474 -26.69 19.32 -22.51
C LEU B 474 -28.09 18.77 -22.63
N VAL B 475 -28.36 18.04 -23.70
CA VAL B 475 -29.67 17.47 -23.91
C VAL B 475 -29.96 16.38 -22.88
N ARG B 476 -28.91 15.76 -22.37
CA ARG B 476 -29.07 14.69 -21.39
C ARG B 476 -29.01 15.22 -19.96
N GLU B 477 -28.21 16.25 -19.76
CA GLU B 477 -28.03 16.78 -18.40
C GLU B 477 -29.32 17.33 -17.83
N GLU B 478 -30.18 17.84 -18.70
CA GLU B 478 -31.41 18.46 -18.27
C GLU B 478 -32.36 17.47 -17.62
N VAL B 479 -32.32 16.22 -18.07
CA VAL B 479 -33.26 15.22 -17.57
C VAL B 479 -32.65 14.36 -16.47
N ILE B 480 -31.33 14.22 -16.48
CA ILE B 480 -30.65 13.36 -15.53
C ILE B 480 -29.33 14.01 -15.12
N ASP B 481 -28.82 13.63 -13.96
CA ASP B 481 -27.69 14.33 -13.38
C ASP B 481 -26.37 13.59 -13.53
N PHE B 482 -25.56 14.00 -14.49
CA PHE B 482 -24.20 13.48 -14.62
C PHE B 482 -23.30 14.00 -13.53
N SER B 483 -22.36 13.15 -13.12
CA SER B 483 -21.30 13.56 -12.20
C SER B 483 -20.18 14.20 -12.98
N LYS B 484 -19.18 14.72 -12.29
CA LYS B 484 -17.99 15.21 -12.94
C LYS B 484 -17.31 14.06 -13.68
N PRO B 485 -16.93 14.28 -14.94
CA PRO B 485 -16.46 13.20 -15.81
C PRO B 485 -15.22 12.52 -15.26
N PHE B 486 -15.15 11.21 -15.44
CA PHE B 486 -14.04 10.43 -14.92
C PHE B 486 -12.92 10.21 -15.92
N MET B 487 -13.12 10.65 -17.16
CA MET B 487 -12.14 10.39 -18.20
C MET B 487 -12.30 11.30 -19.40
N SER B 488 -11.38 12.26 -19.55
CA SER B 488 -11.35 13.11 -20.72
C SER B 488 -11.04 12.29 -21.96
N LEU B 489 -11.67 12.64 -23.07
CA LEU B 489 -11.50 11.91 -24.31
C LEU B 489 -11.94 12.74 -25.49
N GLY B 490 -11.66 12.25 -26.70
CA GLY B 490 -12.09 12.96 -27.89
C GLY B 490 -11.98 12.16 -29.16
N ILE B 491 -12.38 12.77 -30.27
CA ILE B 491 -12.28 12.13 -31.56
C ILE B 491 -10.80 11.96 -31.93
N SER B 492 -10.45 10.82 -32.50
CA SER B 492 -9.06 10.50 -32.77
C SER B 492 -8.89 9.77 -34.09
N ILE B 493 -7.69 9.89 -34.66
CA ILE B 493 -7.37 9.30 -35.95
C ILE B 493 -6.78 7.89 -35.83
N MET B 494 -7.46 6.92 -36.43
CA MET B 494 -6.93 5.57 -36.51
C MET B 494 -6.36 5.26 -37.88
N ILE B 495 -5.14 4.73 -37.90
CA ILE B 495 -4.52 4.24 -39.13
C ILE B 495 -3.74 2.97 -38.84
N LYS B 496 -3.57 2.14 -39.87
CA LYS B 496 -2.65 1.01 -39.75
C LYS B 496 -1.24 1.56 -39.64
N LYS B 497 -0.40 0.93 -38.84
CA LYS B 497 0.99 1.37 -38.73
C LYS B 497 1.70 1.12 -40.05
N PRO B 498 2.47 2.12 -40.52
CA PRO B 498 3.14 2.04 -41.82
C PRO B 498 4.14 0.90 -41.90
N GLN B 499 4.26 0.29 -43.06
CA GLN B 499 5.21 -0.78 -43.28
C GLN B 499 5.61 -0.82 -44.76
N LYS B 500 6.30 0.23 -45.18
CA LYS B 500 6.74 0.34 -46.56
C LYS B 500 7.93 -0.55 -46.87
N SER B 501 8.01 -0.98 -48.13
CA SER B 501 9.14 -1.77 -48.61
C SER B 501 9.28 -1.53 -50.10
N LYS B 502 8.79 -0.39 -50.56
CA LYS B 502 8.72 -0.09 -51.98
C LYS B 502 10.10 0.08 -52.61
N PRO B 503 10.34 -0.67 -53.69
CA PRO B 503 11.52 -0.57 -54.55
C PRO B 503 11.31 0.45 -55.67
N GLY B 504 11.16 -0.04 -56.90
CA GLY B 504 10.77 0.81 -58.01
C GLY B 504 11.79 1.83 -58.47
N VAL B 505 13.07 1.45 -58.46
CA VAL B 505 14.15 2.31 -58.94
C VAL B 505 14.34 3.54 -58.05
N PHE B 506 13.23 4.18 -57.67
CA PHE B 506 13.29 5.36 -56.81
C PHE B 506 13.96 5.01 -55.49
N SER B 507 13.84 3.76 -55.08
CA SER B 507 14.47 3.26 -53.87
C SER B 507 15.98 3.27 -53.98
N PHE B 508 16.47 3.05 -55.19
CA PHE B 508 17.90 3.07 -55.46
C PHE B 508 18.56 4.41 -55.23
N LEU B 509 17.85 5.48 -55.51
CA LEU B 509 18.41 6.82 -55.38
C LEU B 509 18.29 7.36 -53.97
N ASP B 510 17.67 6.60 -53.09
CA ASP B 510 17.37 7.06 -51.73
C ASP B 510 18.57 7.63 -50.96
N PRO B 511 19.72 6.93 -50.99
CA PRO B 511 20.83 7.44 -50.18
C PRO B 511 21.25 8.88 -50.50
N LEU B 512 21.13 9.28 -51.75
CA LEU B 512 21.57 10.62 -52.15
C LEU B 512 20.47 11.40 -52.87
N ALA B 513 20.25 12.63 -52.44
CA ALA B 513 19.12 13.44 -52.91
C ALA B 513 19.21 13.79 -54.39
N TYR B 514 18.04 13.93 -55.03
CA TYR B 514 17.95 14.11 -56.47
C TYR B 514 18.66 15.37 -56.94
N GLU B 515 18.58 16.41 -56.11
CA GLU B 515 19.21 17.67 -56.43
C GLU B 515 20.70 17.47 -56.53
N ILE B 516 21.22 16.63 -55.65
CA ILE B 516 22.63 16.33 -55.65
C ILE B 516 22.98 15.57 -56.92
N TRP B 517 22.05 14.77 -57.43
CA TRP B 517 22.28 14.08 -58.69
C TRP B 517 22.35 15.09 -59.83
N MET B 518 21.51 16.12 -59.73
CA MET B 518 21.47 17.14 -60.76
C MET B 518 22.83 17.83 -60.78
N CYS B 519 23.27 18.19 -59.58
CA CYS B 519 24.52 18.90 -59.41
C CYS B 519 25.72 18.07 -59.82
N ILE B 520 25.66 16.75 -59.62
CA ILE B 520 26.80 15.93 -59.98
C ILE B 520 26.85 15.73 -61.49
N VAL B 521 25.68 15.64 -62.13
CA VAL B 521 25.68 15.52 -63.58
C VAL B 521 26.24 16.79 -64.19
N PHE B 522 25.77 17.93 -63.68
CA PHE B 522 26.20 19.22 -64.21
C PHE B 522 27.67 19.45 -63.96
N ALA B 523 28.13 19.05 -62.77
CA ALA B 523 29.53 19.20 -62.43
C ALA B 523 30.37 18.31 -63.31
N TYR B 524 29.80 17.17 -63.68
CA TYR B 524 30.51 16.22 -64.52
C TYR B 524 30.69 16.74 -65.94
N ILE B 525 29.60 17.19 -66.54
CA ILE B 525 29.67 17.70 -67.89
C ILE B 525 30.52 18.95 -67.90
N GLY B 526 30.56 19.65 -66.76
CA GLY B 526 31.44 20.79 -66.62
C GLY B 526 32.88 20.32 -66.63
N VAL B 527 33.14 19.17 -66.01
CA VAL B 527 34.48 18.61 -66.02
C VAL B 527 34.89 18.23 -67.41
N SER B 528 33.91 17.77 -68.19
CA SER B 528 34.18 17.25 -69.52
C SER B 528 34.71 18.30 -70.47
N VAL B 529 34.02 19.44 -70.52
CA VAL B 529 34.36 20.48 -71.48
C VAL B 529 35.72 21.10 -71.16
N VAL B 530 36.10 21.13 -69.89
CA VAL B 530 37.38 21.68 -69.48
C VAL B 530 38.51 20.89 -70.09
N LEU B 531 38.29 19.60 -70.25
CA LEU B 531 39.31 18.70 -70.74
C LEU B 531 39.68 19.04 -72.18
N PHE B 532 38.71 19.54 -72.92
CA PHE B 532 38.95 19.87 -74.31
C PHE B 532 39.92 21.03 -74.47
N LEU B 533 39.91 21.95 -73.52
CA LEU B 533 40.82 23.09 -73.59
C LEU B 533 42.27 22.67 -73.47
N VAL B 534 42.51 21.62 -72.69
CA VAL B 534 43.84 21.05 -72.56
C VAL B 534 44.26 20.42 -73.88
N SER B 535 43.26 19.92 -74.61
CA SER B 535 43.50 19.26 -75.89
C SER B 535 43.66 20.29 -77.01
N ILE B 564 35.07 19.45 -79.44
CA ILE B 564 34.71 19.25 -78.04
C ILE B 564 33.89 17.98 -77.85
N PHE B 565 34.13 17.00 -78.73
CA PHE B 565 33.38 15.75 -78.68
C PHE B 565 34.25 14.60 -78.18
N ASN B 566 35.46 14.49 -78.72
CA ASN B 566 36.40 13.44 -78.33
C ASN B 566 36.83 13.60 -76.88
N SER B 567 36.85 14.85 -76.44
CA SER B 567 37.15 15.16 -75.05
C SER B 567 36.03 14.74 -74.13
N LEU B 568 34.79 14.93 -74.57
CA LEU B 568 33.63 14.45 -73.82
C LEU B 568 33.64 12.94 -73.75
N TRP B 569 34.09 12.34 -74.85
CA TRP B 569 34.21 10.90 -74.95
C TRP B 569 35.20 10.44 -73.90
N PHE B 570 36.35 11.09 -73.89
CA PHE B 570 37.41 10.78 -72.95
C PHE B 570 37.00 11.02 -71.50
N SER B 571 36.16 12.03 -71.27
CA SER B 571 35.65 12.29 -69.94
C SER B 571 34.75 11.15 -69.51
N LEU B 572 34.04 10.59 -70.49
CA LEU B 572 33.19 9.45 -70.20
C LEU B 572 34.09 8.26 -69.92
N GLY B 573 35.29 8.30 -70.50
CA GLY B 573 36.29 7.28 -70.29
C GLY B 573 37.11 7.58 -69.05
N ALA B 574 36.76 8.67 -68.38
CA ALA B 574 37.39 9.05 -67.13
C ALA B 574 36.49 8.58 -65.99
N PHE B 575 35.20 8.90 -66.11
CA PHE B 575 34.21 8.40 -65.18
C PHE B 575 34.13 6.89 -65.26
N MET B 576 34.44 6.37 -66.44
CA MET B 576 34.42 4.93 -66.68
C MET B 576 35.47 4.21 -65.84
N GLN B 577 36.55 4.90 -65.53
CA GLN B 577 37.66 4.28 -64.85
C GLN B 577 38.53 5.28 -64.11
N GLN B 578 38.47 5.23 -62.79
CA GLN B 578 39.28 6.08 -61.94
C GLN B 578 39.08 7.55 -62.28
N GLY B 579 39.68 8.00 -63.37
CA GLY B 579 39.53 9.38 -63.81
C GLY B 579 40.69 9.90 -64.63
N CYS B 580 40.45 10.08 -65.93
CA CYS B 580 41.38 10.72 -66.86
C CYS B 580 42.71 9.98 -67.03
N ASP B 581 43.46 10.38 -68.06
CA ASP B 581 44.69 9.70 -68.44
C ASP B 581 45.46 10.46 -69.54
N ILE B 582 44.78 10.80 -70.62
CA ILE B 582 45.47 11.26 -71.83
C ILE B 582 46.03 12.69 -71.67
N SER B 583 46.95 12.84 -70.72
CA SER B 583 47.72 14.07 -70.60
C SER B 583 49.18 13.73 -70.41
N PRO B 584 50.08 14.61 -70.85
CA PRO B 584 51.45 14.46 -70.37
C PRO B 584 51.42 14.63 -68.87
N ARG B 585 52.28 13.90 -68.15
CA ARG B 585 52.29 13.86 -66.68
C ARG B 585 51.78 15.15 -66.06
N SER B 586 50.61 15.06 -65.43
CA SER B 586 49.87 16.23 -64.96
C SER B 586 49.60 17.22 -66.08
N LEU B 587 50.67 17.86 -66.55
CA LEU B 587 50.56 19.02 -67.41
C LEU B 587 49.61 19.96 -66.70
N SER B 588 48.38 20.02 -67.18
CA SER B 588 47.31 20.70 -66.48
C SER B 588 46.05 19.85 -66.61
N GLY B 589 46.24 18.60 -67.06
CA GLY B 589 45.12 17.72 -67.32
C GLY B 589 44.90 16.67 -66.25
N ARG B 590 45.98 15.97 -65.87
CA ARG B 590 45.86 14.89 -64.91
C ARG B 590 45.38 15.40 -63.56
N ILE B 591 45.69 16.66 -63.25
CA ILE B 591 45.27 17.24 -61.98
C ILE B 591 43.76 17.25 -61.91
N VAL B 592 43.13 17.46 -63.06
CA VAL B 592 41.70 17.52 -63.14
C VAL B 592 41.12 16.17 -62.77
N GLY B 593 41.76 15.12 -63.27
CA GLY B 593 41.28 13.78 -63.03
C GLY B 593 41.61 13.30 -61.65
N GLY B 594 42.62 13.90 -61.03
CA GLY B 594 43.01 13.54 -59.69
C GLY B 594 41.98 14.08 -58.74
N VAL B 595 41.67 15.35 -58.92
CA VAL B 595 40.66 15.98 -58.08
C VAL B 595 39.34 15.27 -58.33
N TRP B 596 39.12 14.90 -59.58
CA TRP B 596 37.91 14.17 -59.96
C TRP B 596 37.83 12.82 -59.27
N TRP B 597 38.99 12.20 -59.08
CA TRP B 597 39.06 10.88 -58.46
C TRP B 597 38.79 10.97 -56.98
N PHE B 598 39.38 11.96 -56.34
CA PHE B 598 39.13 12.19 -54.93
C PHE B 598 37.65 12.44 -54.74
N PHE B 599 37.11 13.17 -55.71
CA PHE B 599 35.72 13.57 -55.68
C PHE B 599 34.77 12.40 -55.76
N THR B 600 34.94 11.58 -56.79
CA THR B 600 34.07 10.43 -56.99
C THR B 600 34.23 9.47 -55.84
N LEU B 601 35.42 9.46 -55.26
CA LEU B 601 35.72 8.57 -54.16
C LEU B 601 34.91 8.95 -52.94
N ILE B 602 34.94 10.24 -52.60
CA ILE B 602 34.18 10.71 -51.47
C ILE B 602 32.69 10.49 -51.72
N ILE B 603 32.30 10.62 -52.97
CA ILE B 603 30.90 10.39 -53.31
C ILE B 603 30.46 8.98 -53.05
N ILE B 604 31.17 8.02 -53.62
CA ILE B 604 30.75 6.63 -53.50
C ILE B 604 30.85 6.20 -52.05
N SER B 605 31.82 6.76 -51.33
CA SER B 605 31.98 6.40 -49.94
C SER B 605 30.77 6.87 -49.18
N SER B 606 30.39 8.11 -49.45
CA SER B 606 29.26 8.70 -48.76
C SER B 606 28.01 7.92 -49.09
N TYR B 607 27.94 7.44 -50.33
CA TYR B 607 26.79 6.71 -50.78
C TYR B 607 26.68 5.44 -49.99
N THR B 608 27.83 4.83 -49.75
CA THR B 608 27.86 3.56 -49.04
C THR B 608 27.42 3.77 -47.60
N ALA B 609 27.94 4.82 -46.99
CA ALA B 609 27.64 5.09 -45.60
C ALA B 609 26.15 5.32 -45.45
N ASN B 610 25.62 6.20 -46.29
CA ASN B 610 24.23 6.56 -46.19
C ASN B 610 23.35 5.34 -46.45
N LEU B 611 23.77 4.50 -47.40
CA LEU B 611 22.96 3.35 -47.72
C LEU B 611 22.91 2.38 -46.56
N ALA B 612 24.03 2.23 -45.88
CA ALA B 612 24.06 1.38 -44.70
C ALA B 612 23.18 1.96 -43.61
N ALA B 613 23.09 3.28 -43.58
CA ALA B 613 22.33 3.94 -42.54
C ALA B 613 20.85 3.56 -42.57
N PHE B 614 20.29 3.40 -43.75
CA PHE B 614 18.92 2.90 -43.86
C PHE B 614 18.84 1.46 -43.39
N LEU B 615 19.91 0.71 -43.59
CA LEU B 615 19.90 -0.70 -43.27
C LEU B 615 20.11 -0.92 -41.80
N THR B 616 20.47 0.14 -41.10
CA THR B 616 20.66 0.04 -39.66
C THR B 616 19.34 0.19 -38.93
N VAL B 617 18.95 1.43 -38.66
CA VAL B 617 17.76 1.70 -37.85
C VAL B 617 16.48 1.30 -38.54
N GLU B 618 16.36 1.67 -39.82
CA GLU B 618 15.17 1.38 -40.60
C GLU B 618 13.92 1.92 -39.92
N ARG B 619 13.97 3.19 -39.51
CA ARG B 619 12.83 3.83 -38.90
C ARG B 619 11.69 3.97 -39.90
N MET B 620 10.46 3.94 -39.41
CA MET B 620 9.31 4.03 -40.30
C MET B 620 8.52 5.31 -40.08
N VAL B 621 8.68 6.27 -40.99
CA VAL B 621 8.02 7.57 -40.89
C VAL B 621 6.51 7.48 -41.01
N SER B 622 5.80 8.28 -40.21
CA SER B 622 4.35 8.44 -40.34
C SER B 622 3.99 9.36 -41.50
N PRO B 623 3.03 8.95 -42.33
CA PRO B 623 2.55 9.74 -43.46
C PRO B 623 2.00 11.10 -43.07
N ILE B 624 1.38 11.21 -41.90
CA ILE B 624 0.71 12.45 -41.49
C ILE B 624 0.89 12.77 -40.02
N GLU B 625 0.59 14.01 -39.66
CA GLU B 625 0.71 14.47 -38.29
C GLU B 625 -0.60 15.07 -37.82
N SER B 626 -0.79 16.35 -38.10
CA SER B 626 -2.02 17.04 -37.77
C SER B 626 -3.18 16.49 -38.57
N ALA B 627 -4.38 16.55 -38.01
CA ALA B 627 -5.56 16.11 -38.72
C ALA B 627 -5.75 16.94 -39.97
N GLU B 628 -5.28 18.18 -39.91
CA GLU B 628 -5.42 19.13 -41.01
C GLU B 628 -4.73 18.61 -42.25
N ASP B 629 -3.69 17.81 -42.05
CA ASP B 629 -2.94 17.26 -43.15
C ASP B 629 -3.83 16.35 -43.98
N LEU B 630 -4.77 15.69 -43.32
CA LEU B 630 -5.72 14.83 -44.02
C LEU B 630 -6.63 15.67 -44.89
N SER B 631 -6.90 16.89 -44.43
CA SER B 631 -7.70 17.82 -45.20
C SER B 631 -6.87 18.38 -46.34
N LYS B 632 -5.61 18.69 -46.04
CA LYS B 632 -4.72 19.29 -47.02
C LYS B 632 -4.42 18.36 -48.20
N GLN B 633 -4.32 17.06 -47.94
CA GLN B 633 -4.03 16.12 -49.00
C GLN B 633 -5.30 15.56 -49.61
N THR B 634 -5.15 14.77 -50.67
CA THR B 634 -6.28 14.05 -51.22
C THR B 634 -5.96 12.58 -51.48
N GLU B 635 -4.72 12.17 -51.21
CA GLU B 635 -4.30 10.81 -51.51
C GLU B 635 -5.02 9.74 -50.70
N ILE B 636 -5.38 10.05 -49.47
CA ILE B 636 -5.94 9.04 -48.59
C ILE B 636 -7.33 9.41 -48.12
N ALA B 637 -8.27 8.51 -48.34
CA ALA B 637 -9.64 8.73 -47.88
C ALA B 637 -9.71 8.68 -46.37
N TYR B 638 -10.66 9.41 -45.81
CA TYR B 638 -10.87 9.39 -44.37
C TYR B 638 -12.35 9.64 -44.08
N GLY B 639 -12.86 8.99 -43.04
CA GLY B 639 -14.26 9.11 -42.70
C GLY B 639 -14.59 8.57 -41.33
N THR B 640 -15.88 8.50 -41.04
CA THR B 640 -16.35 8.05 -39.73
C THR B 640 -17.49 7.05 -39.84
N LEU B 641 -18.06 6.72 -38.69
CA LEU B 641 -19.24 5.88 -38.64
C LEU B 641 -20.38 6.59 -39.35
N ASP B 642 -21.20 5.84 -40.08
CA ASP B 642 -22.25 6.43 -40.90
C ASP B 642 -23.32 7.13 -40.06
N SER B 643 -23.48 6.69 -38.82
CA SER B 643 -24.53 7.23 -37.97
C SER B 643 -24.08 7.34 -36.53
N GLY B 644 -23.96 8.57 -36.04
CA GLY B 644 -23.55 8.81 -34.67
C GLY B 644 -23.33 10.28 -34.41
N SER B 645 -23.05 10.62 -33.16
CA SER B 645 -22.83 12.00 -32.78
C SER B 645 -21.61 12.58 -33.48
N THR B 646 -20.65 11.72 -33.78
CA THR B 646 -19.40 12.16 -34.38
C THR B 646 -19.63 12.80 -35.73
N LYS B 647 -20.53 12.21 -36.50
CA LYS B 647 -20.87 12.75 -37.81
C LYS B 647 -21.51 14.11 -37.66
N GLU B 648 -22.40 14.22 -36.68
CA GLU B 648 -23.10 15.45 -36.43
C GLU B 648 -22.14 16.53 -36.01
N PHE B 649 -21.07 16.14 -35.35
CA PHE B 649 -20.09 17.09 -34.87
C PHE B 649 -19.44 17.84 -36.01
N PHE B 650 -19.24 17.13 -37.12
CA PHE B 650 -18.62 17.75 -38.27
C PHE B 650 -19.66 18.44 -39.12
N ARG B 651 -20.85 17.85 -39.17
CA ARG B 651 -21.92 18.42 -39.96
C ARG B 651 -22.34 19.76 -39.38
N ARG B 652 -22.12 19.93 -38.08
CA ARG B 652 -22.48 21.16 -37.40
C ARG B 652 -21.27 22.03 -37.08
N SER B 653 -20.07 21.52 -37.35
CA SER B 653 -18.86 22.27 -37.04
C SER B 653 -18.80 23.54 -37.85
N LYS B 654 -18.33 24.62 -37.22
CA LYS B 654 -18.22 25.89 -37.91
C LYS B 654 -16.78 26.25 -38.21
N ILE B 655 -15.85 25.47 -37.66
CA ILE B 655 -14.43 25.69 -37.94
C ILE B 655 -14.16 25.35 -39.40
N ALA B 656 -13.36 26.19 -40.06
CA ALA B 656 -13.17 26.07 -41.50
C ALA B 656 -12.50 24.77 -41.90
N VAL B 657 -11.59 24.29 -41.07
CA VAL B 657 -10.90 23.05 -41.38
C VAL B 657 -11.87 21.89 -41.37
N PHE B 658 -12.61 21.79 -40.28
CA PHE B 658 -13.58 20.73 -40.11
C PHE B 658 -14.71 20.89 -41.11
N ASP B 659 -14.99 22.12 -41.51
CA ASP B 659 -15.99 22.37 -42.53
C ASP B 659 -15.51 21.77 -43.84
N LYS B 660 -14.24 21.96 -44.13
CA LYS B 660 -13.67 21.40 -45.34
C LYS B 660 -13.70 19.90 -45.26
N MET B 661 -13.57 19.38 -44.05
CA MET B 661 -13.59 17.95 -43.83
C MET B 661 -14.96 17.38 -44.14
N TRP B 662 -16.00 18.01 -43.61
CA TRP B 662 -17.36 17.56 -43.83
C TRP B 662 -17.81 17.72 -45.26
N THR B 663 -17.40 18.82 -45.89
CA THR B 663 -17.73 19.05 -47.28
C THR B 663 -17.05 18.00 -48.14
N TYR B 664 -15.86 17.60 -47.72
CA TYR B 664 -15.15 16.52 -48.39
C TYR B 664 -15.89 15.21 -48.25
N MET B 665 -16.17 14.84 -47.02
CA MET B 665 -16.73 13.53 -46.72
C MET B 665 -18.13 13.35 -47.29
N ARG B 666 -18.90 14.43 -47.32
CA ARG B 666 -20.21 14.38 -47.95
C ARG B 666 -20.10 14.25 -49.46
N SER B 667 -19.02 14.79 -50.01
CA SER B 667 -18.87 14.86 -51.45
C SER B 667 -18.33 13.58 -52.08
N ALA B 668 -17.30 13.00 -51.46
CA ALA B 668 -16.61 11.87 -52.04
C ALA B 668 -17.47 10.60 -52.08
N GLU B 669 -17.37 9.86 -53.18
CA GLU B 669 -17.98 8.56 -53.30
C GLU B 669 -16.97 7.58 -53.87
N PRO B 670 -17.06 6.30 -53.48
CA PRO B 670 -17.98 5.64 -52.56
C PRO B 670 -17.87 6.17 -51.15
N SER B 671 -18.97 6.20 -50.42
CA SER B 671 -19.04 6.90 -49.14
C SER B 671 -18.02 6.41 -48.13
N VAL B 672 -17.37 7.37 -47.47
CA VAL B 672 -16.41 7.09 -46.42
C VAL B 672 -17.12 6.52 -45.20
N PHE B 673 -18.40 6.82 -45.10
CA PHE B 673 -19.21 6.37 -43.97
C PHE B 673 -19.35 4.86 -43.95
N VAL B 674 -19.34 4.29 -42.74
CA VAL B 674 -19.46 2.85 -42.58
C VAL B 674 -20.51 2.52 -41.53
N ARG B 675 -21.21 1.42 -41.72
CA ARG B 675 -22.32 1.06 -40.85
C ARG B 675 -21.91 0.75 -39.42
N THR B 676 -20.71 0.22 -39.25
CA THR B 676 -20.25 -0.22 -37.93
C THR B 676 -18.81 0.15 -37.71
N THR B 677 -18.42 0.27 -36.44
CA THR B 677 -17.03 0.51 -36.10
C THR B 677 -16.19 -0.67 -36.56
N ALA B 678 -16.78 -1.85 -36.48
CA ALA B 678 -16.11 -3.07 -36.93
C ALA B 678 -15.85 -2.99 -38.42
N GLU B 679 -16.77 -2.37 -39.15
CA GLU B 679 -16.60 -2.18 -40.58
C GLU B 679 -15.41 -1.26 -40.85
N GLY B 680 -15.23 -0.29 -39.95
CA GLY B 680 -14.12 0.64 -40.11
C GLY B 680 -12.84 -0.11 -39.87
N VAL B 681 -12.89 -1.04 -38.92
CA VAL B 681 -11.73 -1.85 -38.64
C VAL B 681 -11.38 -2.67 -39.86
N ALA B 682 -12.42 -3.23 -40.48
CA ALA B 682 -12.25 -4.09 -41.64
C ALA B 682 -11.67 -3.32 -42.80
N ARG B 683 -12.06 -2.06 -42.93
CA ARG B 683 -11.54 -1.27 -44.03
C ARG B 683 -10.09 -0.90 -43.77
N VAL B 684 -9.82 -0.42 -42.56
CA VAL B 684 -8.47 0.06 -42.24
C VAL B 684 -7.46 -1.07 -42.30
N ARG B 685 -7.87 -2.26 -41.88
CA ARG B 685 -6.98 -3.42 -41.97
C ARG B 685 -6.77 -3.81 -43.42
N LYS B 686 -7.74 -3.49 -44.26
CA LYS B 686 -7.61 -3.76 -45.69
C LYS B 686 -7.08 -2.54 -46.44
N SER B 687 -7.18 -1.38 -45.82
CA SER B 687 -6.84 -0.13 -46.48
C SER B 687 -5.39 -0.11 -46.92
N LYS B 688 -4.53 -0.74 -46.13
CA LYS B 688 -3.10 -0.74 -46.39
C LYS B 688 -2.57 0.67 -46.58
N GLY B 689 -3.05 1.60 -45.74
CA GLY B 689 -2.62 2.98 -45.79
C GLY B 689 -3.38 3.85 -46.76
N LYS B 690 -4.33 3.26 -47.47
CA LYS B 690 -5.15 4.00 -48.42
C LYS B 690 -6.28 4.76 -47.72
N TYR B 691 -6.55 4.41 -46.47
CA TYR B 691 -7.69 5.00 -45.76
C TYR B 691 -7.45 5.12 -44.26
N ALA B 692 -8.06 6.13 -43.66
CA ALA B 692 -7.95 6.37 -42.23
C ALA B 692 -9.34 6.52 -41.62
N TYR B 693 -9.49 6.16 -40.35
CA TYR B 693 -10.82 6.15 -39.76
C TYR B 693 -10.86 6.81 -38.39
N LEU B 694 -11.67 7.86 -38.27
CA LEU B 694 -11.87 8.53 -36.99
C LEU B 694 -12.75 7.73 -36.04
N LEU B 695 -12.49 7.86 -34.74
CA LEU B 695 -13.37 7.26 -33.73
C LEU B 695 -12.95 7.69 -32.32
N GLU B 696 -13.68 7.23 -31.32
CA GLU B 696 -13.45 7.65 -29.94
C GLU B 696 -12.05 7.25 -29.47
N SER B 697 -11.36 8.19 -28.84
CA SER B 697 -9.93 8.05 -28.56
C SER B 697 -9.59 6.82 -27.76
N THR B 698 -10.29 6.64 -26.65
CA THR B 698 -10.03 5.50 -25.78
C THR B 698 -10.32 4.21 -26.51
N MET B 699 -11.31 4.24 -27.39
CA MET B 699 -11.63 3.07 -28.18
C MET B 699 -10.51 2.75 -29.15
N ASN B 700 -9.91 3.81 -29.69
CA ASN B 700 -8.84 3.67 -30.66
C ASN B 700 -7.63 3.04 -29.99
N GLU B 701 -7.27 3.60 -28.84
CA GLU B 701 -6.15 3.10 -28.09
C GLU B 701 -6.42 1.69 -27.62
N TYR B 702 -7.69 1.39 -27.35
CA TYR B 702 -8.06 0.05 -26.96
C TYR B 702 -7.87 -0.93 -28.11
N ILE B 703 -8.11 -0.44 -29.32
CA ILE B 703 -7.82 -1.24 -30.50
C ILE B 703 -6.32 -1.44 -30.68
N GLU B 704 -5.54 -0.46 -30.23
CA GLU B 704 -4.10 -0.53 -30.40
C GLU B 704 -3.50 -1.75 -29.70
N GLN B 705 -4.05 -2.10 -28.54
CA GLN B 705 -3.59 -3.27 -27.82
C GLN B 705 -3.98 -4.54 -28.54
N ARG B 706 -5.08 -4.47 -29.29
CA ARG B 706 -5.66 -5.64 -29.92
C ARG B 706 -4.82 -6.15 -31.07
N LYS B 707 -4.78 -7.47 -31.24
CA LYS B 707 -4.08 -8.09 -32.36
C LYS B 707 -4.84 -7.82 -33.65
N PRO B 708 -4.12 -7.81 -34.79
CA PRO B 708 -2.68 -8.01 -34.97
C PRO B 708 -1.81 -6.81 -34.62
N CYS B 709 -2.39 -5.84 -33.91
CA CYS B 709 -1.67 -4.62 -33.52
C CYS B 709 -1.16 -3.85 -34.73
N ASP B 710 -1.81 -4.05 -35.87
CA ASP B 710 -1.51 -3.29 -37.07
C ASP B 710 -1.93 -1.82 -36.96
N THR B 711 -2.96 -1.56 -36.16
CA THR B 711 -3.51 -0.22 -36.03
C THR B 711 -2.63 0.69 -35.18
N MET B 712 -2.69 1.98 -35.44
CA MET B 712 -2.09 2.95 -34.54
C MET B 712 -2.81 4.29 -34.60
N LYS B 713 -3.01 4.88 -33.43
CA LYS B 713 -3.62 6.21 -33.35
C LYS B 713 -2.58 7.27 -33.68
N VAL B 714 -3.02 8.38 -34.26
CA VAL B 714 -2.11 9.51 -34.48
C VAL B 714 -2.82 10.85 -34.25
N GLY B 715 -2.08 11.80 -33.69
CA GLY B 715 -2.60 13.13 -33.45
C GLY B 715 -3.31 13.22 -32.10
N GLY B 716 -3.62 14.44 -31.68
CA GLY B 716 -4.36 14.66 -30.45
C GLY B 716 -5.86 14.63 -30.69
N ASN B 717 -6.63 14.71 -29.62
CA ASN B 717 -8.08 14.75 -29.76
C ASN B 717 -8.55 16.00 -30.48
N LEU B 718 -9.52 15.84 -31.36
CA LEU B 718 -10.11 16.96 -32.08
C LEU B 718 -10.90 17.86 -31.15
N ASP B 719 -11.44 17.28 -30.10
CA ASP B 719 -12.30 17.99 -29.18
C ASP B 719 -12.42 17.26 -27.84
N SER B 720 -12.48 18.03 -26.75
CA SER B 720 -12.64 17.44 -25.43
C SER B 720 -14.02 16.81 -25.22
N LYS B 721 -14.02 15.64 -24.59
CA LYS B 721 -15.25 14.97 -24.15
C LYS B 721 -14.92 14.12 -22.93
N GLY B 722 -15.94 13.82 -22.12
CA GLY B 722 -15.72 13.02 -20.94
C GLY B 722 -16.92 12.23 -20.49
N TYR B 723 -16.76 10.91 -20.44
CA TYR B 723 -17.78 10.06 -19.86
C TYR B 723 -17.89 10.36 -18.37
N GLY B 724 -19.11 10.28 -17.85
CA GLY B 724 -19.31 10.52 -16.43
C GLY B 724 -20.42 9.69 -15.85
N ILE B 725 -20.35 9.46 -14.54
CA ILE B 725 -21.39 8.72 -13.84
C ILE B 725 -22.69 9.52 -13.91
N ALA B 726 -23.78 8.83 -14.20
CA ALA B 726 -25.08 9.47 -14.28
C ALA B 726 -26.00 8.93 -13.19
N THR B 727 -26.77 9.84 -12.59
CA THR B 727 -27.71 9.47 -11.54
C THR B 727 -29.06 10.09 -11.85
N PRO B 728 -30.16 9.44 -11.39
CA PRO B 728 -31.47 10.06 -11.59
C PRO B 728 -31.53 11.40 -10.89
N LYS B 729 -32.24 12.35 -11.47
CA LYS B 729 -32.30 13.70 -10.92
C LYS B 729 -32.89 13.67 -9.52
N GLY B 730 -32.26 14.39 -8.60
CA GLY B 730 -32.75 14.48 -7.24
C GLY B 730 -32.36 13.28 -6.39
N SER B 731 -31.56 12.39 -6.95
CA SER B 731 -31.07 11.24 -6.18
C SER B 731 -30.17 11.70 -5.05
N SER B 732 -30.37 11.10 -3.88
CA SER B 732 -29.56 11.43 -2.71
C SER B 732 -28.12 11.02 -2.91
N LEU B 733 -27.92 9.99 -3.71
CA LEU B 733 -26.59 9.43 -3.94
C LEU B 733 -25.66 10.41 -4.65
N GLY B 734 -26.26 11.34 -5.40
CA GLY B 734 -25.53 12.25 -6.26
C GLY B 734 -24.21 12.81 -5.74
N THR B 735 -24.30 13.70 -4.76
CA THR B 735 -23.11 14.34 -4.22
C THR B 735 -22.08 13.34 -3.68
N PRO B 736 -22.50 12.36 -2.86
CA PRO B 736 -21.48 11.39 -2.41
C PRO B 736 -20.81 10.65 -3.57
N VAL B 737 -21.57 10.37 -4.62
CA VAL B 737 -21.00 9.74 -5.79
C VAL B 737 -19.96 10.66 -6.40
N ASN B 738 -20.26 11.95 -6.39
CA ASN B 738 -19.38 12.92 -7.02
C ASN B 738 -18.06 13.00 -6.27
N LEU B 739 -18.16 13.11 -4.95
CA LEU B 739 -16.98 13.21 -4.12
C LEU B 739 -16.17 11.94 -4.22
N ALA B 740 -16.87 10.82 -4.36
CA ALA B 740 -16.19 9.54 -4.53
C ALA B 740 -15.42 9.54 -5.83
N VAL B 741 -16.00 10.16 -6.85
CA VAL B 741 -15.36 10.18 -8.16
C VAL B 741 -14.09 11.00 -8.11
N LEU B 742 -14.18 12.20 -7.54
CA LEU B 742 -13.00 13.04 -7.49
C LEU B 742 -11.92 12.43 -6.61
N LYS B 743 -12.36 11.74 -5.55
CA LYS B 743 -11.41 11.14 -4.64
C LYS B 743 -10.66 10.02 -5.33
N LEU B 744 -11.39 9.18 -6.05
CA LEU B 744 -10.77 8.09 -6.76
C LEU B 744 -9.87 8.62 -7.87
N SER B 745 -10.25 9.76 -8.44
CA SER B 745 -9.49 10.33 -9.54
C SER B 745 -8.15 10.85 -9.06
N GLU B 746 -8.16 11.55 -7.93
CA GLU B 746 -6.92 12.11 -7.41
C GLU B 746 -5.98 11.05 -6.88
N GLN B 747 -6.52 9.91 -6.50
CA GLN B 747 -5.68 8.83 -6.01
C GLN B 747 -4.99 8.14 -7.18
N GLY B 748 -5.44 8.46 -8.38
CA GLY B 748 -4.83 7.90 -9.58
C GLY B 748 -5.35 6.51 -9.84
N VAL B 749 -6.34 6.12 -9.04
CA VAL B 749 -6.90 4.79 -9.13
C VAL B 749 -7.50 4.56 -10.51
N LEU B 750 -8.07 5.61 -11.07
CA LEU B 750 -8.69 5.51 -12.39
C LEU B 750 -7.62 5.25 -13.43
N ASP B 751 -6.53 5.98 -13.34
CA ASP B 751 -5.42 5.80 -14.27
C ASP B 751 -4.80 4.43 -14.11
N LYS B 752 -4.83 3.94 -12.88
CA LYS B 752 -4.28 2.63 -12.58
C LYS B 752 -5.12 1.58 -13.28
N LEU B 753 -6.43 1.68 -13.12
CA LEU B 753 -7.33 0.72 -13.74
C LEU B 753 -7.33 0.85 -15.25
N LYS B 754 -7.04 2.05 -15.74
CA LYS B 754 -6.95 2.27 -17.17
C LYS B 754 -5.75 1.52 -17.71
N ASN B 755 -4.63 1.66 -16.99
CA ASN B 755 -3.42 0.98 -17.35
C ASN B 755 -3.63 -0.52 -17.29
N LYS B 756 -4.52 -0.93 -16.40
CA LYS B 756 -4.83 -2.35 -16.26
C LYS B 756 -5.61 -2.85 -17.46
N TRP B 757 -6.85 -2.41 -17.56
CA TRP B 757 -7.76 -2.95 -18.55
C TRP B 757 -7.35 -2.67 -19.98
N TRP B 758 -6.58 -1.60 -20.19
CA TRP B 758 -5.98 -1.40 -21.50
C TRP B 758 -4.64 -2.10 -21.65
N TYR B 759 -3.58 -1.39 -21.31
CA TYR B 759 -2.23 -1.83 -21.63
C TYR B 759 -1.83 -3.15 -21.00
N ASP B 760 -2.16 -3.32 -19.73
CA ASP B 760 -1.77 -4.54 -19.03
C ASP B 760 -2.50 -5.75 -19.59
N LYS B 761 -3.71 -5.54 -20.08
CA LYS B 761 -4.48 -6.61 -20.70
C LYS B 761 -4.11 -6.71 -22.17
N GLY B 762 -3.26 -5.80 -22.63
CA GLY B 762 -2.95 -5.65 -24.04
C GLY B 762 -2.37 -6.89 -24.71
N GLU B 763 -2.96 -7.25 -25.85
CA GLU B 763 -2.52 -8.39 -26.62
C GLU B 763 -1.15 -8.17 -27.26
N CYS B 764 -0.81 -6.90 -27.45
CA CYS B 764 0.46 -6.55 -28.08
C CYS B 764 1.12 -5.40 -27.35
N GLY B 765 2.18 -5.69 -26.60
CA GLY B 765 2.91 -4.65 -25.90
C GLY B 765 3.50 -3.66 -26.88
N ALA B 766 3.25 -2.37 -26.65
CA ALA B 766 3.66 -1.35 -27.60
C ALA B 766 5.18 -1.21 -27.68
N LYS B 767 5.82 -1.03 -26.53
CA LYS B 767 7.27 -0.97 -26.49
C LYS B 767 7.86 -2.37 -26.48
N ASP B 768 7.01 -3.36 -26.24
CA ASP B 768 7.44 -4.75 -26.32
C ASP B 768 7.59 -5.16 -27.77
N SER B 769 6.58 -4.86 -28.57
CA SER B 769 6.62 -5.08 -30.01
C SER B 769 7.65 -4.16 -30.67
N GLY B 770 7.85 -2.99 -30.08
CA GLY B 770 8.81 -2.03 -30.61
C GLY B 770 10.24 -2.46 -30.39
N SER B 771 10.50 -3.11 -29.27
CA SER B 771 11.82 -3.64 -28.96
C SER B 771 12.14 -4.84 -29.84
N LYS B 772 11.09 -5.49 -30.35
CA LYS B 772 11.22 -6.72 -31.11
C LYS B 772 11.03 -6.49 -32.62
N GLU B 773 12.07 -5.97 -33.28
CA GLU B 773 12.03 -5.79 -34.73
C GLU B 773 13.42 -5.54 -35.29
N LYS B 774 14.18 -6.61 -35.50
CA LYS B 774 15.53 -6.52 -36.05
C LYS B 774 15.79 -7.66 -37.02
N THR B 775 15.50 -7.42 -38.30
CA THR B 775 15.67 -8.46 -39.32
C THR B 775 16.89 -8.17 -40.19
N SER B 776 16.84 -8.62 -41.44
CA SER B 776 18.00 -8.54 -42.32
C SER B 776 17.67 -8.86 -43.78
N ALA B 777 18.48 -9.75 -44.36
CA ALA B 777 18.33 -10.20 -45.75
C ALA B 777 18.44 -9.05 -46.75
N LEU B 778 18.20 -9.35 -48.02
CA LEU B 778 18.41 -8.35 -49.07
C LEU B 778 17.50 -8.50 -50.28
N SER B 779 16.81 -7.41 -50.62
CA SER B 779 15.97 -7.36 -51.80
C SER B 779 16.76 -7.43 -53.09
N LEU B 780 16.26 -8.22 -54.04
CA LEU B 780 16.76 -8.23 -55.40
C LEU B 780 16.20 -7.08 -56.21
N SER B 781 15.11 -6.50 -55.71
CA SER B 781 14.39 -5.49 -56.46
C SER B 781 15.19 -4.21 -56.62
N ASN B 782 15.74 -3.76 -55.51
CA ASN B 782 16.33 -2.44 -55.44
C ASN B 782 17.52 -2.39 -56.39
N VAL B 783 18.15 -3.54 -56.57
CA VAL B 783 19.22 -3.67 -57.53
C VAL B 783 18.68 -3.86 -58.94
N ALA B 784 17.51 -4.49 -59.03
CA ALA B 784 16.91 -4.75 -60.34
C ALA B 784 16.64 -3.45 -61.06
N GLY B 785 16.39 -2.40 -60.27
CA GLY B 785 16.20 -1.10 -60.86
C GLY B 785 17.46 -0.66 -61.57
N VAL B 786 18.62 -0.99 -61.00
CA VAL B 786 19.88 -0.73 -61.65
C VAL B 786 20.10 -1.64 -62.85
N PHE B 787 19.56 -2.85 -62.79
CA PHE B 787 19.65 -3.72 -63.96
C PHE B 787 18.95 -3.08 -65.13
N TYR B 788 17.88 -2.36 -64.84
CA TYR B 788 17.10 -1.75 -65.90
C TYR B 788 17.90 -0.69 -66.62
N ILE B 789 18.53 0.21 -65.86
CA ILE B 789 19.34 1.24 -66.48
C ILE B 789 20.53 0.61 -67.20
N LEU B 790 21.02 -0.52 -66.68
CA LEU B 790 22.12 -1.19 -67.32
C LEU B 790 21.75 -1.66 -68.72
N VAL B 791 20.66 -2.43 -68.79
CA VAL B 791 20.21 -2.98 -70.05
C VAL B 791 19.82 -1.87 -71.02
N GLY B 792 19.27 -0.79 -70.48
CA GLY B 792 18.83 0.31 -71.33
C GLY B 792 20.04 0.99 -71.93
N GLY B 793 21.10 1.09 -71.14
CA GLY B 793 22.33 1.70 -71.63
C GLY B 793 22.90 0.80 -72.70
N LEU B 794 22.74 -0.50 -72.51
CA LEU B 794 23.22 -1.46 -73.49
C LEU B 794 22.55 -1.25 -74.83
N GLY B 795 21.21 -1.15 -74.80
CA GLY B 795 20.45 -1.03 -76.03
C GLY B 795 20.72 0.29 -76.71
N LEU B 796 20.88 1.35 -75.92
CA LEU B 796 21.19 2.65 -76.48
C LEU B 796 22.53 2.61 -77.18
N ALA B 797 23.52 2.00 -76.54
CA ALA B 797 24.85 1.91 -77.13
C ALA B 797 24.81 1.08 -78.39
N MET B 798 23.94 0.08 -78.41
CA MET B 798 23.76 -0.73 -79.60
C MET B 798 23.20 0.10 -80.74
N LEU B 799 22.27 1.00 -80.41
CA LEU B 799 21.71 1.86 -81.43
C LEU B 799 22.77 2.79 -81.98
N VAL B 800 23.64 3.25 -81.10
CA VAL B 800 24.75 4.10 -81.53
C VAL B 800 25.65 3.31 -82.48
N ALA B 801 25.85 2.04 -82.16
CA ALA B 801 26.65 1.18 -83.02
C ALA B 801 25.99 1.05 -84.39
N LEU B 802 24.67 1.04 -84.38
CA LEU B 802 23.91 0.89 -85.62
C LEU B 802 24.06 2.11 -86.50
N ILE B 803 23.87 3.30 -85.93
CA ILE B 803 23.99 4.50 -86.76
C ILE B 803 25.44 4.68 -87.21
N GLU B 804 26.38 4.26 -86.39
CA GLU B 804 27.78 4.31 -86.79
C GLU B 804 28.06 3.34 -87.92
N PHE B 805 27.29 2.26 -87.98
CA PHE B 805 27.32 1.37 -89.13
C PHE B 805 26.53 1.95 -90.30
N CYS B 806 25.72 2.97 -90.03
CA CYS B 806 24.95 3.63 -91.08
C CYS B 806 25.76 4.69 -91.81
N TYR B 807 26.63 5.40 -91.09
CA TYR B 807 27.49 6.40 -91.74
C TYR B 807 28.42 5.76 -92.75
N LYS B 808 28.74 4.50 -92.52
CA LYS B 808 29.72 3.79 -93.34
C LYS B 808 29.06 2.82 -94.30
N ASN C 1 -69.39 52.44 36.21
CA ASN C 1 -68.70 51.51 37.09
C ASN C 1 -67.19 51.65 36.97
N SER C 2 -66.61 52.59 37.70
CA SER C 2 -65.17 52.76 37.67
C SER C 2 -64.49 51.51 38.21
N ILE C 3 -63.38 51.13 37.59
CA ILE C 3 -62.72 49.88 37.93
C ILE C 3 -61.23 50.10 38.18
N GLN C 4 -60.82 50.04 39.44
CA GLN C 4 -59.44 50.31 39.79
C GLN C 4 -58.47 49.31 39.17
N ILE C 5 -57.36 49.82 38.66
CA ILE C 5 -56.33 48.98 38.06
C ILE C 5 -54.94 49.49 38.42
N GLY C 6 -53.95 48.60 38.34
CA GLY C 6 -52.58 48.98 38.59
C GLY C 6 -51.94 49.67 37.40
N GLY C 7 -50.80 50.32 37.64
CA GLY C 7 -50.05 50.97 36.58
C GLY C 7 -48.58 51.06 36.93
N LEU C 8 -47.77 50.22 36.29
CA LEU C 8 -46.35 50.16 36.62
C LEU C 8 -45.47 50.44 35.42
N PHE C 9 -45.38 51.70 35.03
CA PHE C 9 -44.58 52.07 33.88
C PHE C 9 -43.16 52.43 34.27
N PRO C 10 -42.17 51.74 33.69
CA PRO C 10 -40.76 52.03 33.92
C PRO C 10 -40.40 53.44 33.46
N ARG C 11 -39.49 54.07 34.18
CA ARG C 11 -39.13 55.46 33.92
C ARG C 11 -38.52 55.62 32.54
N GLY C 12 -38.86 56.72 31.88
CA GLY C 12 -38.33 57.02 30.56
C GLY C 12 -39.10 56.36 29.44
N ALA C 13 -40.13 55.60 29.78
CA ALA C 13 -40.97 54.97 28.76
C ALA C 13 -42.19 55.84 28.46
N ASP C 14 -41.94 57.05 27.96
CA ASP C 14 -43.01 58.03 27.78
C ASP C 14 -44.03 57.62 26.73
N GLN C 15 -43.53 57.10 25.60
CA GLN C 15 -44.39 56.80 24.46
C GLN C 15 -45.40 55.74 24.84
N GLU C 16 -44.97 54.86 25.71
CA GLU C 16 -45.80 53.78 26.19
C GLU C 16 -46.96 54.32 27.00
N TYR C 17 -46.67 55.23 27.92
CA TYR C 17 -47.72 55.81 28.73
C TYR C 17 -48.68 56.64 27.88
N SER C 18 -48.14 57.31 26.89
CA SER C 18 -48.98 58.12 26.01
C SER C 18 -49.92 57.21 25.26
N ALA C 19 -49.39 56.07 24.83
CA ALA C 19 -50.17 55.09 24.13
C ALA C 19 -51.24 54.55 25.06
N PHE C 20 -50.90 54.48 26.34
CA PHE C 20 -51.86 54.05 27.33
C PHE C 20 -53.00 55.04 27.44
N ARG C 21 -52.68 56.32 27.32
CA ARG C 21 -53.70 57.35 27.38
C ARG C 21 -54.61 57.23 26.18
N VAL C 22 -54.02 56.96 25.03
CA VAL C 22 -54.80 56.81 23.81
C VAL C 22 -55.70 55.59 23.92
N GLY C 23 -55.21 54.56 24.61
CA GLY C 23 -55.97 53.35 24.79
C GLY C 23 -57.14 53.63 25.71
N MET C 24 -56.91 54.47 26.71
CA MET C 24 -57.99 54.89 27.60
C MET C 24 -59.03 55.69 26.85
N VAL C 25 -58.60 56.42 25.82
CA VAL C 25 -59.52 57.21 25.04
C VAL C 25 -60.38 56.37 24.09
N GLN C 26 -59.74 55.44 23.39
CA GLN C 26 -60.42 54.68 22.35
C GLN C 26 -61.51 53.75 22.83
N PHE C 27 -61.39 53.26 24.06
CA PHE C 27 -62.29 52.19 24.50
C PHE C 27 -63.13 52.59 25.70
N SER C 28 -63.12 53.87 26.04
CA SER C 28 -63.90 54.34 27.19
C SER C 28 -65.38 54.12 26.94
N THR C 29 -66.09 53.69 27.98
CA THR C 29 -67.51 53.39 27.85
C THR C 29 -68.26 53.68 29.14
N SER C 30 -69.53 54.03 28.99
CA SER C 30 -70.37 54.42 30.12
C SER C 30 -70.60 53.29 31.11
N GLU C 31 -70.59 52.05 30.63
CA GLU C 31 -70.82 50.90 31.49
C GLU C 31 -69.73 50.79 32.55
N PHE C 32 -68.52 51.13 32.18
CA PHE C 32 -67.38 51.08 33.09
C PHE C 32 -66.16 51.79 32.51
N ARG C 33 -65.35 52.36 33.39
CA ARG C 33 -64.14 53.06 32.99
C ARG C 33 -63.02 52.75 33.96
N LEU C 34 -61.83 52.53 33.42
CA LEU C 34 -60.71 52.07 34.22
C LEU C 34 -60.13 53.20 35.07
N THR C 35 -59.53 52.81 36.19
CA THR C 35 -59.03 53.75 37.19
C THR C 35 -57.57 53.42 37.47
N PRO C 36 -56.69 53.90 36.59
CA PRO C 36 -55.26 53.60 36.65
C PRO C 36 -54.60 54.09 37.93
N HIS C 37 -53.64 53.31 38.41
CA HIS C 37 -52.77 53.76 39.48
C HIS C 37 -51.36 53.82 38.92
N ILE C 38 -51.07 54.92 38.24
CA ILE C 38 -49.83 55.07 37.49
C ILE C 38 -48.63 55.36 38.37
N ASP C 39 -47.54 54.64 38.11
CA ASP C 39 -46.30 54.80 38.84
C ASP C 39 -45.11 54.70 37.90
N ASN C 40 -44.08 55.49 38.17
CA ASN C 40 -42.86 55.46 37.37
C ASN C 40 -41.65 55.14 38.21
N LEU C 41 -41.35 53.85 38.32
CA LEU C 41 -40.27 53.38 39.19
C LEU C 41 -39.32 52.50 38.40
N GLU C 42 -38.09 52.37 38.88
CA GLU C 42 -37.11 51.54 38.20
C GLU C 42 -37.59 50.10 38.17
N VAL C 43 -37.49 49.48 37.00
CA VAL C 43 -37.97 48.12 36.85
C VAL C 43 -36.98 47.14 37.46
N ALA C 44 -35.71 47.54 37.55
CA ALA C 44 -34.67 46.69 38.08
C ALA C 44 -34.81 46.44 39.59
N ASN C 45 -35.38 47.42 40.29
CA ASN C 45 -35.42 47.36 41.75
C ASN C 45 -36.63 46.59 42.26
N SER C 46 -36.42 45.31 42.54
CA SER C 46 -37.50 44.43 42.95
C SER C 46 -38.14 44.91 44.23
N PHE C 47 -37.34 45.56 45.08
CA PHE C 47 -37.85 46.10 46.33
C PHE C 47 -38.92 47.15 46.09
N ALA C 48 -38.61 48.12 45.24
CA ALA C 48 -39.55 49.18 44.92
C ALA C 48 -40.75 48.60 44.21
N VAL C 49 -40.51 47.57 43.43
CA VAL C 49 -41.56 46.88 42.69
C VAL C 49 -42.57 46.33 43.67
N THR C 50 -42.06 45.63 44.67
CA THR C 50 -42.90 45.05 45.70
C THR C 50 -43.60 46.15 46.48
N ASN C 51 -42.92 47.28 46.61
CA ASN C 51 -43.49 48.38 47.37
C ASN C 51 -44.74 48.91 46.72
N ALA C 52 -44.62 49.27 45.44
CA ALA C 52 -45.77 49.78 44.71
C ALA C 52 -46.81 48.70 44.54
N PHE C 53 -46.36 47.46 44.44
CA PHE C 53 -47.26 46.35 44.21
C PHE C 53 -48.16 46.14 45.41
N CYS C 54 -47.57 46.09 46.58
CA CYS C 54 -48.34 45.98 47.81
C CYS C 54 -49.12 47.25 48.06
N SER C 55 -48.64 48.36 47.51
CA SER C 55 -49.34 49.63 47.68
C SER C 55 -50.67 49.59 46.95
N GLN C 56 -50.63 49.14 45.69
CA GLN C 56 -51.86 48.96 44.93
C GLN C 56 -52.68 47.82 45.49
N PHE C 57 -51.98 46.87 46.11
CA PHE C 57 -52.64 45.74 46.75
C PHE C 57 -53.48 46.25 47.90
N SER C 58 -53.00 47.33 48.52
CA SER C 58 -53.77 47.99 49.57
C SER C 58 -55.01 48.63 48.96
N ARG C 59 -54.90 49.07 47.72
CA ARG C 59 -56.04 49.59 47.00
C ARG C 59 -56.97 48.43 46.66
N GLY C 60 -56.40 47.23 46.62
CA GLY C 60 -57.18 46.05 46.30
C GLY C 60 -57.63 46.07 44.86
N VAL C 61 -56.79 46.66 44.00
CA VAL C 61 -57.14 46.80 42.60
C VAL C 61 -57.37 45.44 41.94
N TYR C 62 -58.38 45.39 41.09
CA TYR C 62 -58.86 44.11 40.58
C TYR C 62 -57.98 43.64 39.42
N ALA C 63 -57.08 44.50 38.99
CA ALA C 63 -56.11 44.16 37.96
C ALA C 63 -54.90 45.07 38.04
N ILE C 64 -53.77 44.61 37.51
CA ILE C 64 -52.53 45.37 37.58
C ILE C 64 -51.82 45.31 36.23
N PHE C 65 -51.13 46.39 35.87
CA PHE C 65 -50.43 46.42 34.61
C PHE C 65 -49.07 47.09 34.73
N GLY C 66 -48.12 46.62 33.93
CA GLY C 66 -46.77 47.15 33.94
C GLY C 66 -45.80 46.18 33.28
N PHE C 67 -44.53 46.56 33.26
CA PHE C 67 -43.49 45.68 32.70
C PHE C 67 -42.81 44.89 33.79
N TYR C 68 -41.78 44.15 33.41
CA TYR C 68 -40.90 43.53 34.40
C TYR C 68 -39.52 43.22 33.84
N ASP C 69 -38.52 43.38 34.70
CA ASP C 69 -37.15 42.99 34.41
C ASP C 69 -37.02 41.49 34.49
N LYS C 70 -36.01 40.96 33.81
CA LYS C 70 -35.62 39.58 33.99
C LYS C 70 -35.29 39.36 35.45
N LYS C 71 -34.73 40.38 36.09
CA LYS C 71 -34.48 40.30 37.51
C LYS C 71 -35.77 40.32 38.31
N SER C 72 -36.82 40.90 37.74
CA SER C 72 -38.05 41.08 38.49
C SER C 72 -39.16 40.13 38.10
N VAL C 73 -38.93 39.32 37.08
CA VAL C 73 -40.00 38.45 36.59
C VAL C 73 -40.43 37.49 37.67
N ASN C 74 -39.47 37.01 38.44
CA ASN C 74 -39.72 36.06 39.49
C ASN C 74 -40.57 36.69 40.57
N THR C 75 -40.41 38.00 40.74
CA THR C 75 -41.17 38.72 41.74
C THR C 75 -42.65 38.68 41.40
N ILE C 76 -42.98 39.24 40.24
CA ILE C 76 -44.38 39.38 39.85
C ILE C 76 -45.02 38.01 39.68
N THR C 77 -44.24 37.05 39.19
CA THR C 77 -44.78 35.70 39.05
C THR C 77 -45.08 35.12 40.42
N SER C 78 -44.18 35.36 41.37
CA SER C 78 -44.35 34.81 42.70
C SER C 78 -45.57 35.43 43.37
N PHE C 79 -45.82 36.71 43.09
CA PHE C 79 -46.97 37.37 43.70
C PHE C 79 -48.31 37.01 43.07
N CYS C 80 -48.39 37.08 41.75
CA CYS C 80 -49.65 36.75 41.10
C CYS C 80 -49.97 35.28 41.34
N GLY C 81 -48.92 34.47 41.42
CA GLY C 81 -49.10 33.07 41.72
C GLY C 81 -49.57 32.88 43.14
N THR C 82 -49.05 33.69 44.07
CA THR C 82 -49.45 33.57 45.46
C THR C 82 -50.77 34.25 45.73
N LEU C 83 -50.90 35.49 45.28
CA LEU C 83 -52.05 36.30 45.64
C LEU C 83 -53.26 36.02 44.76
N HIS C 84 -53.05 35.21 43.72
CA HIS C 84 -54.11 34.90 42.77
C HIS C 84 -54.70 36.17 42.19
N VAL C 85 -53.81 37.13 41.91
CA VAL C 85 -54.23 38.38 41.32
C VAL C 85 -53.80 38.46 39.86
N SER C 86 -54.74 38.83 39.00
CA SER C 86 -54.46 38.95 37.57
C SER C 86 -53.52 40.09 37.24
N PHE C 87 -52.72 39.90 36.20
CA PHE C 87 -51.76 40.91 35.77
C PHE C 87 -51.49 40.79 34.27
N ILE C 88 -51.13 41.91 33.65
CA ILE C 88 -50.87 41.93 32.21
C ILE C 88 -49.53 42.60 31.93
N THR C 89 -48.76 42.02 31.04
CA THR C 89 -47.49 42.61 30.67
C THR C 89 -47.18 42.54 29.18
N PRO C 90 -46.46 43.54 28.68
CA PRO C 90 -45.86 43.49 27.35
C PRO C 90 -44.39 43.09 27.41
N SER C 91 -43.93 42.60 28.55
CA SER C 91 -42.54 42.17 28.70
C SER C 91 -42.35 40.78 28.13
N PHE C 92 -41.10 40.37 27.96
CA PHE C 92 -40.81 39.08 27.32
C PHE C 92 -41.33 37.92 28.17
N PRO C 93 -41.92 36.93 27.51
CA PRO C 93 -42.65 35.81 28.12
C PRO C 93 -41.81 34.95 29.04
N THR C 94 -42.45 34.45 30.10
CA THR C 94 -41.84 33.53 31.05
C THR C 94 -41.59 32.19 30.39
N ASP C 95 -40.59 31.47 30.89
CA ASP C 95 -40.29 30.14 30.37
C ASP C 95 -41.23 29.08 30.93
N GLY C 96 -41.97 29.43 31.98
CA GLY C 96 -42.84 28.47 32.63
C GLY C 96 -44.31 28.86 32.59
N THR C 97 -45.18 27.91 32.87
CA THR C 97 -46.62 28.13 32.82
C THR C 97 -47.12 28.75 34.12
N HIS C 98 -47.09 30.07 34.19
CA HIS C 98 -47.44 30.78 35.41
C HIS C 98 -48.86 31.31 35.40
N PRO C 99 -49.66 30.86 36.39
CA PRO C 99 -51.05 31.28 36.59
C PRO C 99 -51.17 32.77 36.89
N PHE C 100 -52.27 33.38 36.46
CA PHE C 100 -52.52 34.80 36.67
C PHE C 100 -51.46 35.64 35.99
N VAL C 101 -51.05 35.21 34.80
CA VAL C 101 -50.07 35.94 34.03
C VAL C 101 -50.52 36.13 32.58
N ILE C 102 -50.75 37.38 32.21
CA ILE C 102 -51.07 37.73 30.84
C ILE C 102 -49.86 38.39 30.20
N GLN C 103 -49.63 38.09 28.92
CA GLN C 103 -48.43 38.58 28.25
C GLN C 103 -48.65 38.87 26.76
N MET C 104 -48.34 40.10 26.37
CA MET C 104 -48.65 40.58 25.02
C MET C 104 -47.62 40.19 23.97
N ARG C 105 -46.50 39.63 24.38
CA ARG C 105 -45.48 39.21 23.42
C ARG C 105 -45.67 37.76 23.03
N PRO C 106 -45.95 37.53 21.75
CA PRO C 106 -45.91 36.18 21.18
C PRO C 106 -44.51 35.65 21.26
N ASP C 107 -44.35 34.35 21.49
CA ASP C 107 -43.01 33.78 21.51
C ASP C 107 -42.40 33.91 20.12
N LEU C 108 -41.13 34.30 20.07
CA LEU C 108 -40.50 34.61 18.79
C LEU C 108 -39.53 33.53 18.33
N LYS C 109 -39.16 32.65 19.24
CA LYS C 109 -38.08 31.71 18.98
C LYS C 109 -38.35 30.73 17.84
N GLY C 110 -39.59 30.29 17.70
CA GLY C 110 -39.89 29.28 16.68
C GLY C 110 -39.80 29.88 15.30
N ALA C 111 -40.25 31.13 15.19
CA ALA C 111 -40.14 31.85 13.95
C ALA C 111 -38.68 32.10 13.65
N LEU C 112 -37.88 32.24 14.70
CA LEU C 112 -36.48 32.53 14.52
C LEU C 112 -35.77 31.32 13.96
N LEU C 113 -36.04 30.17 14.57
CA LEU C 113 -35.44 28.93 14.12
C LEU C 113 -35.90 28.63 12.70
N SER C 114 -37.15 28.99 12.42
CA SER C 114 -37.70 28.80 11.10
C SER C 114 -36.93 29.62 10.09
N LEU C 115 -36.65 30.87 10.47
CA LEU C 115 -35.94 31.78 9.61
C LEU C 115 -34.54 31.26 9.37
N ILE C 116 -34.00 30.61 10.39
CA ILE C 116 -32.68 30.03 10.28
C ILE C 116 -32.71 28.94 9.23
N GLU C 117 -33.74 28.11 9.31
CA GLU C 117 -33.87 27.00 8.42
C GLU C 117 -34.06 27.47 7.00
N TYR C 118 -34.69 28.63 6.84
CA TYR C 118 -34.94 29.16 5.51
C TYR C 118 -33.65 29.51 4.77
N TYR C 119 -32.68 30.01 5.50
CA TYR C 119 -31.39 30.34 4.90
C TYR C 119 -30.48 29.14 4.89
N GLN C 120 -30.91 28.08 5.56
CA GLN C 120 -30.15 26.85 5.65
C GLN C 120 -28.72 27.13 6.11
N TRP C 121 -28.59 27.97 7.13
CA TRP C 121 -27.30 28.22 7.73
C TRP C 121 -26.81 27.08 8.59
N ASP C 122 -25.49 26.99 8.71
CA ASP C 122 -24.85 25.93 9.48
C ASP C 122 -23.97 26.52 10.57
N LYS C 123 -23.48 27.72 10.34
CA LYS C 123 -22.57 28.37 11.29
C LYS C 123 -22.83 29.87 11.38
N PHE C 124 -22.82 30.39 12.59
CA PHE C 124 -23.05 31.82 12.79
C PHE C 124 -22.70 32.34 14.18
N ALA C 125 -22.41 33.62 14.24
CA ALA C 125 -22.27 34.35 15.49
C ALA C 125 -23.63 34.68 16.07
N TYR C 126 -23.69 34.84 17.39
CA TYR C 126 -24.93 35.16 18.07
C TYR C 126 -24.70 36.09 19.24
N LEU C 127 -24.73 37.39 18.96
CA LEU C 127 -24.61 38.37 20.03
C LEU C 127 -25.90 38.44 20.84
N TYR C 128 -25.76 38.63 22.15
CA TYR C 128 -26.94 38.72 22.99
C TYR C 128 -26.75 39.58 24.22
N ASP C 129 -27.78 40.36 24.54
CA ASP C 129 -27.91 40.97 25.85
C ASP C 129 -28.43 39.94 26.83
N SER C 130 -28.09 40.12 28.11
CA SER C 130 -28.59 39.23 29.15
C SER C 130 -29.99 39.62 29.62
N ASP C 131 -30.46 40.79 29.21
CA ASP C 131 -31.69 41.35 29.76
C ASP C 131 -32.96 40.61 29.36
N ARG C 132 -33.11 40.29 28.07
CA ARG C 132 -34.35 39.66 27.64
C ARG C 132 -34.33 38.18 27.96
N GLY C 133 -33.21 37.71 28.49
CA GLY C 133 -33.11 36.33 28.92
C GLY C 133 -32.41 35.47 27.91
N LEU C 134 -31.98 34.31 28.38
CA LEU C 134 -31.11 33.46 27.58
C LEU C 134 -31.93 32.36 26.89
N SER C 135 -33.25 32.48 26.96
CA SER C 135 -34.13 31.45 26.43
C SER C 135 -33.89 31.21 24.96
N THR C 136 -33.68 32.29 24.22
CA THR C 136 -33.40 32.17 22.80
C THR C 136 -32.06 31.49 22.59
N LEU C 137 -31.14 31.74 23.51
CA LEU C 137 -29.85 31.09 23.43
C LEU C 137 -29.96 29.60 23.65
N GLN C 138 -30.76 29.22 24.64
CA GLN C 138 -30.96 27.83 24.95
C GLN C 138 -31.60 27.15 23.76
N ALA C 139 -32.49 27.89 23.11
CA ALA C 139 -33.22 27.38 21.96
C ALA C 139 -32.29 27.13 20.80
N VAL C 140 -31.53 28.16 20.44
CA VAL C 140 -30.69 28.06 19.26
C VAL C 140 -29.63 27.01 19.49
N LEU C 141 -29.20 26.84 20.74
CA LEU C 141 -28.27 25.76 21.03
C LEU C 141 -28.94 24.41 20.88
N ASP C 142 -30.20 24.33 21.26
CA ASP C 142 -30.90 23.06 21.18
C ASP C 142 -31.04 22.64 19.75
N SER C 143 -31.38 23.60 18.89
CA SER C 143 -31.45 23.32 17.46
C SER C 143 -30.07 23.02 16.92
N ALA C 144 -29.06 23.66 17.51
CA ALA C 144 -27.69 23.49 17.06
C ALA C 144 -27.21 22.07 17.27
N ALA C 145 -27.68 21.45 18.34
CA ALA C 145 -27.29 20.08 18.61
C ALA C 145 -27.93 19.16 17.58
N GLU C 146 -29.22 19.33 17.36
CA GLU C 146 -29.96 18.44 16.48
C GLU C 146 -29.66 18.69 15.01
N LYS C 147 -29.65 19.95 14.61
CA LYS C 147 -29.46 20.29 13.21
C LYS C 147 -27.99 20.24 12.85
N LYS C 148 -27.17 20.06 13.88
CA LYS C 148 -25.71 20.06 13.72
C LYS C 148 -25.24 21.40 13.19
N TRP C 149 -24.98 22.32 14.12
CA TRP C 149 -24.60 23.68 13.81
C TRP C 149 -23.29 24.08 14.47
N GLN C 150 -22.91 25.34 14.32
CA GLN C 150 -21.67 25.83 14.87
C GLN C 150 -21.87 27.21 15.48
N VAL C 151 -22.53 27.25 16.63
CA VAL C 151 -22.86 28.50 17.30
C VAL C 151 -21.63 29.24 17.79
N THR C 152 -21.66 30.57 17.70
CA THR C 152 -20.66 31.40 18.37
C THR C 152 -21.36 32.53 19.12
N ALA C 153 -22.00 32.19 20.23
CA ALA C 153 -22.69 33.16 21.07
C ALA C 153 -21.73 34.03 21.88
N ILE C 154 -22.09 35.29 22.08
CA ILE C 154 -21.31 36.19 22.93
C ILE C 154 -22.20 37.18 23.70
N ASN C 155 -21.89 37.38 24.97
CA ASN C 155 -22.64 38.29 25.82
C ASN C 155 -22.13 39.71 25.72
N VAL C 156 -22.62 40.44 24.72
CA VAL C 156 -22.24 41.83 24.52
C VAL C 156 -22.77 42.75 25.62
N GLY C 157 -23.85 42.35 26.28
CA GLY C 157 -24.62 43.28 27.08
C GLY C 157 -24.04 43.72 28.40
N ASN C 158 -23.02 43.01 28.87
CA ASN C 158 -22.42 43.35 30.16
C ASN C 158 -21.40 44.47 30.05
N ILE C 159 -21.08 44.84 28.82
CA ILE C 159 -20.04 45.85 28.57
C ILE C 159 -20.43 47.22 29.13
N ASN C 160 -19.48 47.87 29.80
CA ASN C 160 -19.68 49.22 30.30
C ASN C 160 -19.81 50.23 29.16
N ASN C 161 -20.69 51.22 29.36
CA ASN C 161 -20.96 52.20 28.32
C ASN C 161 -19.89 53.28 28.22
N ASP C 162 -19.01 53.33 29.21
CA ASP C 162 -18.00 54.38 29.27
C ASP C 162 -16.91 54.22 28.22
N LYS C 163 -16.36 53.02 28.14
CA LYS C 163 -15.32 52.72 27.16
C LYS C 163 -15.96 51.98 25.99
N LYS C 164 -17.28 52.14 25.88
CA LYS C 164 -18.07 51.44 24.89
C LYS C 164 -17.66 51.82 23.48
N ASP C 165 -16.59 51.19 23.01
CA ASP C 165 -16.13 51.35 21.63
C ASP C 165 -15.00 50.36 21.40
N GLU C 166 -14.07 50.36 22.35
CA GLU C 166 -12.87 49.54 22.27
C GLU C 166 -13.24 48.07 22.27
N THR C 167 -14.30 47.74 23.02
CA THR C 167 -14.71 46.36 23.16
C THR C 167 -15.19 45.82 21.82
N TYR C 168 -15.85 46.68 21.06
CA TYR C 168 -16.32 46.31 19.75
C TYR C 168 -15.16 46.02 18.84
N ARG C 169 -14.08 46.76 19.04
CA ARG C 169 -12.92 46.61 18.19
C ARG C 169 -12.33 45.24 18.41
N SER C 170 -12.22 44.83 19.66
CA SER C 170 -11.76 43.49 19.99
C SER C 170 -12.78 42.45 19.53
N LEU C 171 -14.04 42.85 19.50
CA LEU C 171 -15.13 41.92 19.28
C LEU C 171 -15.18 41.33 17.88
N PHE C 172 -15.16 42.18 16.87
CA PHE C 172 -15.27 41.70 15.50
C PHE C 172 -14.01 41.00 15.05
N GLN C 173 -12.90 41.33 15.69
CA GLN C 173 -11.65 40.64 15.44
C GLN C 173 -11.80 39.19 15.85
N ASP C 174 -12.58 38.97 16.91
CA ASP C 174 -12.85 37.63 17.39
C ASP C 174 -13.64 36.85 16.36
N LEU C 175 -14.51 37.57 15.66
CA LEU C 175 -15.32 36.99 14.61
C LEU C 175 -14.44 36.55 13.44
N GLU C 176 -13.36 37.28 13.23
CA GLU C 176 -12.50 37.07 12.09
C GLU C 176 -11.63 35.85 12.27
N LEU C 177 -11.59 35.34 13.49
CA LEU C 177 -10.86 34.12 13.77
C LEU C 177 -11.47 32.97 12.99
N LYS C 178 -12.77 33.04 12.77
CA LYS C 178 -13.46 32.13 11.86
C LYS C 178 -13.95 32.89 10.65
N LYS C 179 -13.78 34.21 10.69
CA LYS C 179 -14.26 35.10 9.65
C LYS C 179 -15.74 34.86 9.39
N GLU C 180 -16.54 35.09 10.41
CA GLU C 180 -17.99 34.93 10.31
C GLU C 180 -18.58 35.86 9.28
N ARG C 181 -19.53 35.35 8.52
CA ARG C 181 -20.27 36.15 7.56
C ARG C 181 -21.75 36.15 7.90
N ARG C 182 -22.08 35.59 9.05
CA ARG C 182 -23.47 35.38 9.42
C ARG C 182 -23.66 35.64 10.90
N VAL C 183 -24.46 36.65 11.22
CA VAL C 183 -24.57 37.11 12.61
C VAL C 183 -26.00 37.39 13.03
N ILE C 184 -26.39 36.78 14.16
CA ILE C 184 -27.68 37.09 14.77
C ILE C 184 -27.49 38.07 15.91
N LEU C 185 -28.29 39.14 15.91
CA LEU C 185 -28.28 40.07 17.01
C LEU C 185 -29.48 39.87 17.90
N ASP C 186 -29.28 39.90 19.21
CA ASP C 186 -30.38 39.79 20.16
C ASP C 186 -30.23 40.83 21.25
N CYS C 187 -30.66 42.06 20.97
CA CYS C 187 -30.55 43.14 21.93
C CYS C 187 -31.71 44.13 21.82
N GLU C 188 -31.84 44.98 22.83
CA GLU C 188 -32.83 46.05 22.80
C GLU C 188 -32.45 47.14 21.82
N ARG C 189 -33.46 47.86 21.35
CA ARG C 189 -33.34 48.72 20.18
C ARG C 189 -32.17 49.70 20.22
N ASP C 190 -31.92 50.30 21.38
CA ASP C 190 -30.87 51.30 21.48
C ASP C 190 -29.50 50.65 21.33
N LYS C 191 -29.33 49.52 22.02
CA LYS C 191 -28.10 48.77 21.92
C LYS C 191 -27.90 48.33 20.49
N VAL C 192 -29.01 48.03 19.84
CA VAL C 192 -28.98 47.59 18.46
C VAL C 192 -28.38 48.67 17.58
N ASN C 193 -28.93 49.87 17.69
CA ASN C 193 -28.48 50.97 16.87
C ASN C 193 -27.03 51.33 17.16
N ASP C 194 -26.63 51.19 18.42
CA ASP C 194 -25.24 51.50 18.77
C ASP C 194 -24.31 50.52 18.09
N ILE C 195 -24.68 49.25 18.17
CA ILE C 195 -23.86 48.20 17.58
C ILE C 195 -23.78 48.37 16.07
N VAL C 196 -24.89 48.78 15.47
CA VAL C 196 -24.89 49.00 14.03
C VAL C 196 -23.97 50.16 13.71
N ASP C 197 -23.92 51.13 14.60
CA ASP C 197 -23.02 52.27 14.39
C ASP C 197 -21.58 51.81 14.42
N GLN C 198 -21.28 50.87 15.32
CA GLN C 198 -19.95 50.31 15.35
C GLN C 198 -19.66 49.54 14.08
N VAL C 199 -20.68 48.91 13.52
CA VAL C 199 -20.52 48.22 12.25
C VAL C 199 -20.19 49.21 11.15
N ILE C 200 -20.76 50.40 11.24
CA ILE C 200 -20.49 51.45 10.27
C ILE C 200 -19.06 51.90 10.39
N THR C 201 -18.58 51.99 11.64
CA THR C 201 -17.22 52.45 11.89
C THR C 201 -16.20 51.45 11.37
N ILE C 202 -16.39 50.18 11.71
CA ILE C 202 -15.50 49.13 11.25
C ILE C 202 -15.72 48.90 9.76
N GLY C 203 -16.87 49.34 9.27
CA GLY C 203 -17.17 49.25 7.86
C GLY C 203 -17.62 47.87 7.40
N LYS C 204 -17.89 46.99 8.34
CA LYS C 204 -18.38 45.66 7.99
C LYS C 204 -19.88 45.67 7.69
N HIS C 205 -20.33 46.69 6.98
CA HIS C 205 -21.68 46.74 6.45
C HIS C 205 -21.64 46.47 4.95
N VAL C 206 -20.46 46.08 4.47
CA VAL C 206 -20.25 45.77 3.07
C VAL C 206 -20.96 44.47 2.67
N LYS C 207 -21.23 44.36 1.37
CA LYS C 207 -21.99 43.22 0.84
C LYS C 207 -21.32 41.87 1.12
N GLY C 208 -22.14 40.85 1.31
CA GLY C 208 -21.70 39.51 1.62
C GLY C 208 -21.88 39.19 3.09
N TYR C 209 -22.03 40.22 3.91
CA TYR C 209 -22.51 40.02 5.27
C TYR C 209 -24.01 39.82 5.26
N HIS C 210 -24.51 39.10 6.26
CA HIS C 210 -25.94 38.94 6.40
C HIS C 210 -26.29 39.18 7.85
N TYR C 211 -27.50 39.68 8.09
CA TYR C 211 -27.86 40.04 9.45
C TYR C 211 -29.29 39.70 9.83
N ILE C 212 -29.47 39.47 11.13
CA ILE C 212 -30.76 39.11 11.67
C ILE C 212 -31.04 39.91 12.94
N ILE C 213 -32.12 40.68 12.93
CA ILE C 213 -32.51 41.44 14.11
C ILE C 213 -33.64 40.74 14.84
N ALA C 214 -33.31 40.17 15.99
CA ALA C 214 -34.29 39.39 16.75
C ALA C 214 -35.14 40.29 17.63
N ASN C 215 -36.21 40.82 17.07
CA ASN C 215 -37.15 41.62 17.84
C ASN C 215 -38.50 41.68 17.15
N LEU C 216 -39.53 41.98 17.93
CA LEU C 216 -40.86 42.10 17.36
C LEU C 216 -40.96 43.31 16.43
N GLY C 217 -40.13 44.32 16.68
CA GLY C 217 -40.20 45.56 15.93
C GLY C 217 -38.98 45.84 15.08
N PHE C 218 -38.90 45.15 13.95
CA PHE C 218 -37.76 45.29 13.04
C PHE C 218 -37.66 46.67 12.42
N THR C 219 -38.81 47.32 12.25
CA THR C 219 -38.84 48.64 11.62
C THR C 219 -38.49 49.75 12.60
N ASP C 220 -38.50 49.45 13.89
CA ASP C 220 -38.23 50.45 14.91
C ASP C 220 -36.82 51.00 14.84
N GLY C 221 -35.88 50.18 14.35
CA GLY C 221 -34.50 50.60 14.30
C GLY C 221 -34.26 51.61 13.20
N ASP C 222 -33.13 52.33 13.30
CA ASP C 222 -32.73 53.27 12.25
C ASP C 222 -31.95 52.55 11.17
N LEU C 223 -32.66 51.93 10.23
CA LEU C 223 -32.03 51.10 9.22
C LEU C 223 -31.44 51.91 8.07
N LEU C 224 -31.74 53.20 8.04
CA LEU C 224 -31.29 54.06 6.96
C LEU C 224 -29.78 54.16 6.92
N LYS C 225 -29.15 54.03 8.08
CA LYS C 225 -27.71 54.22 8.18
C LYS C 225 -26.91 53.15 7.45
N ILE C 226 -27.50 51.98 7.23
CA ILE C 226 -26.80 50.91 6.52
C ILE C 226 -27.63 50.31 5.41
N GLN C 227 -28.62 51.04 4.94
CA GLN C 227 -29.49 50.54 3.87
C GLN C 227 -28.71 50.24 2.60
N PHE C 228 -27.64 51.01 2.37
CA PHE C 228 -26.92 50.94 1.10
C PHE C 228 -25.51 50.37 1.22
N GLY C 229 -25.21 49.75 2.35
CA GLY C 229 -23.90 49.17 2.53
C GLY C 229 -23.76 47.86 1.77
N GLY C 230 -24.90 47.31 1.36
CA GLY C 230 -24.92 46.13 0.53
C GLY C 230 -25.05 44.83 1.31
N ALA C 231 -24.68 44.86 2.59
CA ALA C 231 -24.88 43.70 3.43
C ALA C 231 -26.37 43.45 3.61
N GLU C 232 -26.80 42.20 3.48
CA GLU C 232 -28.21 41.87 3.64
C GLU C 232 -28.66 41.93 5.10
N VAL C 233 -29.89 42.38 5.30
CA VAL C 233 -30.47 42.52 6.63
C VAL C 233 -31.94 42.13 6.58
N SER C 234 -32.41 41.45 7.61
CA SER C 234 -33.83 41.08 7.70
C SER C 234 -34.24 40.83 9.13
N GLY C 235 -35.52 41.01 9.41
CA GLY C 235 -36.05 40.78 10.74
C GLY C 235 -37.56 40.58 10.80
N PHE C 236 -38.00 40.06 11.95
CA PHE C 236 -39.40 39.78 12.18
C PHE C 236 -40.18 41.04 12.50
N GLN C 237 -41.46 41.04 12.16
CA GLN C 237 -42.31 42.18 12.47
C GLN C 237 -43.72 41.77 12.82
N ILE C 238 -44.14 42.16 14.02
CA ILE C 238 -45.48 41.89 14.52
C ILE C 238 -46.46 43.00 14.13
N VAL C 239 -45.93 44.10 13.61
CA VAL C 239 -46.78 45.24 13.30
C VAL C 239 -46.77 45.59 11.82
N ASP C 240 -47.88 45.32 11.14
CA ASP C 240 -48.01 45.70 9.75
C ASP C 240 -48.58 47.10 9.61
N TYR C 241 -47.73 48.04 9.24
CA TYR C 241 -48.17 49.42 9.02
C TYR C 241 -49.16 49.50 7.86
N ASP C 242 -49.08 48.54 6.95
CA ASP C 242 -49.94 48.55 5.78
C ASP C 242 -51.41 48.26 6.11
N ASP C 243 -51.66 47.63 7.25
CA ASP C 243 -53.02 47.33 7.66
C ASP C 243 -53.85 48.59 7.82
N SER C 244 -55.07 48.55 7.30
CA SER C 244 -55.92 49.73 7.29
C SER C 244 -56.26 50.19 8.71
N LEU C 245 -56.41 49.24 9.61
CA LEU C 245 -56.69 49.56 11.00
C LEU C 245 -55.50 50.29 11.59
N VAL C 246 -54.32 49.82 11.22
CA VAL C 246 -53.08 50.42 11.69
C VAL C 246 -52.94 51.81 11.14
N SER C 247 -53.30 51.98 9.87
CA SER C 247 -53.21 53.28 9.23
C SER C 247 -54.17 54.24 9.90
N LYS C 248 -55.32 53.72 10.30
CA LYS C 248 -56.31 54.51 11.00
C LYS C 248 -55.80 54.90 12.37
N PHE C 249 -54.93 54.07 12.93
CA PHE C 249 -54.32 54.43 14.20
C PHE C 249 -53.32 55.55 13.98
N ILE C 250 -52.47 55.37 12.97
CA ILE C 250 -51.35 56.28 12.73
C ILE C 250 -51.82 57.67 12.34
N GLU C 251 -52.94 57.72 11.62
CA GLU C 251 -53.42 58.98 11.07
C GLU C 251 -53.79 59.95 12.18
N ARG C 252 -54.24 59.41 13.31
CA ARG C 252 -54.49 60.23 14.49
C ARG C 252 -53.22 60.31 15.31
N TRP C 253 -52.43 59.25 15.26
CA TRP C 253 -51.21 59.13 16.04
C TRP C 253 -50.20 60.22 15.69
N SER C 254 -49.94 60.39 14.41
CA SER C 254 -48.95 61.37 13.97
C SER C 254 -49.39 62.78 14.31
N THR C 255 -50.70 63.02 14.22
CA THR C 255 -51.24 64.35 14.39
C THR C 255 -51.10 64.91 15.81
N LEU C 256 -51.08 64.02 16.79
CA LEU C 256 -51.12 64.45 18.18
C LEU C 256 -49.89 65.25 18.57
N GLU C 257 -50.09 66.27 19.39
CA GLU C 257 -48.99 67.08 19.90
C GLU C 257 -48.12 66.23 20.77
N GLU C 258 -46.81 66.34 20.59
CA GLU C 258 -45.88 65.54 21.37
C GLU C 258 -45.73 66.18 22.74
N LYS C 259 -46.17 67.42 22.86
CA LYS C 259 -46.06 68.15 24.12
C LYS C 259 -46.87 67.51 25.24
N GLU C 260 -48.01 66.93 24.89
CA GLU C 260 -48.82 66.24 25.88
C GLU C 260 -48.62 64.74 25.75
N TYR C 261 -48.19 64.31 24.57
CA TYR C 261 -48.00 62.90 24.28
C TYR C 261 -46.64 62.65 23.68
N PRO C 262 -45.60 62.66 24.51
CA PRO C 262 -44.25 62.46 23.98
C PRO C 262 -44.10 61.11 23.29
N GLY C 263 -43.37 61.08 22.18
CA GLY C 263 -43.14 59.86 21.44
C GLY C 263 -44.31 59.51 20.53
N ALA C 264 -45.35 60.32 20.54
CA ALA C 264 -46.54 60.03 19.75
C ALA C 264 -46.55 60.73 18.39
N HIS C 265 -45.94 61.91 18.33
CA HIS C 265 -46.04 62.74 17.15
C HIS C 265 -45.05 62.29 16.09
N THR C 266 -45.26 61.08 15.59
CA THR C 266 -44.36 60.47 14.62
C THR C 266 -45.10 59.55 13.67
N ALA C 267 -44.48 59.21 12.56
CA ALA C 267 -45.03 58.24 11.64
C ALA C 267 -44.75 56.83 12.11
N THR C 268 -43.89 56.72 13.12
CA THR C 268 -43.47 55.41 13.62
C THR C 268 -43.97 55.18 15.04
N ILE C 269 -43.84 53.95 15.52
CA ILE C 269 -44.24 53.62 16.88
C ILE C 269 -43.56 52.35 17.38
N LYS C 270 -43.19 52.34 18.66
CA LYS C 270 -42.67 51.13 19.29
C LYS C 270 -43.76 50.07 19.32
N TYR C 271 -43.36 48.84 19.03
CA TYR C 271 -44.32 47.74 19.03
C TYR C 271 -44.87 47.51 20.43
N THR C 272 -44.07 47.88 21.42
CA THR C 272 -44.46 47.74 22.80
C THR C 272 -45.69 48.58 23.10
N SER C 273 -45.70 49.79 22.57
CA SER C 273 -46.83 50.67 22.77
C SER C 273 -48.07 50.10 22.12
N ALA C 274 -47.87 49.44 20.98
CA ALA C 274 -48.98 48.80 20.30
C ALA C 274 -49.52 47.66 21.15
N LEU C 275 -48.62 46.97 21.84
CA LEU C 275 -49.02 45.91 22.73
C LEU C 275 -49.82 46.49 23.87
N THR C 276 -49.47 47.71 24.26
CA THR C 276 -50.18 48.38 25.34
C THR C 276 -51.60 48.71 24.92
N TYR C 277 -51.72 49.30 23.72
CA TYR C 277 -53.02 49.69 23.21
C TYR C 277 -53.89 48.46 23.04
N ASP C 278 -53.25 47.34 22.69
CA ASP C 278 -53.98 46.10 22.55
C ASP C 278 -54.45 45.61 23.91
N ALA C 279 -53.58 45.72 24.90
CA ALA C 279 -53.89 45.23 26.23
C ALA C 279 -55.06 45.98 26.81
N VAL C 280 -55.16 47.26 26.48
CA VAL C 280 -56.28 48.06 26.95
C VAL C 280 -57.59 47.52 26.41
N GLN C 281 -57.59 47.19 25.12
CA GLN C 281 -58.75 46.63 24.47
C GLN C 281 -59.12 45.30 25.09
N VAL C 282 -58.10 44.53 25.43
CA VAL C 282 -58.32 43.20 25.98
C VAL C 282 -58.96 43.26 27.35
N MET C 283 -58.40 44.09 28.21
CA MET C 283 -58.92 44.22 29.57
C MET C 283 -60.32 44.78 29.54
N THR C 284 -60.51 45.81 28.72
CA THR C 284 -61.80 46.47 28.66
C THR C 284 -62.86 45.50 28.18
N GLU C 285 -62.51 44.68 27.19
CA GLU C 285 -63.43 43.67 26.72
C GLU C 285 -63.69 42.61 27.78
N ALA C 286 -62.69 42.34 28.61
CA ALA C 286 -62.87 41.36 29.67
C ALA C 286 -63.94 41.84 30.63
N PHE C 287 -63.79 43.07 31.10
CA PHE C 287 -64.77 43.62 32.03
C PHE C 287 -66.11 43.84 31.35
N ARG C 288 -66.08 43.96 30.02
CA ARG C 288 -67.31 43.99 29.24
C ARG C 288 -68.04 42.67 29.40
N ASN C 289 -67.30 41.58 29.21
CA ASN C 289 -67.87 40.24 29.33
C ASN C 289 -68.34 39.92 30.73
N LEU C 290 -67.65 40.46 31.73
CA LEU C 290 -68.07 40.26 33.12
C LEU C 290 -69.44 40.87 33.36
N ARG C 291 -69.71 41.98 32.69
CA ARG C 291 -70.94 42.72 32.93
C ARG C 291 -72.15 41.90 32.51
N LYS C 292 -71.98 41.09 31.47
CA LYS C 292 -73.05 40.19 31.06
C LYS C 292 -72.90 38.85 31.75
N GLN C 293 -71.68 38.51 32.15
CA GLN C 293 -71.46 37.34 32.98
C GLN C 293 -72.06 37.63 34.36
N ARG C 294 -72.16 38.91 34.67
CA ARG C 294 -72.86 39.41 35.86
C ARG C 294 -72.38 38.80 37.16
N ILE C 295 -71.11 38.43 37.21
CA ILE C 295 -70.56 37.96 38.47
C ILE C 295 -69.97 39.15 39.21
N GLU C 296 -70.73 39.63 40.20
CA GLU C 296 -70.27 40.75 41.00
C GLU C 296 -69.04 40.32 41.77
N ILE C 297 -68.04 41.20 41.82
CA ILE C 297 -66.75 40.86 42.40
C ILE C 297 -66.21 41.99 43.27
N SER C 298 -66.94 43.09 43.31
CA SER C 298 -66.46 44.32 43.94
C SER C 298 -66.20 44.12 45.43
N ARG C 299 -65.07 44.63 45.88
CA ARG C 299 -64.66 44.53 47.28
C ARG C 299 -63.89 45.78 47.68
N ARG C 300 -63.85 46.06 48.98
CA ARG C 300 -63.06 47.18 49.48
C ARG C 300 -61.59 46.78 49.56
N GLY C 301 -60.82 47.51 50.35
CA GLY C 301 -59.42 47.16 50.58
C GLY C 301 -59.30 45.99 51.53
N ASN C 302 -60.07 44.93 51.25
CA ASN C 302 -60.09 43.74 52.07
C ASN C 302 -58.73 43.04 52.04
N ALA C 303 -58.00 43.27 50.96
CA ALA C 303 -56.73 42.59 50.73
C ALA C 303 -55.71 42.92 51.81
N GLY C 304 -55.77 44.15 52.32
CA GLY C 304 -54.89 44.55 53.41
C GLY C 304 -53.42 44.51 53.00
N ASP C 305 -52.56 44.23 53.98
CA ASP C 305 -51.14 44.04 53.70
C ASP C 305 -50.90 42.69 53.04
N CYS C 306 -49.86 42.61 52.22
CA CYS C 306 -49.54 41.38 51.50
C CYS C 306 -48.75 40.38 52.31
N LEU C 307 -48.25 40.79 53.48
CA LEU C 307 -47.39 39.93 54.28
C LEU C 307 -48.12 39.10 55.33
N ALA C 308 -49.44 39.09 55.27
CA ALA C 308 -50.22 38.32 56.23
C ALA C 308 -49.88 36.85 56.13
N ASN C 309 -49.80 36.18 57.28
CA ASN C 309 -49.51 34.75 57.29
C ASN C 309 -50.60 33.96 58.01
N PRO C 310 -51.32 33.10 57.29
CA PRO C 310 -51.32 32.91 55.84
C PRO C 310 -51.82 34.12 55.06
N ALA C 311 -51.27 34.35 53.88
CA ALA C 311 -51.78 35.37 52.98
C ALA C 311 -52.87 34.78 52.10
N VAL C 312 -54.03 34.50 52.68
CA VAL C 312 -55.10 33.87 51.91
C VAL C 312 -55.65 34.82 50.85
N PRO C 313 -55.64 34.37 49.59
CA PRO C 313 -56.18 35.10 48.43
C PRO C 313 -57.68 35.30 48.50
N TRP C 314 -58.18 36.42 47.99
CA TRP C 314 -59.61 36.57 47.79
C TRP C 314 -59.96 36.04 46.42
N GLY C 315 -60.90 35.10 46.38
CA GLY C 315 -61.12 34.29 45.20
C GLY C 315 -61.91 34.93 44.07
N GLN C 316 -62.50 36.09 44.35
CA GLN C 316 -63.31 36.75 43.34
C GLN C 316 -62.48 37.10 42.11
N GLY C 317 -61.20 37.38 42.33
CA GLY C 317 -60.32 37.71 41.23
C GLY C 317 -59.89 36.49 40.46
N VAL C 318 -59.96 35.33 41.09
CA VAL C 318 -59.51 34.10 40.47
C VAL C 318 -60.36 33.82 39.23
N GLU C 319 -61.63 34.17 39.32
CA GLU C 319 -62.53 34.02 38.21
C GLU C 319 -62.17 34.94 37.04
N ILE C 320 -61.63 36.11 37.36
CA ILE C 320 -61.38 37.13 36.35
C ILE C 320 -60.38 36.63 35.33
N GLU C 321 -59.44 35.83 35.80
CA GLU C 321 -58.41 35.30 34.93
C GLU C 321 -59.05 34.44 33.86
N ARG C 322 -60.09 33.73 34.25
CA ARG C 322 -60.79 32.84 33.33
C ARG C 322 -61.40 33.67 32.22
N ALA C 323 -61.86 34.86 32.58
CA ALA C 323 -62.40 35.77 31.59
C ALA C 323 -61.30 36.30 30.70
N LEU C 324 -60.15 36.56 31.29
CA LEU C 324 -59.05 37.17 30.55
C LEU C 324 -58.58 36.24 29.46
N LYS C 325 -58.43 34.97 29.82
CA LYS C 325 -58.06 33.95 28.87
C LYS C 325 -59.18 33.76 27.87
N GLN C 326 -60.39 33.99 28.33
CA GLN C 326 -61.57 33.83 27.48
C GLN C 326 -61.61 34.91 26.40
N VAL C 327 -60.95 36.03 26.66
CA VAL C 327 -60.98 37.15 25.73
C VAL C 327 -60.37 36.72 24.40
N GLN C 328 -60.96 37.17 23.30
CA GLN C 328 -60.59 36.69 21.99
C GLN C 328 -60.97 37.70 20.91
N VAL C 329 -60.10 38.68 20.67
CA VAL C 329 -60.39 39.77 19.76
C VAL C 329 -59.17 40.25 18.99
N GLU C 330 -59.42 41.05 17.96
CA GLU C 330 -58.37 41.64 17.13
C GLU C 330 -57.62 42.76 17.84
N GLY C 331 -56.36 42.95 17.47
CA GLY C 331 -55.55 44.02 18.00
C GLY C 331 -54.67 44.62 16.92
N LEU C 332 -53.79 45.54 17.32
CA LEU C 332 -52.87 46.17 16.36
C LEU C 332 -51.92 45.13 15.77
N SER C 333 -51.62 44.10 16.55
CA SER C 333 -50.80 42.99 16.07
C SER C 333 -51.66 42.04 15.26
N GLY C 334 -52.97 42.27 15.30
CA GLY C 334 -53.91 41.41 14.62
C GLY C 334 -54.71 40.58 15.60
N ASN C 335 -55.00 39.35 15.21
CA ASN C 335 -55.76 38.44 16.06
C ASN C 335 -55.05 38.10 17.36
N ILE C 336 -55.81 38.02 18.44
CA ILE C 336 -55.24 37.76 19.75
C ILE C 336 -56.03 36.68 20.46
N LYS C 337 -55.33 35.64 20.91
CA LYS C 337 -55.97 34.53 21.60
C LYS C 337 -55.06 33.99 22.69
N PHE C 338 -55.66 33.46 23.74
CA PHE C 338 -54.89 32.97 24.88
C PHE C 338 -55.14 31.50 25.18
N ASP C 339 -54.10 30.81 25.61
CA ASP C 339 -54.25 29.49 26.19
C ASP C 339 -54.46 29.64 27.68
N GLN C 340 -54.84 28.55 28.33
CA GLN C 340 -55.01 28.54 29.77
C GLN C 340 -53.67 28.76 30.47
N ASN C 341 -52.58 28.48 29.75
CA ASN C 341 -51.25 28.78 30.26
C ASN C 341 -50.99 30.27 30.25
N GLY C 342 -51.81 30.99 29.50
CA GLY C 342 -51.73 32.45 29.43
C GLY C 342 -50.80 32.98 28.35
N LYS C 343 -50.13 32.09 27.65
CA LYS C 343 -49.33 32.50 26.49
C LYS C 343 -50.24 32.90 25.35
N ARG C 344 -49.81 33.84 24.53
CA ARG C 344 -50.56 34.14 23.33
C ARG C 344 -50.51 32.97 22.38
N ILE C 345 -51.59 32.77 21.63
CA ILE C 345 -51.69 31.68 20.69
C ILE C 345 -52.34 32.15 19.41
N ASN C 346 -52.12 31.40 18.33
CA ASN C 346 -52.68 31.71 17.02
C ASN C 346 -52.25 33.08 16.51
N TYR C 347 -51.12 33.55 17.00
CA TYR C 347 -50.53 34.78 16.53
C TYR C 347 -49.81 34.58 15.20
N THR C 348 -49.68 35.66 14.44
CA THR C 348 -48.95 35.62 13.18
C THR C 348 -47.88 36.70 13.16
N ILE C 349 -46.70 36.36 12.66
CA ILE C 349 -45.60 37.31 12.67
C ILE C 349 -44.98 37.48 11.29
N ASN C 350 -45.21 38.63 10.67
CA ASN C 350 -44.77 38.87 9.31
C ASN C 350 -43.25 38.93 9.18
N ILE C 351 -42.71 38.26 8.17
CA ILE C 351 -41.29 38.36 7.86
C ILE C 351 -41.00 39.71 7.19
N MET C 352 -39.84 40.30 7.45
CA MET C 352 -39.49 41.56 6.79
C MET C 352 -38.03 41.62 6.33
N GLU C 353 -37.82 41.49 5.03
CA GLU C 353 -36.49 41.68 4.47
C GLU C 353 -36.21 43.14 4.14
N LEU C 354 -35.05 43.64 4.56
CA LEU C 354 -34.59 44.95 4.11
C LEU C 354 -34.24 44.90 2.63
N LYS C 355 -34.61 45.94 1.90
CA LYS C 355 -34.25 46.06 0.50
C LYS C 355 -33.61 47.42 0.26
N THR C 356 -33.11 47.63 -0.95
CA THR C 356 -32.42 48.87 -1.27
C THR C 356 -33.36 50.06 -1.18
N ASN C 357 -34.63 49.83 -1.52
CA ASN C 357 -35.64 50.87 -1.42
C ASN C 357 -36.17 50.98 0.00
N GLY C 358 -35.80 50.04 0.86
CA GLY C 358 -36.32 49.95 2.21
C GLY C 358 -36.90 48.57 2.44
N PRO C 359 -37.17 48.24 3.70
CA PRO C 359 -37.65 46.91 4.09
C PRO C 359 -39.00 46.55 3.49
N ARG C 360 -39.20 45.29 3.15
CA ARG C 360 -40.46 44.84 2.56
C ARG C 360 -40.77 43.41 3.00
N LYS C 361 -42.06 43.09 3.05
CA LYS C 361 -42.52 41.77 3.48
C LYS C 361 -42.26 40.71 2.42
N ILE C 362 -42.08 39.46 2.86
CA ILE C 362 -41.99 38.35 1.93
C ILE C 362 -42.89 37.19 2.34
N GLY C 363 -43.60 37.36 3.46
CA GLY C 363 -44.46 36.32 3.98
C GLY C 363 -44.80 36.52 5.44
N TYR C 364 -45.39 35.50 6.05
CA TYR C 364 -45.78 35.57 7.45
C TYR C 364 -45.49 34.24 8.13
N TRP C 365 -45.42 34.27 9.46
CA TRP C 365 -45.12 33.07 10.21
C TRP C 365 -46.22 32.77 11.22
N SER C 366 -47.03 31.75 10.92
CA SER C 366 -47.97 31.24 11.90
C SER C 366 -47.25 30.29 12.85
N GLU C 367 -47.74 30.17 14.08
CA GLU C 367 -47.19 29.18 14.99
C GLU C 367 -47.53 27.76 14.55
N VAL C 368 -48.67 27.60 13.86
CA VAL C 368 -49.09 26.28 13.41
C VAL C 368 -48.73 26.02 11.95
N ASP C 369 -48.75 27.06 11.14
CA ASP C 369 -48.39 26.92 9.73
C ASP C 369 -46.90 27.09 9.56
N LYS C 370 -46.23 27.40 10.66
CA LYS C 370 -44.80 27.70 10.66
C LYS C 370 -44.51 28.84 9.69
N MET C 371 -43.39 28.73 8.99
CA MET C 371 -43.05 29.70 7.96
C MET C 371 -44.01 29.61 6.79
N VAL C 372 -44.41 30.77 6.28
CA VAL C 372 -45.27 30.83 5.10
C VAL C 372 -44.79 31.94 4.19
N LEU C 373 -44.08 31.57 3.13
CA LEU C 373 -43.64 32.54 2.14
C LEU C 373 -44.83 33.10 1.38
N THR C 374 -44.74 34.38 1.02
CA THR C 374 -45.75 35.01 0.18
C THR C 374 -45.05 35.57 -1.06
N GLU C 375 -45.73 35.48 -2.20
CA GLU C 375 -45.14 35.94 -3.45
C GLU C 375 -45.15 37.47 -3.53
N ASP C 376 -44.54 38.10 -2.53
CA ASP C 376 -44.50 39.56 -2.45
C ASP C 376 -43.30 40.07 -3.25
N ASP C 377 -42.60 39.14 -3.88
CA ASP C 377 -41.44 39.49 -4.70
C ASP C 377 -41.85 40.44 -5.82
N THR C 378 -41.55 41.72 -5.64
CA THR C 378 -41.92 42.74 -6.61
C THR C 378 -40.90 42.83 -7.74
N SER C 379 -40.96 41.87 -8.66
CA SER C 379 -40.09 41.80 -9.85
C SER C 379 -38.60 41.65 -9.52
N GLY C 380 -38.22 41.96 -8.28
CA GLY C 380 -36.83 41.85 -7.86
C GLY C 380 -36.03 43.07 -8.28
N LEU C 381 -36.71 44.03 -8.90
CA LEU C 381 -36.08 45.26 -9.39
C LEU C 381 -34.97 44.94 -10.38
N GLU C 382 -33.84 44.50 -9.84
CA GLU C 382 -32.68 44.13 -10.66
C GLU C 382 -31.95 42.96 -10.03
N GLN C 383 -30.99 42.42 -10.77
CA GLN C 383 -30.17 41.32 -10.28
C GLN C 383 -29.01 41.84 -9.45
N LYS C 384 -28.99 43.15 -9.24
CA LYS C 384 -28.07 43.80 -8.33
C LYS C 384 -26.61 43.61 -8.72
N THR C 385 -26.37 43.39 -10.02
CA THR C 385 -25.03 43.17 -10.56
C THR C 385 -24.42 41.87 -10.01
N VAL C 386 -23.63 41.20 -10.83
CA VAL C 386 -23.00 39.96 -10.40
C VAL C 386 -21.49 40.12 -10.32
N VAL C 387 -20.94 39.92 -9.13
CA VAL C 387 -19.50 39.95 -8.95
C VAL C 387 -18.84 38.81 -9.71
N VAL C 388 -17.74 39.11 -10.39
CA VAL C 388 -17.05 38.10 -11.16
C VAL C 388 -15.56 38.15 -10.87
N THR C 389 -15.13 37.34 -9.91
CA THR C 389 -13.73 37.27 -9.55
C THR C 389 -12.90 36.52 -10.57
N THR C 390 -11.65 36.93 -10.72
CA THR C 390 -10.68 36.19 -11.51
C THR C 390 -9.27 36.70 -11.27
N ILE C 391 -8.30 35.80 -11.44
CA ILE C 391 -6.89 36.18 -11.39
C ILE C 391 -6.50 36.90 -12.68
N LEU C 392 -5.50 37.77 -12.59
CA LEU C 392 -4.96 38.44 -13.77
C LEU C 392 -3.93 37.58 -14.49
N GLU C 393 -4.38 36.72 -15.40
CA GLU C 393 -3.44 35.86 -16.11
C GLU C 393 -3.68 35.73 -17.60
N SER C 394 -2.62 35.98 -18.36
CA SER C 394 -2.62 35.81 -19.79
C SER C 394 -2.66 34.33 -20.15
N PRO C 395 -3.32 33.98 -21.25
CA PRO C 395 -4.09 34.90 -22.10
C PRO C 395 -5.47 35.10 -21.53
N TYR C 396 -5.78 34.33 -20.49
CA TYR C 396 -7.13 34.25 -19.95
C TYR C 396 -7.63 35.60 -19.48
N VAL C 397 -6.70 36.40 -18.98
CA VAL C 397 -7.00 37.73 -18.49
C VAL C 397 -5.87 38.69 -18.80
N MET C 398 -6.18 39.77 -19.50
CA MET C 398 -5.18 40.78 -19.82
C MET C 398 -5.72 42.19 -19.65
N MET C 399 -4.85 43.09 -19.23
CA MET C 399 -5.18 44.51 -19.19
C MET C 399 -5.17 45.07 -20.59
N LYS C 400 -5.97 46.09 -20.84
CA LYS C 400 -5.83 46.84 -22.09
C LYS C 400 -4.50 47.58 -22.03
N LYS C 401 -3.85 47.76 -23.17
CA LYS C 401 -2.62 48.54 -23.19
C LYS C 401 -2.90 49.97 -22.78
N ASN C 402 -4.11 50.41 -23.08
CA ASN C 402 -4.61 51.70 -22.66
C ASN C 402 -5.73 51.53 -21.63
N HIS C 403 -5.51 50.62 -20.69
CA HIS C 403 -6.51 50.26 -19.70
C HIS C 403 -6.92 51.45 -18.84
N GLU C 404 -6.00 52.40 -18.66
CA GLU C 404 -6.31 53.60 -17.91
C GLU C 404 -7.39 54.41 -18.60
N MET C 405 -7.41 54.37 -19.92
CA MET C 405 -8.41 55.09 -20.69
C MET C 405 -9.81 54.56 -20.43
N LEU C 406 -9.89 53.26 -20.18
CA LEU C 406 -11.18 52.61 -19.94
C LEU C 406 -11.49 52.49 -18.46
N GLU C 407 -12.75 52.21 -18.16
CA GLU C 407 -13.15 51.87 -16.80
C GLU C 407 -14.10 50.69 -16.82
N GLY C 408 -14.25 50.04 -15.67
CA GLY C 408 -15.13 48.89 -15.58
C GLY C 408 -14.59 47.67 -16.29
N ASN C 409 -15.50 46.80 -16.72
CA ASN C 409 -15.13 45.53 -17.32
C ASN C 409 -14.33 45.69 -18.60
N GLU C 410 -14.47 46.84 -19.24
CA GLU C 410 -13.76 47.12 -20.47
C GLU C 410 -12.25 47.10 -20.27
N ARG C 411 -11.83 47.41 -19.06
CA ARG C 411 -10.40 47.47 -18.72
C ARG C 411 -9.72 46.13 -18.93
N TYR C 412 -10.47 45.06 -18.70
CA TYR C 412 -9.91 43.73 -18.82
C TYR C 412 -10.18 43.18 -20.21
N GLU C 413 -9.40 42.18 -20.61
CA GLU C 413 -9.61 41.52 -21.89
C GLU C 413 -9.00 40.13 -21.85
N GLY C 414 -9.58 39.22 -22.62
CA GLY C 414 -9.06 37.86 -22.67
C GLY C 414 -10.09 36.79 -22.95
N TYR C 415 -9.63 35.55 -22.94
CA TYR C 415 -10.45 34.38 -23.19
C TYR C 415 -11.56 34.27 -22.16
N CYS C 416 -11.19 34.38 -20.89
CA CYS C 416 -12.15 34.29 -19.80
C CYS C 416 -13.14 35.43 -19.84
N VAL C 417 -12.69 36.57 -20.37
CA VAL C 417 -13.55 37.73 -20.44
C VAL C 417 -14.69 37.47 -21.42
N ASP C 418 -14.33 37.00 -22.61
CA ASP C 418 -15.33 36.74 -23.63
C ASP C 418 -16.22 35.61 -23.16
N LEU C 419 -15.63 34.66 -22.44
CA LEU C 419 -16.41 33.57 -21.90
C LEU C 419 -17.44 34.11 -20.92
N ALA C 420 -17.02 35.12 -20.16
CA ALA C 420 -17.90 35.75 -19.20
C ALA C 420 -19.03 36.46 -19.93
N ALA C 421 -18.72 37.00 -21.10
CA ALA C 421 -19.75 37.63 -21.90
C ALA C 421 -20.74 36.57 -22.37
N GLU C 422 -20.24 35.38 -22.64
CA GLU C 422 -21.09 34.29 -23.07
C GLU C 422 -22.04 33.92 -21.95
N ILE C 423 -21.51 33.85 -20.75
CA ILE C 423 -22.31 33.52 -19.60
C ILE C 423 -23.35 34.60 -19.40
N ALA C 424 -22.96 35.83 -19.70
CA ALA C 424 -23.85 36.96 -19.58
C ALA C 424 -25.00 36.82 -20.56
N LYS C 425 -24.71 36.22 -21.70
CA LYS C 425 -25.76 36.01 -22.68
C LYS C 425 -26.71 34.92 -22.24
N HIS C 426 -26.16 33.79 -21.81
CA HIS C 426 -27.00 32.65 -21.44
C HIS C 426 -27.79 32.81 -20.16
N CYS C 427 -27.31 33.62 -19.23
CA CYS C 427 -28.03 33.78 -17.97
C CYS C 427 -28.54 35.20 -17.78
N GLY C 428 -28.25 36.07 -18.74
CA GLY C 428 -28.76 37.43 -18.75
C GLY C 428 -28.51 38.20 -17.46
N PHE C 429 -27.32 38.79 -17.35
CA PHE C 429 -27.00 39.55 -16.15
C PHE C 429 -25.95 40.62 -16.38
N LYS C 430 -26.12 41.72 -15.66
CA LYS C 430 -25.05 42.70 -15.54
C LYS C 430 -24.00 42.11 -14.62
N TYR C 431 -22.75 42.52 -14.78
CA TYR C 431 -21.69 42.00 -13.94
C TYR C 431 -20.50 42.94 -13.92
N LYS C 432 -19.75 42.92 -12.84
CA LYS C 432 -18.51 43.66 -12.78
C LYS C 432 -17.35 42.74 -12.50
N LEU C 433 -16.36 42.75 -13.37
CA LEU C 433 -15.18 41.93 -13.19
C LEU C 433 -14.38 42.39 -11.99
N THR C 434 -13.83 41.45 -11.23
CA THR C 434 -13.06 41.78 -10.04
C THR C 434 -11.85 40.89 -9.91
N ILE C 435 -10.76 41.44 -9.38
CA ILE C 435 -9.54 40.69 -9.24
C ILE C 435 -9.32 40.32 -7.78
N VAL C 436 -8.90 39.09 -7.53
CA VAL C 436 -8.55 38.68 -6.18
C VAL C 436 -7.32 39.46 -5.75
N GLY C 437 -7.28 39.84 -4.47
CA GLY C 437 -6.21 40.70 -3.98
C GLY C 437 -4.86 40.02 -3.90
N ASP C 438 -4.80 38.91 -3.16
CA ASP C 438 -3.54 38.21 -2.95
C ASP C 438 -3.04 37.60 -4.25
N GLY C 439 -3.96 37.31 -5.15
CA GLY C 439 -3.62 36.71 -6.43
C GLY C 439 -3.52 35.21 -6.34
N LYS C 440 -3.68 34.68 -5.13
CA LYS C 440 -3.66 33.25 -4.92
C LYS C 440 -4.92 32.61 -5.46
N TYR C 441 -4.80 31.41 -6.02
CA TYR C 441 -5.97 30.66 -6.45
C TYR C 441 -6.82 30.28 -5.26
N GLY C 442 -6.20 30.21 -4.09
CA GLY C 442 -6.91 29.93 -2.86
C GLY C 442 -6.57 28.58 -2.26
N ALA C 443 -6.21 28.60 -0.98
CA ALA C 443 -5.89 27.37 -0.28
C ALA C 443 -6.23 27.47 1.20
N ARG C 444 -6.67 26.36 1.77
CA ARG C 444 -7.01 26.30 3.18
C ARG C 444 -5.79 25.93 4.01
N ASP C 445 -5.22 26.91 4.71
CA ASP C 445 -4.13 26.63 5.61
C ASP C 445 -4.64 25.68 6.68
N ALA C 446 -3.82 24.71 7.08
CA ALA C 446 -4.25 23.69 8.03
C ALA C 446 -4.55 24.27 9.39
N ASP C 447 -3.91 25.38 9.71
CA ASP C 447 -4.04 26.00 11.02
C ASP C 447 -5.36 26.75 11.17
N THR C 448 -5.40 27.96 10.63
CA THR C 448 -6.58 28.81 10.76
C THR C 448 -7.77 28.18 10.07
N LYS C 449 -7.47 27.28 9.12
CA LYS C 449 -8.49 26.58 8.35
C LYS C 449 -9.34 27.59 7.59
N ILE C 450 -8.72 28.71 7.28
CA ILE C 450 -9.35 29.78 6.53
C ILE C 450 -8.95 29.70 5.07
N TRP C 451 -9.94 29.63 4.18
CA TRP C 451 -9.65 29.70 2.76
C TRP C 451 -9.23 31.10 2.38
N ASN C 452 -8.25 31.21 1.49
CA ASN C 452 -7.85 32.50 0.97
C ASN C 452 -8.19 32.58 -0.50
N GLY C 453 -7.82 33.68 -1.14
CA GLY C 453 -7.95 33.79 -2.57
C GLY C 453 -9.39 33.81 -3.03
N MET C 454 -9.59 33.44 -4.29
CA MET C 454 -10.93 33.42 -4.86
C MET C 454 -11.78 32.41 -4.11
N VAL C 455 -11.15 31.36 -3.61
CA VAL C 455 -11.87 30.34 -2.87
C VAL C 455 -12.50 30.97 -1.65
N GLY C 456 -11.72 31.81 -0.98
CA GLY C 456 -12.23 32.50 0.18
C GLY C 456 -13.30 33.48 -0.25
N GLU C 457 -13.08 34.10 -1.41
CA GLU C 457 -14.03 35.08 -1.92
C GLU C 457 -15.38 34.48 -2.20
N LEU C 458 -15.41 33.19 -2.51
CA LEU C 458 -16.68 32.51 -2.69
C LEU C 458 -17.25 32.05 -1.37
N VAL C 459 -16.41 31.45 -0.54
CA VAL C 459 -16.90 30.94 0.74
C VAL C 459 -17.36 32.07 1.63
N TYR C 460 -16.70 33.21 1.55
CA TYR C 460 -16.99 34.30 2.46
C TYR C 460 -17.97 35.29 1.83
N GLY C 461 -18.43 34.96 0.62
CA GLY C 461 -19.48 35.72 0.00
C GLY C 461 -18.97 36.97 -0.67
N LYS C 462 -17.65 37.14 -0.68
CA LYS C 462 -17.05 38.30 -1.31
C LYS C 462 -17.29 38.33 -2.81
N ALA C 463 -17.38 37.16 -3.41
CA ALA C 463 -17.55 37.05 -4.85
C ALA C 463 -18.82 36.31 -5.21
N ASP C 464 -19.47 36.73 -6.29
CA ASP C 464 -20.72 36.12 -6.71
C ASP C 464 -20.49 34.87 -7.55
N ILE C 465 -19.46 34.92 -8.39
CA ILE C 465 -19.13 33.79 -9.24
C ILE C 465 -17.67 33.86 -9.65
N ALA C 466 -17.06 32.70 -9.89
CA ALA C 466 -15.66 32.65 -10.27
C ALA C 466 -15.47 32.08 -11.68
N ILE C 467 -14.84 32.86 -12.54
CA ILE C 467 -14.51 32.42 -13.88
C ILE C 467 -13.02 32.62 -14.10
N ALA C 468 -12.26 31.54 -13.98
CA ALA C 468 -10.82 31.61 -14.06
C ALA C 468 -10.24 30.22 -14.29
N PRO C 469 -9.00 30.14 -14.78
CA PRO C 469 -8.35 28.84 -14.86
C PRO C 469 -8.20 28.21 -13.49
N LEU C 470 -9.32 27.83 -12.89
CA LEU C 470 -9.35 27.31 -11.54
C LEU C 470 -9.40 25.79 -11.55
N THR C 471 -8.32 25.14 -11.12
CA THR C 471 -8.29 23.69 -11.13
C THR C 471 -9.31 23.13 -10.15
N ILE C 472 -10.07 22.14 -10.60
CA ILE C 472 -10.96 21.41 -9.70
C ILE C 472 -10.14 20.54 -8.78
N THR C 473 -10.54 20.49 -7.51
CA THR C 473 -9.93 19.58 -6.54
C THR C 473 -11.00 19.10 -5.58
N LEU C 474 -10.79 17.92 -5.01
CA LEU C 474 -11.74 17.36 -4.09
C LEU C 474 -11.93 18.25 -2.86
N VAL C 475 -10.82 18.84 -2.40
CA VAL C 475 -10.88 19.69 -1.23
C VAL C 475 -11.67 20.95 -1.50
N ARG C 476 -11.59 21.44 -2.73
CA ARG C 476 -12.36 22.62 -3.09
C ARG C 476 -13.78 22.23 -3.48
N GLU C 477 -13.98 20.96 -3.79
CA GLU C 477 -15.31 20.52 -4.17
C GLU C 477 -16.30 20.60 -3.03
N GLU C 478 -15.82 20.38 -1.81
CA GLU C 478 -16.71 20.30 -0.67
C GLU C 478 -17.02 21.67 -0.10
N VAL C 479 -16.25 22.68 -0.48
CA VAL C 479 -16.42 24.01 0.08
C VAL C 479 -17.22 24.92 -0.85
N ILE C 480 -17.16 24.66 -2.15
CA ILE C 480 -17.85 25.46 -3.16
C ILE C 480 -18.29 24.55 -4.28
N ASP C 481 -19.17 25.03 -5.14
CA ASP C 481 -19.70 24.19 -6.20
C ASP C 481 -19.15 24.55 -7.58
N PHE C 482 -18.36 23.63 -8.14
CA PHE C 482 -17.88 23.74 -9.50
C PHE C 482 -18.94 23.43 -10.54
N SER C 483 -18.76 24.01 -11.73
CA SER C 483 -19.50 23.58 -12.91
C SER C 483 -18.75 22.43 -13.55
N LYS C 484 -19.36 21.78 -14.53
CA LYS C 484 -18.65 20.75 -15.29
C LYS C 484 -17.48 21.37 -16.03
N PRO C 485 -16.37 20.61 -16.15
CA PRO C 485 -15.14 21.15 -16.73
C PRO C 485 -15.34 21.63 -18.15
N PHE C 486 -14.69 22.71 -18.52
CA PHE C 486 -14.86 23.27 -19.86
C PHE C 486 -13.58 23.20 -20.66
N MET C 487 -12.56 22.54 -20.12
CA MET C 487 -11.27 22.48 -20.78
C MET C 487 -10.38 21.40 -20.17
N SER C 488 -10.39 20.21 -20.77
CA SER C 488 -9.54 19.13 -20.30
C SER C 488 -8.08 19.50 -20.44
N LEU C 489 -7.27 19.13 -19.46
CA LEU C 489 -5.86 19.50 -19.45
C LEU C 489 -5.08 18.71 -18.42
N GLY C 490 -3.76 18.74 -18.52
CA GLY C 490 -2.92 18.00 -17.60
C GLY C 490 -1.45 18.33 -17.67
N ILE C 491 -0.66 17.55 -16.95
CA ILE C 491 0.79 17.73 -16.92
C ILE C 491 1.35 17.50 -18.32
N SER C 492 2.35 18.29 -18.69
CA SER C 492 2.87 18.26 -20.06
C SER C 492 4.36 18.58 -20.12
N ILE C 493 4.97 18.10 -21.20
CA ILE C 493 6.41 18.19 -21.39
C ILE C 493 6.85 19.32 -22.30
N MET C 494 7.56 20.29 -21.73
CA MET C 494 8.15 21.37 -22.51
C MET C 494 9.63 21.11 -22.75
N ILE C 495 10.07 21.26 -23.99
CA ILE C 495 11.48 21.05 -24.36
C ILE C 495 11.94 22.08 -25.38
N LYS C 496 13.25 22.14 -25.61
CA LYS C 496 13.76 22.98 -26.68
C LYS C 496 13.30 22.45 -28.03
N LYS C 497 12.98 23.37 -28.93
CA LYS C 497 12.67 22.99 -30.31
C LYS C 497 13.97 22.65 -31.04
N PRO C 498 14.01 21.46 -31.66
CA PRO C 498 15.20 20.90 -32.30
C PRO C 498 15.52 21.43 -33.70
N GLN C 499 15.87 22.70 -33.82
CA GLN C 499 16.24 23.25 -35.12
C GLN C 499 17.54 22.65 -35.66
N LYS C 500 17.54 22.33 -36.95
CA LYS C 500 18.75 21.91 -37.64
C LYS C 500 19.63 23.10 -38.01
N SER C 501 20.93 22.85 -38.16
CA SER C 501 21.86 23.87 -38.59
C SER C 501 22.82 23.30 -39.62
N LYS C 502 22.70 23.74 -40.87
CA LYS C 502 23.55 23.19 -41.92
C LYS C 502 25.01 23.58 -41.72
N PRO C 503 25.87 22.56 -41.65
CA PRO C 503 27.34 22.63 -41.57
C PRO C 503 27.97 23.14 -42.88
N GLY C 504 29.17 23.70 -42.77
CA GLY C 504 29.89 24.18 -43.94
C GLY C 504 30.74 23.09 -44.56
N VAL C 505 31.76 23.50 -45.31
CA VAL C 505 32.65 22.58 -46.01
C VAL C 505 33.33 21.64 -45.03
N PHE C 506 33.53 22.13 -43.81
CA PHE C 506 34.27 21.40 -42.79
C PHE C 506 33.59 20.09 -42.40
N SER C 507 32.28 20.01 -42.64
CA SER C 507 31.50 18.83 -42.32
C SER C 507 31.98 17.59 -43.06
N PHE C 508 32.41 17.79 -44.29
CA PHE C 508 33.09 16.75 -45.04
C PHE C 508 34.39 16.35 -44.40
N LEU C 509 35.04 17.30 -43.76
CA LEU C 509 36.31 17.04 -43.11
C LEU C 509 36.14 16.50 -41.70
N ASP C 510 34.93 16.57 -41.18
CA ASP C 510 34.66 16.10 -39.82
C ASP C 510 34.99 14.63 -39.54
N PRO C 511 34.62 13.70 -40.45
CA PRO C 511 34.90 12.29 -40.13
C PRO C 511 36.36 12.00 -39.85
N LEU C 512 37.26 12.71 -40.53
CA LEU C 512 38.68 12.49 -40.34
C LEU C 512 39.43 13.78 -40.04
N ALA C 513 40.20 13.78 -38.95
CA ALA C 513 40.76 15.00 -38.37
C ALA C 513 41.71 15.74 -39.30
N TYR C 514 41.74 17.07 -39.18
CA TYR C 514 42.49 17.92 -40.09
C TYR C 514 43.95 17.55 -40.09
N GLU C 515 44.41 17.15 -38.91
CA GLU C 515 45.79 16.77 -38.72
C GLU C 515 46.08 15.55 -39.55
N ILE C 516 45.09 14.66 -39.61
CA ILE C 516 45.25 13.43 -40.35
C ILE C 516 45.35 13.79 -41.83
N TRP C 517 44.66 14.85 -42.22
CA TRP C 517 44.73 15.30 -43.60
C TRP C 517 46.12 15.86 -43.89
N MET C 518 46.66 16.61 -42.95
CA MET C 518 47.99 17.18 -43.15
C MET C 518 48.98 16.03 -43.29
N CYS C 519 48.70 14.97 -42.55
CA CYS C 519 49.57 13.81 -42.57
C CYS C 519 49.47 13.03 -43.87
N ILE C 520 48.25 12.90 -44.41
CA ILE C 520 48.09 12.18 -45.67
C ILE C 520 48.72 13.01 -46.79
N VAL C 521 48.69 14.33 -46.64
CA VAL C 521 49.33 15.17 -47.63
C VAL C 521 50.84 14.97 -47.59
N PHE C 522 51.40 15.03 -46.39
CA PHE C 522 52.83 14.86 -46.24
C PHE C 522 53.28 13.48 -46.69
N ALA C 523 52.44 12.49 -46.44
CA ALA C 523 52.74 11.13 -46.85
C ALA C 523 52.72 11.04 -48.36
N TYR C 524 51.78 11.76 -48.97
CA TYR C 524 51.68 11.74 -50.42
C TYR C 524 52.87 12.37 -51.08
N ILE C 525 53.23 13.57 -50.63
CA ILE C 525 54.36 14.26 -51.21
C ILE C 525 55.64 13.49 -50.93
N GLY C 526 55.63 12.74 -49.83
CA GLY C 526 56.78 11.92 -49.51
C GLY C 526 56.92 10.77 -50.49
N VAL C 527 55.82 10.08 -50.75
CA VAL C 527 55.82 8.96 -51.66
C VAL C 527 56.13 9.43 -53.07
N SER C 528 55.67 10.63 -53.37
CA SER C 528 55.67 11.13 -54.73
C SER C 528 57.06 11.27 -55.31
N VAL C 529 57.94 11.88 -54.52
CA VAL C 529 59.29 12.16 -54.98
C VAL C 529 60.08 10.88 -55.19
N VAL C 530 59.73 9.84 -54.44
CA VAL C 530 60.49 8.60 -54.46
C VAL C 530 60.48 7.99 -55.85
N LEU C 531 59.38 8.20 -56.57
CA LEU C 531 59.25 7.69 -57.92
C LEU C 531 60.27 8.33 -58.85
N PHE C 532 60.58 9.59 -58.58
CA PHE C 532 61.53 10.33 -59.40
C PHE C 532 62.93 9.77 -59.28
N LEU C 533 63.22 9.20 -58.12
CA LEU C 533 64.53 8.62 -57.87
C LEU C 533 64.74 7.42 -58.75
N VAL C 534 63.65 6.76 -59.09
CA VAL C 534 63.68 5.63 -60.02
C VAL C 534 64.08 6.10 -61.40
N SER C 535 63.73 7.33 -61.73
CA SER C 535 64.03 7.87 -63.05
C SER C 535 65.50 8.23 -63.16
N ILE C 564 61.64 17.31 -59.43
CA ILE C 564 61.13 18.65 -59.14
C ILE C 564 59.78 18.90 -59.80
N PHE C 565 59.50 18.19 -60.89
CA PHE C 565 58.21 18.37 -61.56
C PHE C 565 57.66 17.14 -62.28
N ASN C 566 58.49 16.46 -63.08
CA ASN C 566 57.99 15.45 -64.00
C ASN C 566 57.45 14.16 -63.35
N SER C 567 58.31 13.41 -62.66
CA SER C 567 57.85 12.19 -62.03
C SER C 567 56.93 12.50 -60.86
N LEU C 568 57.04 13.72 -60.32
CA LEU C 568 56.09 14.20 -59.33
C LEU C 568 54.69 14.28 -59.97
N TRP C 569 54.68 14.74 -61.22
CA TRP C 569 53.46 14.76 -62.02
C TRP C 569 52.97 13.34 -62.29
N PHE C 570 53.91 12.41 -62.43
CA PHE C 570 53.54 11.00 -62.58
C PHE C 570 52.90 10.42 -61.32
N SER C 571 53.39 10.86 -60.16
CA SER C 571 52.79 10.48 -58.89
C SER C 571 51.40 11.09 -58.79
N LEU C 572 51.26 12.26 -59.39
CA LEU C 572 49.97 12.90 -59.50
C LEU C 572 49.09 12.06 -60.43
N GLY C 573 49.75 11.31 -61.31
CA GLY C 573 49.07 10.32 -62.13
C GLY C 573 48.93 8.99 -61.40
N ALA C 574 49.45 8.93 -60.18
CA ALA C 574 49.37 7.71 -59.39
C ALA C 574 48.23 7.74 -58.37
N PHE C 575 48.15 8.83 -57.60
CA PHE C 575 47.05 9.01 -56.64
C PHE C 575 45.72 9.09 -57.37
N MET C 576 45.78 9.62 -58.59
CA MET C 576 44.61 9.80 -59.43
C MET C 576 43.98 8.47 -59.77
N GLN C 577 44.80 7.43 -59.84
CA GLN C 577 44.33 6.12 -60.26
C GLN C 577 45.13 4.99 -59.62
N GLN C 578 44.49 4.31 -58.68
CA GLN C 578 45.05 3.14 -58.04
C GLN C 578 46.41 3.45 -57.42
N GLY C 579 47.44 3.54 -58.25
CA GLY C 579 48.76 3.91 -57.80
C GLY C 579 49.91 3.41 -58.66
N CYS C 580 50.54 4.33 -59.39
CA CYS C 580 51.76 4.06 -60.15
C CYS C 580 51.58 3.03 -61.28
N ASP C 581 52.59 2.96 -62.16
CA ASP C 581 52.59 2.03 -63.28
C ASP C 581 53.95 2.10 -63.98
N ILE C 582 53.93 2.00 -65.31
CA ILE C 582 55.06 2.24 -66.23
C ILE C 582 56.37 1.51 -65.91
N SER C 583 56.57 1.16 -64.64
CA SER C 583 57.83 0.54 -64.22
C SER C 583 58.02 -0.81 -64.89
N PRO C 584 59.18 -1.01 -65.53
CA PRO C 584 59.51 -2.23 -66.25
C PRO C 584 59.70 -3.41 -65.30
N ARG C 585 58.60 -3.91 -64.74
CA ARG C 585 58.64 -5.00 -63.77
C ARG C 585 59.47 -4.64 -62.54
N SER C 586 58.77 -4.31 -61.45
CA SER C 586 59.38 -3.87 -60.20
C SER C 586 60.23 -2.64 -60.39
N LEU C 587 61.38 -2.85 -61.01
CA LEU C 587 62.46 -1.90 -60.96
C LEU C 587 62.66 -1.62 -59.48
N SER C 588 62.31 -0.42 -59.02
CA SER C 588 62.41 -0.12 -57.60
C SER C 588 61.09 0.37 -57.03
N GLY C 589 60.61 1.50 -57.55
CA GLY C 589 59.52 2.22 -56.92
C GLY C 589 58.13 1.68 -57.19
N ARG C 590 58.02 0.68 -58.06
CA ARG C 590 56.71 0.12 -58.33
C ARG C 590 56.18 -0.57 -57.07
N ILE C 591 57.09 -1.13 -56.27
CA ILE C 591 56.68 -1.74 -55.01
C ILE C 591 56.16 -0.65 -54.08
N VAL C 592 56.72 0.54 -54.23
CA VAL C 592 56.22 1.71 -53.52
C VAL C 592 54.81 1.98 -54.02
N GLY C 593 54.58 1.70 -55.30
CA GLY C 593 53.26 1.90 -55.84
C GLY C 593 52.29 0.95 -55.17
N GLY C 594 52.74 -0.28 -54.93
CA GLY C 594 51.86 -1.24 -54.30
C GLY C 594 51.57 -0.88 -52.86
N VAL C 595 52.61 -0.43 -52.15
CA VAL C 595 52.44 -0.06 -50.76
C VAL C 595 51.51 1.14 -50.66
N TRP C 596 51.64 2.04 -51.63
CA TRP C 596 50.80 3.22 -51.71
C TRP C 596 49.35 2.85 -51.96
N TRP C 597 49.16 1.82 -52.77
CA TRP C 597 47.82 1.33 -53.08
C TRP C 597 47.18 0.76 -51.83
N PHE C 598 47.96 -0.04 -51.12
CA PHE C 598 47.49 -0.66 -49.90
C PHE C 598 47.12 0.44 -48.92
N PHE C 599 47.91 1.49 -48.98
CA PHE C 599 47.81 2.62 -48.08
C PHE C 599 46.52 3.39 -48.25
N THR C 600 46.34 3.91 -49.45
CA THR C 600 45.14 4.68 -49.76
C THR C 600 43.90 3.82 -49.59
N LEU C 601 44.06 2.53 -49.82
CA LEU C 601 42.97 1.60 -49.65
C LEU C 601 42.51 1.58 -48.20
N ILE C 602 43.48 1.39 -47.31
CA ILE C 602 43.18 1.36 -45.89
C ILE C 602 42.53 2.64 -45.44
N ILE C 603 43.09 3.76 -45.90
CA ILE C 603 42.57 5.03 -45.44
C ILE C 603 41.14 5.26 -45.89
N ILE C 604 40.87 5.05 -47.18
CA ILE C 604 39.53 5.34 -47.66
C ILE C 604 38.52 4.40 -47.02
N SER C 605 38.95 3.17 -46.74
CA SER C 605 38.05 2.25 -46.07
C SER C 605 37.72 2.78 -44.69
N SER C 606 38.73 3.34 -44.04
CA SER C 606 38.55 3.84 -42.69
C SER C 606 37.61 5.04 -42.69
N TYR C 607 37.81 5.92 -43.65
CA TYR C 607 37.01 7.13 -43.76
C TYR C 607 35.57 6.76 -43.99
N THR C 608 35.38 5.74 -44.81
CA THR C 608 34.03 5.34 -45.14
C THR C 608 33.38 4.77 -43.90
N ALA C 609 34.11 3.96 -43.15
CA ALA C 609 33.53 3.34 -41.97
C ALA C 609 33.14 4.41 -40.97
N ASN C 610 33.97 5.44 -40.86
CA ASN C 610 33.72 6.49 -39.89
C ASN C 610 32.47 7.27 -40.29
N LEU C 611 32.41 7.64 -41.56
CA LEU C 611 31.28 8.42 -42.03
C LEU C 611 30.02 7.63 -41.85
N ALA C 612 30.12 6.31 -41.97
CA ALA C 612 28.99 5.46 -41.69
C ALA C 612 28.63 5.55 -40.22
N ALA C 613 29.65 5.67 -39.37
CA ALA C 613 29.40 5.71 -37.94
C ALA C 613 28.62 6.96 -37.56
N PHE C 614 28.92 8.09 -38.21
CA PHE C 614 28.18 9.30 -37.87
C PHE C 614 26.70 9.17 -38.15
N LEU C 615 26.36 8.77 -39.37
CA LEU C 615 24.97 8.67 -39.73
C LEU C 615 24.26 7.60 -38.91
N THR C 616 24.98 6.54 -38.57
CA THR C 616 24.36 5.48 -37.81
C THR C 616 24.00 5.95 -36.40
N VAL C 617 24.98 6.52 -35.71
CA VAL C 617 24.77 6.98 -34.36
C VAL C 617 23.73 8.08 -34.37
N GLU C 618 23.72 8.86 -35.45
CA GLU C 618 22.79 9.95 -35.57
C GLU C 618 21.37 9.41 -35.66
N ARG C 619 21.18 8.39 -36.47
CA ARG C 619 19.87 7.79 -36.62
C ARG C 619 19.38 7.05 -35.37
N MET C 620 20.31 6.53 -34.57
CA MET C 620 19.87 5.83 -33.36
C MET C 620 19.15 6.75 -32.39
N VAL C 621 19.57 8.02 -32.36
CA VAL C 621 19.00 8.99 -31.44
C VAL C 621 17.53 9.23 -31.76
N SER C 622 16.70 9.33 -30.73
CA SER C 622 15.29 9.63 -30.93
C SER C 622 14.81 10.72 -29.98
N PRO C 623 13.92 11.61 -30.47
CA PRO C 623 13.27 12.61 -29.61
C PRO C 623 12.37 11.97 -28.57
N ILE C 624 12.31 12.57 -27.39
CA ILE C 624 11.41 12.10 -26.34
C ILE C 624 9.95 12.35 -26.71
N GLU C 625 9.09 11.38 -26.44
CA GLU C 625 7.66 11.55 -26.67
C GLU C 625 6.84 10.98 -25.51
N SER C 626 7.53 10.62 -24.44
CA SER C 626 6.87 10.19 -23.22
C SER C 626 7.80 10.44 -22.05
N ALA C 627 7.24 10.69 -20.88
CA ALA C 627 8.02 11.01 -19.70
C ALA C 627 8.91 9.82 -19.35
N GLU C 628 8.47 8.64 -19.77
CA GLU C 628 9.19 7.42 -19.49
C GLU C 628 10.57 7.48 -20.12
N ASP C 629 10.68 8.23 -21.20
CA ASP C 629 11.95 8.37 -21.90
C ASP C 629 12.97 9.01 -20.98
N LEU C 630 12.50 9.94 -20.14
CA LEU C 630 13.36 10.58 -19.17
C LEU C 630 13.86 9.57 -18.15
N SER C 631 12.99 8.63 -17.79
CA SER C 631 13.35 7.60 -16.85
C SER C 631 14.41 6.68 -17.46
N LYS C 632 14.37 6.57 -18.78
CA LYS C 632 15.30 5.72 -19.49
C LYS C 632 16.62 6.44 -19.74
N GLN C 633 16.67 7.74 -19.47
CA GLN C 633 17.89 8.50 -19.71
C GLN C 633 18.35 9.27 -18.48
N THR C 634 19.39 10.08 -18.69
CA THR C 634 19.90 10.95 -17.64
C THR C 634 20.63 12.14 -18.22
N GLU C 635 20.84 12.13 -19.54
CA GLU C 635 21.56 13.19 -20.21
C GLU C 635 20.85 14.52 -20.08
N ILE C 636 19.52 14.46 -20.02
CA ILE C 636 18.72 15.67 -19.96
C ILE C 636 18.02 15.79 -18.62
N ALA C 637 18.37 16.81 -17.86
CA ALA C 637 17.73 17.06 -16.58
C ALA C 637 16.28 17.45 -16.78
N TYR C 638 15.43 17.15 -15.80
CA TYR C 638 14.02 17.47 -15.91
C TYR C 638 13.41 17.71 -14.54
N GLY C 639 12.42 18.59 -14.47
CA GLY C 639 11.79 18.90 -13.21
C GLY C 639 10.58 19.81 -13.32
N THR C 640 10.05 20.19 -12.16
CA THR C 640 8.88 21.06 -12.11
C THR C 640 9.13 22.25 -11.21
N LEU C 641 8.09 23.03 -10.98
CA LEU C 641 8.19 24.20 -10.11
C LEU C 641 8.50 23.74 -8.70
N ASP C 642 9.21 24.57 -7.95
CA ASP C 642 9.68 24.19 -6.62
C ASP C 642 8.53 23.89 -5.67
N SER C 643 7.39 24.50 -5.93
CA SER C 643 6.20 24.27 -5.11
C SER C 643 4.95 24.33 -5.97
N GLY C 644 3.92 23.61 -5.58
CA GLY C 644 2.68 23.59 -6.32
C GLY C 644 2.07 22.21 -6.33
N SER C 645 0.88 22.09 -6.91
CA SER C 645 0.18 20.82 -6.98
C SER C 645 0.94 19.80 -7.79
N THR C 646 1.70 20.29 -8.77
CA THR C 646 2.35 19.42 -9.73
C THR C 646 3.33 18.47 -9.08
N LYS C 647 4.23 19.01 -8.27
CA LYS C 647 5.23 18.17 -7.60
C LYS C 647 4.54 17.23 -6.63
N GLU C 648 3.44 17.70 -6.05
CA GLU C 648 2.72 16.91 -5.08
C GLU C 648 2.07 15.73 -5.78
N PHE C 649 1.82 15.88 -7.08
CA PHE C 649 1.27 14.79 -7.84
C PHE C 649 2.25 13.63 -7.89
N PHE C 650 3.49 13.93 -8.25
CA PHE C 650 4.52 12.90 -8.31
C PHE C 650 4.81 12.35 -6.92
N ARG C 651 4.77 13.23 -5.93
CA ARG C 651 5.05 12.80 -4.58
C ARG C 651 3.99 11.83 -4.08
N ARG C 652 2.76 12.06 -4.52
CA ARG C 652 1.67 11.19 -4.11
C ARG C 652 1.56 10.02 -5.07
N SER C 653 2.27 10.11 -6.18
CA SER C 653 2.13 9.14 -7.26
C SER C 653 2.50 7.73 -6.84
N LYS C 654 1.79 6.76 -7.40
CA LYS C 654 2.06 5.36 -7.10
C LYS C 654 2.39 4.59 -8.36
N ILE C 655 2.18 5.22 -9.52
CA ILE C 655 2.62 4.63 -10.78
C ILE C 655 4.13 4.55 -10.78
N ALA C 656 4.67 3.43 -11.25
CA ALA C 656 6.10 3.16 -11.12
C ALA C 656 6.94 4.16 -11.88
N VAL C 657 6.44 4.61 -13.02
CA VAL C 657 7.20 5.55 -13.83
C VAL C 657 7.34 6.87 -13.11
N PHE C 658 6.19 7.44 -12.74
CA PHE C 658 6.19 8.73 -12.09
C PHE C 658 6.89 8.64 -10.76
N ASP C 659 6.78 7.49 -10.11
CA ASP C 659 7.41 7.30 -8.81
C ASP C 659 8.92 7.32 -9.00
N LYS C 660 9.37 6.72 -10.08
CA LYS C 660 10.79 6.71 -10.40
C LYS C 660 11.26 8.11 -10.67
N MET C 661 10.39 8.90 -11.29
CA MET C 661 10.73 10.26 -11.67
C MET C 661 10.88 11.14 -10.44
N TRP C 662 9.89 11.06 -9.54
CA TRP C 662 9.92 11.84 -8.32
C TRP C 662 11.07 11.42 -7.42
N THR C 663 11.35 10.12 -7.42
CA THR C 663 12.44 9.58 -6.65
C THR C 663 13.74 10.14 -7.20
N TYR C 664 13.76 10.32 -8.50
CA TYR C 664 14.93 10.86 -9.17
C TYR C 664 15.13 12.32 -8.82
N MET C 665 14.08 13.11 -8.98
CA MET C 665 14.18 14.54 -8.78
C MET C 665 14.50 14.88 -7.33
N ARG C 666 14.00 14.05 -6.42
CA ARG C 666 14.25 14.28 -5.00
C ARG C 666 15.72 14.11 -4.67
N SER C 667 16.39 13.23 -5.41
CA SER C 667 17.79 12.93 -5.16
C SER C 667 18.74 13.75 -6.02
N ALA C 668 18.31 14.09 -7.23
CA ALA C 668 19.18 14.73 -8.20
C ALA C 668 19.67 16.08 -7.71
N GLU C 669 20.96 16.35 -7.93
CA GLU C 669 21.51 17.65 -7.58
C GLU C 669 22.41 18.18 -8.70
N PRO C 670 22.45 19.50 -8.89
CA PRO C 670 21.65 20.52 -8.21
C PRO C 670 20.17 20.36 -8.50
N SER C 671 19.33 20.66 -7.52
CA SER C 671 17.91 20.31 -7.59
C SER C 671 17.24 20.90 -8.82
N VAL C 672 16.40 20.09 -9.46
CA VAL C 672 15.73 20.47 -10.69
C VAL C 672 14.69 21.55 -10.47
N PHE C 673 14.21 21.67 -9.24
CA PHE C 673 13.15 22.62 -8.91
C PHE C 673 13.59 24.06 -9.14
N VAL C 674 12.65 24.89 -9.58
CA VAL C 674 12.93 26.31 -9.81
C VAL C 674 11.90 27.17 -9.10
N ARG C 675 12.28 28.39 -8.75
CA ARG C 675 11.40 29.28 -8.02
C ARG C 675 10.16 29.72 -8.80
N THR C 676 10.31 29.89 -10.11
CA THR C 676 9.21 30.42 -10.92
C THR C 676 9.14 29.72 -12.26
N THR C 677 7.95 29.74 -12.86
CA THR C 677 7.74 29.11 -14.15
C THR C 677 8.60 29.80 -15.20
N ALA C 678 8.75 31.11 -15.07
CA ALA C 678 9.57 31.85 -16.00
C ALA C 678 11.02 31.42 -15.90
N GLU C 679 11.46 31.19 -14.66
CA GLU C 679 12.83 30.77 -14.43
C GLU C 679 13.05 29.41 -15.02
N GLY C 680 12.02 28.58 -14.99
CA GLY C 680 12.11 27.26 -15.57
C GLY C 680 12.20 27.37 -17.08
N VAL C 681 11.47 28.32 -17.64
CA VAL C 681 11.50 28.53 -19.08
C VAL C 681 12.89 28.94 -19.52
N ALA C 682 13.51 29.80 -18.70
CA ALA C 682 14.87 30.23 -19.00
C ALA C 682 15.85 29.08 -18.87
N ARG C 683 15.65 28.25 -17.86
CA ARG C 683 16.53 27.10 -17.66
C ARG C 683 16.39 26.09 -18.78
N VAL C 684 15.23 26.05 -19.42
CA VAL C 684 15.06 25.17 -20.56
C VAL C 684 15.69 25.76 -21.81
N ARG C 685 15.41 27.03 -22.06
CA ARG C 685 15.89 27.67 -23.28
C ARG C 685 17.41 27.75 -23.34
N LYS C 686 18.03 27.92 -22.17
CA LYS C 686 19.47 28.12 -22.14
C LYS C 686 20.25 26.82 -22.01
N SER C 687 19.55 25.74 -21.68
CA SER C 687 20.20 24.45 -21.49
C SER C 687 20.48 23.77 -22.83
N LYS C 688 19.93 24.35 -23.89
CA LYS C 688 20.10 23.84 -25.23
C LYS C 688 19.67 22.38 -25.34
N GLY C 689 18.50 22.08 -24.79
CA GLY C 689 17.91 20.76 -24.88
C GLY C 689 18.35 19.81 -23.79
N LYS C 690 19.26 20.27 -22.93
CA LYS C 690 19.72 19.43 -21.84
C LYS C 690 18.85 19.52 -20.59
N TYR C 691 17.85 20.40 -20.61
CA TYR C 691 16.91 20.45 -19.50
C TYR C 691 15.46 20.65 -19.94
N ALA C 692 14.71 19.56 -19.91
CA ALA C 692 13.27 19.58 -20.13
C ALA C 692 12.56 20.08 -18.87
N TYR C 693 11.34 20.60 -19.05
CA TYR C 693 10.56 21.04 -17.89
C TYR C 693 9.13 20.52 -18.00
N LEU C 694 8.41 20.51 -16.89
CA LEU C 694 7.05 19.98 -16.89
C LEU C 694 6.06 21.00 -16.32
N LEU C 695 4.92 21.18 -16.99
CA LEU C 695 3.92 22.13 -16.52
C LEU C 695 2.56 21.92 -17.18
N GLU C 696 1.56 22.69 -16.75
CA GLU C 696 0.19 22.52 -17.23
C GLU C 696 0.11 22.66 -18.74
N SER C 697 -0.63 21.75 -19.37
CA SER C 697 -0.63 21.62 -20.81
C SER C 697 -1.01 22.90 -21.54
N THR C 698 -2.12 23.49 -21.12
CA THR C 698 -2.61 24.69 -21.78
C THR C 698 -1.60 25.80 -21.63
N MET C 699 -0.93 25.83 -20.49
CA MET C 699 0.10 26.80 -20.27
C MET C 699 1.25 26.58 -21.23
N ASN C 700 1.55 25.31 -21.49
CA ASN C 700 2.67 24.96 -22.35
C ASN C 700 2.36 25.40 -23.77
N GLU C 701 1.14 25.13 -24.22
CA GLU C 701 0.76 25.52 -25.55
C GLU C 701 0.75 27.03 -25.67
N TYR C 702 0.34 27.70 -24.60
CA TYR C 702 0.31 29.14 -24.64
C TYR C 702 1.71 29.74 -24.68
N ILE C 703 2.68 29.04 -24.11
CA ILE C 703 4.06 29.51 -24.17
C ILE C 703 4.70 29.22 -25.52
N GLU C 704 4.35 28.08 -26.10
CA GLU C 704 4.97 27.65 -27.34
C GLU C 704 4.67 28.62 -28.48
N GLN C 705 3.49 29.23 -28.43
CA GLN C 705 3.13 30.24 -29.43
C GLN C 705 3.93 31.52 -29.24
N ARG C 706 4.43 31.74 -28.03
CA ARG C 706 5.17 32.95 -27.71
C ARG C 706 6.57 32.92 -28.32
N LYS C 707 7.13 34.10 -28.58
CA LYS C 707 8.50 34.23 -29.07
C LYS C 707 9.49 33.82 -28.00
N PRO C 708 10.67 33.33 -28.41
CA PRO C 708 11.17 33.18 -29.78
C PRO C 708 10.67 31.95 -30.52
N CYS C 709 9.59 31.33 -30.06
CA CYS C 709 9.07 30.09 -30.64
C CYS C 709 10.14 29.00 -30.63
N ASP C 710 11.06 29.10 -29.68
CA ASP C 710 12.21 28.21 -29.61
C ASP C 710 11.95 26.93 -28.80
N THR C 711 10.78 26.83 -28.20
CA THR C 711 10.46 25.69 -27.36
C THR C 711 9.10 25.11 -27.71
N MET C 712 8.90 23.84 -27.42
CA MET C 712 7.68 23.17 -27.80
C MET C 712 7.26 22.06 -26.85
N LYS C 713 5.95 21.87 -26.75
CA LYS C 713 5.36 20.76 -26.02
C LYS C 713 5.51 19.48 -26.81
N VAL C 714 5.66 18.35 -26.12
CA VAL C 714 5.70 17.07 -26.80
C VAL C 714 4.96 15.99 -26.01
N GLY C 715 4.33 15.08 -26.74
CA GLY C 715 3.65 13.95 -26.12
C GLY C 715 2.25 14.29 -25.63
N GLY C 716 1.54 13.28 -25.17
CA GLY C 716 0.21 13.48 -24.61
C GLY C 716 0.28 13.91 -23.17
N ASN C 717 -0.84 14.35 -22.63
CA ASN C 717 -0.89 14.76 -21.24
C ASN C 717 -0.71 13.58 -20.29
N LEU C 718 0.08 13.78 -19.26
CA LEU C 718 0.35 12.73 -18.28
C LEU C 718 -0.87 12.39 -17.45
N ASP C 719 -1.75 13.35 -17.27
CA ASP C 719 -2.89 13.18 -16.38
C ASP C 719 -4.03 14.11 -16.72
N SER C 720 -5.19 13.87 -16.13
CA SER C 720 -6.37 14.68 -16.42
C SER C 720 -6.67 15.71 -15.34
N LYS C 721 -6.99 16.92 -15.79
CA LYS C 721 -7.56 17.95 -14.94
C LYS C 721 -8.47 18.82 -15.78
N GLY C 722 -9.39 19.53 -15.12
CA GLY C 722 -10.31 20.38 -15.84
C GLY C 722 -10.72 21.63 -15.07
N TYR C 723 -10.47 22.78 -15.65
CA TYR C 723 -10.99 24.02 -15.12
C TYR C 723 -12.50 24.02 -15.25
N GLY C 724 -13.18 24.59 -14.27
CA GLY C 724 -14.63 24.68 -14.30
C GLY C 724 -15.10 25.91 -13.55
N ILE C 725 -16.23 26.47 -13.97
CA ILE C 725 -16.75 27.67 -13.33
C ILE C 725 -17.09 27.38 -11.89
N ALA C 726 -16.76 28.32 -11.01
CA ALA C 726 -16.99 28.14 -9.59
C ALA C 726 -18.10 29.06 -9.09
N THR C 727 -18.96 28.51 -8.26
CA THR C 727 -19.99 29.31 -7.60
C THR C 727 -20.08 28.94 -6.13
N PRO C 728 -20.52 29.89 -5.30
CA PRO C 728 -20.81 29.52 -3.92
C PRO C 728 -21.91 28.48 -3.90
N LYS C 729 -21.83 27.52 -2.99
CA LYS C 729 -22.75 26.41 -2.97
C LYS C 729 -24.18 26.85 -2.72
N GLY C 730 -25.11 26.24 -3.45
CA GLY C 730 -26.51 26.53 -3.26
C GLY C 730 -26.98 27.76 -4.00
N SER C 731 -26.08 28.41 -4.74
CA SER C 731 -26.47 29.54 -5.56
C SER C 731 -27.42 29.10 -6.67
N SER C 732 -28.43 29.92 -6.94
CA SER C 732 -29.39 29.59 -7.97
C SER C 732 -28.75 29.62 -9.35
N LEU C 733 -27.70 30.41 -9.49
CA LEU C 733 -27.01 30.55 -10.76
C LEU C 733 -26.35 29.26 -11.22
N GLY C 734 -25.96 28.44 -10.25
CA GLY C 734 -25.16 27.27 -10.51
C GLY C 734 -25.59 26.42 -11.69
N THR C 735 -26.73 25.75 -11.55
CA THR C 735 -27.20 24.85 -12.59
C THR C 735 -27.37 25.52 -13.95
N PRO C 736 -28.08 26.67 -14.02
CA PRO C 736 -28.19 27.29 -15.34
C PRO C 736 -26.85 27.65 -15.97
N VAL C 737 -25.89 28.06 -15.15
CA VAL C 737 -24.57 28.38 -15.66
C VAL C 737 -23.92 27.14 -16.22
N ASN C 738 -24.06 26.03 -15.51
CA ASN C 738 -23.45 24.79 -15.95
C ASN C 738 -24.07 24.37 -17.28
N LEU C 739 -25.36 24.65 -17.41
CA LEU C 739 -26.08 24.38 -18.64
C LEU C 739 -25.49 25.22 -19.76
N ALA C 740 -25.12 26.45 -19.40
CA ALA C 740 -24.51 27.35 -20.37
C ALA C 740 -23.17 26.78 -20.81
N VAL C 741 -22.49 26.14 -19.87
CA VAL C 741 -21.19 25.57 -20.16
C VAL C 741 -21.36 24.46 -21.17
N LEU C 742 -22.30 23.58 -20.91
CA LEU C 742 -22.52 22.46 -21.80
C LEU C 742 -22.95 22.94 -23.17
N LYS C 743 -23.73 24.02 -23.20
CA LYS C 743 -24.21 24.55 -24.46
C LYS C 743 -23.06 25.10 -25.27
N LEU C 744 -22.17 25.82 -24.60
CA LEU C 744 -21.01 26.39 -25.28
C LEU C 744 -20.06 25.30 -25.74
N SER C 745 -20.07 24.18 -25.04
CA SER C 745 -19.22 23.06 -25.42
C SER C 745 -19.75 22.37 -26.67
N GLU C 746 -21.05 22.07 -26.67
CA GLU C 746 -21.65 21.34 -27.78
C GLU C 746 -21.59 22.15 -29.06
N GLN C 747 -21.75 23.46 -28.91
CA GLN C 747 -21.68 24.37 -30.05
C GLN C 747 -20.27 24.49 -30.57
N GLY C 748 -19.30 24.23 -29.70
CA GLY C 748 -17.91 24.21 -30.10
C GLY C 748 -17.31 25.60 -30.18
N VAL C 749 -18.08 26.59 -29.78
CA VAL C 749 -17.65 27.98 -29.86
C VAL C 749 -16.42 28.21 -28.99
N LEU C 750 -16.33 27.41 -27.93
CA LEU C 750 -15.22 27.50 -27.00
C LEU C 750 -13.92 27.24 -27.73
N ASP C 751 -13.95 26.25 -28.63
CA ASP C 751 -12.78 25.93 -29.42
C ASP C 751 -12.45 27.04 -30.37
N LYS C 752 -13.48 27.74 -30.84
CA LYS C 752 -13.26 28.88 -31.71
C LYS C 752 -12.49 29.93 -30.94
N LEU C 753 -12.85 30.06 -29.68
CA LEU C 753 -12.17 30.97 -28.79
C LEU C 753 -10.74 30.51 -28.55
N LYS C 754 -10.55 29.20 -28.56
CA LYS C 754 -9.27 28.62 -28.24
C LYS C 754 -8.30 28.88 -29.37
N ASN C 755 -8.76 28.64 -30.58
CA ASN C 755 -7.99 28.96 -31.76
C ASN C 755 -7.81 30.46 -31.86
N LYS C 756 -8.72 31.21 -31.26
CA LYS C 756 -8.56 32.64 -31.22
C LYS C 756 -7.35 33.00 -30.38
N TRP C 757 -7.52 32.97 -29.06
CA TRP C 757 -6.52 33.49 -28.16
C TRP C 757 -5.21 32.70 -28.19
N TRP C 758 -5.28 31.40 -28.43
CA TRP C 758 -4.05 30.61 -28.52
C TRP C 758 -3.40 30.56 -29.91
N TYR C 759 -4.05 31.09 -30.93
CA TYR C 759 -3.46 31.01 -32.26
C TYR C 759 -3.69 32.27 -33.09
N ASP C 760 -4.93 32.73 -33.12
CA ASP C 760 -5.26 33.91 -33.91
C ASP C 760 -4.54 35.11 -33.33
N LYS C 761 -4.33 35.09 -32.02
CA LYS C 761 -3.52 36.10 -31.36
C LYS C 761 -2.06 35.68 -31.39
N GLY C 762 -1.83 34.46 -31.85
CA GLY C 762 -0.53 33.83 -31.72
C GLY C 762 0.58 34.44 -32.54
N GLU C 763 1.80 34.27 -32.06
CA GLU C 763 2.99 34.83 -32.69
C GLU C 763 3.55 33.92 -33.77
N CYS C 764 3.00 32.71 -33.86
CA CYS C 764 3.41 31.75 -34.88
C CYS C 764 2.20 30.92 -35.31
N GLY C 765 2.16 30.55 -36.59
CA GLY C 765 1.03 29.83 -37.13
C GLY C 765 0.96 28.39 -36.65
N ALA C 766 -0.25 27.83 -36.67
CA ALA C 766 -0.44 26.43 -36.28
C ALA C 766 0.23 25.47 -37.24
N LYS C 767 0.28 25.85 -38.51
CA LYS C 767 0.94 25.03 -39.52
C LYS C 767 2.43 25.31 -39.58
N ASP C 768 2.89 26.34 -38.87
CA ASP C 768 4.31 26.68 -38.85
C ASP C 768 5.13 25.57 -38.22
N SER C 769 4.52 24.82 -37.31
CA SER C 769 5.17 23.73 -36.61
C SER C 769 5.57 22.58 -37.55
N GLY C 770 4.81 22.43 -38.63
CA GLY C 770 5.02 21.34 -39.56
C GLY C 770 6.06 21.61 -40.64
N SER C 771 6.66 22.80 -40.59
CA SER C 771 7.60 23.23 -41.63
C SER C 771 9.02 22.71 -41.43
N LYS C 772 9.26 22.03 -40.31
CA LYS C 772 10.61 21.58 -39.96
C LYS C 772 10.96 20.20 -40.54
N GLU C 773 10.16 19.75 -41.50
CA GLU C 773 10.35 18.46 -42.17
C GLU C 773 10.34 17.28 -41.20
N LYS C 774 10.83 16.13 -41.68
CA LYS C 774 10.89 14.93 -40.87
C LYS C 774 12.27 14.29 -40.90
N THR C 775 12.52 13.42 -41.87
CA THR C 775 13.78 12.68 -41.93
C THR C 775 14.58 12.97 -43.18
N SER C 776 13.93 12.84 -44.33
CA SER C 776 14.59 12.96 -45.62
C SER C 776 15.77 12.00 -45.72
N ALA C 777 16.74 12.35 -46.54
CA ALA C 777 17.92 11.52 -46.75
C ALA C 777 19.04 12.30 -47.42
N LEU C 778 19.99 12.76 -46.61
CA LEU C 778 21.18 13.46 -47.08
C LEU C 778 20.90 14.76 -47.82
N SER C 779 21.12 15.87 -47.14
CA SER C 779 21.08 17.18 -47.75
C SER C 779 22.29 17.40 -48.63
N LEU C 780 22.15 18.32 -49.59
CA LEU C 780 23.25 18.66 -50.48
C LEU C 780 24.46 19.18 -49.72
N SER C 781 24.21 19.83 -48.60
CA SER C 781 25.22 20.58 -47.86
C SER C 781 26.61 19.96 -47.82
N ASN C 782 26.71 18.86 -47.09
CA ASN C 782 28.00 18.29 -46.76
C ASN C 782 28.82 17.98 -48.01
N VAL C 783 28.21 17.31 -48.97
CA VAL C 783 28.89 16.98 -50.20
C VAL C 783 29.19 18.24 -51.01
N ALA C 784 28.32 19.24 -50.88
CA ALA C 784 28.49 20.49 -51.61
C ALA C 784 29.75 21.19 -51.13
N GLY C 785 30.12 20.92 -49.88
CA GLY C 785 31.37 21.44 -49.36
C GLY C 785 32.51 20.88 -50.20
N VAL C 786 32.32 19.67 -50.70
CA VAL C 786 33.29 19.08 -51.63
C VAL C 786 33.10 19.62 -53.04
N PHE C 787 31.87 20.00 -53.39
CA PHE C 787 31.67 20.60 -54.70
C PHE C 787 32.47 21.87 -54.83
N TYR C 788 32.59 22.61 -53.75
CA TYR C 788 33.30 23.86 -53.80
C TYR C 788 34.80 23.65 -54.03
N ILE C 789 35.38 22.67 -53.34
CA ILE C 789 36.79 22.39 -53.54
C ILE C 789 36.99 21.76 -54.93
N LEU C 790 35.94 21.14 -55.44
CA LEU C 790 35.99 20.58 -56.78
C LEU C 790 36.09 21.68 -57.83
N VAL C 791 35.17 22.63 -57.76
CA VAL C 791 35.14 23.71 -58.72
C VAL C 791 36.38 24.56 -58.56
N GLY C 792 36.86 24.66 -57.33
CA GLY C 792 38.05 25.44 -57.05
C GLY C 792 39.27 24.78 -57.65
N GLY C 793 39.29 23.45 -57.61
CA GLY C 793 40.37 22.71 -58.19
C GLY C 793 40.33 22.89 -59.69
N LEU C 794 39.12 22.95 -60.24
CA LEU C 794 38.96 23.21 -61.66
C LEU C 794 39.48 24.59 -62.00
N GLY C 795 39.31 25.54 -61.09
CA GLY C 795 39.76 26.89 -61.34
C GLY C 795 41.27 26.95 -61.32
N LEU C 796 41.86 26.15 -60.43
CA LEU C 796 43.31 26.06 -60.40
C LEU C 796 43.81 25.46 -61.70
N ALA C 797 43.07 24.49 -62.21
CA ALA C 797 43.43 23.87 -63.47
C ALA C 797 43.34 24.87 -64.61
N MET C 798 42.37 25.77 -64.52
CA MET C 798 42.20 26.79 -65.54
C MET C 798 43.34 27.78 -65.50
N LEU C 799 43.77 28.15 -64.30
CA LEU C 799 44.86 29.10 -64.17
C LEU C 799 46.14 28.49 -64.70
N VAL C 800 46.38 27.24 -64.32
CA VAL C 800 47.56 26.53 -64.75
C VAL C 800 47.54 26.38 -66.26
N ALA C 801 46.35 26.23 -66.83
CA ALA C 801 46.23 26.10 -68.27
C ALA C 801 46.81 27.32 -68.97
N LEU C 802 46.19 28.46 -68.75
CA LEU C 802 46.58 29.67 -69.44
C LEU C 802 48.00 30.11 -69.11
N ILE C 803 48.45 29.90 -67.87
CA ILE C 803 49.82 30.27 -67.57
C ILE C 803 50.75 29.36 -68.37
N GLU C 804 50.37 28.10 -68.54
CA GLU C 804 51.18 27.19 -69.35
C GLU C 804 51.21 27.60 -70.81
N PHE C 805 50.11 28.14 -71.32
CA PHE C 805 50.14 28.69 -72.67
C PHE C 805 51.08 29.89 -72.73
N CYS C 806 51.10 30.65 -71.65
CA CYS C 806 52.01 31.78 -71.57
C CYS C 806 53.46 31.32 -71.57
N TYR C 807 53.75 30.17 -70.96
CA TYR C 807 55.09 29.61 -71.06
C TYR C 807 55.33 29.04 -72.45
N LYS C 808 54.26 28.64 -73.12
CA LYS C 808 54.37 28.16 -74.49
C LYS C 808 54.79 29.32 -75.38
N SER C 809 54.38 30.52 -75.01
CA SER C 809 54.81 31.71 -75.74
C SER C 809 56.21 32.16 -75.32
N ARG C 810 56.46 32.21 -74.02
CA ARG C 810 57.74 32.64 -73.48
C ARG C 810 58.86 31.67 -73.80
N ALA C 811 58.51 30.39 -73.94
CA ALA C 811 59.51 29.37 -74.25
C ALA C 811 59.21 28.73 -75.60
N ASN D 1 -24.07 38.34 76.02
CA ASN D 1 -24.75 39.28 75.13
C ASN D 1 -25.51 38.57 74.03
N SER D 2 -26.83 38.72 74.03
CA SER D 2 -27.66 38.19 72.96
C SER D 2 -27.33 38.90 71.65
N ILE D 3 -27.25 38.13 70.57
CA ILE D 3 -26.98 38.70 69.25
C ILE D 3 -27.86 38.00 68.22
N GLN D 4 -29.06 38.52 68.03
CA GLN D 4 -30.03 37.89 67.14
C GLN D 4 -29.60 37.94 65.68
N ILE D 5 -29.80 36.81 65.00
CA ILE D 5 -29.53 36.69 63.57
C ILE D 5 -30.59 35.80 62.95
N GLY D 6 -30.71 35.86 61.62
CA GLY D 6 -31.69 35.06 60.92
C GLY D 6 -31.20 33.65 60.71
N GLY D 7 -32.09 32.78 60.23
CA GLY D 7 -31.71 31.41 59.94
C GLY D 7 -32.53 30.75 58.86
N LEU D 8 -32.52 31.33 57.66
CA LEU D 8 -33.24 30.72 56.54
C LEU D 8 -32.61 29.41 56.10
N PHE D 9 -33.45 28.42 55.83
CA PHE D 9 -32.99 27.16 55.27
C PHE D 9 -34.07 26.51 54.42
N PRO D 10 -33.69 25.98 53.26
CA PRO D 10 -34.58 25.16 52.43
C PRO D 10 -35.00 23.90 53.16
N ARG D 11 -36.22 23.43 52.94
CA ARG D 11 -36.65 22.16 53.47
C ARG D 11 -35.80 21.06 52.84
N GLY D 12 -35.43 20.07 53.64
CA GLY D 12 -34.58 19.00 53.15
C GLY D 12 -33.11 19.32 53.19
N ALA D 13 -32.76 20.48 53.73
CA ALA D 13 -31.36 20.84 53.94
C ALA D 13 -30.94 20.48 55.35
N ASP D 14 -31.26 19.26 55.75
CA ASP D 14 -31.13 18.84 57.13
C ASP D 14 -29.68 18.81 57.60
N GLN D 15 -28.79 18.41 56.71
CA GLN D 15 -27.38 18.27 57.04
C GLN D 15 -26.78 19.62 57.38
N GLU D 16 -27.26 20.64 56.67
CA GLU D 16 -26.78 21.99 56.83
C GLU D 16 -27.27 22.59 58.14
N TYR D 17 -28.51 22.27 58.50
CA TYR D 17 -29.07 22.74 59.75
C TYR D 17 -28.36 22.09 60.93
N SER D 18 -28.06 20.80 60.77
CA SER D 18 -27.37 20.06 61.82
C SER D 18 -25.99 20.64 62.01
N ALA D 19 -25.27 20.81 60.91
CA ALA D 19 -23.94 21.36 60.95
C ALA D 19 -23.98 22.78 61.50
N PHE D 20 -25.09 23.46 61.26
CA PHE D 20 -25.28 24.81 61.75
C PHE D 20 -25.35 24.82 63.27
N ARG D 21 -26.13 23.91 63.82
CA ARG D 21 -26.19 23.78 65.27
C ARG D 21 -24.82 23.38 65.80
N VAL D 22 -24.09 22.60 65.02
CA VAL D 22 -22.74 22.22 65.39
C VAL D 22 -21.87 23.45 65.49
N GLY D 23 -22.14 24.41 64.61
CA GLY D 23 -21.39 25.66 64.63
C GLY D 23 -21.76 26.45 65.86
N MET D 24 -23.04 26.39 66.23
CA MET D 24 -23.48 27.06 67.44
C MET D 24 -22.81 26.48 68.67
N VAL D 25 -22.57 25.18 68.66
CA VAL D 25 -21.98 24.54 69.83
C VAL D 25 -20.49 24.81 69.89
N GLN D 26 -19.83 24.63 68.76
CA GLN D 26 -18.37 24.69 68.73
C GLN D 26 -17.80 26.08 69.04
N PHE D 27 -18.52 27.12 68.66
CA PHE D 27 -17.95 28.45 68.75
C PHE D 27 -18.69 29.35 69.72
N SER D 28 -19.57 28.76 70.52
CA SER D 28 -20.29 29.50 71.54
C SER D 28 -19.31 30.05 72.57
N THR D 29 -19.57 31.25 73.06
CA THR D 29 -18.68 31.87 74.05
C THR D 29 -19.49 32.60 75.11
N SER D 30 -18.91 32.72 76.30
CA SER D 30 -19.57 33.40 77.41
C SER D 30 -19.72 34.90 77.14
N GLU D 31 -18.84 35.44 76.31
CA GLU D 31 -18.81 36.87 76.06
C GLU D 31 -20.11 37.36 75.44
N PHE D 32 -20.72 36.49 74.64
CA PHE D 32 -21.98 36.80 73.98
C PHE D 32 -22.58 35.53 73.41
N ARG D 33 -23.91 35.47 73.36
CA ARG D 33 -24.54 34.32 72.73
C ARG D 33 -25.18 34.71 71.41
N LEU D 34 -24.87 33.94 70.37
CA LEU D 34 -25.56 34.08 69.11
C LEU D 34 -27.01 33.66 69.29
N THR D 35 -27.92 34.33 68.58
CA THR D 35 -29.34 34.07 68.76
C THR D 35 -29.99 33.80 67.41
N PRO D 36 -29.82 32.57 66.92
CA PRO D 36 -30.38 32.15 65.63
C PRO D 36 -31.90 32.23 65.64
N HIS D 37 -32.47 32.58 64.49
CA HIS D 37 -33.92 32.58 64.34
C HIS D 37 -34.24 31.72 63.12
N ILE D 38 -34.36 30.42 63.35
CA ILE D 38 -34.53 29.44 62.30
C ILE D 38 -35.86 29.57 61.56
N ASP D 39 -35.80 29.48 60.24
CA ASP D 39 -36.98 29.47 59.38
C ASP D 39 -36.76 28.52 58.21
N ASN D 40 -37.57 27.48 58.14
CA ASN D 40 -37.40 26.45 57.13
C ASN D 40 -38.33 26.62 55.95
N LEU D 41 -38.58 27.87 55.58
CA LEU D 41 -39.45 28.17 54.45
C LEU D 41 -38.81 27.76 53.14
N GLU D 42 -39.65 27.36 52.19
CA GLU D 42 -39.18 26.92 50.88
C GLU D 42 -38.48 28.03 50.13
N VAL D 43 -37.38 27.68 49.46
CA VAL D 43 -36.61 28.65 48.70
C VAL D 43 -37.27 28.97 47.36
N ALA D 44 -38.14 28.08 46.91
CA ALA D 44 -38.72 28.19 45.57
C ALA D 44 -39.61 29.42 45.42
N ASN D 45 -40.28 29.82 46.49
CA ASN D 45 -41.19 30.95 46.43
C ASN D 45 -40.52 32.23 46.88
N SER D 46 -40.32 33.14 45.94
CA SER D 46 -39.70 34.41 46.25
C SER D 46 -40.55 35.21 47.22
N PHE D 47 -41.86 35.06 47.10
CA PHE D 47 -42.77 35.74 48.02
C PHE D 47 -42.59 35.24 49.43
N ALA D 48 -42.42 33.93 49.57
CA ALA D 48 -42.21 33.35 50.89
C ALA D 48 -40.89 33.84 51.46
N VAL D 49 -39.92 34.02 50.56
CA VAL D 49 -38.63 34.53 50.96
C VAL D 49 -38.79 35.95 51.48
N THR D 50 -39.65 36.70 50.81
CA THR D 50 -39.92 38.07 51.20
C THR D 50 -40.57 38.08 52.57
N ASN D 51 -41.38 37.06 52.80
CA ASN D 51 -42.14 36.96 54.02
C ASN D 51 -41.20 36.73 55.19
N ALA D 52 -40.32 35.74 55.03
CA ALA D 52 -39.37 35.41 56.08
C ALA D 52 -38.41 36.57 56.29
N PHE D 53 -38.11 37.28 55.21
CA PHE D 53 -37.14 38.36 55.28
C PHE D 53 -37.72 39.50 56.11
N CYS D 54 -38.95 39.90 55.79
CA CYS D 54 -39.61 40.93 56.55
C CYS D 54 -39.86 40.48 57.98
N SER D 55 -40.06 39.19 58.15
CA SER D 55 -40.34 38.63 59.47
C SER D 55 -39.13 38.78 60.37
N GLN D 56 -37.97 38.38 59.87
CA GLN D 56 -36.75 38.53 60.64
C GLN D 56 -36.38 40.00 60.76
N PHE D 57 -36.81 40.81 59.80
CA PHE D 57 -36.60 42.24 59.90
C PHE D 57 -37.37 42.78 61.09
N SER D 58 -38.55 42.19 61.32
CA SER D 58 -39.34 42.50 62.50
C SER D 58 -38.64 41.97 63.74
N ARG D 59 -37.85 40.91 63.56
CA ARG D 59 -37.11 40.31 64.65
C ARG D 59 -35.96 41.22 65.04
N GLY D 60 -35.60 42.13 64.13
CA GLY D 60 -34.55 43.08 64.40
C GLY D 60 -33.18 42.44 64.32
N VAL D 61 -33.11 41.31 63.62
CA VAL D 61 -31.86 40.56 63.54
C VAL D 61 -30.77 41.40 62.91
N TYR D 62 -29.56 41.28 63.46
CA TYR D 62 -28.44 42.08 62.98
C TYR D 62 -27.83 41.45 61.74
N ALA D 63 -28.28 40.25 61.43
CA ALA D 63 -27.81 39.54 60.25
C ALA D 63 -28.82 38.49 59.82
N ILE D 64 -28.75 38.08 58.56
CA ILE D 64 -29.61 37.04 58.03
C ILE D 64 -28.77 36.07 57.22
N PHE D 65 -29.15 34.80 57.25
CA PHE D 65 -28.37 33.78 56.58
C PHE D 65 -29.24 32.68 55.99
N GLY D 66 -28.80 32.12 54.87
CA GLY D 66 -29.53 31.04 54.22
C GLY D 66 -29.15 30.80 52.76
N PHE D 67 -29.78 29.81 52.15
CA PHE D 67 -29.57 29.51 50.74
C PHE D 67 -30.45 30.41 49.88
N TYR D 68 -30.22 30.38 48.57
CA TYR D 68 -31.15 31.04 47.66
C TYR D 68 -31.22 30.36 46.31
N ASP D 69 -32.40 30.43 45.72
CA ASP D 69 -32.66 29.98 44.37
C ASP D 69 -32.09 30.98 43.36
N LYS D 70 -31.79 30.50 42.17
CA LYS D 70 -31.48 31.39 41.07
C LYS D 70 -32.68 32.28 40.82
N LYS D 71 -33.87 31.73 41.05
CA LYS D 71 -35.08 32.52 40.96
C LYS D 71 -35.16 33.59 42.04
N SER D 72 -34.53 33.33 43.18
CA SER D 72 -34.69 34.21 44.33
C SER D 72 -33.53 35.17 44.56
N VAL D 73 -32.43 34.97 43.85
CA VAL D 73 -31.21 35.71 44.14
C VAL D 73 -31.38 37.22 44.00
N ASN D 74 -32.13 37.62 42.99
CA ASN D 74 -32.31 39.03 42.72
C ASN D 74 -33.12 39.70 43.82
N THR D 75 -33.97 38.93 44.47
CA THR D 75 -34.75 39.46 45.56
C THR D 75 -33.85 39.77 46.74
N ILE D 76 -33.00 38.81 47.09
CA ILE D 76 -32.08 39.00 48.21
C ILE D 76 -31.11 40.13 47.93
N THR D 77 -30.64 40.22 46.70
CA THR D 77 -29.75 41.31 46.34
C THR D 77 -30.48 42.64 46.40
N SER D 78 -31.77 42.62 46.08
CA SER D 78 -32.54 43.86 46.07
C SER D 78 -32.74 44.37 47.48
N PHE D 79 -33.19 43.49 48.37
CA PHE D 79 -33.45 43.89 49.75
C PHE D 79 -32.20 44.18 50.55
N CYS D 80 -31.22 43.29 50.47
CA CYS D 80 -29.98 43.50 51.19
C CYS D 80 -29.26 44.71 50.62
N GLY D 81 -29.49 44.96 49.34
CA GLY D 81 -28.92 46.12 48.71
C GLY D 81 -29.73 47.34 49.08
N THR D 82 -30.91 47.10 49.65
CA THR D 82 -31.78 48.19 50.05
C THR D 82 -31.59 48.55 51.52
N LEU D 83 -31.89 47.61 52.39
CA LEU D 83 -31.92 47.89 53.82
C LEU D 83 -30.53 47.82 54.43
N HIS D 84 -29.55 47.53 53.60
CA HIS D 84 -28.16 47.41 54.03
C HIS D 84 -28.01 46.33 55.10
N VAL D 85 -28.80 45.28 54.97
CA VAL D 85 -28.66 44.12 55.83
C VAL D 85 -27.70 43.13 55.19
N SER D 86 -26.66 42.77 55.94
CA SER D 86 -25.68 41.81 55.45
C SER D 86 -26.29 40.42 55.30
N PHE D 87 -25.84 39.68 54.29
CA PHE D 87 -26.33 38.34 54.06
C PHE D 87 -25.24 37.42 53.52
N ILE D 88 -24.82 36.49 54.36
CA ILE D 88 -23.88 35.44 53.97
C ILE D 88 -24.64 34.37 53.21
N THR D 89 -23.98 33.69 52.26
CA THR D 89 -24.62 32.57 51.58
C THR D 89 -23.65 31.53 51.02
N PRO D 90 -23.92 30.26 51.34
CA PRO D 90 -23.30 29.04 50.81
C PRO D 90 -23.47 28.89 49.30
N SER D 91 -24.58 29.40 48.76
CA SER D 91 -24.96 29.15 47.38
C SER D 91 -23.97 29.72 46.37
N PHE D 92 -24.28 29.54 45.09
CA PHE D 92 -23.38 29.93 44.02
C PHE D 92 -23.15 31.43 44.00
N PRO D 93 -21.95 31.85 43.60
CA PRO D 93 -21.58 33.26 43.63
C PRO D 93 -22.47 34.11 42.73
N THR D 94 -22.74 35.33 43.16
CA THR D 94 -23.57 36.25 42.39
C THR D 94 -22.91 36.60 41.07
N ASP D 95 -23.70 36.72 40.03
CA ASP D 95 -23.18 37.11 38.72
C ASP D 95 -22.75 38.57 38.70
N GLY D 96 -23.32 39.37 39.60
CA GLY D 96 -23.00 40.79 39.66
C GLY D 96 -22.59 41.21 41.04
N THR D 97 -21.75 42.25 41.12
CA THR D 97 -21.33 42.77 42.40
C THR D 97 -22.50 43.37 43.17
N HIS D 98 -22.59 43.05 44.46
CA HIS D 98 -23.59 43.69 45.30
C HIS D 98 -23.05 43.99 46.70
N PRO D 99 -23.56 45.05 47.32
CA PRO D 99 -23.37 45.34 48.74
C PRO D 99 -24.01 44.28 49.64
N PHE D 100 -23.40 44.03 50.79
CA PHE D 100 -24.00 43.19 51.83
C PHE D 100 -24.35 41.79 51.35
N VAL D 101 -23.53 41.25 50.47
CA VAL D 101 -23.75 39.90 49.98
C VAL D 101 -22.48 39.08 50.13
N ILE D 102 -22.24 38.61 51.33
CA ILE D 102 -21.14 37.70 51.54
C ILE D 102 -21.54 36.36 50.95
N GLN D 103 -20.57 35.64 50.39
CA GLN D 103 -20.85 34.40 49.69
C GLN D 103 -19.77 33.33 49.88
N MET D 104 -20.17 32.26 50.56
CA MET D 104 -19.25 31.21 51.00
C MET D 104 -18.68 30.33 49.90
N ARG D 105 -19.32 30.31 48.75
CA ARG D 105 -18.91 29.39 47.71
C ARG D 105 -17.88 30.01 46.80
N PRO D 106 -16.69 29.40 46.72
CA PRO D 106 -15.62 29.91 45.87
C PRO D 106 -16.05 29.90 44.42
N ASP D 107 -15.62 30.88 43.62
CA ASP D 107 -15.93 30.84 42.21
C ASP D 107 -15.24 29.61 41.65
N LEU D 108 -15.88 28.95 40.71
CA LEU D 108 -15.40 27.64 40.28
C LEU D 108 -14.96 27.65 38.81
N LYS D 109 -15.44 28.63 38.07
CA LYS D 109 -15.28 28.65 36.62
C LYS D 109 -13.83 28.65 36.14
N GLY D 110 -12.97 29.38 36.82
CA GLY D 110 -11.61 29.54 36.33
C GLY D 110 -10.83 28.26 36.45
N ALA D 111 -11.09 27.53 37.52
CA ALA D 111 -10.46 26.24 37.71
C ALA D 111 -10.93 25.29 36.63
N LEU D 112 -12.18 25.46 36.22
CA LEU D 112 -12.73 24.62 35.18
C LEU D 112 -12.03 24.92 33.87
N LEU D 113 -11.75 26.20 33.66
CA LEU D 113 -11.10 26.63 32.43
C LEU D 113 -9.71 26.05 32.37
N SER D 114 -8.96 26.21 33.45
CA SER D 114 -7.60 25.72 33.50
C SER D 114 -7.59 24.21 33.37
N LEU D 115 -8.64 23.59 33.89
CA LEU D 115 -8.76 22.14 33.84
C LEU D 115 -8.90 21.68 32.41
N ILE D 116 -9.72 22.39 31.65
CA ILE D 116 -9.84 22.06 30.23
C ILE D 116 -8.51 22.33 29.55
N GLU D 117 -7.82 23.36 30.02
CA GLU D 117 -6.56 23.75 29.42
C GLU D 117 -5.54 22.64 29.57
N TYR D 118 -5.64 21.91 30.66
CA TYR D 118 -4.72 20.80 30.89
C TYR D 118 -4.99 19.63 29.97
N TYR D 119 -6.26 19.24 29.87
CA TYR D 119 -6.61 18.11 29.02
C TYR D 119 -6.56 18.48 27.56
N GLN D 120 -6.54 19.78 27.29
CA GLN D 120 -6.39 20.30 25.94
C GLN D 120 -7.47 19.79 24.99
N TRP D 121 -8.69 19.66 25.49
CA TRP D 121 -9.80 19.26 24.64
C TRP D 121 -10.07 20.32 23.58
N ASP D 122 -10.37 19.88 22.38
CA ASP D 122 -10.74 20.80 21.30
C ASP D 122 -12.24 20.92 21.19
N LYS D 123 -12.93 19.87 21.60
CA LYS D 123 -14.36 19.78 21.41
C LYS D 123 -14.98 18.84 22.43
N PHE D 124 -16.16 19.19 22.92
CA PHE D 124 -16.84 18.39 23.94
C PHE D 124 -18.29 18.77 24.13
N ALA D 125 -19.08 17.81 24.61
CA ALA D 125 -20.44 18.11 25.03
C ALA D 125 -20.42 18.73 26.42
N TYR D 126 -21.43 19.54 26.72
CA TYR D 126 -21.51 20.23 28.01
C TYR D 126 -22.92 20.25 28.56
N LEU D 127 -23.26 19.29 29.40
CA LEU D 127 -24.56 19.30 30.04
C LEU D 127 -24.58 20.26 31.22
N TYR D 128 -25.74 20.85 31.48
CA TYR D 128 -25.86 21.82 32.56
C TYR D 128 -27.28 21.93 33.09
N ASP D 129 -27.38 22.30 34.36
CA ASP D 129 -28.68 22.58 34.97
C ASP D 129 -28.83 24.07 35.17
N SER D 130 -30.03 24.57 34.92
CA SER D 130 -30.30 26.00 35.00
C SER D 130 -30.15 26.57 36.40
N ASP D 131 -30.41 25.74 37.40
CA ASP D 131 -30.62 26.22 38.76
C ASP D 131 -29.42 26.92 39.39
N ARG D 132 -28.21 26.51 39.04
CA ARG D 132 -27.04 27.17 39.59
C ARG D 132 -26.68 28.44 38.82
N GLY D 133 -27.35 28.63 37.69
CA GLY D 133 -27.08 29.78 36.83
C GLY D 133 -26.23 29.39 35.65
N LEU D 134 -26.44 30.06 34.53
CA LEU D 134 -25.80 29.66 33.29
C LEU D 134 -24.46 30.34 33.08
N SER D 135 -24.02 31.09 34.09
CA SER D 135 -22.84 31.93 33.93
C SER D 135 -21.62 31.12 33.55
N THR D 136 -21.55 29.89 34.06
CA THR D 136 -20.44 29.02 33.74
C THR D 136 -20.46 28.73 32.26
N LEU D 137 -21.66 28.56 31.72
CA LEU D 137 -21.82 28.28 30.31
C LEU D 137 -21.38 29.48 29.49
N GLN D 138 -21.67 30.67 29.99
CA GLN D 138 -21.28 31.86 29.30
C GLN D 138 -19.77 31.93 29.26
N ALA D 139 -19.16 31.44 30.34
CA ALA D 139 -17.72 31.47 30.45
C ALA D 139 -17.09 30.50 29.47
N VAL D 140 -17.59 29.28 29.44
CA VAL D 140 -16.99 28.28 28.58
C VAL D 140 -17.20 28.66 27.12
N LEU D 141 -18.30 29.34 26.82
CA LEU D 141 -18.51 29.79 25.46
C LEU D 141 -17.56 30.93 25.11
N ASP D 142 -17.32 31.81 26.06
CA ASP D 142 -16.41 32.92 25.82
C ASP D 142 -15.03 32.37 25.54
N SER D 143 -14.68 31.32 26.27
CA SER D 143 -13.42 30.66 26.05
C SER D 143 -13.42 29.97 24.71
N ALA D 144 -14.59 29.49 24.30
CA ALA D 144 -14.75 28.77 23.05
C ALA D 144 -14.48 29.71 21.90
N ALA D 145 -14.77 30.99 22.11
CA ALA D 145 -14.49 31.98 21.10
C ALA D 145 -12.99 32.06 20.87
N GLU D 146 -12.24 32.15 21.96
CA GLU D 146 -10.81 32.31 21.86
C GLU D 146 -10.10 30.99 21.63
N LYS D 147 -10.49 29.97 22.37
CA LYS D 147 -9.79 28.71 22.32
C LYS D 147 -10.26 27.85 21.16
N LYS D 148 -11.28 28.33 20.45
CA LYS D 148 -11.83 27.63 19.32
C LYS D 148 -12.33 26.25 19.71
N TRP D 149 -13.50 26.22 20.34
CA TRP D 149 -14.10 25.00 20.81
C TRP D 149 -15.48 24.80 20.20
N GLN D 150 -15.78 23.58 19.80
CA GLN D 150 -17.11 23.27 19.28
C GLN D 150 -17.96 22.63 20.34
N VAL D 151 -18.17 23.36 21.43
CA VAL D 151 -18.89 22.84 22.58
C VAL D 151 -20.36 22.59 22.24
N THR D 152 -20.91 21.51 22.79
CA THR D 152 -22.34 21.23 22.59
C THR D 152 -23.08 21.26 23.93
N ALA D 153 -23.46 22.46 24.35
CA ALA D 153 -24.20 22.64 25.58
C ALA D 153 -25.64 22.13 25.49
N ILE D 154 -26.12 21.51 26.55
CA ILE D 154 -27.53 21.12 26.64
C ILE D 154 -28.01 21.15 28.09
N ASN D 155 -29.21 21.69 28.31
CA ASN D 155 -29.80 21.64 29.65
C ASN D 155 -30.64 20.38 29.82
N VAL D 156 -30.30 19.61 30.85
CA VAL D 156 -31.05 18.41 31.18
C VAL D 156 -32.17 18.70 32.17
N GLY D 157 -32.18 19.92 32.71
CA GLY D 157 -32.94 20.19 33.92
C GLY D 157 -34.44 20.29 33.77
N ASN D 158 -34.92 20.43 32.54
CA ASN D 158 -36.36 20.55 32.32
C ASN D 158 -37.09 19.22 32.48
N ILE D 159 -36.34 18.13 32.43
CA ILE D 159 -36.94 16.80 32.41
C ILE D 159 -37.65 16.44 33.71
N ASN D 160 -38.82 15.82 33.58
CA ASN D 160 -39.59 15.35 34.72
C ASN D 160 -38.96 14.11 35.35
N ASN D 161 -39.15 13.97 36.66
CA ASN D 161 -38.73 12.75 37.35
C ASN D 161 -39.54 11.55 36.88
N ASP D 162 -40.76 11.82 36.44
CA ASP D 162 -41.69 10.78 36.02
C ASP D 162 -41.23 10.05 34.76
N LYS D 163 -40.49 10.74 33.90
CA LYS D 163 -40.08 10.14 32.63
C LYS D 163 -38.60 10.43 32.37
N LYS D 164 -37.85 10.62 33.45
CA LYS D 164 -36.41 10.79 33.32
C LYS D 164 -35.79 9.44 32.98
N ASP D 165 -35.89 9.08 31.71
CA ASP D 165 -35.46 7.76 31.28
C ASP D 165 -35.07 7.75 29.82
N GLU D 166 -36.06 7.61 28.95
CA GLU D 166 -35.82 7.58 27.51
C GLU D 166 -35.23 8.89 27.05
N THR D 167 -35.56 9.95 27.79
CA THR D 167 -35.06 11.28 27.48
C THR D 167 -33.55 11.28 27.55
N TYR D 168 -33.01 10.48 28.45
CA TYR D 168 -31.58 10.32 28.57
C TYR D 168 -31.01 9.51 27.41
N ARG D 169 -31.62 8.37 27.13
CA ARG D 169 -31.12 7.51 26.06
C ARG D 169 -31.20 8.21 24.73
N SER D 170 -32.24 9.01 24.57
CA SER D 170 -32.39 9.81 23.38
C SER D 170 -31.29 10.86 23.34
N LEU D 171 -30.91 11.31 24.52
CA LEU D 171 -29.95 12.40 24.62
C LEU D 171 -28.55 11.93 24.22
N PHE D 172 -28.11 10.85 24.83
CA PHE D 172 -26.77 10.35 24.56
C PHE D 172 -26.65 9.78 23.16
N GLN D 173 -27.77 9.31 22.62
CA GLN D 173 -27.77 8.85 21.24
C GLN D 173 -27.44 10.01 20.33
N ASP D 174 -27.91 11.18 20.71
CA ASP D 174 -27.63 12.39 19.94
C ASP D 174 -26.16 12.73 19.99
N LEU D 175 -25.53 12.40 21.11
CA LEU D 175 -24.11 12.62 21.28
C LEU D 175 -23.31 11.70 20.38
N GLU D 176 -23.88 10.54 20.08
CA GLU D 176 -23.21 9.57 19.24
C GLU D 176 -23.00 10.06 17.82
N LEU D 177 -23.89 10.93 17.35
CA LEU D 177 -23.76 11.45 16.00
C LEU D 177 -22.47 12.26 15.87
N LYS D 178 -22.10 12.95 16.94
CA LYS D 178 -20.83 13.63 17.00
C LYS D 178 -19.75 12.70 17.52
N LYS D 179 -20.18 11.52 17.97
CA LYS D 179 -19.27 10.53 18.54
C LYS D 179 -18.47 11.09 19.69
N GLU D 180 -19.10 11.91 20.52
CA GLU D 180 -18.39 12.58 21.59
C GLU D 180 -17.80 11.62 22.60
N ARG D 181 -16.54 11.84 22.94
CA ARG D 181 -15.83 11.03 23.90
C ARG D 181 -15.66 11.81 25.18
N ARG D 182 -16.04 13.08 25.13
CA ARG D 182 -15.69 14.01 26.19
C ARG D 182 -16.87 14.92 26.52
N VAL D 183 -17.31 14.84 27.77
CA VAL D 183 -18.47 15.60 28.21
C VAL D 183 -18.23 16.18 29.59
N ILE D 184 -18.62 17.43 29.77
CA ILE D 184 -18.64 17.98 31.11
C ILE D 184 -20.06 18.10 31.61
N LEU D 185 -20.36 17.31 32.63
CA LEU D 185 -21.61 17.46 33.35
C LEU D 185 -21.53 18.69 34.23
N ASP D 186 -22.67 19.33 34.44
CA ASP D 186 -22.75 20.45 35.37
C ASP D 186 -24.13 20.44 36.01
N CYS D 187 -24.29 19.62 37.03
CA CYS D 187 -25.59 19.41 37.65
C CYS D 187 -25.52 19.32 39.16
N GLU D 188 -26.68 19.42 39.80
CA GLU D 188 -26.79 19.21 41.23
C GLU D 188 -26.65 17.72 41.55
N ARG D 189 -26.19 17.42 42.75
CA ARG D 189 -25.67 16.10 43.09
C ARG D 189 -26.68 14.99 42.84
N ASP D 190 -27.97 15.29 43.03
CA ASP D 190 -28.99 14.28 42.84
C ASP D 190 -29.09 13.90 41.37
N LYS D 191 -29.30 14.91 40.53
CA LYS D 191 -29.36 14.67 39.10
C LYS D 191 -28.02 14.18 38.60
N VAL D 192 -26.96 14.56 39.29
CA VAL D 192 -25.66 14.01 38.97
C VAL D 192 -25.71 12.50 39.11
N ASN D 193 -26.17 12.03 40.26
CA ASN D 193 -26.20 10.60 40.51
C ASN D 193 -27.10 9.88 39.54
N ASP D 194 -28.20 10.54 39.16
CA ASP D 194 -29.14 9.90 38.26
C ASP D 194 -28.53 9.74 36.88
N ILE D 195 -27.93 10.83 36.41
CA ILE D 195 -27.32 10.81 35.09
C ILE D 195 -26.19 9.80 35.05
N VAL D 196 -25.45 9.70 36.15
CA VAL D 196 -24.39 8.72 36.22
C VAL D 196 -24.98 7.32 36.11
N ASP D 197 -26.09 7.09 36.79
CA ASP D 197 -26.70 5.78 36.76
C ASP D 197 -27.15 5.43 35.35
N GLN D 198 -27.67 6.42 34.65
CA GLN D 198 -28.09 6.19 33.28
C GLN D 198 -26.89 5.91 32.39
N VAL D 199 -25.78 6.55 32.69
CA VAL D 199 -24.56 6.30 31.92
C VAL D 199 -24.12 4.88 32.16
N ILE D 200 -24.37 4.38 33.36
CA ILE D 200 -24.05 3.01 33.69
C ILE D 200 -24.91 2.08 32.86
N THR D 201 -26.22 2.36 32.85
CA THR D 201 -27.15 1.48 32.18
C THR D 201 -26.90 1.45 30.68
N ILE D 202 -26.51 2.58 30.11
CA ILE D 202 -26.20 2.62 28.69
C ILE D 202 -24.78 2.17 28.44
N GLY D 203 -24.01 2.08 29.52
CA GLY D 203 -22.68 1.49 29.47
C GLY D 203 -21.60 2.41 28.93
N LYS D 204 -21.93 3.68 28.74
CA LYS D 204 -20.96 4.61 28.19
C LYS D 204 -20.00 5.14 29.25
N HIS D 205 -19.39 4.20 29.98
CA HIS D 205 -18.41 4.53 31.00
C HIS D 205 -17.21 3.62 30.85
N VAL D 206 -17.10 3.03 29.68
CA VAL D 206 -15.93 2.23 29.33
C VAL D 206 -14.77 3.15 28.99
N LYS D 207 -13.58 2.57 28.92
CA LYS D 207 -12.39 3.31 28.53
C LYS D 207 -12.62 3.95 27.17
N GLY D 208 -12.08 5.14 26.98
CA GLY D 208 -12.28 5.90 25.76
C GLY D 208 -13.25 7.04 25.94
N TYR D 209 -14.04 6.99 27.01
CA TYR D 209 -14.81 8.15 27.43
C TYR D 209 -14.14 8.85 28.59
N HIS D 210 -14.58 10.08 28.86
CA HIS D 210 -14.06 10.85 29.98
C HIS D 210 -15.13 11.80 30.47
N TYR D 211 -15.03 12.22 31.73
CA TYR D 211 -16.04 13.08 32.31
C TYR D 211 -15.43 14.12 33.24
N ILE D 212 -16.14 15.22 33.41
CA ILE D 212 -15.74 16.27 34.33
C ILE D 212 -16.94 16.78 35.11
N ILE D 213 -16.94 16.57 36.42
CA ILE D 213 -18.08 16.93 37.25
C ILE D 213 -17.89 18.29 37.90
N ALA D 214 -18.56 19.30 37.36
CA ALA D 214 -18.31 20.68 37.75
C ALA D 214 -19.01 21.08 39.03
N ASN D 215 -18.46 20.66 40.16
CA ASN D 215 -18.94 21.07 41.47
C ASN D 215 -17.93 20.69 42.54
N LEU D 216 -18.17 21.19 43.76
CA LEU D 216 -17.28 20.87 44.87
C LEU D 216 -17.60 19.53 45.52
N GLY D 217 -18.70 18.92 45.08
CA GLY D 217 -19.19 17.71 45.71
C GLY D 217 -18.68 16.43 45.05
N PHE D 218 -17.57 16.55 44.33
CA PHE D 218 -17.06 15.46 43.51
C PHE D 218 -16.78 14.21 44.32
N THR D 219 -16.44 14.40 45.58
CA THR D 219 -16.28 13.26 46.48
C THR D 219 -17.59 12.94 47.18
N ASP D 220 -18.45 13.94 47.32
CA ASP D 220 -19.70 13.77 48.04
C ASP D 220 -20.62 12.77 47.35
N GLY D 221 -20.59 12.76 46.02
CA GLY D 221 -21.39 11.82 45.26
C GLY D 221 -20.75 10.46 45.26
N ASP D 222 -21.55 9.41 45.02
CA ASP D 222 -20.97 8.10 44.83
C ASP D 222 -20.24 8.06 43.50
N LEU D 223 -19.08 7.40 43.50
CA LEU D 223 -18.35 7.18 42.26
C LEU D 223 -17.92 5.73 42.18
N LEU D 224 -18.18 4.99 43.25
CA LEU D 224 -17.81 3.58 43.32
C LEU D 224 -18.57 2.81 42.27
N LYS D 225 -19.76 3.32 41.94
CA LYS D 225 -20.60 2.68 40.96
C LYS D 225 -19.98 2.71 39.57
N ILE D 226 -19.12 3.68 39.31
CA ILE D 226 -18.49 3.78 38.00
C ILE D 226 -16.97 3.67 38.03
N GLN D 227 -16.41 3.36 39.19
CA GLN D 227 -14.97 3.41 39.34
C GLN D 227 -14.24 2.43 38.44
N PHE D 228 -14.91 1.34 38.11
CA PHE D 228 -14.26 0.24 37.42
C PHE D 228 -14.57 0.19 35.94
N GLY D 229 -15.23 1.22 35.44
CA GLY D 229 -15.67 1.21 34.04
C GLY D 229 -14.54 1.46 33.06
N GLY D 230 -13.44 2.03 33.54
CA GLY D 230 -12.30 2.27 32.69
C GLY D 230 -12.27 3.65 32.08
N ALA D 231 -13.42 4.32 32.01
CA ALA D 231 -13.45 5.72 31.64
C ALA D 231 -12.82 6.55 32.75
N GLU D 232 -11.99 7.51 32.38
CA GLU D 232 -11.40 8.39 33.38
C GLU D 232 -12.39 9.41 33.90
N VAL D 233 -12.25 9.76 35.17
CA VAL D 233 -13.15 10.70 35.83
C VAL D 233 -12.37 11.60 36.78
N SER D 234 -12.69 12.89 36.76
CA SER D 234 -11.96 13.85 37.58
C SER D 234 -12.88 14.99 37.99
N GLY D 235 -12.59 15.59 39.13
CA GLY D 235 -13.40 16.67 39.63
C GLY D 235 -12.71 17.60 40.59
N PHE D 236 -13.45 18.06 41.60
CA PHE D 236 -12.95 19.12 42.45
C PHE D 236 -13.25 18.85 43.91
N GLN D 237 -12.38 19.35 44.77
CA GLN D 237 -12.65 19.27 46.19
C GLN D 237 -12.14 20.51 46.92
N ILE D 238 -13.08 21.21 47.53
CA ILE D 238 -12.79 22.36 48.37
C ILE D 238 -12.42 21.90 49.78
N VAL D 239 -12.70 20.63 50.08
CA VAL D 239 -12.51 20.13 51.43
C VAL D 239 -11.57 18.93 51.47
N ASP D 240 -10.30 19.18 51.73
CA ASP D 240 -9.36 18.10 51.96
C ASP D 240 -9.66 17.40 53.27
N TYR D 241 -10.00 16.12 53.20
CA TYR D 241 -10.19 15.33 54.41
C TYR D 241 -8.87 15.06 55.13
N ASP D 242 -7.77 15.16 54.39
CA ASP D 242 -6.45 14.91 54.97
C ASP D 242 -6.06 15.97 55.99
N ASP D 243 -6.69 17.14 55.90
CA ASP D 243 -6.38 18.24 56.81
C ASP D 243 -6.66 17.86 58.26
N SER D 244 -5.76 18.27 59.14
CA SER D 244 -5.84 17.90 60.54
C SER D 244 -7.10 18.45 61.20
N LEU D 245 -7.46 19.67 60.85
CA LEU D 245 -8.68 20.28 61.37
C LEU D 245 -9.88 19.51 60.85
N VAL D 246 -9.76 19.03 59.63
CA VAL D 246 -10.87 18.33 58.99
C VAL D 246 -11.03 16.94 59.58
N SER D 247 -9.92 16.22 59.73
CA SER D 247 -9.98 14.89 60.31
C SER D 247 -10.48 15.01 61.75
N LYS D 248 -10.08 16.09 62.40
CA LYS D 248 -10.54 16.37 63.75
C LYS D 248 -12.03 16.58 63.74
N PHE D 249 -12.53 17.20 62.67
CA PHE D 249 -13.95 17.41 62.53
C PHE D 249 -14.67 16.09 62.36
N ILE D 250 -14.04 15.19 61.61
CA ILE D 250 -14.62 13.89 61.35
C ILE D 250 -14.68 13.06 62.62
N GLU D 251 -13.72 13.29 63.52
CA GLU D 251 -13.65 12.49 64.74
C GLU D 251 -14.92 12.63 65.55
N ARG D 252 -15.51 13.82 65.52
CA ARG D 252 -16.73 14.07 66.27
C ARG D 252 -17.95 13.94 65.39
N TRP D 253 -17.80 14.27 64.12
CA TRP D 253 -18.93 14.29 63.21
C TRP D 253 -19.53 12.91 63.05
N SER D 254 -18.67 11.90 63.09
CA SER D 254 -19.14 10.53 63.05
C SER D 254 -19.90 10.20 64.32
N THR D 255 -19.44 10.76 65.42
CA THR D 255 -19.96 10.39 66.74
C THR D 255 -21.40 10.79 66.98
N LEU D 256 -21.83 11.88 66.34
CA LEU D 256 -23.15 12.43 66.65
C LEU D 256 -24.25 11.43 66.33
N GLU D 257 -25.20 11.32 67.24
CA GLU D 257 -26.32 10.42 67.07
C GLU D 257 -27.17 10.83 65.89
N GLU D 258 -27.62 9.84 65.13
CA GLU D 258 -28.37 10.10 63.91
C GLU D 258 -29.71 10.77 64.21
N LYS D 259 -30.27 10.49 65.39
CA LYS D 259 -31.56 11.07 65.73
C LYS D 259 -31.50 12.57 65.92
N GLU D 260 -30.60 13.02 66.79
CA GLU D 260 -30.49 14.44 67.11
C GLU D 260 -30.00 15.25 65.92
N TYR D 261 -29.14 14.65 65.10
CA TYR D 261 -28.60 15.32 63.93
C TYR D 261 -28.62 14.41 62.70
N PRO D 262 -29.78 14.28 62.06
CA PRO D 262 -29.88 13.34 60.93
C PRO D 262 -28.94 13.73 59.80
N GLY D 263 -28.37 12.72 59.14
CA GLY D 263 -27.49 12.93 58.01
C GLY D 263 -26.08 13.28 58.43
N ALA D 264 -25.86 13.37 59.73
CA ALA D 264 -24.55 13.79 60.25
C ALA D 264 -23.66 12.62 60.65
N HIS D 265 -24.28 11.49 60.96
CA HIS D 265 -23.54 10.33 61.45
C HIS D 265 -22.91 9.58 60.29
N THR D 266 -21.91 10.21 59.65
CA THR D 266 -21.24 9.64 58.49
C THR D 266 -19.76 10.00 58.48
N ALA D 267 -18.98 9.20 57.76
CA ALA D 267 -17.54 9.42 57.67
C ALA D 267 -17.21 10.74 56.97
N THR D 268 -18.09 11.17 56.08
CA THR D 268 -17.86 12.37 55.30
C THR D 268 -18.96 13.39 55.50
N ILE D 269 -18.91 14.46 54.71
CA ILE D 269 -19.87 15.54 54.81
C ILE D 269 -19.93 16.34 53.52
N LYS D 270 -21.11 16.81 53.15
CA LYS D 270 -21.23 17.68 51.98
C LYS D 270 -20.49 18.99 52.21
N TYR D 271 -19.85 19.47 51.15
CA TYR D 271 -19.03 20.67 51.26
C TYR D 271 -19.87 21.88 51.64
N THR D 272 -21.13 21.86 51.23
CA THR D 272 -22.01 23.00 51.49
C THR D 272 -22.22 23.20 52.98
N SER D 273 -22.55 22.11 53.67
CA SER D 273 -22.77 22.17 55.10
C SER D 273 -21.50 22.64 55.77
N ALA D 274 -20.38 22.22 55.20
CA ALA D 274 -19.08 22.60 55.72
C ALA D 274 -18.91 24.10 55.59
N LEU D 275 -19.40 24.65 54.49
CA LEU D 275 -19.35 26.08 54.29
C LEU D 275 -20.25 26.79 55.28
N THR D 276 -21.33 26.13 55.69
CA THR D 276 -22.20 26.72 56.69
C THR D 276 -21.48 26.80 58.02
N TYR D 277 -20.87 25.68 58.39
CA TYR D 277 -20.16 25.56 59.65
C TYR D 277 -19.02 26.56 59.71
N ASP D 278 -18.40 26.80 58.56
CA ASP D 278 -17.35 27.80 58.47
C ASP D 278 -17.95 29.20 58.60
N ALA D 279 -19.11 29.38 57.99
CA ALA D 279 -19.73 30.69 57.92
C ALA D 279 -20.12 31.19 59.29
N VAL D 280 -20.58 30.28 60.14
CA VAL D 280 -20.95 30.67 61.49
C VAL D 280 -19.70 31.14 62.23
N GLN D 281 -18.59 30.46 61.96
CA GLN D 281 -17.32 30.83 62.55
C GLN D 281 -16.90 32.21 62.10
N VAL D 282 -17.17 32.51 60.83
CA VAL D 282 -16.78 33.81 60.29
C VAL D 282 -17.60 34.91 60.93
N MET D 283 -18.90 34.64 61.07
CA MET D 283 -19.80 35.62 61.65
C MET D 283 -19.38 35.92 63.07
N THR D 284 -19.18 34.86 63.85
CA THR D 284 -18.83 35.02 65.23
C THR D 284 -17.50 35.73 65.37
N GLU D 285 -16.59 35.45 64.43
CA GLU D 285 -15.30 36.13 64.42
C GLU D 285 -15.49 37.60 64.20
N ALA D 286 -16.46 37.95 63.37
CA ALA D 286 -16.72 39.34 63.09
C ALA D 286 -17.25 40.03 64.34
N PHE D 287 -18.23 39.42 64.99
CA PHE D 287 -18.79 40.02 66.19
C PHE D 287 -17.74 40.15 67.30
N ARG D 288 -16.84 39.19 67.37
CA ARG D 288 -15.74 39.27 68.32
C ARG D 288 -14.85 40.45 67.97
N ASN D 289 -14.72 40.70 66.67
CA ASN D 289 -13.94 41.84 66.21
C ASN D 289 -14.61 43.18 66.53
N LEU D 290 -15.93 43.19 66.56
CA LEU D 290 -16.66 44.43 66.82
C LEU D 290 -16.54 44.92 68.27
N ARG D 291 -16.75 44.01 69.21
CA ARG D 291 -16.70 44.37 70.61
C ARG D 291 -15.32 44.85 70.99
N LYS D 292 -14.31 44.26 70.36
CA LYS D 292 -12.93 44.69 70.57
C LYS D 292 -12.74 46.11 70.03
N GLN D 293 -13.51 46.43 69.00
CA GLN D 293 -13.48 47.77 68.43
C GLN D 293 -14.39 48.68 69.23
N ARG D 294 -15.07 48.09 70.21
CA ARG D 294 -15.90 48.84 71.16
C ARG D 294 -16.98 49.61 70.40
N ILE D 295 -17.44 49.03 69.30
CA ILE D 295 -18.44 49.68 68.48
C ILE D 295 -19.84 49.25 68.89
N GLU D 296 -20.61 50.19 69.41
CA GLU D 296 -21.98 49.93 69.79
C GLU D 296 -22.78 49.56 68.56
N ILE D 297 -23.65 48.56 68.70
CA ILE D 297 -24.46 48.09 67.58
C ILE D 297 -25.88 47.81 68.04
N SER D 298 -26.22 48.24 69.25
CA SER D 298 -27.51 47.89 69.83
C SER D 298 -28.64 48.69 69.22
N ARG D 299 -28.90 48.42 67.94
CA ARG D 299 -30.02 49.01 67.22
C ARG D 299 -31.35 48.49 67.77
N ARG D 300 -32.39 49.31 67.68
CA ARG D 300 -33.72 48.90 68.13
C ARG D 300 -34.19 47.69 67.34
N GLY D 301 -34.76 46.72 68.05
CA GLY D 301 -35.28 45.52 67.40
C GLY D 301 -36.62 45.77 66.76
N ASN D 302 -37.26 46.88 67.13
CA ASN D 302 -38.54 47.26 66.55
C ASN D 302 -38.32 48.01 65.25
N ALA D 303 -37.81 47.29 64.26
CA ALA D 303 -37.46 47.90 62.98
C ALA D 303 -38.71 48.34 62.21
N GLY D 304 -39.85 47.75 62.55
CA GLY D 304 -41.09 48.07 61.88
C GLY D 304 -41.13 47.45 60.50
N ASP D 305 -41.98 48.00 59.63
CA ASP D 305 -42.15 47.46 58.29
C ASP D 305 -40.88 47.59 57.47
N CYS D 306 -40.54 46.51 56.76
CA CYS D 306 -39.42 46.52 55.83
C CYS D 306 -39.82 47.19 54.52
N LEU D 307 -41.12 47.36 54.34
CA LEU D 307 -41.65 47.97 53.15
C LEU D 307 -41.83 49.47 53.36
N ALA D 308 -41.33 49.95 54.49
CA ALA D 308 -41.51 51.35 54.87
C ALA D 308 -40.94 52.30 53.83
N ASN D 309 -41.71 53.33 53.50
CA ASN D 309 -41.34 54.27 52.47
C ASN D 309 -41.27 55.70 53.00
N PRO D 310 -40.10 56.34 52.91
CA PRO D 310 -38.79 55.83 52.47
C PRO D 310 -38.21 54.77 53.40
N ALA D 311 -37.49 53.81 52.85
CA ALA D 311 -36.77 52.85 53.66
C ALA D 311 -35.47 53.44 54.15
N VAL D 312 -35.30 53.52 55.47
CA VAL D 312 -34.09 54.10 56.03
C VAL D 312 -33.15 53.04 56.58
N PRO D 313 -31.97 52.92 55.96
CA PRO D 313 -30.91 52.04 56.45
C PRO D 313 -30.42 52.47 57.83
N TRP D 314 -30.08 51.52 58.69
CA TRP D 314 -29.50 51.87 59.98
C TRP D 314 -27.99 51.71 59.90
N GLY D 315 -27.27 52.75 60.30
CA GLY D 315 -25.88 52.91 59.96
C GLY D 315 -24.93 51.86 60.51
N GLN D 316 -25.20 51.38 61.72
CA GLN D 316 -24.31 50.42 62.34
C GLN D 316 -24.28 49.13 61.53
N GLY D 317 -25.40 48.82 60.86
CA GLY D 317 -25.44 47.63 60.04
C GLY D 317 -24.53 47.83 58.86
N VAL D 318 -24.48 49.05 58.36
CA VAL D 318 -23.63 49.38 57.23
C VAL D 318 -22.18 49.20 57.64
N GLU D 319 -21.90 49.52 58.89
CA GLU D 319 -20.56 49.34 59.41
C GLU D 319 -20.19 47.86 59.50
N ILE D 320 -21.19 47.01 59.74
CA ILE D 320 -20.92 45.61 60.02
C ILE D 320 -20.23 44.93 58.86
N GLU D 321 -20.66 45.29 57.66
CA GLU D 321 -20.16 44.69 56.44
C GLU D 321 -18.67 44.97 56.37
N ARG D 322 -18.29 46.14 56.86
CA ARG D 322 -16.91 46.58 56.78
C ARG D 322 -16.01 45.66 57.55
N ALA D 323 -16.53 45.10 58.64
CA ALA D 323 -15.78 44.12 59.40
C ALA D 323 -15.80 42.78 58.69
N LEU D 324 -16.97 42.45 58.15
CA LEU D 324 -17.22 41.11 57.63
C LEU D 324 -16.24 40.72 56.55
N LYS D 325 -16.05 41.62 55.59
CA LYS D 325 -15.16 41.36 54.48
C LYS D 325 -13.71 41.26 54.94
N GLN D 326 -13.41 41.96 56.02
CA GLN D 326 -12.04 42.02 56.53
C GLN D 326 -11.69 40.81 57.39
N VAL D 327 -12.69 40.03 57.75
CA VAL D 327 -12.49 38.86 58.60
C VAL D 327 -11.63 37.82 57.89
N GLN D 328 -10.74 37.18 58.64
CA GLN D 328 -9.92 36.10 58.09
C GLN D 328 -9.59 35.03 59.11
N VAL D 329 -10.19 33.85 58.93
CA VAL D 329 -9.91 32.69 59.77
C VAL D 329 -9.92 31.42 58.95
N GLU D 330 -9.35 30.36 59.49
CA GLU D 330 -9.40 29.06 58.84
C GLU D 330 -10.76 28.41 58.98
N GLY D 331 -11.10 27.55 58.02
CA GLY D 331 -12.35 26.82 58.04
C GLY D 331 -12.19 25.48 57.36
N LEU D 332 -13.28 24.72 57.26
CA LEU D 332 -13.25 23.39 56.67
C LEU D 332 -12.81 23.46 55.22
N SER D 333 -13.07 24.60 54.59
CA SER D 333 -12.61 24.82 53.23
C SER D 333 -11.17 25.29 53.22
N GLY D 334 -10.62 25.52 54.41
CA GLY D 334 -9.29 26.09 54.53
C GLY D 334 -9.36 27.59 54.72
N ASN D 335 -8.30 28.28 54.33
CA ASN D 335 -8.24 29.73 54.47
C ASN D 335 -9.30 30.43 53.63
N ILE D 336 -9.86 31.51 54.17
CA ILE D 336 -10.88 32.26 53.48
C ILE D 336 -10.63 33.76 53.57
N LYS D 337 -10.74 34.45 52.44
CA LYS D 337 -10.61 35.90 52.41
C LYS D 337 -11.59 36.51 51.42
N PHE D 338 -11.96 37.76 51.66
CA PHE D 338 -12.98 38.42 50.86
C PHE D 338 -12.47 39.65 50.15
N ASP D 339 -13.05 39.93 48.98
CA ASP D 339 -12.78 41.18 48.29
C ASP D 339 -13.65 42.28 48.88
N GLN D 340 -13.44 43.51 48.43
CA GLN D 340 -14.26 44.62 48.86
C GLN D 340 -15.70 44.44 48.36
N ASN D 341 -15.89 43.61 47.34
CA ASN D 341 -17.22 43.30 46.86
C ASN D 341 -17.89 42.19 47.65
N GLY D 342 -17.13 41.55 48.54
CA GLY D 342 -17.67 40.48 49.37
C GLY D 342 -17.55 39.10 48.75
N LYS D 343 -17.01 39.02 47.53
CA LYS D 343 -16.68 37.74 46.92
C LYS D 343 -15.44 37.14 47.59
N ARG D 344 -15.40 35.81 47.67
CA ARG D 344 -14.23 35.14 48.23
C ARG D 344 -12.98 35.34 47.39
N ILE D 345 -11.85 35.47 48.06
CA ILE D 345 -10.56 35.61 47.39
C ILE D 345 -9.49 34.83 48.13
N ASN D 346 -8.33 34.71 47.48
CA ASN D 346 -7.16 34.04 48.04
C ASN D 346 -7.47 32.59 48.43
N TYR D 347 -8.40 31.99 47.69
CA TYR D 347 -8.73 30.58 47.92
C TYR D 347 -8.06 29.69 46.91
N THR D 348 -8.06 28.39 47.17
CA THR D 348 -7.48 27.42 46.25
C THR D 348 -8.24 26.11 46.35
N ILE D 349 -8.42 25.41 45.24
CA ILE D 349 -9.24 24.20 45.24
C ILE D 349 -8.54 22.98 44.68
N ASN D 350 -8.61 21.87 45.41
CA ASN D 350 -7.96 20.65 44.99
C ASN D 350 -8.59 20.01 43.75
N ILE D 351 -7.75 19.52 42.85
CA ILE D 351 -8.22 18.83 41.66
C ILE D 351 -8.24 17.33 41.86
N MET D 352 -9.43 16.79 42.14
CA MET D 352 -9.57 15.36 42.35
C MET D 352 -9.52 14.55 41.08
N GLU D 353 -9.06 13.30 41.21
CA GLU D 353 -9.22 12.29 40.17
C GLU D 353 -9.62 10.97 40.78
N LEU D 354 -10.42 10.20 40.07
CA LEU D 354 -10.76 8.87 40.51
C LEU D 354 -9.80 7.85 39.93
N LYS D 355 -9.36 6.92 40.76
CA LYS D 355 -8.48 5.83 40.33
C LYS D 355 -8.99 4.53 40.89
N THR D 356 -8.50 3.42 40.36
CA THR D 356 -9.05 2.12 40.70
C THR D 356 -8.90 1.84 42.19
N ASN D 357 -7.79 2.30 42.77
CA ASN D 357 -7.60 2.20 44.20
C ASN D 357 -8.56 3.10 44.97
N GLY D 358 -8.98 4.18 44.32
CA GLY D 358 -9.84 5.16 44.95
C GLY D 358 -9.53 6.57 44.50
N PRO D 359 -10.34 7.54 44.92
CA PRO D 359 -10.19 8.96 44.57
C PRO D 359 -8.89 9.52 45.12
N ARG D 360 -8.29 10.47 44.39
CA ARG D 360 -7.03 11.06 44.82
C ARG D 360 -6.83 12.46 44.27
N LYS D 361 -6.21 13.32 45.08
CA LYS D 361 -5.78 14.64 44.62
C LYS D 361 -4.62 14.54 43.66
N ILE D 362 -4.52 15.47 42.73
CA ILE D 362 -3.39 15.52 41.83
C ILE D 362 -2.74 16.89 41.81
N GLY D 363 -3.46 17.87 42.32
CA GLY D 363 -2.99 19.25 42.25
C GLY D 363 -3.95 20.21 42.90
N TYR D 364 -3.63 21.50 42.80
CA TYR D 364 -4.48 22.53 43.37
C TYR D 364 -4.54 23.72 42.43
N TRP D 365 -5.73 24.30 42.32
CA TRP D 365 -5.92 25.47 41.49
C TRP D 365 -6.07 26.70 42.36
N SER D 366 -5.02 27.51 42.40
CA SER D 366 -5.12 28.84 42.98
C SER D 366 -5.83 29.76 42.01
N GLU D 367 -6.51 30.77 42.53
CA GLU D 367 -7.12 31.76 41.65
C GLU D 367 -6.07 32.64 41.01
N VAL D 368 -4.91 32.76 41.65
CA VAL D 368 -3.83 33.56 41.09
C VAL D 368 -2.76 32.72 40.41
N ASP D 369 -2.58 31.49 40.90
CA ASP D 369 -1.53 30.63 40.36
C ASP D 369 -2.08 29.64 39.37
N LYS D 370 -3.38 29.72 39.14
CA LYS D 370 -4.09 28.80 38.25
C LYS D 370 -3.83 27.36 38.65
N MET D 371 -3.80 26.47 37.66
CA MET D 371 -3.52 25.07 37.91
C MET D 371 -2.09 24.85 38.38
N VAL D 372 -1.94 24.00 39.39
CA VAL D 372 -0.63 23.60 39.87
C VAL D 372 -0.61 22.11 40.20
N LEU D 373 0.12 21.35 39.41
CA LEU D 373 0.26 19.92 39.65
C LEU D 373 1.02 19.63 40.93
N THR D 374 0.61 18.58 41.63
CA THR D 374 1.41 18.04 42.72
C THR D 374 2.57 17.25 42.15
N GLU D 375 3.62 17.11 42.96
CA GLU D 375 4.76 16.27 42.60
C GLU D 375 4.37 14.82 42.81
N ASP D 376 3.18 14.63 43.36
CA ASP D 376 2.64 13.33 43.70
C ASP D 376 2.55 12.45 42.46
N ASP D 377 2.46 13.10 41.31
CA ASP D 377 2.38 12.40 40.03
C ASP D 377 3.62 11.54 39.83
N THR D 378 3.42 10.34 39.27
CA THR D 378 4.50 9.39 39.11
C THR D 378 5.13 9.49 37.72
N SER D 379 4.95 8.45 36.92
CA SER D 379 5.64 8.37 35.63
C SER D 379 4.88 7.53 34.61
N GLY D 380 5.30 7.65 33.36
CA GLY D 380 4.71 6.90 32.26
C GLY D 380 5.40 5.57 32.01
N LEU D 381 5.22 5.03 30.82
CA LEU D 381 5.75 3.71 30.49
C LEU D 381 7.23 3.76 30.12
N GLU D 382 8.08 3.52 31.10
CA GLU D 382 9.53 3.48 30.87
C GLU D 382 9.99 2.08 30.44
N GLN D 383 10.14 1.91 29.13
CA GLN D 383 10.67 0.69 28.58
C GLN D 383 12.18 0.82 28.44
N LYS D 384 12.71 1.83 29.12
CA LYS D 384 14.11 2.24 29.01
C LYS D 384 14.43 2.63 27.57
N THR D 385 13.38 3.02 26.84
CA THR D 385 13.45 3.41 25.42
C THR D 385 14.49 2.62 24.63
N VAL D 386 14.46 1.30 24.83
CA VAL D 386 15.38 0.31 24.27
C VAL D 386 16.59 0.87 23.54
N VAL D 387 17.72 0.96 24.25
CA VAL D 387 18.95 1.51 23.69
C VAL D 387 19.44 0.64 22.53
N VAL D 388 19.91 1.27 21.47
CA VAL D 388 20.37 0.52 20.31
C VAL D 388 21.73 1.00 19.83
N THR D 389 22.75 0.19 20.05
CA THR D 389 24.10 0.52 19.62
C THR D 389 24.25 0.34 18.12
N THR D 390 25.14 1.14 17.52
CA THR D 390 25.48 0.99 16.11
C THR D 390 26.78 1.68 15.76
N ILE D 391 27.38 1.26 14.65
CA ILE D 391 28.63 1.82 14.17
C ILE D 391 28.38 2.83 13.04
N LEU D 392 29.30 3.77 12.86
CA LEU D 392 29.19 4.75 11.78
C LEU D 392 29.67 4.20 10.45
N GLU D 393 28.75 3.65 9.66
CA GLU D 393 29.11 3.10 8.37
C GLU D 393 28.12 3.46 7.26
N SER D 394 28.63 4.11 6.23
CA SER D 394 27.82 4.46 5.08
C SER D 394 27.46 3.20 4.30
N PRO D 395 26.19 3.06 3.90
CA PRO D 395 25.14 4.03 4.19
C PRO D 395 24.27 3.56 5.33
N TYR D 396 24.80 2.61 6.10
CA TYR D 396 24.06 1.97 7.18
C TYR D 396 23.69 2.97 8.25
N VAL D 397 24.63 3.90 8.50
CA VAL D 397 24.48 4.96 9.49
C VAL D 397 25.24 6.17 9.01
N MET D 398 24.54 7.28 8.86
CA MET D 398 25.16 8.50 8.37
C MET D 398 24.65 9.70 9.13
N MET D 399 25.53 10.64 9.42
CA MET D 399 25.12 11.88 10.03
C MET D 399 24.35 12.74 9.03
N LYS D 400 23.31 13.41 9.51
CA LYS D 400 22.57 14.34 8.68
C LYS D 400 23.38 15.63 8.52
N LYS D 401 23.13 16.36 7.44
CA LYS D 401 23.87 17.59 7.18
C LYS D 401 23.67 18.60 8.31
N ASN D 402 22.51 18.54 8.96
CA ASN D 402 22.23 19.40 10.09
C ASN D 402 22.19 18.62 11.39
N HIS D 403 23.04 17.61 11.49
CA HIS D 403 23.05 16.75 12.66
C HIS D 403 23.44 17.57 13.88
N GLU D 404 24.27 18.57 13.65
CA GLU D 404 24.62 19.53 14.68
C GLU D 404 23.39 20.33 15.08
N MET D 405 22.51 20.54 14.11
CA MET D 405 21.29 21.31 14.34
C MET D 405 20.22 20.44 14.97
N LEU D 406 20.50 19.14 15.06
CA LEU D 406 19.50 18.18 15.51
C LEU D 406 19.97 17.35 16.68
N GLU D 407 19.03 16.66 17.32
CA GLU D 407 19.30 15.83 18.48
C GLU D 407 18.41 14.59 18.46
N GLY D 408 18.75 13.61 19.31
CA GLY D 408 17.98 12.39 19.41
C GLY D 408 18.15 11.46 18.23
N ASN D 409 17.13 10.65 17.97
CA ASN D 409 17.18 9.66 16.91
C ASN D 409 17.39 10.28 15.54
N GLU D 410 17.02 11.55 15.42
CA GLU D 410 17.14 12.25 14.15
C GLU D 410 18.55 12.79 13.93
N ARG D 411 19.44 12.52 14.88
CA ARG D 411 20.86 12.75 14.64
C ARG D 411 21.38 11.82 13.55
N TYR D 412 20.67 10.72 13.36
CA TYR D 412 21.16 9.64 12.51
C TYR D 412 20.24 9.35 11.34
N GLU D 413 20.82 8.82 10.28
CA GLU D 413 20.05 8.31 9.15
C GLU D 413 20.88 7.27 8.42
N GLY D 414 20.22 6.24 7.90
CA GLY D 414 20.92 5.15 7.26
C GLY D 414 20.09 3.90 7.07
N TYR D 415 20.68 2.88 6.49
CA TYR D 415 19.98 1.62 6.25
C TYR D 415 19.60 0.96 7.56
N CYS D 416 20.55 0.94 8.48
CA CYS D 416 20.32 0.36 9.80
C CYS D 416 19.28 1.16 10.56
N VAL D 417 19.18 2.44 10.23
CA VAL D 417 18.18 3.29 10.87
C VAL D 417 16.78 2.87 10.45
N ASP D 418 16.58 2.70 9.16
CA ASP D 418 15.27 2.29 8.66
C ASP D 418 14.94 0.91 9.17
N LEU D 419 15.96 0.07 9.23
CA LEU D 419 15.79 -1.28 9.70
C LEU D 419 15.31 -1.30 11.13
N ALA D 420 16.04 -0.58 11.98
CA ALA D 420 15.75 -0.54 13.40
C ALA D 420 14.41 0.11 13.64
N ALA D 421 14.03 1.04 12.78
CA ALA D 421 12.73 1.67 12.88
C ALA D 421 11.66 0.64 12.64
N GLU D 422 11.91 -0.24 11.66
CA GLU D 422 10.97 -1.31 11.40
C GLU D 422 10.94 -2.30 12.55
N ILE D 423 12.07 -2.43 13.23
CA ILE D 423 12.16 -3.32 14.38
C ILE D 423 11.32 -2.80 15.53
N ALA D 424 11.47 -1.51 15.83
CA ALA D 424 10.72 -0.89 16.90
C ALA D 424 9.25 -0.87 16.55
N LYS D 425 8.95 -0.80 15.27
CA LYS D 425 7.57 -0.77 14.82
C LYS D 425 6.89 -2.12 15.00
N HIS D 426 7.52 -3.18 14.52
CA HIS D 426 6.90 -4.50 14.56
C HIS D 426 7.09 -5.23 15.89
N CYS D 427 7.96 -4.70 16.74
CA CYS D 427 8.16 -5.28 18.06
C CYS D 427 7.64 -4.36 19.15
N GLY D 428 7.17 -3.18 18.74
CA GLY D 428 6.52 -2.24 19.65
C GLY D 428 7.36 -1.79 20.84
N PHE D 429 8.24 -0.83 20.61
CA PHE D 429 9.01 -0.23 21.70
C PHE D 429 9.67 1.08 21.30
N LYS D 430 9.97 1.92 22.28
CA LYS D 430 10.79 3.11 22.08
C LYS D 430 12.25 2.72 21.91
N TYR D 431 13.01 3.54 21.20
CA TYR D 431 14.41 3.23 20.96
C TYR D 431 15.26 4.49 20.94
N LYS D 432 16.52 4.37 21.32
CA LYS D 432 17.46 5.47 21.22
C LYS D 432 18.79 5.02 20.62
N LEU D 433 19.02 5.41 19.38
CA LEU D 433 20.23 5.02 18.67
C LEU D 433 21.45 5.66 19.31
N THR D 434 22.51 4.88 19.45
CA THR D 434 23.75 5.34 20.08
C THR D 434 24.96 4.72 19.41
N ILE D 435 25.91 5.57 19.03
CA ILE D 435 27.16 5.08 18.46
C ILE D 435 27.99 4.39 19.54
N VAL D 436 28.61 3.28 19.18
CA VAL D 436 29.55 2.63 20.08
C VAL D 436 30.75 3.55 20.30
N GLY D 437 31.27 3.56 21.52
CA GLY D 437 32.29 4.52 21.90
C GLY D 437 33.64 4.32 21.23
N ASP D 438 34.19 3.12 21.31
CA ASP D 438 35.48 2.85 20.68
C ASP D 438 35.34 2.82 19.17
N GLY D 439 34.11 2.57 18.71
CA GLY D 439 33.83 2.50 17.30
C GLY D 439 34.10 1.12 16.75
N LYS D 440 34.59 0.23 17.61
CA LYS D 440 34.87 -1.14 17.22
C LYS D 440 33.62 -1.99 17.10
N TYR D 441 33.68 -2.99 16.22
CA TYR D 441 32.62 -3.98 16.10
C TYR D 441 32.46 -4.79 17.37
N GLY D 442 33.58 -5.03 18.04
CA GLY D 442 33.55 -5.78 19.28
C GLY D 442 34.49 -6.97 19.30
N ALA D 443 35.78 -6.70 19.18
CA ALA D 443 36.79 -7.75 19.24
C ALA D 443 36.96 -8.27 20.67
N ARG D 444 37.36 -9.52 20.79
CA ARG D 444 37.75 -10.07 22.09
C ARG D 444 39.26 -10.05 22.22
N ASP D 445 39.77 -9.32 23.21
CA ASP D 445 41.19 -9.38 23.49
C ASP D 445 41.52 -10.81 23.91
N ALA D 446 42.64 -11.32 23.42
CA ALA D 446 43.10 -12.64 23.83
C ALA D 446 43.65 -12.59 25.26
N ASP D 447 44.01 -11.39 25.69
CA ASP D 447 44.67 -11.19 26.97
C ASP D 447 43.68 -10.93 28.09
N THR D 448 43.06 -9.75 28.05
CA THR D 448 42.06 -9.37 29.04
C THR D 448 40.87 -10.28 28.91
N LYS D 449 40.70 -10.84 27.71
CA LYS D 449 39.62 -11.77 27.42
C LYS D 449 38.30 -11.08 27.69
N ILE D 450 38.29 -9.79 27.40
CA ILE D 450 37.10 -8.96 27.49
C ILE D 450 36.78 -8.38 26.12
N TRP D 451 35.55 -8.60 25.68
CA TRP D 451 35.09 -8.04 24.42
C TRP D 451 35.05 -6.53 24.53
N ASN D 452 35.56 -5.84 23.50
CA ASN D 452 35.43 -4.39 23.46
C ASN D 452 34.20 -4.02 22.66
N GLY D 453 33.86 -2.73 22.65
CA GLY D 453 32.84 -2.26 21.75
C GLY D 453 31.47 -2.86 21.98
N MET D 454 30.69 -2.97 20.91
CA MET D 454 29.29 -3.38 21.01
C MET D 454 29.14 -4.76 21.61
N VAL D 455 30.08 -5.63 21.32
CA VAL D 455 29.99 -6.98 21.84
C VAL D 455 30.17 -6.97 23.35
N GLY D 456 31.05 -6.11 23.84
CA GLY D 456 31.25 -5.99 25.26
C GLY D 456 30.04 -5.29 25.87
N GLU D 457 29.42 -4.44 25.06
CA GLU D 457 28.22 -3.75 25.48
C GLU D 457 27.10 -4.74 25.70
N LEU D 458 27.11 -5.81 24.93
CA LEU D 458 26.13 -6.87 25.09
C LEU D 458 26.50 -7.75 26.27
N VAL D 459 27.79 -8.04 26.40
CA VAL D 459 28.28 -8.86 27.50
C VAL D 459 28.04 -8.17 28.83
N TYR D 460 28.12 -6.85 28.81
CA TYR D 460 28.06 -6.08 30.05
C TYR D 460 26.76 -5.28 30.17
N GLY D 461 25.90 -5.42 29.17
CA GLY D 461 24.58 -4.81 29.23
C GLY D 461 24.59 -3.34 28.91
N LYS D 462 25.73 -2.84 28.45
CA LYS D 462 25.89 -1.43 28.14
C LYS D 462 24.95 -1.02 27.01
N ALA D 463 24.64 -1.97 26.13
CA ALA D 463 23.70 -1.74 25.05
C ALA D 463 22.56 -2.74 25.16
N ASP D 464 21.33 -2.26 24.99
CA ASP D 464 20.17 -3.13 25.13
C ASP D 464 20.16 -4.20 24.04
N ILE D 465 20.63 -3.83 22.86
CA ILE D 465 20.61 -4.72 21.70
C ILE D 465 21.56 -4.21 20.63
N ALA D 466 22.07 -5.12 19.80
CA ALA D 466 22.93 -4.73 18.70
C ALA D 466 22.18 -4.77 17.36
N ILE D 467 22.32 -3.70 16.59
CA ILE D 467 21.77 -3.66 15.23
C ILE D 467 22.83 -3.03 14.33
N ALA D 468 23.88 -3.80 14.06
CA ALA D 468 24.98 -3.34 13.23
C ALA D 468 25.42 -4.40 12.25
N PRO D 469 25.99 -4.00 11.11
CA PRO D 469 26.54 -4.95 10.15
C PRO D 469 27.72 -5.72 10.73
N LEU D 470 27.42 -6.57 11.70
CA LEU D 470 28.44 -7.37 12.37
C LEU D 470 28.52 -8.75 11.74
N THR D 471 29.73 -9.21 11.46
CA THR D 471 29.90 -10.55 10.92
C THR D 471 29.55 -11.60 11.97
N ILE D 472 28.84 -12.63 11.56
CA ILE D 472 28.49 -13.72 12.45
C ILE D 472 29.53 -14.82 12.34
N THR D 473 30.06 -15.25 13.48
CA THR D 473 31.08 -16.30 13.52
C THR D 473 30.88 -17.20 14.72
N LEU D 474 31.52 -18.36 14.69
CA LEU D 474 31.39 -19.34 15.77
C LEU D 474 31.90 -18.78 17.10
N VAL D 475 32.96 -18.00 17.05
CA VAL D 475 33.52 -17.43 18.27
C VAL D 475 32.60 -16.40 18.88
N ARG D 476 31.77 -15.77 18.06
CA ARG D 476 30.89 -14.71 18.54
C ARG D 476 29.56 -15.25 19.04
N GLU D 477 29.05 -16.28 18.39
CA GLU D 477 27.75 -16.80 18.74
C GLU D 477 27.72 -17.38 20.15
N GLU D 478 28.87 -17.88 20.59
CA GLU D 478 28.95 -18.54 21.88
C GLU D 478 28.68 -17.59 23.04
N VAL D 479 29.07 -16.33 22.87
CA VAL D 479 28.94 -15.34 23.93
C VAL D 479 27.65 -14.53 23.83
N ILE D 480 27.16 -14.37 22.61
CA ILE D 480 26.00 -13.52 22.35
C ILE D 480 25.13 -14.14 21.28
N ASP D 481 23.85 -13.79 21.28
CA ASP D 481 22.89 -14.49 20.42
C ASP D 481 22.52 -13.71 19.16
N PHE D 482 23.10 -14.12 18.04
CA PHE D 482 22.69 -13.57 16.74
C PHE D 482 21.34 -14.08 16.30
N SER D 483 20.60 -13.23 15.59
CA SER D 483 19.38 -13.64 14.94
C SER D 483 19.72 -14.23 13.59
N LYS D 484 18.71 -14.76 12.89
CA LYS D 484 18.92 -15.21 11.52
C LYS D 484 19.34 -14.02 10.67
N PRO D 485 20.37 -14.20 9.83
CA PRO D 485 20.98 -13.07 9.12
C PRO D 485 20.00 -12.37 8.21
N PHE D 486 20.12 -11.06 8.12
CA PHE D 486 19.20 -10.27 7.31
C PHE D 486 19.73 -10.00 5.90
N MET D 487 20.99 -10.35 5.65
CA MET D 487 21.59 -10.05 4.36
C MET D 487 22.78 -10.93 4.03
N SER D 488 22.58 -11.83 3.07
CA SER D 488 23.68 -12.65 2.57
C SER D 488 24.70 -11.79 1.83
N LEU D 489 25.97 -12.16 1.95
CA LEU D 489 27.04 -11.42 1.31
C LEU D 489 28.30 -12.26 1.24
N GLY D 490 29.31 -11.76 0.56
CA GLY D 490 30.57 -12.47 0.48
C GLY D 490 31.73 -11.64 -0.02
N ILE D 491 32.91 -12.25 -0.07
CA ILE D 491 34.07 -11.58 -0.62
C ILE D 491 33.87 -11.37 -2.10
N SER D 492 34.28 -10.21 -2.61
CA SER D 492 33.98 -9.83 -3.98
C SER D 492 35.12 -9.07 -4.62
N ILE D 493 35.19 -9.15 -5.94
CA ILE D 493 36.27 -8.53 -6.71
C ILE D 493 35.93 -7.12 -7.17
N MET D 494 36.72 -6.16 -6.72
CA MET D 494 36.63 -4.79 -7.22
C MET D 494 37.72 -4.47 -8.23
N ILE D 495 37.31 -3.92 -9.37
CA ILE D 495 38.23 -3.44 -10.39
C ILE D 495 37.66 -2.17 -11.01
N LYS D 496 38.54 -1.35 -11.58
CA LYS D 496 38.06 -0.23 -12.38
C LYS D 496 37.38 -0.79 -13.62
N LYS D 497 36.31 -0.15 -14.06
CA LYS D 497 35.67 -0.56 -15.31
C LYS D 497 36.62 -0.24 -16.46
N PRO D 498 36.63 -1.10 -17.48
CA PRO D 498 37.59 -0.94 -18.58
C PRO D 498 37.37 0.36 -19.35
N GLN D 499 38.47 0.96 -19.80
CA GLN D 499 38.41 2.16 -20.61
C GLN D 499 39.54 2.10 -21.63
N LYS D 500 39.72 0.92 -22.20
CA LYS D 500 40.77 0.71 -23.19
C LYS D 500 40.52 1.51 -24.46
N SER D 501 41.59 2.02 -25.04
CA SER D 501 41.52 2.76 -26.28
C SER D 501 42.89 2.78 -26.93
N LYS D 502 43.76 1.87 -26.48
CA LYS D 502 45.14 1.85 -26.93
C LYS D 502 45.23 1.52 -28.41
N PRO D 503 45.89 2.40 -29.17
CA PRO D 503 46.10 2.23 -30.60
C PRO D 503 47.39 1.49 -30.89
N GLY D 504 48.03 1.82 -32.00
CA GLY D 504 49.39 1.38 -32.27
C GLY D 504 49.51 0.10 -33.05
N VAL D 505 49.74 0.24 -34.36
CA VAL D 505 50.05 -0.89 -35.24
C VAL D 505 49.02 -2.00 -35.16
N PHE D 506 49.00 -2.69 -34.03
CA PHE D 506 48.10 -3.81 -33.81
C PHE D 506 46.64 -3.37 -33.90
N SER D 507 46.40 -2.11 -33.56
CA SER D 507 45.08 -1.52 -33.62
C SER D 507 44.55 -1.45 -35.04
N PHE D 508 45.46 -1.26 -35.99
CA PHE D 508 45.10 -1.29 -37.40
C PHE D 508 44.61 -2.64 -37.87
N LEU D 509 45.16 -3.70 -37.28
CA LEU D 509 44.84 -5.06 -37.71
C LEU D 509 43.60 -5.59 -37.03
N ASP D 510 43.00 -4.77 -36.17
CA ASP D 510 41.88 -5.21 -35.34
C ASP D 510 40.74 -5.88 -36.12
N PRO D 511 40.30 -5.31 -37.25
CA PRO D 511 39.19 -5.95 -37.93
C PRO D 511 39.46 -7.39 -38.36
N LEU D 512 40.17 -7.56 -39.48
CA LEU D 512 40.50 -8.88 -39.98
C LEU D 512 41.48 -9.61 -39.06
N ALA D 513 41.25 -10.92 -38.87
CA ALA D 513 42.06 -11.71 -37.93
C ALA D 513 43.45 -12.06 -38.47
N TYR D 514 44.41 -12.22 -37.56
CA TYR D 514 45.81 -12.40 -37.92
C TYR D 514 46.05 -13.64 -38.77
N GLU D 515 45.32 -14.70 -38.45
CA GLU D 515 45.47 -15.95 -39.17
C GLU D 515 45.04 -15.75 -40.60
N ILE D 516 44.02 -14.91 -40.76
CA ILE D 516 43.52 -14.59 -42.08
C ILE D 516 44.55 -13.74 -42.82
N TRP D 517 45.34 -12.95 -42.09
CA TRP D 517 46.42 -12.22 -42.74
C TRP D 517 47.46 -13.21 -43.24
N MET D 518 47.68 -14.26 -42.46
CA MET D 518 48.66 -15.26 -42.83
C MET D 518 48.20 -15.90 -44.12
N CYS D 519 46.92 -16.27 -44.13
CA CYS D 519 46.33 -16.95 -45.26
C CYS D 519 46.27 -16.08 -46.51
N ILE D 520 46.09 -14.78 -46.34
CA ILE D 520 46.02 -13.91 -47.51
C ILE D 520 47.41 -13.70 -48.08
N VAL D 521 48.42 -13.63 -47.22
CA VAL D 521 49.77 -13.50 -47.71
C VAL D 521 50.13 -14.75 -48.51
N PHE D 522 49.81 -15.90 -47.93
CA PHE D 522 50.17 -17.16 -48.56
C PHE D 522 49.39 -17.35 -49.86
N ALA D 523 48.13 -16.94 -49.86
CA ALA D 523 47.32 -17.05 -51.05
C ALA D 523 47.85 -16.13 -52.13
N TYR D 524 48.39 -15.00 -51.69
CA TYR D 524 48.92 -14.02 -52.63
C TYR D 524 50.19 -14.53 -53.30
N ILE D 525 51.12 -14.99 -52.49
CA ILE D 525 52.38 -15.51 -53.04
C ILE D 525 52.08 -16.75 -53.86
N GLY D 526 51.00 -17.44 -53.52
CA GLY D 526 50.57 -18.57 -54.31
C GLY D 526 50.08 -18.10 -55.66
N VAL D 527 49.40 -16.96 -55.68
CA VAL D 527 48.96 -16.38 -56.95
C VAL D 527 50.16 -15.99 -57.79
N SER D 528 51.20 -15.52 -57.11
CA SER D 528 52.36 -14.96 -57.79
C SER D 528 53.09 -15.97 -58.66
N VAL D 529 53.13 -17.22 -58.21
CA VAL D 529 53.90 -18.23 -58.91
C VAL D 529 53.10 -18.83 -60.07
N VAL D 530 51.77 -18.83 -59.93
CA VAL D 530 50.90 -19.35 -60.98
C VAL D 530 51.06 -18.52 -62.23
N LEU D 531 51.33 -17.23 -62.03
CA LEU D 531 51.44 -16.29 -63.12
C LEU D 531 52.63 -16.63 -64.00
N PHE D 532 53.67 -17.19 -63.40
CA PHE D 532 54.87 -17.50 -64.15
C PHE D 532 54.63 -18.61 -65.17
N LEU D 533 53.74 -19.54 -64.83
CA LEU D 533 53.44 -20.65 -65.73
C LEU D 533 52.79 -20.18 -67.02
N VAL D 534 51.97 -19.14 -66.91
CA VAL D 534 51.35 -18.53 -68.09
C VAL D 534 52.43 -17.86 -68.94
N SER D 535 53.48 -17.40 -68.28
CA SER D 535 54.57 -16.72 -68.96
C SER D 535 55.58 -17.72 -69.52
N ILE D 564 61.15 -16.33 -62.72
CA ILE D 564 60.03 -16.35 -61.81
C ILE D 564 59.92 -15.04 -61.04
N PHE D 565 61.04 -14.35 -60.88
CA PHE D 565 61.07 -13.08 -60.16
C PHE D 565 60.21 -12.04 -60.86
N ASN D 566 60.19 -12.08 -62.19
CA ASN D 566 59.39 -11.16 -62.98
C ASN D 566 57.90 -11.42 -62.79
N SER D 567 57.59 -12.66 -62.42
CA SER D 567 56.22 -13.06 -62.13
C SER D 567 55.76 -12.53 -60.78
N LEU D 568 56.64 -12.64 -59.78
CA LEU D 568 56.34 -12.07 -58.46
C LEU D 568 56.25 -10.55 -58.56
N TRP D 569 57.08 -9.98 -59.44
CA TRP D 569 57.03 -8.56 -59.71
C TRP D 569 55.70 -8.22 -60.35
N PHE D 570 55.28 -9.03 -61.30
CA PHE D 570 54.03 -8.80 -61.99
C PHE D 570 52.82 -8.95 -61.08
N SER D 571 52.89 -9.89 -60.15
CA SER D 571 51.85 -10.07 -59.15
C SER D 571 51.83 -8.87 -58.23
N LEU D 572 53.00 -8.30 -58.03
CA LEU D 572 53.09 -7.11 -57.22
C LEU D 572 52.43 -5.97 -58.01
N GLY D 573 52.45 -6.11 -59.34
CA GLY D 573 51.79 -5.18 -60.22
C GLY D 573 50.31 -5.51 -60.33
N ALA D 574 49.93 -6.64 -59.73
CA ALA D 574 48.53 -7.02 -59.65
C ALA D 574 47.91 -6.39 -58.40
N PHE D 575 48.53 -6.67 -57.26
CA PHE D 575 48.05 -6.16 -55.98
C PHE D 575 48.10 -4.64 -55.97
N MET D 576 49.06 -4.09 -56.70
CA MET D 576 49.25 -2.65 -56.77
C MET D 576 48.06 -1.96 -57.41
N GLN D 577 47.37 -2.67 -58.29
CA GLN D 577 46.32 -2.03 -59.08
C GLN D 577 45.30 -3.03 -59.62
N GLN D 578 44.10 -2.99 -59.07
CA GLN D 578 43.02 -3.86 -59.51
C GLN D 578 43.45 -5.32 -59.45
N GLY D 579 44.25 -5.75 -60.42
CA GLY D 579 44.80 -7.09 -60.42
C GLY D 579 45.18 -7.64 -61.78
N CYS D 580 46.48 -7.84 -61.98
CA CYS D 580 47.03 -8.52 -63.16
C CYS D 580 46.70 -7.86 -64.49
N ASP D 581 47.32 -8.37 -65.54
CA ASP D 581 47.12 -7.91 -66.91
C ASP D 581 47.85 -8.86 -67.86
N ILE D 582 48.86 -8.33 -68.55
CA ILE D 582 49.77 -9.04 -69.46
C ILE D 582 49.12 -10.04 -70.44
N SER D 583 48.13 -10.80 -69.98
CA SER D 583 47.57 -11.88 -70.76
C SER D 583 46.82 -11.34 -71.98
N PRO D 584 47.19 -11.84 -73.17
CA PRO D 584 46.52 -11.43 -74.40
C PRO D 584 45.04 -11.79 -74.37
N ARG D 585 44.22 -10.89 -73.82
CA ARG D 585 42.79 -11.12 -73.68
C ARG D 585 42.51 -12.41 -72.93
N SER D 586 42.36 -12.30 -71.61
CA SER D 586 42.16 -13.47 -70.74
C SER D 586 43.22 -14.53 -70.96
N LEU D 587 43.14 -15.20 -72.10
CA LEU D 587 44.03 -16.31 -72.43
C LEU D 587 44.01 -17.29 -71.27
N SER D 588 44.84 -17.05 -70.27
CA SER D 588 44.89 -17.95 -69.12
C SER D 588 44.83 -17.21 -67.79
N GLY D 589 45.92 -16.55 -67.42
CA GLY D 589 46.05 -16.02 -66.07
C GLY D 589 45.27 -14.75 -65.81
N ARG D 590 44.77 -14.13 -66.87
CA ARG D 590 43.95 -12.95 -66.72
C ARG D 590 42.69 -13.27 -65.95
N ILE D 591 42.19 -14.49 -66.11
CA ILE D 591 41.03 -14.92 -65.33
C ILE D 591 41.44 -15.00 -63.88
N VAL D 592 42.71 -15.35 -63.65
CA VAL D 592 43.24 -15.41 -62.31
C VAL D 592 43.22 -14.02 -61.75
N GLY D 593 43.47 -13.05 -62.63
CA GLY D 593 43.45 -11.67 -62.22
C GLY D 593 42.04 -11.22 -61.88
N GLY D 594 41.06 -11.72 -62.64
CA GLY D 594 39.70 -11.31 -62.42
C GLY D 594 39.19 -11.85 -61.10
N VAL D 595 39.45 -13.13 -60.88
CA VAL D 595 39.05 -13.76 -59.64
C VAL D 595 39.77 -13.10 -58.49
N TRP D 596 41.01 -12.70 -58.74
CA TRP D 596 41.81 -12.01 -57.75
C TRP D 596 41.19 -10.67 -57.39
N TRP D 597 40.63 -10.00 -58.37
CA TRP D 597 40.00 -8.72 -58.15
C TRP D 597 38.72 -8.88 -57.35
N PHE D 598 37.94 -9.89 -57.69
CA PHE D 598 36.73 -10.17 -56.95
C PHE D 598 37.10 -10.44 -55.51
N PHE D 599 38.22 -11.12 -55.37
CA PHE D 599 38.72 -11.56 -54.09
C PHE D 599 39.12 -10.40 -53.19
N THR D 600 39.99 -9.54 -53.71
CA THR D 600 40.46 -8.39 -52.95
C THR D 600 39.29 -7.47 -52.65
N LEU D 601 38.32 -7.48 -53.55
CA LEU D 601 37.15 -6.65 -53.40
C LEU D 601 36.33 -7.09 -52.19
N ILE D 602 36.07 -8.39 -52.12
CA ILE D 602 35.32 -8.90 -50.99
C ILE D 602 36.10 -8.68 -49.70
N ILE D 603 37.41 -8.76 -49.80
CA ILE D 603 38.23 -8.56 -48.62
C ILE D 603 38.12 -7.16 -48.07
N ILE D 604 38.35 -6.17 -48.92
CA ILE D 604 38.34 -4.79 -48.48
C ILE D 604 36.94 -4.42 -48.01
N SER D 605 35.95 -5.03 -48.66
CA SER D 605 34.57 -4.74 -48.33
C SER D 605 34.31 -5.22 -46.93
N SER D 606 34.71 -6.45 -46.67
CA SER D 606 34.49 -7.06 -45.38
C SER D 606 35.26 -6.30 -44.32
N TYR D 607 36.42 -5.79 -44.71
CA TYR D 607 37.26 -5.05 -43.80
C TYR D 607 36.53 -3.80 -43.38
N THR D 608 35.88 -3.18 -44.35
CA THR D 608 35.17 -1.95 -44.10
C THR D 608 33.99 -2.19 -43.18
N ALA D 609 33.26 -3.27 -43.46
CA ALA D 609 32.08 -3.57 -42.68
C ALA D 609 32.48 -3.83 -41.24
N ASN D 610 33.62 -4.49 -41.08
CA ASN D 610 34.06 -4.85 -39.75
C ASN D 610 34.48 -3.61 -38.99
N LEU D 611 35.28 -2.77 -39.63
CA LEU D 611 35.79 -1.59 -38.94
C LEU D 611 34.65 -0.68 -38.53
N ALA D 612 33.63 -0.62 -39.39
CA ALA D 612 32.45 0.15 -39.05
C ALA D 612 31.75 -0.48 -37.87
N ALA D 613 31.79 -1.82 -37.81
CA ALA D 613 31.17 -2.50 -36.70
C ALA D 613 31.89 -2.14 -35.40
N PHE D 614 33.20 -1.96 -35.47
CA PHE D 614 33.91 -1.44 -34.30
C PHE D 614 33.53 -0.01 -33.99
N LEU D 615 33.22 0.77 -35.02
CA LEU D 615 32.88 2.16 -34.80
C LEU D 615 31.44 2.35 -34.36
N THR D 616 30.70 1.25 -34.35
CA THR D 616 29.31 1.31 -33.95
C THR D 616 29.17 1.26 -32.44
N VAL D 617 29.23 0.05 -31.89
CA VAL D 617 28.98 -0.16 -30.47
C VAL D 617 30.16 0.24 -29.59
N GLU D 618 31.35 -0.24 -29.96
CA GLU D 618 32.57 0.00 -29.20
C GLU D 618 32.41 -0.43 -27.75
N ARG D 619 31.90 -1.64 -27.55
CA ARG D 619 31.78 -2.21 -26.21
C ARG D 619 33.17 -2.53 -25.65
N MET D 620 33.31 -2.49 -24.34
CA MET D 620 34.59 -2.81 -23.71
C MET D 620 34.49 -4.06 -22.84
N VAL D 621 35.05 -5.15 -23.35
CA VAL D 621 35.03 -6.44 -22.66
C VAL D 621 35.84 -6.42 -21.36
N SER D 622 35.34 -7.12 -20.35
CA SER D 622 36.08 -7.30 -19.10
C SER D 622 37.25 -8.26 -19.28
N PRO D 623 38.41 -7.90 -18.71
CA PRO D 623 39.61 -8.73 -18.74
C PRO D 623 39.43 -10.11 -18.10
N ILE D 624 38.58 -10.19 -17.07
CA ILE D 624 38.46 -11.43 -16.31
C ILE D 624 37.02 -11.79 -15.97
N GLU D 625 36.82 -13.03 -15.55
CA GLU D 625 35.50 -13.51 -15.18
C GLU D 625 35.55 -14.17 -13.81
N SER D 626 35.92 -15.44 -13.79
CA SER D 626 36.08 -16.16 -12.53
C SER D 626 37.25 -15.60 -11.74
N ALA D 627 37.17 -15.71 -10.43
CA ALA D 627 38.27 -15.24 -9.58
C ALA D 627 39.52 -16.06 -9.88
N GLU D 628 39.30 -17.29 -10.34
CA GLU D 628 40.40 -18.21 -10.64
C GLU D 628 41.29 -17.64 -11.72
N ASP D 629 40.70 -16.83 -12.59
CA ASP D 629 41.43 -16.23 -13.68
C ASP D 629 42.52 -15.32 -13.13
N LEU D 630 42.24 -14.69 -11.99
CA LEU D 630 43.22 -13.84 -11.35
C LEU D 630 44.38 -14.67 -10.84
N SER D 631 44.07 -15.89 -10.46
CA SER D 631 45.11 -16.82 -10.04
C SER D 631 45.86 -17.33 -11.25
N LYS D 632 45.12 -17.64 -12.30
CA LYS D 632 45.71 -18.20 -13.51
C LYS D 632 46.69 -17.23 -14.21
N GLN D 633 46.38 -15.95 -14.17
CA GLN D 633 47.25 -14.96 -14.82
C GLN D 633 48.28 -14.42 -13.85
N THR D 634 49.19 -13.60 -14.37
CA THR D 634 50.11 -12.88 -13.51
C THR D 634 50.21 -11.40 -13.87
N GLU D 635 49.48 -11.00 -14.90
CA GLU D 635 49.58 -9.61 -15.38
C GLU D 635 49.08 -8.57 -14.39
N ILE D 636 48.08 -8.92 -13.59
CA ILE D 636 47.47 -7.95 -12.70
C ILE D 636 47.53 -8.39 -11.26
N ALA D 637 48.13 -7.55 -10.42
CA ALA D 637 48.21 -7.83 -9.01
C ALA D 637 46.83 -7.74 -8.37
N TYR D 638 46.65 -8.48 -7.29
CA TYR D 638 45.40 -8.44 -6.55
C TYR D 638 45.65 -8.69 -5.08
N GLY D 639 44.85 -8.09 -4.21
CA GLY D 639 45.06 -8.23 -2.79
C GLY D 639 43.88 -7.76 -1.95
N THR D 640 44.10 -7.71 -0.64
CA THR D 640 43.04 -7.34 0.29
C THR D 640 43.55 -6.38 1.35
N LEU D 641 42.69 -6.12 2.33
CA LEU D 641 43.06 -5.31 3.48
C LEU D 641 44.17 -6.01 4.26
N ASP D 642 45.12 -5.24 4.78
CA ASP D 642 46.27 -5.83 5.45
C ASP D 642 45.91 -6.55 6.74
N SER D 643 44.79 -6.15 7.35
CA SER D 643 44.40 -6.70 8.63
C SER D 643 42.89 -6.86 8.73
N GLY D 644 42.42 -8.10 8.66
CA GLY D 644 41.00 -8.38 8.77
C GLY D 644 40.71 -9.85 8.59
N SER D 645 39.46 -10.23 8.77
CA SER D 645 39.05 -11.62 8.65
C SER D 645 39.28 -12.15 7.25
N THR D 646 39.20 -11.26 6.27
CA THR D 646 39.31 -11.67 4.88
C THR D 646 40.68 -12.27 4.58
N LYS D 647 41.72 -11.64 5.11
CA LYS D 647 43.07 -12.14 4.95
C LYS D 647 43.21 -13.49 5.61
N GLU D 648 42.61 -13.59 6.80
CA GLU D 648 42.70 -14.79 7.60
C GLU D 648 42.02 -15.94 6.89
N PHE D 649 41.00 -15.61 6.11
CA PHE D 649 40.25 -16.59 5.37
C PHE D 649 41.14 -17.32 4.40
N PHE D 650 41.82 -16.55 3.55
CA PHE D 650 42.71 -17.13 2.56
C PHE D 650 43.90 -17.78 3.24
N ARG D 651 44.31 -17.21 4.37
CA ARG D 651 45.44 -17.76 5.09
C ARG D 651 45.08 -19.14 5.64
N ARG D 652 43.79 -19.35 5.89
CA ARG D 652 43.33 -20.61 6.46
C ARG D 652 42.58 -21.46 5.44
N SER D 653 42.35 -20.91 4.26
CA SER D 653 41.62 -21.64 3.23
C SER D 653 42.41 -22.88 2.81
N LYS D 654 41.69 -23.99 2.61
CA LYS D 654 42.34 -25.22 2.21
C LYS D 654 42.02 -25.55 0.75
N ILE D 655 41.13 -24.78 0.16
CA ILE D 655 40.79 -24.98 -1.24
C ILE D 655 41.99 -24.57 -2.10
N ALA D 656 42.24 -25.35 -3.15
CA ALA D 656 43.51 -25.25 -3.89
C ALA D 656 43.75 -23.90 -4.54
N VAL D 657 42.77 -23.40 -5.29
CA VAL D 657 42.97 -22.15 -5.99
C VAL D 657 43.17 -21.00 -5.00
N PHE D 658 42.43 -21.05 -3.90
CA PHE D 658 42.58 -20.05 -2.87
C PHE D 658 43.93 -20.15 -2.19
N ASP D 659 44.45 -21.37 -2.10
CA ASP D 659 45.77 -21.56 -1.54
C ASP D 659 46.80 -20.93 -2.45
N LYS D 660 46.57 -21.07 -3.75
CA LYS D 660 47.46 -20.47 -4.73
C LYS D 660 47.40 -18.96 -4.61
N MET D 661 46.22 -18.46 -4.28
CA MET D 661 46.02 -17.03 -4.12
C MET D 661 46.80 -16.52 -2.93
N TRP D 662 46.65 -17.19 -1.79
CA TRP D 662 47.34 -16.79 -0.58
C TRP D 662 48.84 -16.92 -0.69
N THR D 663 49.30 -17.95 -1.39
CA THR D 663 50.73 -18.14 -1.61
C THR D 663 51.24 -17.02 -2.50
N TYR D 664 50.41 -16.62 -3.45
CA TYR D 664 50.76 -15.52 -4.34
C TYR D 664 50.92 -14.22 -3.58
N MET D 665 49.89 -13.87 -2.82
CA MET D 665 49.85 -12.61 -2.10
C MET D 665 50.92 -12.58 -1.02
N ARG D 666 51.20 -13.74 -0.45
CA ARG D 666 52.25 -13.87 0.55
C ARG D 666 53.62 -13.66 -0.08
N SER D 667 53.74 -14.06 -1.35
CA SER D 667 55.03 -14.03 -2.03
C SER D 667 55.35 -12.67 -2.66
N ALA D 668 54.36 -12.09 -3.32
CA ALA D 668 54.60 -10.88 -4.12
C ALA D 668 54.96 -9.66 -3.29
N GLU D 669 55.92 -8.90 -3.79
CA GLU D 669 56.25 -7.60 -3.22
C GLU D 669 56.38 -6.57 -4.34
N PRO D 670 56.05 -5.31 -4.08
CA PRO D 670 55.55 -4.69 -2.85
C PRO D 670 54.19 -5.23 -2.44
N SER D 671 53.92 -5.28 -1.15
CA SER D 671 52.74 -5.95 -0.63
C SER D 671 51.44 -5.42 -1.22
N VAL D 672 50.57 -6.35 -1.59
CA VAL D 672 49.26 -6.03 -2.11
C VAL D 672 48.37 -5.45 -1.02
N PHE D 673 48.72 -5.77 0.23
CA PHE D 673 47.97 -5.35 1.39
C PHE D 673 48.02 -3.84 1.60
N VAL D 674 46.92 -3.28 2.07
CA VAL D 674 46.87 -1.86 2.43
C VAL D 674 46.17 -1.70 3.77
N ARG D 675 46.51 -0.64 4.49
CA ARG D 675 46.04 -0.44 5.85
C ARG D 675 44.54 -0.21 5.97
N THR D 676 43.94 0.41 4.95
CA THR D 676 42.53 0.73 5.01
C THR D 676 41.84 0.49 3.69
N THR D 677 40.52 0.39 3.73
CA THR D 677 39.73 0.16 2.53
C THR D 677 39.88 1.33 1.58
N ALA D 678 40.00 2.53 2.13
CA ALA D 678 40.15 3.73 1.32
C ALA D 678 41.46 3.68 0.54
N GLU D 679 42.48 3.09 1.16
CA GLU D 679 43.76 2.92 0.49
C GLU D 679 43.58 1.98 -0.69
N GLY D 680 42.68 1.03 -0.53
CA GLY D 680 42.38 0.12 -1.62
C GLY D 680 41.67 0.88 -2.72
N VAL D 681 40.82 1.82 -2.32
CA VAL D 681 40.06 2.60 -3.28
C VAL D 681 40.99 3.41 -4.15
N ALA D 682 41.89 4.14 -3.50
CA ALA D 682 42.85 4.95 -4.22
C ALA D 682 43.78 4.07 -5.03
N ARG D 683 44.06 2.89 -4.49
CA ARG D 683 44.94 1.95 -5.16
C ARG D 683 44.32 1.48 -6.47
N VAL D 684 43.00 1.34 -6.47
CA VAL D 684 42.31 0.87 -7.66
C VAL D 684 42.12 2.00 -8.66
N ARG D 685 41.74 3.16 -8.17
CA ARG D 685 41.54 4.29 -9.06
C ARG D 685 42.85 4.71 -9.72
N LYS D 686 43.95 4.49 -9.03
CA LYS D 686 45.26 4.75 -9.61
C LYS D 686 45.76 3.54 -10.39
N SER D 687 45.15 2.38 -10.17
CA SER D 687 45.64 1.16 -10.79
C SER D 687 45.55 1.22 -12.30
N LYS D 688 44.51 1.89 -12.79
CA LYS D 688 44.24 1.94 -14.22
C LYS D 688 44.23 0.55 -14.85
N GLY D 689 43.63 -0.39 -14.12
CA GLY D 689 43.49 -1.76 -14.60
C GLY D 689 44.69 -2.64 -14.31
N LYS D 690 45.70 -2.06 -13.67
CA LYS D 690 46.91 -2.82 -13.33
C LYS D 690 46.72 -3.64 -12.06
N TYR D 691 45.68 -3.34 -11.30
CA TYR D 691 45.52 -3.96 -9.98
C TYR D 691 44.05 -4.11 -9.59
N ALA D 692 43.77 -5.13 -8.79
CA ALA D 692 42.40 -5.43 -8.35
C ALA D 692 42.35 -5.60 -6.84
N TYR D 693 41.19 -5.33 -6.24
CA TYR D 693 41.11 -5.35 -4.79
C TYR D 693 39.84 -6.03 -4.30
N LEU D 694 40.01 -7.08 -3.50
CA LEU D 694 38.90 -7.79 -2.89
C LEU D 694 38.32 -7.03 -1.70
N LEU D 695 37.02 -7.20 -1.47
CA LEU D 695 36.38 -6.65 -0.27
C LEU D 695 34.93 -7.11 -0.14
N GLU D 696 34.26 -6.69 0.92
CA GLU D 696 32.89 -7.13 1.20
C GLU D 696 31.94 -6.73 0.07
N SER D 697 31.11 -7.68 -0.37
CA SER D 697 30.35 -7.51 -1.59
C SER D 697 29.42 -6.31 -1.57
N THR D 698 28.69 -6.17 -0.48
CA THR D 698 27.76 -5.06 -0.36
C THR D 698 28.50 -3.75 -0.34
N MET D 699 29.70 -3.76 0.24
CA MET D 699 30.53 -2.57 0.27
C MET D 699 30.99 -2.22 -1.14
N ASN D 700 31.30 -3.25 -1.91
CA ASN D 700 31.79 -3.06 -3.27
C ASN D 700 30.71 -2.45 -4.12
N GLU D 701 29.53 -3.05 -4.04
CA GLU D 701 28.39 -2.56 -4.78
C GLU D 701 28.04 -1.17 -4.31
N TYR D 702 28.25 -0.90 -3.03
CA TYR D 702 28.00 0.43 -2.52
C TYR D 702 28.96 1.44 -3.12
N ILE D 703 30.18 1.01 -3.36
CA ILE D 703 31.15 1.84 -4.06
C ILE D 703 30.74 2.05 -5.51
N GLU D 704 30.05 1.07 -6.08
CA GLU D 704 29.66 1.16 -7.47
C GLU D 704 28.76 2.35 -7.75
N GLN D 705 27.91 2.68 -6.80
CA GLN D 705 27.01 3.82 -6.96
C GLN D 705 27.75 5.13 -6.73
N ARG D 706 28.89 5.04 -6.03
CA ARG D 706 29.66 6.21 -5.67
C ARG D 706 30.38 6.80 -6.88
N LYS D 707 30.51 8.13 -6.90
CA LYS D 707 31.28 8.80 -7.94
C LYS D 707 32.76 8.49 -7.76
N PRO D 708 33.53 8.51 -8.86
CA PRO D 708 33.12 8.79 -10.24
C PRO D 708 32.46 7.62 -10.96
N CYS D 709 31.99 6.62 -10.22
CA CYS D 709 31.40 5.42 -10.81
C CYS D 709 32.38 4.75 -11.77
N ASP D 710 33.66 4.86 -11.44
CA ASP D 710 34.72 4.30 -12.27
C ASP D 710 34.99 2.82 -12.02
N THR D 711 34.39 2.27 -10.97
CA THR D 711 34.67 0.90 -10.58
C THR D 711 33.45 0.02 -10.68
N MET D 712 33.66 -1.26 -10.94
CA MET D 712 32.56 -2.20 -11.03
C MET D 712 32.95 -3.56 -10.47
N LYS D 713 32.04 -4.16 -9.70
CA LYS D 713 32.27 -5.46 -9.11
C LYS D 713 32.20 -6.53 -10.19
N VAL D 714 33.02 -7.57 -10.07
CA VAL D 714 32.93 -8.68 -11.01
C VAL D 714 33.04 -10.04 -10.33
N GLY D 715 32.28 -11.00 -10.83
CA GLY D 715 32.29 -12.35 -10.29
C GLY D 715 31.31 -12.50 -9.15
N GLY D 716 31.03 -13.73 -8.76
CA GLY D 716 30.17 -14.01 -7.63
C GLY D 716 30.94 -13.98 -6.32
N ASN D 717 30.22 -14.11 -5.20
CA ASN D 717 30.87 -14.17 -3.91
C ASN D 717 31.74 -15.42 -3.78
N LEU D 718 32.91 -15.24 -3.19
CA LEU D 718 33.81 -16.35 -2.95
C LEU D 718 33.24 -17.31 -1.90
N ASP D 719 32.47 -16.75 -0.99
CA ASP D 719 31.91 -17.52 0.12
C ASP D 719 30.73 -16.79 0.77
N SER D 720 29.75 -17.56 1.24
CA SER D 720 28.58 -16.97 1.87
C SER D 720 28.90 -16.35 3.22
N LYS D 721 28.30 -15.19 3.48
CA LYS D 721 28.38 -14.51 4.77
C LYS D 721 27.10 -13.75 5.00
N GLY D 722 26.75 -13.51 6.25
CA GLY D 722 25.52 -12.83 6.56
C GLY D 722 25.52 -12.05 7.86
N TYR D 723 25.40 -10.73 7.75
CA TYR D 723 25.20 -9.90 8.93
C TYR D 723 23.87 -10.23 9.56
N GLY D 724 23.83 -10.19 10.89
CA GLY D 724 22.60 -10.48 11.59
C GLY D 724 22.44 -9.65 12.86
N ILE D 725 21.20 -9.46 13.28
CA ILE D 725 20.93 -8.75 14.52
C ILE D 725 21.48 -9.56 15.69
N ALA D 726 22.13 -8.87 16.62
CA ALA D 726 22.69 -9.53 17.79
C ALA D 726 22.02 -9.04 19.07
N THR D 727 21.77 -9.97 19.99
CA THR D 727 21.17 -9.63 21.26
C THR D 727 21.97 -10.29 22.38
N PRO D 728 21.96 -9.68 23.58
CA PRO D 728 22.65 -10.32 24.71
C PRO D 728 22.03 -11.68 24.97
N LYS D 729 22.84 -12.67 25.34
CA LYS D 729 22.34 -14.02 25.48
C LYS D 729 21.30 -14.08 26.60
N GLY D 730 20.20 -14.77 26.34
CA GLY D 730 19.15 -14.89 27.31
C GLY D 730 18.20 -13.71 27.33
N SER D 731 18.39 -12.76 26.43
CA SER D 731 17.48 -11.62 26.32
C SER D 731 16.10 -12.08 25.88
N SER D 732 15.08 -11.53 26.51
CA SER D 732 13.70 -11.87 26.19
C SER D 732 13.35 -11.42 24.78
N LEU D 733 13.99 -10.35 24.33
CA LEU D 733 13.69 -9.77 23.03
C LEU D 733 14.03 -10.72 21.88
N GLY D 734 14.97 -11.63 22.12
CA GLY D 734 15.53 -12.48 21.09
C GLY D 734 14.56 -13.05 20.07
N THR D 735 13.71 -13.97 20.50
CA THR D 735 12.79 -14.63 19.59
C THR D 735 11.87 -13.64 18.84
N PRO D 736 11.23 -12.68 19.56
CA PRO D 736 10.41 -11.72 18.82
C PRO D 736 11.21 -10.94 17.78
N VAL D 737 12.46 -10.64 18.10
CA VAL D 737 13.31 -9.95 17.14
C VAL D 737 13.52 -10.82 15.92
N ASN D 738 13.73 -12.11 16.16
CA ASN D 738 14.01 -13.03 15.07
C ASN D 738 12.81 -13.15 14.15
N LEU D 739 11.64 -13.31 14.75
CA LEU D 739 10.41 -13.43 13.99
C LEU D 739 10.15 -12.16 13.22
N ALA D 740 10.52 -11.03 13.82
CA ALA D 740 10.36 -9.75 13.15
C ALA D 740 11.28 -9.68 11.94
N VAL D 741 12.46 -10.26 12.07
CA VAL D 741 13.43 -10.24 10.98
C VAL D 741 12.91 -11.03 9.80
N LEU D 742 12.45 -12.24 10.09
CA LEU D 742 11.93 -13.07 9.01
C LEU D 742 10.68 -12.45 8.41
N LYS D 743 9.91 -11.78 9.24
CA LYS D 743 8.70 -11.15 8.76
C LYS D 743 9.04 -10.03 7.78
N LEU D 744 10.03 -9.23 8.13
CA LEU D 744 10.46 -8.15 7.24
C LEU D 744 11.08 -8.70 5.98
N SER D 745 11.76 -9.84 6.09
CA SER D 745 12.49 -10.38 4.97
C SER D 745 11.55 -10.98 3.95
N GLU D 746 10.57 -11.73 4.43
CA GLU D 746 9.64 -12.41 3.54
C GLU D 746 8.82 -11.43 2.74
N GLN D 747 8.53 -10.27 3.31
CA GLN D 747 7.75 -9.27 2.59
C GLN D 747 8.64 -8.46 1.67
N GLY D 748 9.95 -8.69 1.76
CA GLY D 748 10.87 -8.08 0.83
C GLY D 748 11.18 -6.64 1.19
N VAL D 749 10.74 -6.24 2.37
CA VAL D 749 10.92 -4.86 2.82
C VAL D 749 12.39 -4.50 2.88
N LEU D 750 13.19 -5.49 3.27
CA LEU D 750 14.61 -5.30 3.38
C LEU D 750 15.20 -4.99 2.02
N ASP D 751 14.67 -5.65 1.00
CA ASP D 751 15.13 -5.43 -0.35
C ASP D 751 14.77 -4.03 -0.81
N LYS D 752 13.65 -3.54 -0.34
CA LYS D 752 13.19 -2.22 -0.70
C LYS D 752 14.16 -1.21 -0.09
N LEU D 753 14.52 -1.44 1.16
CA LEU D 753 15.45 -0.55 1.83
C LEU D 753 16.84 -0.64 1.22
N LYS D 754 17.17 -1.81 0.68
CA LYS D 754 18.47 -2.01 0.06
C LYS D 754 18.53 -1.21 -1.23
N ASN D 755 17.47 -1.33 -2.01
CA ASN D 755 17.37 -0.58 -3.25
C ASN D 755 17.38 0.89 -2.96
N LYS D 756 16.84 1.26 -1.81
CA LYS D 756 16.78 2.65 -1.41
C LYS D 756 18.18 3.16 -1.11
N TRP D 757 18.74 2.69 0.00
CA TRP D 757 19.99 3.23 0.50
C TRP D 757 21.17 2.99 -0.43
N TRP D 758 21.07 1.99 -1.29
CA TRP D 758 22.03 1.88 -2.36
C TRP D 758 21.62 2.64 -3.60
N TYR D 759 21.03 1.92 -4.55
CA TYR D 759 20.87 2.40 -5.91
C TYR D 759 20.03 3.66 -6.04
N ASP D 760 19.01 3.79 -5.21
CA ASP D 760 18.18 4.99 -5.24
C ASP D 760 18.97 6.20 -4.76
N LYS D 761 19.90 5.96 -3.85
CA LYS D 761 20.77 7.02 -3.37
C LYS D 761 21.99 7.16 -4.27
N GLY D 762 22.06 6.28 -5.26
CA GLY D 762 23.25 6.18 -6.10
C GLY D 762 23.60 7.45 -6.85
N GLU D 763 24.87 7.83 -6.76
CA GLU D 763 25.38 9.02 -7.42
C GLU D 763 25.60 8.79 -8.91
N CYS D 764 25.62 7.53 -9.31
CA CYS D 764 25.85 7.18 -10.71
C CYS D 764 25.03 5.96 -11.09
N GLY D 765 23.78 6.17 -11.50
CA GLY D 765 22.92 5.07 -11.89
C GLY D 765 23.54 4.30 -13.03
N ALA D 766 23.70 3.00 -12.84
CA ALA D 766 24.49 2.19 -13.76
C ALA D 766 23.88 2.12 -15.16
N LYS D 767 22.61 1.73 -15.24
CA LYS D 767 21.92 1.73 -16.53
C LYS D 767 21.65 3.15 -17.00
N ASP D 768 21.62 4.09 -16.06
CA ASP D 768 21.49 5.49 -16.41
C ASP D 768 22.79 5.98 -17.03
N SER D 769 23.90 5.69 -16.36
CA SER D 769 25.22 6.02 -16.88
C SER D 769 25.56 5.16 -18.10
N GLY D 770 24.96 3.98 -18.17
CA GLY D 770 25.19 3.08 -19.29
C GLY D 770 24.51 3.56 -20.55
N SER D 771 23.34 4.17 -20.40
CA SER D 771 22.62 4.75 -21.53
C SER D 771 23.37 5.95 -22.10
N LYS D 772 24.13 6.62 -21.23
CA LYS D 772 24.86 7.83 -21.60
C LYS D 772 26.30 7.53 -22.05
N GLU D 773 26.45 7.10 -23.29
CA GLU D 773 27.78 6.90 -23.88
C GLU D 773 27.69 6.71 -25.39
N LYS D 774 27.56 7.83 -26.11
CA LYS D 774 27.48 7.79 -27.56
C LYS D 774 28.26 8.93 -28.18
N THR D 775 29.56 8.73 -28.35
CA THR D 775 30.42 9.73 -28.95
C THR D 775 31.04 9.17 -30.23
N SER D 776 32.00 9.90 -30.79
CA SER D 776 32.58 9.50 -32.07
C SER D 776 33.94 10.14 -32.35
N ALA D 777 33.98 11.02 -33.35
CA ALA D 777 35.22 11.62 -33.85
C ALA D 777 36.21 10.55 -34.29
N LEU D 778 37.47 10.94 -34.52
CA LEU D 778 38.44 9.98 -35.04
C LEU D 778 39.86 10.25 -34.58
N SER D 779 40.57 9.18 -34.21
CA SER D 779 41.97 9.28 -33.83
C SER D 779 42.92 8.98 -34.98
N LEU D 780 43.97 9.79 -35.09
CA LEU D 780 45.05 9.57 -36.03
C LEU D 780 45.91 8.37 -35.62
N SER D 781 45.87 8.08 -34.33
CA SER D 781 46.80 7.15 -33.73
C SER D 781 46.70 5.77 -34.35
N ASN D 782 45.48 5.37 -34.68
CA ASN D 782 45.24 4.08 -35.29
C ASN D 782 45.82 4.00 -36.70
N VAL D 783 45.86 5.12 -37.40
CA VAL D 783 46.40 5.15 -38.75
C VAL D 783 47.93 5.32 -38.73
N ALA D 784 48.45 5.72 -37.58
CA ALA D 784 49.87 6.04 -37.48
C ALA D 784 50.74 4.84 -37.84
N GLY D 785 50.26 3.65 -37.51
CA GLY D 785 50.98 2.44 -37.83
C GLY D 785 51.02 2.25 -39.32
N VAL D 786 49.93 2.60 -39.99
CA VAL D 786 49.90 2.51 -41.44
C VAL D 786 50.89 3.49 -42.05
N PHE D 787 51.04 4.64 -41.40
CA PHE D 787 52.08 5.56 -41.86
C PHE D 787 53.45 4.93 -41.68
N TYR D 788 53.59 4.13 -40.62
CA TYR D 788 54.89 3.57 -40.32
C TYR D 788 55.26 2.51 -41.35
N ILE D 789 54.31 1.65 -41.68
CA ILE D 789 54.57 0.64 -42.70
C ILE D 789 54.79 1.32 -44.04
N LEU D 790 54.13 2.46 -44.25
CA LEU D 790 54.31 3.19 -45.48
C LEU D 790 55.73 3.68 -45.64
N VAL D 791 56.20 4.41 -44.63
CA VAL D 791 57.53 4.97 -44.66
C VAL D 791 58.59 3.88 -44.69
N GLY D 792 58.31 2.78 -44.02
CA GLY D 792 59.26 1.69 -43.95
C GLY D 792 59.39 1.04 -45.31
N GLY D 793 58.27 0.94 -46.01
CA GLY D 793 58.29 0.39 -47.35
C GLY D 793 59.04 1.33 -48.25
N LEU D 794 58.90 2.62 -47.98
CA LEU D 794 59.60 3.62 -48.76
C LEU D 794 61.10 3.43 -48.64
N GLY D 795 61.59 3.33 -47.41
CA GLY D 795 63.02 3.24 -47.19
C GLY D 795 63.56 1.92 -47.68
N LEU D 796 62.74 0.88 -47.61
CA LEU D 796 63.14 -0.41 -48.13
C LEU D 796 63.37 -0.32 -49.63
N ALA D 797 62.41 0.27 -50.33
CA ALA D 797 62.53 0.43 -51.78
C ALA D 797 63.69 1.34 -52.13
N MET D 798 63.98 2.28 -51.24
CA MET D 798 65.12 3.15 -51.42
C MET D 798 66.41 2.35 -51.42
N LEU D 799 66.52 1.46 -50.43
CA LEU D 799 67.70 0.62 -50.34
C LEU D 799 67.81 -0.30 -51.55
N VAL D 800 66.67 -0.77 -52.03
CA VAL D 800 66.68 -1.61 -53.21
C VAL D 800 67.20 -0.82 -54.41
N ALA D 801 66.83 0.45 -54.46
CA ALA D 801 67.29 1.30 -55.55
C ALA D 801 68.79 1.47 -55.44
N LEU D 802 69.29 1.49 -54.22
CA LEU D 802 70.71 1.66 -53.98
C LEU D 802 71.50 0.46 -54.45
N ILE D 803 71.07 -0.75 -54.08
CA ILE D 803 71.79 -1.93 -54.52
C ILE D 803 71.66 -2.10 -56.04
N GLU D 804 70.53 -1.67 -56.60
CA GLU D 804 70.37 -1.68 -58.04
C GLU D 804 71.34 -0.72 -58.71
N PHE D 805 71.68 0.35 -58.01
CA PHE D 805 72.72 1.25 -58.47
C PHE D 805 74.11 0.68 -58.17
N CYS D 806 74.16 -0.34 -57.32
CA CYS D 806 75.43 -1.01 -57.01
C CYS D 806 75.80 -2.03 -58.09
N TYR D 807 74.81 -2.76 -58.61
CA TYR D 807 75.08 -3.70 -59.69
C TYR D 807 75.51 -2.97 -60.95
N LYS D 808 75.09 -1.72 -61.06
CA LYS D 808 75.27 -0.95 -62.29
C LYS D 808 76.29 0.16 -62.12
N LYS E 821 35.23 -24.18 -96.00
CA LYS E 821 33.93 -23.52 -95.98
C LYS E 821 32.92 -24.30 -95.16
N THR E 822 33.20 -25.59 -94.95
CA THR E 822 32.33 -26.43 -94.14
C THR E 822 32.31 -25.96 -92.69
N SER E 823 33.42 -25.36 -92.27
CA SER E 823 33.58 -24.92 -90.89
C SER E 823 32.58 -23.83 -90.52
N ARG E 824 32.55 -22.77 -91.32
CA ARG E 824 31.65 -21.65 -91.05
C ARG E 824 30.20 -22.07 -91.12
N ARG E 825 29.92 -23.02 -92.02
CA ARG E 825 28.58 -23.55 -92.17
C ARG E 825 28.17 -24.34 -90.94
N GLY E 826 29.12 -25.09 -90.39
CA GLY E 826 28.85 -25.90 -89.21
C GLY E 826 28.63 -25.02 -88.00
N ARG E 827 29.40 -23.93 -87.94
CA ARG E 827 29.26 -22.96 -86.87
C ARG E 827 27.88 -22.31 -86.93
N ALA E 828 27.52 -21.85 -88.12
CA ALA E 828 26.28 -21.13 -88.32
C ALA E 828 25.07 -22.02 -88.02
N LEU E 829 25.04 -23.20 -88.61
CA LEU E 829 23.94 -24.13 -88.39
C LEU E 829 23.86 -24.57 -86.94
N LEU E 830 25.01 -24.71 -86.31
CA LEU E 830 25.04 -25.10 -84.91
C LEU E 830 24.37 -24.01 -84.08
N ALA E 831 24.71 -22.75 -84.37
CA ALA E 831 24.12 -21.63 -83.65
C ALA E 831 22.63 -21.55 -83.90
N VAL E 832 22.21 -21.90 -85.12
CA VAL E 832 20.80 -21.90 -85.46
C VAL E 832 20.06 -22.90 -84.60
N ALA E 833 20.61 -24.11 -84.52
CA ALA E 833 19.98 -25.15 -83.73
C ALA E 833 19.97 -24.81 -82.25
N LEU E 834 21.02 -24.14 -81.79
CA LEU E 834 21.10 -23.77 -80.39
C LEU E 834 20.02 -22.76 -80.05
N ASN E 835 19.85 -21.78 -80.93
CA ASN E 835 18.81 -20.78 -80.73
C ASN E 835 17.43 -21.40 -80.85
N LEU E 836 17.32 -22.43 -81.67
CA LEU E 836 16.08 -23.20 -81.73
C LEU E 836 15.81 -23.85 -80.39
N LEU E 837 16.86 -24.33 -79.75
CA LEU E 837 16.71 -24.94 -78.44
C LEU E 837 16.26 -23.88 -77.46
N ALA E 838 16.81 -22.68 -77.61
CA ALA E 838 16.45 -21.58 -76.73
C ALA E 838 14.98 -21.25 -76.90
N LEU E 839 14.50 -21.36 -78.15
CA LEU E 839 13.09 -21.17 -78.44
C LEU E 839 12.27 -22.25 -77.78
N LEU E 840 12.83 -23.45 -77.71
CA LEU E 840 12.15 -24.54 -77.03
C LEU E 840 12.03 -24.25 -75.54
N PHE E 841 13.05 -23.61 -74.96
CA PHE E 841 12.95 -23.20 -73.56
C PHE E 841 11.93 -22.08 -73.40
N ALA E 842 11.82 -21.25 -74.43
CA ALA E 842 10.90 -20.12 -74.38
C ALA E 842 9.49 -20.66 -74.32
N THR E 843 9.22 -21.63 -75.16
CA THR E 843 7.95 -22.33 -75.15
C THR E 843 7.79 -23.10 -73.84
N THR E 844 8.93 -23.54 -73.29
CA THR E 844 8.90 -24.37 -72.10
C THR E 844 8.35 -23.61 -70.91
N ALA E 845 8.92 -22.44 -70.65
CA ALA E 845 8.46 -21.62 -69.55
C ALA E 845 7.21 -20.83 -69.91
N PHE E 846 6.95 -20.68 -71.20
CA PHE E 846 5.71 -20.04 -71.62
C PHE E 846 4.59 -21.04 -71.39
N LEU E 847 4.97 -22.31 -71.24
CA LEU E 847 4.03 -23.37 -70.96
C LEU E 847 4.37 -24.07 -69.65
N THR E 848 4.73 -23.29 -68.65
CA THR E 848 5.07 -23.85 -67.34
C THR E 848 3.86 -24.53 -66.71
N THR E 849 4.08 -25.71 -66.16
CA THR E 849 3.01 -26.48 -65.51
C THR E 849 2.91 -26.16 -64.02
N TYR E 850 4.05 -25.92 -63.39
CA TYR E 850 4.07 -25.40 -62.02
C TYR E 850 5.39 -24.67 -61.83
N TRP E 851 5.30 -23.34 -61.79
CA TRP E 851 6.47 -22.49 -61.66
C TRP E 851 7.15 -22.75 -60.34
N CYS E 852 6.34 -22.94 -59.32
CA CYS E 852 6.85 -23.21 -57.97
C CYS E 852 6.04 -24.31 -57.29
N GLN E 853 6.76 -25.28 -56.75
CA GLN E 853 6.14 -26.27 -55.88
C GLN E 853 5.70 -25.55 -54.62
N GLY E 854 4.58 -25.98 -54.05
CA GLY E 854 4.05 -25.31 -52.87
C GLY E 854 3.38 -26.23 -51.88
N THR E 855 3.39 -25.85 -50.61
CA THR E 855 2.79 -26.64 -49.55
C THR E 855 2.22 -25.79 -48.42
N GLN E 856 1.09 -26.23 -47.86
CA GLN E 856 0.60 -25.73 -46.58
C GLN E 856 0.00 -26.86 -45.78
N ARG E 857 0.85 -27.81 -45.38
CA ARG E 857 0.37 -28.96 -44.65
C ARG E 857 0.11 -28.58 -43.20
N VAL E 858 -0.95 -27.79 -43.02
CA VAL E 858 -1.33 -27.27 -41.71
C VAL E 858 -1.88 -28.38 -40.83
N PRO E 859 -1.34 -28.49 -39.60
CA PRO E 859 -1.81 -29.50 -38.63
C PRO E 859 -3.14 -29.11 -38.00
N PHE E 905 -5.56 -27.31 -39.78
CA PHE E 905 -6.30 -27.75 -40.96
C PHE E 905 -5.88 -29.14 -41.40
N GLN E 906 -5.26 -29.20 -42.58
CA GLN E 906 -4.88 -30.46 -43.19
C GLN E 906 -3.73 -30.27 -44.17
N LEU E 907 -3.21 -31.39 -44.65
CA LEU E 907 -2.07 -31.38 -45.55
C LEU E 907 -2.44 -30.67 -46.85
N ARG E 908 -1.51 -29.90 -47.41
CA ARG E 908 -1.76 -29.18 -48.65
C ARG E 908 -0.50 -29.17 -49.53
N ARG E 909 -0.71 -29.23 -50.84
CA ARG E 909 0.41 -29.20 -51.77
C ARG E 909 0.12 -28.37 -53.00
N PHE E 910 0.55 -27.11 -52.97
CA PHE E 910 0.38 -26.22 -54.10
C PHE E 910 1.37 -26.54 -55.22
N HIS E 911 0.95 -26.24 -56.45
CA HIS E 911 1.82 -26.39 -57.60
C HIS E 911 1.51 -25.27 -58.58
N THR E 912 2.19 -24.14 -58.37
CA THR E 912 1.84 -22.89 -59.02
C THR E 912 2.42 -22.75 -60.42
N GLY E 913 1.60 -23.06 -61.43
CA GLY E 913 1.97 -22.80 -62.80
C GLY E 913 1.91 -21.30 -63.06
N ILE E 914 2.64 -20.86 -64.08
CA ILE E 914 2.83 -19.42 -64.32
C ILE E 914 1.51 -18.70 -64.49
N TRP E 915 0.54 -19.37 -65.11
CA TRP E 915 -0.80 -18.82 -65.25
C TRP E 915 -1.79 -19.76 -64.58
N TYR E 916 -1.28 -20.81 -63.94
CA TYR E 916 -2.11 -21.93 -63.54
C TYR E 916 -1.79 -22.53 -62.17
N SER E 917 -2.30 -21.92 -61.10
CA SER E 917 -2.08 -22.44 -59.77
C SER E 917 -2.85 -23.74 -59.54
N CYS E 918 -2.15 -24.86 -59.69
CA CYS E 918 -2.70 -26.17 -59.37
C CYS E 918 -2.69 -26.45 -57.87
N GLU E 919 -3.62 -27.27 -57.40
CA GLU E 919 -3.58 -27.75 -56.03
C GLU E 919 -3.54 -29.27 -56.02
N GLU E 920 -2.88 -29.84 -55.02
CA GLU E 920 -2.79 -31.28 -54.87
C GLU E 920 -2.20 -31.66 -53.53
N GLY E 926 -8.73 -33.52 -54.03
CA GLY E 926 -7.55 -34.24 -54.49
C GLY E 926 -6.78 -33.46 -55.53
N GLU E 927 -6.36 -34.14 -56.59
CA GLU E 927 -5.64 -33.49 -57.67
C GLU E 927 -6.53 -32.46 -58.37
N LYS E 928 -5.96 -31.30 -58.65
CA LYS E 928 -6.70 -30.25 -59.35
C LYS E 928 -5.73 -29.21 -59.89
N CYS E 929 -6.15 -28.46 -60.89
CA CYS E 929 -5.39 -27.30 -61.34
C CYS E 929 -6.34 -26.13 -61.55
N ARG E 930 -5.90 -24.93 -61.19
CA ARG E 930 -6.77 -23.77 -61.27
C ARG E 930 -6.12 -22.63 -62.02
N SER E 931 -6.95 -21.70 -62.50
CA SER E 931 -6.47 -20.55 -63.24
C SER E 931 -5.56 -19.67 -62.39
N PHE E 932 -6.17 -18.73 -61.68
CA PHE E 932 -5.43 -17.76 -60.88
C PHE E 932 -4.36 -17.03 -61.70
N ILE E 933 -4.80 -15.98 -62.38
CA ILE E 933 -3.91 -15.16 -63.20
C ILE E 933 -4.33 -13.71 -63.00
N ASP E 934 -3.39 -12.78 -63.19
CA ASP E 934 -3.67 -11.36 -63.08
C ASP E 934 -4.23 -11.03 -61.70
N LEU E 935 -3.33 -10.98 -60.71
CA LEU E 935 -3.73 -10.67 -59.34
C LEU E 935 -3.22 -9.32 -58.88
N ALA E 936 -3.17 -9.13 -57.57
CA ALA E 936 -2.89 -7.83 -56.97
C ALA E 936 -1.44 -7.39 -57.12
N PRO E 937 -1.20 -6.06 -57.14
CA PRO E 937 -2.21 -5.02 -57.31
C PRO E 937 -1.93 -3.98 -58.40
N ALA E 938 -2.80 -3.94 -59.41
CA ALA E 938 -2.88 -2.80 -60.32
C ALA E 938 -1.56 -2.49 -61.04
N SER E 939 -0.67 -1.78 -60.35
CA SER E 939 0.62 -1.40 -60.93
C SER E 939 1.43 -2.63 -61.24
N GLU E 940 1.27 -3.63 -60.38
CA GLU E 940 1.82 -4.96 -60.60
C GLU E 940 1.21 -5.61 -61.83
N LYS E 941 -0.06 -5.35 -62.07
CA LYS E 941 -0.71 -5.89 -63.25
C LYS E 941 -0.08 -5.29 -64.48
N GLY E 942 0.33 -4.03 -64.37
CA GLY E 942 0.95 -3.33 -65.48
C GLY E 942 2.36 -3.85 -65.69
N VAL E 943 2.99 -4.24 -64.58
CA VAL E 943 4.29 -4.88 -64.67
C VAL E 943 4.13 -6.20 -65.41
N LEU E 944 2.99 -6.85 -65.20
CA LEU E 944 2.69 -8.04 -65.97
C LEU E 944 2.46 -7.71 -67.44
N TRP E 945 1.92 -6.53 -67.71
CA TRP E 945 1.72 -6.13 -69.09
C TRP E 945 3.06 -5.98 -69.77
N LEU E 946 3.98 -5.25 -69.13
CA LEU E 946 5.30 -5.05 -69.68
C LEU E 946 6.01 -6.38 -69.80
N SER E 947 5.70 -7.28 -68.88
CA SER E 947 6.32 -8.60 -68.86
C SER E 947 5.92 -9.39 -70.09
N VAL E 948 4.61 -9.50 -70.32
CA VAL E 948 4.11 -10.27 -71.44
C VAL E 948 4.50 -9.63 -72.77
N VAL E 949 4.49 -8.30 -72.82
CA VAL E 949 4.87 -7.62 -74.05
C VAL E 949 6.33 -7.89 -74.35
N SER E 950 7.13 -7.92 -73.28
CA SER E 950 8.54 -8.22 -73.41
C SER E 950 8.72 -9.65 -73.89
N GLU E 951 7.82 -10.53 -73.48
CA GLU E 951 7.85 -11.91 -73.94
C GLU E 951 7.54 -12.01 -75.42
N VAL E 952 6.55 -11.24 -75.86
CA VAL E 952 6.13 -11.29 -77.26
C VAL E 952 7.23 -10.76 -78.15
N LEU E 953 7.78 -9.61 -77.77
CA LEU E 953 8.88 -9.00 -78.53
C LEU E 953 10.12 -9.88 -78.47
N TYR E 954 10.26 -10.62 -77.37
CA TYR E 954 11.34 -11.58 -77.20
C TYR E 954 11.24 -12.64 -78.28
N ILE E 955 10.03 -13.19 -78.39
CA ILE E 955 9.76 -14.23 -79.37
C ILE E 955 9.93 -13.68 -80.78
N LEU E 956 9.56 -12.42 -80.97
CA LEU E 956 9.68 -11.80 -82.28
C LEU E 956 11.13 -11.66 -82.69
N LEU E 957 11.97 -11.23 -81.76
CA LEU E 957 13.39 -11.09 -82.04
C LEU E 957 14.00 -12.46 -82.30
N LEU E 958 13.47 -13.48 -81.64
CA LEU E 958 13.93 -14.83 -81.90
C LEU E 958 13.64 -15.20 -83.34
N VAL E 959 12.38 -15.06 -83.71
CA VAL E 959 11.93 -15.47 -85.04
C VAL E 959 12.61 -14.68 -86.15
N VAL E 960 12.85 -13.39 -85.90
CA VAL E 960 13.58 -12.58 -86.85
C VAL E 960 15.01 -13.08 -86.96
N GLY E 961 15.52 -13.58 -85.83
CA GLY E 961 16.86 -14.15 -85.82
C GLY E 961 16.91 -15.36 -86.74
N PHE E 962 15.97 -16.28 -86.55
CA PHE E 962 15.95 -17.50 -87.34
C PHE E 962 15.67 -17.18 -88.80
N SER E 963 14.92 -16.11 -89.05
CA SER E 963 14.60 -15.71 -90.41
C SER E 963 15.84 -15.20 -91.13
N LEU E 964 16.62 -14.38 -90.44
CA LEU E 964 17.88 -13.91 -91.01
C LEU E 964 18.84 -15.07 -91.20
N MET E 965 18.72 -16.08 -90.33
CA MET E 965 19.52 -17.28 -90.49
C MET E 965 19.12 -18.04 -91.75
N CYS E 966 17.82 -18.09 -92.00
CA CYS E 966 17.29 -18.74 -93.19
C CYS E 966 17.69 -18.01 -94.46
N LEU E 967 17.80 -16.68 -94.39
CA LEU E 967 18.27 -15.92 -95.52
C LEU E 967 19.73 -16.26 -95.80
N GLU E 968 20.48 -16.44 -94.72
CA GLU E 968 21.86 -16.84 -94.82
C GLU E 968 21.94 -18.21 -95.46
N LEU E 969 20.94 -19.05 -95.17
CA LEU E 969 20.86 -20.36 -95.80
C LEU E 969 20.55 -20.25 -97.28
N LEU E 970 19.72 -19.27 -97.63
CA LEU E 970 19.34 -19.06 -99.02
C LEU E 970 20.55 -18.59 -99.83
N HIS E 971 21.43 -17.84 -99.18
CA HIS E 971 22.67 -17.45 -99.83
C HIS E 971 23.70 -18.56 -99.71
N SER E 972 23.43 -19.51 -98.82
CA SER E 972 24.24 -20.72 -98.69
C SER E 972 23.78 -21.77 -99.68
N SER E 973 22.65 -21.50 -100.32
CA SER E 973 22.06 -22.43 -101.28
C SER E 973 21.97 -21.80 -102.66
N ASP E 977 25.37 -8.88 -98.62
CA ASP E 977 25.62 -8.59 -97.22
C ASP E 977 26.11 -9.82 -96.46
N GLY E 978 25.17 -10.68 -96.09
CA GLY E 978 25.48 -11.84 -95.28
C GLY E 978 25.92 -11.38 -93.90
N LEU E 979 27.19 -10.98 -93.80
CA LEU E 979 27.75 -10.44 -92.58
C LEU E 979 26.88 -9.35 -92.01
N LYS E 980 26.58 -8.37 -92.87
CA LYS E 980 25.80 -7.20 -92.47
C LYS E 980 24.45 -7.64 -91.96
N LEU E 981 23.93 -8.72 -92.53
CA LEU E 981 22.66 -9.27 -92.08
C LEU E 981 22.82 -10.05 -90.78
N ASN E 982 23.86 -10.88 -90.71
CA ASN E 982 23.98 -11.79 -89.59
C ASN E 982 24.15 -11.03 -88.29
N ALA E 983 24.95 -9.97 -88.35
CA ALA E 983 25.20 -9.16 -87.18
C ALA E 983 23.89 -8.56 -86.70
N PHE E 984 23.01 -8.24 -87.65
CA PHE E 984 21.73 -7.68 -87.29
C PHE E 984 21.03 -8.65 -86.36
N ALA E 985 20.96 -9.91 -86.79
CA ALA E 985 20.24 -10.90 -86.01
C ALA E 985 20.91 -11.00 -84.65
N ALA E 986 22.23 -10.92 -84.67
CA ALA E 986 23.00 -11.05 -83.45
C ALA E 986 22.53 -9.97 -82.51
N VAL E 987 22.47 -8.75 -83.03
CA VAL E 987 22.03 -7.62 -82.26
C VAL E 987 20.64 -7.89 -81.71
N PHE E 988 19.74 -8.35 -82.57
CA PHE E 988 18.38 -8.57 -82.12
C PHE E 988 18.38 -9.67 -81.06
N THR E 989 19.21 -10.68 -81.26
CA THR E 989 19.25 -11.77 -80.31
C THR E 989 19.75 -11.24 -78.99
N VAL E 990 20.71 -10.32 -79.06
CA VAL E 990 21.21 -9.70 -77.86
C VAL E 990 20.05 -8.98 -77.21
N LEU E 991 19.31 -8.25 -78.02
CA LEU E 991 18.19 -7.49 -77.52
C LEU E 991 17.21 -8.46 -76.90
N SER E 992 17.07 -9.61 -77.55
CA SER E 992 16.14 -10.62 -77.09
C SER E 992 16.60 -11.06 -75.72
N GLY E 993 17.89 -11.34 -75.61
CA GLY E 993 18.45 -11.80 -74.36
C GLY E 993 18.32 -10.68 -73.35
N LEU E 994 18.42 -9.45 -73.82
CA LEU E 994 18.29 -8.32 -72.92
C LEU E 994 16.89 -8.22 -72.36
N LEU E 995 15.90 -8.59 -73.15
CA LEU E 995 14.53 -8.34 -72.72
C LEU E 995 14.03 -9.38 -71.73
N GLY E 996 14.26 -10.65 -72.05
CA GLY E 996 13.73 -11.73 -71.23
C GLY E 996 14.35 -11.73 -69.85
N MET E 997 15.64 -11.41 -69.79
CA MET E 997 16.32 -11.29 -68.52
C MET E 997 15.74 -10.17 -67.70
N VAL E 998 15.26 -9.13 -68.37
CA VAL E 998 14.52 -8.10 -67.67
C VAL E 998 13.15 -8.67 -67.32
N ALA E 999 12.55 -9.34 -68.29
CA ALA E 999 11.18 -9.83 -68.16
C ALA E 999 11.04 -10.74 -66.96
N HIS E 1000 11.93 -11.72 -66.85
CA HIS E 1000 11.84 -12.67 -65.76
C HIS E 1000 12.00 -11.96 -64.44
N MET E 1001 12.83 -10.93 -64.44
CA MET E 1001 13.01 -10.15 -63.23
C MET E 1001 11.67 -9.63 -62.84
N MET E 1002 11.02 -9.01 -63.82
CA MET E 1002 9.72 -8.40 -63.60
C MET E 1002 8.84 -9.48 -63.04
N TYR E 1003 8.88 -10.65 -63.67
CA TYR E 1003 8.00 -11.72 -63.27
C TYR E 1003 8.33 -12.14 -61.85
N THR E 1004 9.62 -12.37 -61.60
CA THR E 1004 10.04 -12.79 -60.28
C THR E 1004 9.71 -11.68 -59.32
N GLN E 1005 9.85 -10.44 -59.82
CA GLN E 1005 9.57 -9.28 -59.01
C GLN E 1005 8.14 -9.42 -58.58
N VAL E 1006 7.29 -9.63 -59.57
CA VAL E 1006 5.86 -9.74 -59.33
C VAL E 1006 5.60 -10.89 -58.38
N PHE E 1007 6.32 -11.98 -58.59
CA PHE E 1007 6.04 -13.17 -57.80
C PHE E 1007 6.37 -12.88 -56.35
N GLN E 1008 7.47 -12.16 -56.14
CA GLN E 1008 7.86 -11.88 -54.77
C GLN E 1008 6.80 -10.98 -54.19
N VAL E 1009 6.32 -10.06 -55.02
CA VAL E 1009 5.28 -9.16 -54.58
C VAL E 1009 4.03 -9.96 -54.25
N THR E 1010 3.75 -10.99 -55.04
CA THR E 1010 2.55 -11.78 -54.77
C THR E 1010 2.71 -12.48 -53.43
N VAL E 1011 3.93 -12.84 -53.09
CA VAL E 1011 4.18 -13.47 -51.81
C VAL E 1011 4.17 -12.41 -50.73
N SER E 1012 4.63 -11.22 -51.11
CA SER E 1012 4.81 -10.13 -50.16
C SER E 1012 3.49 -9.63 -49.61
N LEU E 1013 2.41 -9.83 -50.36
CA LEU E 1013 1.13 -9.26 -50.00
C LEU E 1013 0.14 -10.31 -49.51
N GLY E 1014 0.66 -11.35 -48.86
CA GLY E 1014 -0.17 -12.40 -48.32
C GLY E 1014 -1.03 -13.04 -49.38
N PRO E 1015 -0.46 -14.00 -50.12
CA PRO E 1015 -1.10 -14.60 -51.29
C PRO E 1015 -2.43 -15.26 -50.96
N GLU E 1016 -3.47 -14.46 -50.81
CA GLU E 1016 -4.79 -14.95 -50.39
C GLU E 1016 -4.66 -15.91 -49.22
N ASP E 1017 -4.50 -17.18 -49.52
CA ASP E 1017 -4.18 -18.19 -48.53
C ASP E 1017 -2.95 -18.98 -48.95
N TRP E 1018 -2.64 -18.93 -50.24
CA TRP E 1018 -1.61 -19.78 -50.82
C TRP E 1018 -0.22 -19.17 -50.71
N ARG E 1019 0.41 -19.38 -49.55
CA ARG E 1019 1.72 -18.82 -49.27
C ARG E 1019 2.68 -19.92 -48.82
N PRO E 1020 3.08 -20.76 -49.78
CA PRO E 1020 3.86 -21.97 -49.56
C PRO E 1020 5.24 -21.72 -48.98
N HIS E 1021 5.71 -22.63 -48.13
CA HIS E 1021 7.02 -22.50 -47.50
C HIS E 1021 8.13 -22.98 -48.44
N SER E 1022 7.75 -23.84 -49.38
CA SER E 1022 8.72 -24.38 -50.35
C SER E 1022 8.94 -23.40 -51.50
N TRP E 1023 9.04 -22.11 -51.18
CA TRP E 1023 9.26 -21.09 -52.18
C TRP E 1023 10.48 -21.40 -53.04
N ASP E 1024 10.27 -21.52 -54.35
CA ASP E 1024 11.34 -21.81 -55.28
C ASP E 1024 10.89 -21.64 -56.73
N TYR E 1025 11.75 -21.06 -57.55
CA TYR E 1025 11.45 -20.84 -58.96
C TYR E 1025 11.56 -22.14 -59.75
N GLY E 1026 11.76 -22.03 -61.06
CA GLY E 1026 11.88 -23.18 -61.92
C GLY E 1026 10.69 -24.10 -61.72
N TRP E 1027 10.73 -25.29 -62.31
CA TRP E 1027 11.84 -25.72 -63.15
C TRP E 1027 12.00 -24.97 -64.47
N SER E 1028 10.88 -24.58 -65.07
CA SER E 1028 10.92 -24.04 -66.43
C SER E 1028 11.56 -22.67 -66.52
N PHE E 1029 11.54 -21.91 -65.43
CA PHE E 1029 12.08 -20.56 -65.43
C PHE E 1029 13.57 -20.62 -65.75
N CYS E 1030 14.21 -21.67 -65.23
CA CYS E 1030 15.60 -21.89 -65.53
C CYS E 1030 15.77 -22.17 -67.01
N LEU E 1031 14.77 -22.83 -67.61
CA LEU E 1031 14.79 -23.02 -69.06
C LEU E 1031 14.63 -21.70 -69.78
N ALA E 1032 13.90 -20.77 -69.18
CA ALA E 1032 13.79 -19.46 -69.80
C ALA E 1032 15.17 -18.84 -69.85
N TRP E 1033 15.93 -19.05 -68.78
CA TRP E 1033 17.32 -18.62 -68.80
C TRP E 1033 18.10 -19.40 -69.85
N GLY E 1034 17.71 -20.64 -70.10
CA GLY E 1034 18.43 -21.47 -71.04
C GLY E 1034 18.25 -20.96 -72.46
N SER E 1035 17.04 -20.51 -72.76
CA SER E 1035 16.77 -19.86 -74.02
C SER E 1035 17.54 -18.54 -74.10
N PHE E 1036 17.68 -17.90 -72.95
CA PHE E 1036 18.50 -16.70 -72.88
C PHE E 1036 19.93 -16.95 -73.30
N THR E 1037 20.55 -17.95 -72.71
CA THR E 1037 21.96 -18.23 -72.98
C THR E 1037 22.07 -18.89 -74.34
N CYS E 1038 20.94 -19.39 -74.85
CA CYS E 1038 20.91 -19.91 -76.19
C CYS E 1038 21.09 -18.77 -77.16
N CYS E 1039 20.32 -17.70 -76.93
CA CYS E 1039 20.46 -16.51 -77.75
C CYS E 1039 21.83 -15.89 -77.54
N MET E 1040 22.36 -16.02 -76.33
CA MET E 1040 23.67 -15.47 -76.00
C MET E 1040 24.76 -16.14 -76.79
N ALA E 1041 24.81 -17.46 -76.71
CA ALA E 1041 25.85 -18.23 -77.39
C ALA E 1041 25.68 -18.08 -78.89
N ALA E 1042 24.44 -17.90 -79.30
CA ALA E 1042 24.15 -17.66 -80.71
C ALA E 1042 24.84 -16.37 -81.14
N SER E 1043 24.64 -15.32 -80.35
CA SER E 1043 25.22 -14.02 -80.65
C SER E 1043 26.74 -14.04 -80.59
N VAL E 1044 27.28 -14.84 -79.67
CA VAL E 1044 28.71 -14.90 -79.49
C VAL E 1044 29.37 -15.57 -80.68
N THR E 1045 28.88 -16.76 -81.04
CA THR E 1045 29.46 -17.48 -82.15
C THR E 1045 29.24 -16.76 -83.48
N THR E 1046 28.10 -16.09 -83.63
CA THR E 1046 27.85 -15.37 -84.87
C THR E 1046 28.71 -14.12 -84.91
N LEU E 1047 29.04 -13.58 -83.74
CA LEU E 1047 30.00 -12.48 -83.70
C LEU E 1047 31.37 -13.02 -84.07
N ASN E 1048 31.66 -14.24 -83.65
CA ASN E 1048 32.92 -14.86 -84.00
C ASN E 1048 32.98 -15.05 -85.51
N SER E 1049 31.82 -15.21 -86.11
CA SER E 1049 31.70 -15.33 -87.55
C SER E 1049 31.86 -13.99 -88.26
N TYR E 1050 31.22 -12.93 -87.76
CA TYR E 1050 31.38 -11.61 -88.35
C TYR E 1050 32.77 -11.02 -88.16
N THR E 1051 33.49 -11.45 -87.13
CA THR E 1051 34.84 -10.98 -86.89
C THR E 1051 35.78 -11.44 -88.01
N LYS E 1052 35.40 -12.51 -88.68
CA LYS E 1052 36.15 -13.01 -89.82
C LYS E 1052 36.25 -11.97 -90.92
N LYS F 821 75.57 27.14 -67.84
CA LYS F 821 76.05 26.43 -66.66
C LYS F 821 75.65 27.17 -65.39
N THR F 822 75.32 28.45 -65.52
CA THR F 822 74.89 29.25 -64.39
C THR F 822 73.58 28.72 -63.83
N SER F 823 72.77 28.12 -64.70
CA SER F 823 71.45 27.65 -64.32
C SER F 823 71.52 26.54 -63.28
N ARG F 824 72.30 25.51 -63.56
CA ARG F 824 72.42 24.37 -62.66
C ARG F 824 73.01 24.79 -61.32
N ARG F 825 73.90 25.78 -61.38
CA ARG F 825 74.53 26.30 -60.19
C ARG F 825 73.54 27.06 -59.32
N GLY F 826 72.69 27.84 -59.97
CA GLY F 826 71.69 28.62 -59.26
C GLY F 826 70.65 27.72 -58.64
N ARG F 827 70.30 26.66 -59.37
CA ARG F 827 69.35 25.68 -58.87
C ARG F 827 69.92 24.97 -57.65
N ALA F 828 71.17 24.52 -57.78
CA ALA F 828 71.81 23.76 -56.71
C ALA F 828 71.97 24.59 -55.45
N LEU F 829 72.53 25.79 -55.60
CA LEU F 829 72.72 26.68 -54.46
C LEU F 829 71.40 27.08 -53.84
N LEU F 830 70.37 27.23 -54.68
CA LEU F 830 69.06 27.56 -54.17
C LEU F 830 68.56 26.44 -53.29
N ALA F 831 68.74 25.21 -53.73
CA ALA F 831 68.31 24.06 -52.96
C ALA F 831 69.10 23.95 -51.65
N VAL F 832 70.38 24.33 -51.72
CA VAL F 832 71.22 24.32 -50.53
C VAL F 832 70.68 25.28 -49.50
N ALA F 833 70.38 26.49 -49.94
CA ALA F 833 69.87 27.51 -49.04
C ALA F 833 68.51 27.13 -48.49
N LEU F 834 67.69 26.47 -49.31
CA LEU F 834 66.37 26.07 -48.87
C LEU F 834 66.47 25.03 -47.77
N ASN F 835 67.37 24.07 -47.97
CA ASN F 835 67.59 23.06 -46.95
C ASN F 835 68.21 23.66 -45.70
N LEU F 836 69.00 24.71 -45.87
CA LEU F 836 69.51 25.45 -44.73
C LEU F 836 68.35 26.06 -43.95
N LEU F 837 67.35 26.55 -44.68
CA LEU F 837 66.18 27.12 -44.04
C LEU F 837 65.46 26.03 -43.28
N ALA F 838 65.39 24.84 -43.88
CA ALA F 838 64.73 23.71 -43.25
C ALA F 838 65.46 23.36 -41.96
N LEU F 839 66.78 23.48 -41.99
CA LEU F 839 67.59 23.27 -40.80
C LEU F 839 67.26 24.32 -39.75
N LEU F 840 66.98 25.53 -40.21
CA LEU F 840 66.59 26.59 -39.29
C LEU F 840 65.26 26.26 -38.64
N PHE F 841 64.36 25.61 -39.38
CA PHE F 841 63.11 25.19 -38.78
C PHE F 841 63.34 24.04 -37.80
N ALA F 842 64.35 23.22 -38.10
CA ALA F 842 64.66 22.07 -37.26
C ALA F 842 65.12 22.58 -35.91
N THR F 843 65.99 23.58 -35.96
CA THR F 843 66.44 24.26 -34.76
C THR F 843 65.28 24.98 -34.11
N THR F 844 64.33 25.43 -34.93
CA THR F 844 63.22 26.23 -34.45
C THR F 844 62.33 25.44 -33.52
N ALA F 845 61.89 24.28 -33.98
CA ALA F 845 61.05 23.42 -33.17
C ALA F 845 61.87 22.62 -32.16
N PHE F 846 63.17 22.49 -32.39
CA PHE F 846 64.03 21.85 -31.41
C PHE F 846 64.22 22.83 -30.26
N LEU F 847 63.92 24.09 -30.53
CA LEU F 847 64.00 25.15 -29.55
C LEU F 847 62.65 25.82 -29.35
N THR F 848 61.60 25.01 -29.33
CA THR F 848 60.25 25.54 -29.13
C THR F 848 60.10 26.18 -27.75
N THR F 849 59.48 27.35 -27.71
CA THR F 849 59.28 28.08 -26.46
C THR F 849 57.92 27.75 -25.82
N TYR F 850 56.92 27.51 -26.65
CA TYR F 850 55.65 26.97 -26.18
C TYR F 850 54.99 26.25 -27.35
N TRP F 851 54.98 24.92 -27.28
CA TRP F 851 54.49 24.13 -28.40
C TRP F 851 52.96 24.10 -28.44
N CYS F 852 52.33 24.46 -27.33
CA CYS F 852 50.90 24.70 -27.29
C CYS F 852 50.55 25.77 -26.27
N GLN F 853 49.77 26.76 -26.71
CA GLN F 853 49.17 27.70 -25.79
C GLN F 853 48.17 26.95 -24.92
N GLY F 854 48.06 27.33 -23.66
CA GLY F 854 47.17 26.63 -22.75
C GLY F 854 46.49 27.52 -21.74
N THR F 855 45.31 27.09 -21.27
CA THR F 855 44.55 27.86 -20.29
C THR F 855 43.73 26.96 -19.37
N GLN F 856 43.62 27.37 -18.10
CA GLN F 856 42.64 26.82 -17.18
C GLN F 856 42.09 27.93 -16.30
N ARG F 857 41.38 28.87 -16.91
CA ARG F 857 40.86 30.00 -16.17
C ARG F 857 39.63 29.58 -15.38
N VAL F 858 39.86 28.77 -14.35
CA VAL F 858 38.80 28.22 -13.52
C VAL F 858 38.18 29.31 -12.66
N PRO F 859 36.84 29.40 -12.68
CA PRO F 859 36.12 30.39 -11.86
C PRO F 859 36.04 29.96 -10.40
N PHE F 905 38.60 28.15 -8.88
CA PHE F 905 39.96 28.61 -8.61
C PHE F 905 40.21 30.00 -9.13
N GLN F 906 41.05 30.10 -10.15
CA GLN F 906 41.46 31.39 -10.70
C GLN F 906 41.93 31.24 -12.13
N LEU F 907 42.16 32.37 -12.78
CA LEU F 907 42.56 32.41 -14.17
C LEU F 907 43.92 31.73 -14.34
N ARG F 908 44.10 30.98 -15.42
CA ARG F 908 45.36 30.29 -15.67
C ARG F 908 45.71 30.32 -17.16
N ARG F 909 47.00 30.41 -17.47
CA ARG F 909 47.44 30.43 -18.85
C ARG F 909 48.71 29.62 -19.07
N PHE F 910 48.53 28.37 -19.48
CA PHE F 910 49.66 27.49 -19.77
C PHE F 910 50.33 27.86 -21.10
N HIS F 911 51.63 27.60 -21.18
CA HIS F 911 52.38 27.78 -22.40
C HIS F 911 53.42 26.68 -22.52
N THR F 912 52.99 25.57 -23.12
CA THR F 912 53.74 24.33 -23.06
C THR F 912 54.83 24.22 -24.13
N GLY F 913 56.05 24.55 -23.76
CA GLY F 913 57.20 24.32 -24.61
C GLY F 913 57.49 22.84 -24.68
N ILE F 914 58.18 22.42 -25.74
CA ILE F 914 58.35 21.01 -26.03
C ILE F 914 59.03 20.26 -24.87
N TRP F 915 59.94 20.94 -24.19
CA TRP F 915 60.56 20.38 -23.01
C TRP F 915 60.30 21.27 -21.82
N TYR F 916 59.49 22.31 -22.02
CA TYR F 916 59.39 23.41 -21.06
C TYR F 916 57.99 23.96 -20.83
N SER F 917 57.22 23.33 -19.95
CA SER F 917 55.88 23.81 -19.64
C SER F 917 55.93 25.11 -18.83
N CYS F 918 55.79 26.23 -19.51
CA CYS F 918 55.69 27.53 -18.87
C CYS F 918 54.29 27.77 -18.32
N GLU F 919 54.20 28.59 -17.28
CA GLU F 919 52.89 29.04 -16.79
C GLU F 919 52.85 30.55 -16.77
N GLU F 920 51.66 31.11 -16.99
CA GLU F 920 51.48 32.55 -16.98
C GLU F 920 49.99 32.90 -17.01
N GLY F 926 52.85 34.67 -11.13
CA GLY F 926 52.87 35.43 -12.37
C GLY F 926 53.55 34.68 -13.49
N GLU F 927 54.37 35.39 -14.25
CA GLU F 927 55.10 34.77 -15.35
C GLU F 927 56.09 33.75 -14.81
N LYS F 928 56.16 32.60 -15.47
CA LYS F 928 57.10 31.55 -15.07
C LYS F 928 57.26 30.54 -16.20
N CYS F 929 58.36 29.81 -16.19
CA CYS F 929 58.50 28.67 -17.08
C CYS F 929 59.07 27.50 -16.31
N ARG F 930 58.60 26.29 -16.61
CA ARG F 930 59.03 25.12 -15.86
C ARG F 930 59.50 24.01 -16.76
N SER F 931 60.26 23.08 -16.20
CA SER F 931 60.80 21.96 -16.94
C SER F 931 59.69 21.07 -17.48
N PHE F 932 59.27 20.10 -16.67
CA PHE F 932 58.26 19.12 -17.09
C PHE F 932 58.63 18.44 -18.39
N ILE F 933 59.41 17.37 -18.27
CA ILE F 933 59.86 16.59 -19.42
C ILE F 933 59.85 15.13 -18.99
N ASP F 934 59.71 14.23 -19.96
CA ASP F 934 59.74 12.80 -19.69
C ASP F 934 58.65 12.41 -18.69
N LEU F 935 57.42 12.33 -19.17
CA LEU F 935 56.30 11.98 -18.30
C LEU F 935 55.71 10.62 -18.64
N ALA F 936 54.47 10.40 -18.23
CA ALA F 936 53.80 9.10 -18.32
C ALA F 936 53.43 8.69 -19.73
N PRO F 937 53.38 7.38 -20.01
CA PRO F 937 53.90 6.31 -19.15
C PRO F 937 54.85 5.31 -19.80
N ALA F 938 56.11 5.31 -19.37
CA ALA F 938 57.05 4.23 -19.67
C ALA F 938 57.23 3.96 -21.16
N SER F 939 56.27 3.25 -21.75
CA SER F 939 56.34 2.90 -23.17
C SER F 939 56.32 4.16 -24.02
N GLU F 940 55.57 5.14 -23.53
CA GLU F 940 55.55 6.47 -24.09
C GLU F 940 56.91 7.15 -23.96
N LYS F 941 57.61 6.85 -22.87
CA LYS F 941 58.94 7.42 -22.68
C LYS F 941 59.86 6.86 -23.76
N GLY F 942 59.63 5.60 -24.12
CA GLY F 942 60.43 4.95 -25.14
C GLY F 942 60.08 5.50 -26.50
N VAL F 943 58.82 5.88 -26.65
CA VAL F 943 58.39 6.56 -27.86
C VAL F 943 59.13 7.88 -27.96
N LEU F 944 59.36 8.51 -26.81
CA LEU F 944 60.17 9.71 -26.79
C LEU F 944 61.62 9.40 -27.14
N TRP F 945 62.08 8.21 -26.77
CA TRP F 945 63.45 7.85 -27.11
C TRP F 945 63.59 7.74 -28.61
N LEU F 946 62.67 7.01 -29.23
CA LEU F 946 62.69 6.84 -30.67
C LEU F 946 62.50 8.19 -31.34
N SER F 947 61.76 9.07 -30.68
CA SER F 947 61.48 10.38 -31.23
C SER F 947 62.75 11.21 -31.30
N VAL F 948 63.45 11.30 -30.18
CA VAL F 948 64.65 12.11 -30.11
C VAL F 948 65.75 11.50 -30.97
N VAL F 949 65.85 10.18 -30.99
CA VAL F 949 66.85 9.52 -31.82
C VAL F 949 66.58 9.82 -33.28
N SER F 950 65.30 9.83 -33.64
CA SER F 950 64.91 10.15 -34.98
C SER F 950 65.24 11.59 -35.30
N GLU F 951 65.17 12.45 -34.29
CA GLU F 951 65.57 13.83 -34.47
C GLU F 951 67.06 13.97 -34.73
N VAL F 952 67.84 13.18 -34.02
CA VAL F 952 69.29 13.26 -34.12
C VAL F 952 69.72 12.77 -35.50
N LEU F 953 69.18 11.62 -35.89
CA LEU F 953 69.48 11.05 -37.20
C LEU F 953 68.97 11.96 -38.30
N TYR F 954 67.89 12.67 -38.01
CA TYR F 954 67.30 13.64 -38.92
C TYR F 954 68.32 14.73 -39.20
N ILE F 955 68.87 15.26 -38.11
CA ILE F 955 69.86 16.31 -38.19
C ILE F 955 71.12 15.81 -38.87
N LEU F 956 71.45 14.55 -38.65
CA LEU F 956 72.63 13.97 -39.26
C LEU F 956 72.46 13.87 -40.77
N LEU F 957 71.29 13.43 -41.20
CA LEU F 957 71.03 13.33 -42.63
C LEU F 957 71.02 14.72 -43.26
N LEU F 958 70.58 15.71 -42.50
CA LEU F 958 70.63 17.07 -42.98
C LEU F 958 72.08 17.47 -43.24
N VAL F 959 72.90 17.31 -42.21
CA VAL F 959 74.28 17.75 -42.27
C VAL F 959 75.08 17.01 -43.34
N VAL F 960 74.78 15.72 -43.50
CA VAL F 960 75.41 14.94 -44.56
C VAL F 960 74.95 15.47 -45.91
N GLY F 961 73.71 15.95 -45.95
CA GLY F 961 73.19 16.52 -47.17
C GLY F 961 73.99 17.76 -47.54
N PHE F 962 74.15 18.67 -46.57
CA PHE F 962 74.89 19.90 -46.82
C PHE F 962 76.34 19.61 -47.12
N SER F 963 76.87 18.54 -46.54
CA SER F 963 78.26 18.18 -46.75
C SER F 963 78.48 17.71 -48.19
N LEU F 964 77.56 16.88 -48.68
CA LEU F 964 77.62 16.45 -50.06
C LEU F 964 77.40 17.63 -50.99
N MET F 965 76.63 18.61 -50.53
CA MET F 965 76.45 19.84 -51.29
C MET F 965 77.77 20.61 -51.38
N CYS F 966 78.49 20.64 -50.27
CA CYS F 966 79.78 21.30 -50.22
C CYS F 966 80.83 20.62 -51.08
N LEU F 967 80.73 19.29 -51.20
CA LEU F 967 81.63 18.57 -52.09
C LEU F 967 81.32 18.95 -53.52
N GLU F 968 80.04 19.13 -53.81
CA GLU F 968 79.60 19.58 -55.11
C GLU F 968 80.14 20.97 -55.38
N LEU F 969 80.24 21.76 -54.31
CA LEU F 969 80.82 23.09 -54.43
C LEU F 969 82.31 23.00 -54.73
N LEU F 970 82.97 22.02 -54.12
CA LEU F 970 84.40 21.83 -54.33
C LEU F 970 84.68 21.41 -55.75
N HIS F 971 83.77 20.66 -56.34
CA HIS F 971 83.90 20.30 -57.75
C HIS F 971 83.37 21.43 -58.63
N SER F 972 82.64 22.35 -58.03
CA SER F 972 82.18 23.56 -58.70
C SER F 972 83.26 24.64 -58.62
N SER F 973 84.28 24.38 -57.82
CA SER F 973 85.36 25.33 -57.61
C SER F 973 86.70 24.74 -58.05
N ASP F 977 81.86 11.82 -60.11
CA ASP F 977 80.47 11.47 -59.81
C ASP F 977 79.56 12.69 -59.93
N GLY F 978 79.54 13.51 -58.89
CA GLY F 978 78.63 14.63 -58.83
C GLY F 978 77.21 14.12 -58.72
N LEU F 979 76.65 13.72 -59.86
CA LEU F 979 75.32 13.13 -59.92
C LEU F 979 75.18 12.01 -58.91
N LYS F 980 76.11 11.07 -58.97
CA LYS F 980 76.08 9.89 -58.12
C LYS F 980 76.14 10.32 -56.67
N LEU F 981 76.84 11.42 -56.41
CA LEU F 981 76.92 11.95 -55.07
C LEU F 981 75.63 12.68 -54.69
N ASN F 982 75.12 13.51 -55.60
CA ASN F 982 74.00 14.37 -55.25
C ASN F 982 72.78 13.55 -54.92
N ALA F 983 72.58 12.50 -55.69
CA ALA F 983 71.43 11.63 -55.51
C ALA F 983 71.50 11.02 -54.13
N PHE F 984 72.72 10.73 -53.68
CA PHE F 984 72.91 10.16 -52.36
C PHE F 984 72.28 11.12 -51.35
N ALA F 985 72.65 12.38 -51.44
CA ALA F 985 72.16 13.35 -50.49
C ALA F 985 70.66 13.41 -50.60
N ALA F 986 70.18 13.32 -51.83
CA ALA F 986 68.76 13.40 -52.09
C ALA F 986 68.11 12.27 -51.32
N VAL F 987 68.68 11.08 -51.47
CA VAL F 987 68.18 9.91 -50.78
C VAL F 987 68.16 10.19 -49.29
N PHE F 988 69.28 10.67 -48.75
CA PHE F 988 69.34 10.89 -47.32
C PHE F 988 68.32 11.94 -46.92
N THR F 989 68.16 12.95 -47.76
CA THR F 989 67.22 14.01 -47.42
C THR F 989 65.83 13.43 -47.39
N VAL F 990 65.58 12.50 -48.32
CA VAL F 990 64.28 11.85 -48.36
C VAL F 990 64.11 11.11 -47.07
N LEU F 991 65.17 10.43 -46.65
CA LEU F 991 65.12 9.66 -45.44
C LEU F 991 64.89 10.61 -44.29
N SER F 992 65.52 11.77 -44.38
CA SER F 992 65.39 12.78 -43.34
C SER F 992 63.94 13.20 -43.32
N GLY F 993 63.39 13.43 -44.51
CA GLY F 993 62.05 13.95 -44.62
C GLY F 993 61.08 12.87 -44.21
N LEU F 994 61.54 11.63 -44.22
CA LEU F 994 60.71 10.55 -43.75
C LEU F 994 60.72 10.50 -42.23
N LEU F 995 61.89 10.69 -41.64
CA LEU F 995 62.04 10.41 -40.22
C LEU F 995 61.31 11.41 -39.34
N GLY F 996 61.49 12.69 -39.63
CA GLY F 996 60.92 13.74 -38.79
C GLY F 996 59.41 13.71 -38.84
N MET F 997 58.88 13.43 -40.02
CA MET F 997 57.44 13.27 -40.17
C MET F 997 56.93 12.11 -39.36
N VAL F 998 57.75 11.08 -39.22
CA VAL F 998 57.40 9.99 -38.32
C VAL F 998 57.56 10.51 -36.91
N ALA F 999 58.66 11.22 -36.68
CA ALA F 999 59.01 11.68 -35.35
C ALA F 999 57.90 12.54 -34.77
N HIS F 1000 57.46 13.51 -35.55
CA HIS F 1000 56.41 14.40 -35.07
C HIS F 1000 55.15 13.61 -34.77
N MET F 1001 54.90 12.59 -35.57
CA MET F 1001 53.76 11.74 -35.32
C MET F 1001 53.88 11.23 -33.92
N MET F 1002 55.05 10.64 -33.66
CA MET F 1002 55.33 10.04 -32.38
C MET F 1002 55.10 11.11 -31.34
N TYR F 1003 55.66 12.29 -31.61
CA TYR F 1003 55.59 13.35 -30.63
C TYR F 1003 54.14 13.76 -30.44
N THR F 1004 53.44 13.98 -31.55
CA THR F 1004 52.05 14.38 -31.44
C THR F 1004 51.30 13.26 -30.77
N GLN F 1005 51.71 12.04 -31.10
CA GLN F 1005 51.07 10.87 -30.55
C GLN F 1005 51.20 11.01 -29.04
N VAL F 1006 52.44 11.23 -28.62
CA VAL F 1006 52.75 11.33 -27.21
C VAL F 1006 51.92 12.43 -26.60
N PHE F 1007 51.81 13.55 -27.31
CA PHE F 1007 51.15 14.69 -26.73
C PHE F 1007 49.70 14.36 -26.50
N GLN F 1008 49.10 13.67 -27.46
CA GLN F 1008 47.69 13.33 -27.32
C GLN F 1008 47.59 12.38 -26.16
N VAL F 1009 48.56 11.49 -26.05
CA VAL F 1009 48.58 10.54 -24.97
C VAL F 1009 48.72 11.28 -23.66
N THR F 1010 49.51 12.34 -23.64
CA THR F 1010 49.68 13.09 -22.41
C THR F 1010 48.36 13.69 -22.00
N VAL F 1011 47.57 14.11 -22.98
CA VAL F 1011 46.27 14.68 -22.69
C VAL F 1011 45.32 13.57 -22.29
N SER F 1012 45.52 12.40 -22.90
CA SER F 1012 44.63 11.27 -22.71
C SER F 1012 44.67 10.75 -21.28
N LEU F 1013 45.83 10.91 -20.64
CA LEU F 1013 46.00 10.49 -19.26
C LEU F 1013 45.57 11.56 -18.28
N GLY F 1014 45.13 12.71 -18.80
CA GLY F 1014 44.80 13.83 -17.95
C GLY F 1014 46.06 14.37 -17.32
N PRO F 1015 46.72 15.33 -18.01
CA PRO F 1015 48.05 15.82 -17.64
C PRO F 1015 48.09 16.42 -16.24
N GLU F 1016 48.30 15.57 -15.23
CA GLU F 1016 48.36 16.01 -13.84
C GLU F 1016 47.20 16.94 -13.52
N ASP F 1017 47.40 18.23 -13.76
CA ASP F 1017 46.33 19.21 -13.66
C ASP F 1017 46.24 20.03 -14.94
N TRP F 1018 47.33 20.04 -15.70
CA TRP F 1018 47.46 20.92 -16.86
C TRP F 1018 46.84 20.33 -18.12
N ARG F 1019 45.54 20.52 -18.25
CA ARG F 1019 44.80 19.98 -19.39
C ARG F 1019 44.01 21.09 -20.09
N PRO F 1020 44.74 21.98 -20.77
CA PRO F 1020 44.22 23.21 -21.38
C PRO F 1020 43.19 22.97 -22.47
N HIS F 1021 42.21 23.85 -22.55
CA HIS F 1021 41.22 23.80 -23.62
C HIS F 1021 41.71 24.55 -24.85
N SER F 1022 42.81 25.29 -24.68
CA SER F 1022 43.39 26.06 -25.78
C SER F 1022 43.92 25.14 -26.87
N TRP F 1023 44.33 23.94 -26.47
CA TRP F 1023 44.93 22.90 -27.31
C TRP F 1023 45.06 23.23 -28.78
N ASP F 1024 46.26 23.67 -29.19
CA ASP F 1024 46.53 23.93 -30.60
C ASP F 1024 48.04 23.97 -30.85
N TYR F 1025 48.42 23.54 -32.05
CA TYR F 1025 49.82 23.41 -32.40
C TYR F 1025 50.50 24.77 -32.54
N GLY F 1026 51.80 24.80 -32.26
CA GLY F 1026 52.55 26.03 -32.36
C GLY F 1026 53.72 25.97 -33.33
N TRP F 1027 54.91 26.07 -32.79
CA TRP F 1027 56.12 26.27 -33.57
C TRP F 1027 56.48 25.14 -34.52
N SER F 1028 56.20 23.92 -34.10
CA SER F 1028 56.69 22.75 -34.84
C SER F 1028 56.02 22.54 -36.18
N PHE F 1029 54.80 23.05 -36.34
CA PHE F 1029 54.06 22.87 -37.57
C PHE F 1029 54.82 23.52 -38.72
N CYS F 1030 55.45 24.64 -38.39
CA CYS F 1030 56.27 25.34 -39.34
C CYS F 1030 57.46 24.46 -39.70
N LEU F 1031 57.94 23.68 -38.74
CA LEU F 1031 58.99 22.70 -39.03
C LEU F 1031 58.46 21.61 -39.94
N ALA F 1032 57.19 21.28 -39.83
CA ALA F 1032 56.62 20.30 -40.74
C ALA F 1032 56.70 20.86 -42.15
N TRP F 1033 56.49 22.17 -42.26
CA TRP F 1033 56.70 22.81 -43.55
C TRP F 1033 58.19 22.77 -43.91
N GLY F 1034 59.04 22.75 -42.90
CA GLY F 1034 60.48 22.74 -43.16
C GLY F 1034 60.89 21.42 -43.78
N SER F 1035 60.26 20.35 -43.31
CA SER F 1035 60.43 19.04 -43.92
C SER F 1035 59.86 19.06 -45.32
N PHE F 1036 58.77 19.82 -45.50
CA PHE F 1036 58.21 19.96 -46.84
C PHE F 1036 59.20 20.54 -47.82
N THR F 1037 59.76 21.69 -47.47
CA THR F 1037 60.69 22.36 -48.36
C THR F 1037 62.01 21.62 -48.42
N CYS F 1038 62.25 20.77 -47.42
CA CYS F 1038 63.43 19.93 -47.43
C CYS F 1038 63.31 18.92 -48.55
N CYS F 1039 62.15 18.26 -48.59
CA CYS F 1039 61.89 17.31 -49.66
C CYS F 1039 61.82 18.01 -51.00
N MET F 1040 61.32 19.25 -50.98
CA MET F 1040 61.19 20.03 -52.20
C MET F 1040 62.55 20.35 -52.79
N ALA F 1041 63.41 20.94 -51.98
CA ALA F 1041 64.74 21.34 -52.44
C ALA F 1041 65.53 20.11 -52.82
N ALA F 1042 65.27 19.02 -52.11
CA ALA F 1042 65.90 17.75 -52.43
C ALA F 1042 65.53 17.34 -53.84
N SER F 1043 64.24 17.41 -54.13
CA SER F 1043 63.72 17.03 -55.44
C SER F 1043 64.22 17.96 -56.53
N VAL F 1044 64.40 19.23 -56.18
CA VAL F 1044 64.82 20.21 -57.17
C VAL F 1044 66.27 19.99 -57.56
N THR F 1045 67.14 19.86 -56.57
CA THR F 1045 68.55 19.66 -56.86
C THR F 1045 68.81 18.29 -57.48
N THR F 1046 68.06 17.27 -57.07
CA THR F 1046 68.25 15.96 -57.67
C THR F 1046 67.70 15.97 -59.09
N LEU F 1047 66.69 16.79 -59.35
CA LEU F 1047 66.24 16.95 -60.72
C LEU F 1047 67.30 17.67 -61.52
N ASN F 1048 67.97 18.61 -60.90
CA ASN F 1048 69.03 19.34 -61.55
C ASN F 1048 70.14 18.36 -61.90
N SER F 1049 70.25 17.32 -61.08
CA SER F 1049 71.22 16.26 -61.31
C SER F 1049 70.79 15.32 -62.45
N TYR F 1050 69.54 14.91 -62.47
CA TYR F 1050 69.05 14.06 -63.55
C TYR F 1050 68.97 14.76 -64.90
N THR F 1051 68.85 16.09 -64.90
CA THR F 1051 68.82 16.84 -66.15
C THR F 1051 70.17 16.79 -66.85
N LYS F 1052 71.21 16.48 -66.09
CA LYS F 1052 72.56 16.33 -66.64
C LYS F 1052 72.60 15.20 -67.66
OAA ZK1 G . 11.55 -26.02 2.46
OAB ZK1 G . 9.09 -25.79 1.05
OAC ZK1 G . 8.31 -25.02 -4.14
OAD ZK1 G . 9.80 -23.90 -2.43
OAE ZK1 G . 7.33 -24.01 -1.85
FAF ZK1 G . 15.48 -27.04 -4.51
FAG ZK1 G . 15.91 -28.45 -2.85
FAH ZK1 G . 14.73 -29.14 -4.60
CAI ZK1 G . 11.33 -27.15 -3.05
CAJ ZK1 G . 13.79 -27.37 -1.65
CAK ZK1 G . 13.28 -27.64 -7.43
CAL ZK1 G . 12.22 -29.63 -6.92
CAM ZK1 G . 12.83 -26.90 -6.20
CAN ZK1 G . 11.73 -29.14 -5.54
CAO ZK1 G . 8.95 -26.36 -1.69
NAP ZK1 G . 12.69 -26.69 0.38
OAQ ZK1 G . 12.32 -28.56 -7.82
CAR ZK1 G . 12.50 -27.55 -3.74
CAS ZK1 G . 13.72 -27.66 -3.05
CAT ZK1 G . 11.50 -26.29 1.08
CAU ZK1 G . 10.25 -26.18 0.37
CAV ZK1 G . 12.64 -26.97 -0.96
CAW ZK1 G . 11.41 -26.87 -1.65
NAX ZK1 G . 12.39 -27.87 -5.15
NAY ZK1 G . 10.20 -26.46 -0.95
CAZ ZK1 G . 14.99 -28.09 -3.78
PBA ZK1 G . 8.62 -24.75 -2.55
C1 NAG H . 8.69 -34.65 58.27
C2 NAG H . 9.75 -35.19 59.22
C3 NAG H . 9.10 -35.59 60.55
C4 NAG H . 8.30 -34.43 61.11
C5 NAG H . 7.31 -33.93 60.07
C6 NAG H . 6.54 -32.71 60.52
C7 NAG H . 11.38 -36.20 57.68
C8 NAG H . 11.98 -37.49 57.19
N2 NAG H . 10.45 -36.33 58.63
O3 NAG H . 10.13 -35.96 61.47
O4 NAG H . 7.57 -34.86 62.27
O5 NAG H . 8.01 -33.56 58.88
O6 NAG H . 6.28 -31.84 59.43
O7 NAG H . 11.71 -35.12 57.24
OAA ZK1 I . -23.17 8.57 -24.66
OAB ZK1 I . -24.12 8.66 -27.35
OAC ZK1 I . -22.36 8.48 -31.74
OAD ZK1 I . -21.71 9.43 -29.48
OAE ZK1 I . -24.19 9.54 -30.06
FAF ZK1 I . -16.96 3.98 -26.89
FAG ZK1 I . -18.20 3.27 -25.20
FAH ZK1 I . -18.31 2.23 -27.16
CAI ZK1 I . -20.82 5.32 -28.61
CAJ ZK1 I . -19.87 5.21 -25.93
CAK ZK1 I . -17.17 2.76 -30.44
CAL ZK1 I . -19.03 1.39 -30.48
CAM ZK1 I . -17.90 3.97 -29.96
CAN ZK1 I . -19.97 2.44 -29.84
CAO ZK1 I . -22.98 7.06 -29.32
NAP ZK1 I . -21.51 6.87 -25.29
OAQ ZK1 I . -18.02 1.98 -31.23
CAR ZK1 I . -19.76 4.44 -28.28
CAS ZK1 I . -19.28 4.39 -26.95
CAT ZK1 I . -22.58 7.75 -25.64
CAU ZK1 I . -23.06 7.80 -27.01
CAV ZK1 I . -20.93 6.08 -26.26
CAW ZK1 I . -21.40 6.13 -27.59
NAX ZK1 I . -19.20 3.61 -29.32
NAY ZK1 I . -22.51 7.01 -27.95
CAZ ZK1 I . -18.15 3.44 -26.55
PBA ZK1 I . -22.77 8.70 -30.17
C1 NAG J . -45.53 -35.68 19.51
C2 NAG J . -46.40 -36.56 20.39
C3 NAG J . -47.70 -35.84 20.73
C4 NAG J . -47.42 -34.48 21.35
C5 NAG J . -46.47 -33.68 20.45
C6 NAG J . -46.03 -32.38 21.07
C7 NAG J . -46.85 -38.97 20.43
C8 NAG J . -47.12 -40.19 19.61
N2 NAG J . -46.67 -37.84 19.75
O3 NAG J . -48.44 -36.64 21.65
O4 NAG J . -48.62 -33.76 21.51
O5 NAG J . -45.28 -34.43 20.19
O6 NAG J . -46.05 -32.47 22.49
O7 NAG J . -46.81 -39.01 21.66
OAA ZK1 K . -6.96 25.88 -9.22
OAB ZK1 K . -4.73 25.70 -7.47
OAC ZK1 K . 0.34 25.05 -8.39
OAD ZK1 K . -1.76 23.96 -9.32
OAE ZK1 K . -1.61 24.11 -6.78
FAF ZK1 K . -2.02 27.44 -15.41
FAG ZK1 K . -3.78 28.75 -15.12
FAH ZK1 K . -1.75 29.52 -14.65
CAI ZK1 K . -1.84 27.37 -11.00
CAJ ZK1 K . -4.06 27.54 -12.77
CAK ZK1 K . 1.44 28.21 -14.45
CAL ZK1 K . 1.28 30.13 -13.17
CAM ZK1 K . 0.54 27.37 -13.58
CAN ZK1 K . 0.24 29.51 -12.19
CAO ZK1 K . -2.17 26.45 -8.33
NAP ZK1 K . -5.50 26.71 -11.02
OAQ ZK1 K . 2.13 29.13 -13.67
CAR ZK1 K . -1.64 27.83 -12.33
CAS ZK1 K . -2.74 27.92 -13.21
CAT ZK1 K . -5.68 26.25 -9.68
CAU ZK1 K . -4.55 26.17 -8.78
CAV ZK1 K . -4.25 27.08 -11.46
CAW ZK1 K . -3.14 27.00 -10.57
NAX ZK1 K . -0.31 28.24 -12.73
NAY ZK1 K . -3.32 26.52 -9.21
CAZ ZK1 K . -2.56 28.42 -14.64
PBA ZK1 K . -1.29 24.81 -8.23
C1 NAG L . -56.39 28.96 14.33
C2 NAG L . -57.44 28.60 15.36
C3 NAG L . -58.83 28.68 14.75
C4 NAG L . -59.06 30.06 14.14
C5 NAG L . -57.93 30.41 13.17
C6 NAG L . -58.00 31.83 12.67
C7 NAG L . -57.06 27.05 17.22
C8 NAG L . -56.82 25.62 17.62
N2 NAG L . -57.20 27.28 15.91
O3 NAG L . -59.81 28.43 15.75
O4 NAG L . -60.30 30.08 13.44
O5 NAG L . -56.65 30.27 13.82
O6 NAG L . -58.07 32.76 13.74
O7 NAG L . -57.13 27.94 18.05
OAA ZK1 M . 31.75 -8.26 12.21
OAB ZK1 M . 34.58 -8.37 11.97
OAC ZK1 M . 37.85 -8.21 8.57
OAD ZK1 M . 35.55 -9.17 9.00
OAE ZK1 M . 37.14 -9.18 10.97
FAF ZK1 M . 31.25 -3.58 5.70
FAG ZK1 M . 30.20 -2.91 7.54
FAH ZK1 M . 32.03 -1.85 6.86
CAI ZK1 M . 34.39 -4.96 8.51
CAJ ZK1 M . 31.57 -4.86 8.74
CAK ZK1 M . 34.61 -2.24 4.51
CAL ZK1 M . 35.40 -0.96 6.25
CAM ZK1 M . 34.44 -3.50 5.31
CAN ZK1 M . 35.17 -2.07 7.31
CAO ZK1 M . 35.92 -6.74 10.14
NAP ZK1 M . 31.64 -6.54 10.46
OAQ ZK1 M . 35.68 -1.50 5.00
CAR ZK1 M . 33.65 -4.07 7.68
CAS ZK1 M . 32.26 -4.02 7.79
CAT ZK1 M . 32.40 -7.43 11.27
CAU ZK1 M . 33.84 -7.50 11.16
CAV ZK1 M . 32.29 -5.74 9.55
CAW ZK1 M . 33.70 -5.80 9.43
NAX ZK1 M . 34.38 -3.21 6.77
NAY ZK1 M . 34.47 -6.70 10.27
CAZ ZK1 M . 31.42 -3.05 6.95
PBA ZK1 M . 36.61 -8.39 9.64
C1 NAG N . -1.86 34.24 51.88
C2 NAG N . -1.92 33.99 53.39
C3 NAG N . -1.75 32.50 53.67
C4 NAG N . -2.78 31.69 52.88
C5 NAG N . -2.70 32.05 51.41
C6 NAG N . -3.79 31.39 50.60
C7 NAG N . -1.17 35.52 55.15
C8 NAG N . 0.00 36.24 55.75
N2 NAG N . -0.90 34.76 54.08
O3 NAG N . -1.89 32.26 55.06
O4 NAG N . -2.54 30.31 53.06
O5 NAG N . -2.87 33.47 51.24
O6 NAG N . -5.08 31.66 51.13
O7 NAG N . -2.29 35.61 55.62
#